data_1XSC
#
_entry.id   1XSC
#
loop_
_entity.id
_entity.type
_entity.pdbx_description
1 polymer "Bis(5'-nucleosyl)-tetraphosphatase"
2 non-polymer "ADENOSINE-5'-TRIPHOSPHATE"
#
_entity_poly.entity_id   1
_entity_poly.type   'polypeptide(L)'
_entity_poly.pdbx_seq_one_letter_code
;GPLGSMALRACGLIIFRRCLIPKVDNNAIEFLLLQASDGIHHWTPPKGHVEPGEDDLETALRATQEEAGIEAGQLTIIEG
FKRELNYVARNKPKTVIYWLAEVKDYDVEIRLSHEHQAYRWLGLEEACQLAQFKEMKAALQEGHQFLCSIEAL
;
_entity_poly.pdbx_strand_id   A
#
# COMPACT_ATOMS: atom_id res chain seq x y z
N GLY A 1 -16.86 -29.77 -6.65
CA GLY A 1 -15.80 -29.57 -5.67
C GLY A 1 -16.32 -28.78 -4.48
N PRO A 2 -16.32 -29.42 -3.30
CA PRO A 2 -16.78 -28.83 -2.06
C PRO A 2 -15.77 -27.79 -1.58
N LEU A 3 -15.98 -26.54 -1.97
CA LEU A 3 -15.08 -25.46 -1.58
C LEU A 3 -15.05 -25.29 -0.07
N GLY A 4 -13.92 -24.85 0.45
CA GLY A 4 -13.77 -24.65 1.88
C GLY A 4 -13.08 -23.35 2.25
N SER A 5 -12.41 -22.73 1.28
CA SER A 5 -11.70 -21.48 1.54
C SER A 5 -12.63 -20.28 1.40
N MET A 6 -12.90 -19.62 2.51
CA MET A 6 -13.78 -18.45 2.51
C MET A 6 -12.99 -17.18 2.23
N ALA A 7 -13.42 -16.44 1.20
CA ALA A 7 -12.76 -15.20 0.82
C ALA A 7 -11.39 -15.47 0.19
N LEU A 8 -10.82 -14.42 -0.41
CA LEU A 8 -9.52 -14.53 -1.05
C LEU A 8 -8.45 -13.81 -0.23
N ARG A 9 -7.28 -14.42 -0.13
CA ARG A 9 -6.18 -13.85 0.63
C ARG A 9 -5.36 -12.88 -0.23
N ALA A 10 -5.21 -11.65 0.26
CA ALA A 10 -4.46 -10.63 -0.45
C ALA A 10 -3.55 -9.87 0.51
N CYS A 11 -2.61 -9.11 -0.05
CA CYS A 11 -1.69 -8.33 0.77
C CYS A 11 -1.10 -7.16 -0.01
N GLY A 12 -1.29 -5.96 0.53
CA GLY A 12 -0.77 -4.76 -0.12
C GLY A 12 0.28 -4.07 0.73
N LEU A 13 0.97 -3.10 0.15
CA LEU A 13 2.00 -2.37 0.87
C LEU A 13 1.74 -0.86 0.86
N ILE A 14 1.54 -0.28 2.03
CA ILE A 14 1.33 1.15 2.13
C ILE A 14 2.69 1.84 2.22
N ILE A 15 3.20 2.22 1.06
CA ILE A 15 4.50 2.85 0.96
C ILE A 15 4.42 4.34 1.25
N PHE A 16 5.49 4.86 1.85
CA PHE A 16 5.55 6.26 2.21
C PHE A 16 6.99 6.78 2.20
N ARG A 17 7.24 7.84 1.44
CA ARG A 17 8.58 8.43 1.37
C ARG A 17 8.74 9.48 2.46
N ARG A 18 9.63 9.20 3.41
CA ARG A 18 9.87 10.13 4.51
C ARG A 18 10.99 11.11 4.17
N CYS A 19 10.64 12.40 4.14
CA CYS A 19 11.60 13.44 3.82
C CYS A 19 12.55 13.67 5.00
N LEU A 20 13.71 14.27 4.72
CA LEU A 20 14.70 14.55 5.75
C LEU A 20 14.10 15.33 6.91
N ILE A 21 14.03 16.65 6.76
CA ILE A 21 13.47 17.52 7.81
C ILE A 21 12.13 18.11 7.38
N PRO A 22 11.28 18.50 8.35
CA PRO A 22 9.97 19.09 8.07
C PRO A 22 10.09 20.45 7.40
N LYS A 23 9.04 20.85 6.70
CA LYS A 23 9.02 22.14 6.01
C LYS A 23 8.13 23.14 6.73
N VAL A 24 6.82 23.00 6.55
CA VAL A 24 5.85 23.89 7.19
C VAL A 24 5.36 23.32 8.52
N ASP A 25 6.04 22.28 9.01
CA ASP A 25 5.66 21.64 10.26
C ASP A 25 4.29 20.97 10.15
N ASN A 26 3.81 20.78 8.93
CA ASN A 26 2.52 20.14 8.70
C ASN A 26 2.71 18.78 8.04
N ASN A 27 3.02 18.79 6.76
CA ASN A 27 3.24 17.56 6.01
C ASN A 27 4.70 17.14 6.11
N ALA A 28 5.03 15.98 5.54
CA ALA A 28 6.39 15.47 5.57
C ALA A 28 6.48 14.09 4.90
N ILE A 29 5.45 13.28 5.11
CA ILE A 29 5.42 11.94 4.56
C ILE A 29 4.45 11.84 3.38
N GLU A 30 4.80 10.97 2.44
CA GLU A 30 3.99 10.74 1.24
C GLU A 30 3.60 9.27 1.15
N PHE A 31 2.76 8.93 0.19
CA PHE A 31 2.32 7.55 0.02
C PHE A 31 2.27 7.15 -1.46
N LEU A 32 2.83 5.98 -1.77
CA LEU A 32 2.83 5.48 -3.15
C LEU A 32 1.45 4.95 -3.52
N LEU A 33 0.97 5.35 -4.69
CA LEU A 33 -0.35 4.91 -5.15
C LEU A 33 -0.29 4.43 -6.60
N LEU A 34 -1.07 3.41 -6.91
CA LEU A 34 -1.12 2.85 -8.26
C LEU A 34 -2.53 2.88 -8.82
N GLN A 35 -2.73 3.64 -9.89
CA GLN A 35 -4.05 3.75 -10.51
C GLN A 35 -4.39 2.49 -11.31
N ALA A 36 -5.61 1.98 -11.10
CA ALA A 36 -6.06 0.78 -11.79
C ALA A 36 -5.98 0.96 -13.30
N SER A 37 -5.78 -0.14 -14.03
CA SER A 37 -5.68 -0.10 -15.47
C SER A 37 -7.06 -0.09 -16.13
N ASP A 38 -8.11 -0.10 -15.31
CA ASP A 38 -9.48 -0.09 -15.83
C ASP A 38 -10.48 0.12 -14.70
N GLY A 39 -11.77 0.06 -15.04
CA GLY A 39 -12.81 0.24 -14.04
C GLY A 39 -12.98 1.70 -13.65
N ILE A 40 -12.99 1.95 -12.35
CA ILE A 40 -13.16 3.31 -11.83
C ILE A 40 -11.81 4.04 -11.80
N HIS A 41 -10.74 3.36 -12.19
CA HIS A 41 -9.41 3.96 -12.18
C HIS A 41 -9.02 4.41 -10.77
N HIS A 42 -9.47 3.65 -9.79
CA HIS A 42 -9.18 3.94 -8.40
C HIS A 42 -7.68 3.83 -8.12
N TRP A 43 -7.24 4.50 -7.06
CA TRP A 43 -5.83 4.48 -6.68
C TRP A 43 -5.60 3.65 -5.43
N THR A 44 -4.75 2.65 -5.54
CA THR A 44 -4.43 1.77 -4.41
C THR A 44 -2.99 1.29 -4.48
N PRO A 45 -2.38 1.00 -3.32
CA PRO A 45 -0.99 0.54 -3.26
C PRO A 45 -0.83 -0.85 -3.88
N PRO A 46 0.42 -1.29 -4.10
CA PRO A 46 0.71 -2.59 -4.70
C PRO A 46 0.16 -3.75 -3.87
N LYS A 47 -0.99 -4.28 -4.28
CA LYS A 47 -1.61 -5.39 -3.58
C LYS A 47 -1.46 -6.68 -4.39
N GLY A 48 -1.20 -7.78 -3.70
CA GLY A 48 -1.03 -9.05 -4.38
C GLY A 48 -1.93 -10.13 -3.80
N HIS A 49 -1.87 -11.33 -4.40
CA HIS A 49 -2.67 -12.45 -3.95
C HIS A 49 -1.82 -13.43 -3.16
N VAL A 50 -1.83 -13.28 -1.83
CA VAL A 50 -1.05 -14.17 -0.98
C VAL A 50 -1.65 -15.58 -0.96
N GLU A 51 -0.78 -16.57 -1.13
CA GLU A 51 -1.20 -17.96 -1.14
C GLU A 51 -1.01 -18.57 0.25
N PRO A 52 -1.83 -19.57 0.61
CA PRO A 52 -1.75 -20.23 1.91
C PRO A 52 -0.33 -20.64 2.29
N GLY A 53 0.46 -21.01 1.29
CA GLY A 53 1.84 -21.39 1.54
C GLY A 53 2.79 -20.23 1.47
N GLU A 54 2.32 -19.10 0.94
CA GLU A 54 3.14 -17.90 0.82
C GLU A 54 3.04 -17.07 2.08
N ASP A 55 3.97 -16.11 2.24
CA ASP A 55 3.97 -15.26 3.41
C ASP A 55 2.99 -14.10 3.24
N ASP A 56 2.62 -13.49 4.35
CA ASP A 56 1.69 -12.37 4.34
C ASP A 56 2.34 -11.11 3.77
N LEU A 57 3.36 -10.62 4.47
CA LEU A 57 4.06 -9.42 4.04
C LEU A 57 4.72 -9.62 2.67
N GLU A 58 5.30 -10.80 2.45
CA GLU A 58 5.96 -11.10 1.18
C GLU A 58 5.04 -10.79 0.01
N THR A 59 3.80 -11.28 0.07
CA THR A 59 2.85 -11.01 -0.99
C THR A 59 2.72 -9.51 -1.19
N ALA A 60 2.77 -8.77 -0.09
CA ALA A 60 2.70 -7.32 -0.15
C ALA A 60 4.02 -6.74 -0.66
N LEU A 61 5.11 -7.43 -0.34
CA LEU A 61 6.44 -7.00 -0.77
C LEU A 61 6.62 -7.23 -2.26
N ARG A 62 6.36 -8.46 -2.69
CA ARG A 62 6.49 -8.82 -4.10
C ARG A 62 5.58 -7.95 -4.95
N ALA A 63 4.35 -7.75 -4.49
CA ALA A 63 3.39 -6.93 -5.20
C ALA A 63 3.94 -5.52 -5.38
N THR A 64 4.70 -5.07 -4.39
CA THR A 64 5.31 -3.74 -4.43
C THR A 64 6.28 -3.63 -5.60
N GLN A 65 7.22 -4.57 -5.66
CA GLN A 65 8.20 -4.59 -6.72
C GLN A 65 7.57 -5.07 -8.03
N GLU A 66 6.47 -5.81 -7.92
CA GLU A 66 5.77 -6.32 -9.09
C GLU A 66 4.91 -5.24 -9.72
N GLU A 67 4.29 -4.41 -8.86
CA GLU A 67 3.42 -3.34 -9.34
C GLU A 67 4.04 -1.95 -9.12
N ALA A 68 5.32 -1.93 -8.73
CA ALA A 68 6.02 -0.66 -8.49
C ALA A 68 7.51 -0.78 -8.70
N GLY A 69 8.02 -2.00 -8.77
CA GLY A 69 9.45 -2.20 -8.97
C GLY A 69 10.24 -2.04 -7.68
N ILE A 70 9.58 -1.63 -6.61
CA ILE A 70 10.24 -1.44 -5.33
C ILE A 70 10.03 -2.65 -4.42
N GLU A 71 11.12 -3.20 -3.90
CA GLU A 71 11.06 -4.36 -3.03
C GLU A 71 11.36 -3.97 -1.60
N ALA A 72 11.15 -4.90 -0.67
CA ALA A 72 11.40 -4.65 0.75
C ALA A 72 12.80 -4.07 0.95
N GLY A 73 13.73 -4.45 0.07
CA GLY A 73 15.08 -3.95 0.17
C GLY A 73 15.18 -2.49 -0.27
N GLN A 74 14.20 -2.04 -1.04
CA GLN A 74 14.17 -0.66 -1.51
C GLN A 74 13.28 0.21 -0.62
N LEU A 75 12.60 -0.42 0.33
CA LEU A 75 11.73 0.31 1.25
C LEU A 75 12.03 -0.10 2.68
N THR A 76 11.15 0.30 3.59
CA THR A 76 11.30 -0.02 5.00
C THR A 76 9.96 -0.38 5.64
N ILE A 77 9.70 -1.68 5.74
CA ILE A 77 8.45 -2.15 6.32
C ILE A 77 8.42 -1.91 7.83
N ILE A 78 7.55 -1.02 8.26
CA ILE A 78 7.42 -0.69 9.67
C ILE A 78 6.71 -1.82 10.42
N GLU A 79 7.25 -2.18 11.57
CA GLU A 79 6.68 -3.25 12.38
C GLU A 79 5.74 -2.70 13.44
N GLY A 80 4.75 -3.49 13.83
CA GLY A 80 3.80 -3.07 14.83
C GLY A 80 2.48 -2.62 14.24
N PHE A 81 2.51 -2.25 12.97
CA PHE A 81 1.30 -1.81 12.27
C PHE A 81 0.81 -2.86 11.31
N LYS A 82 -0.47 -3.24 11.43
CA LYS A 82 -1.06 -4.24 10.56
C LYS A 82 -2.57 -4.11 10.51
N ARG A 83 -3.10 -4.01 9.30
CA ARG A 83 -4.54 -3.89 9.09
C ARG A 83 -4.90 -4.44 7.72
N GLU A 84 -5.99 -5.22 7.65
CA GLU A 84 -6.41 -5.81 6.39
C GLU A 84 -7.80 -5.33 5.99
N LEU A 85 -8.00 -5.15 4.69
CA LEU A 85 -9.29 -4.71 4.18
C LEU A 85 -10.06 -5.90 3.61
N ASN A 86 -11.28 -6.09 4.11
CA ASN A 86 -12.11 -7.21 3.67
C ASN A 86 -13.36 -6.71 2.95
N TYR A 87 -13.50 -7.10 1.68
CA TYR A 87 -14.65 -6.69 0.88
C TYR A 87 -14.74 -7.52 -0.40
N VAL A 88 -15.97 -7.80 -0.81
CA VAL A 88 -16.21 -8.57 -2.02
C VAL A 88 -16.15 -7.67 -3.25
N ALA A 89 -15.10 -7.82 -4.05
CA ALA A 89 -14.93 -7.01 -5.24
C ALA A 89 -15.93 -7.39 -6.33
N ARG A 90 -15.54 -8.28 -7.24
CA ARG A 90 -16.43 -8.71 -8.31
C ARG A 90 -17.49 -9.66 -7.78
N ASN A 91 -17.06 -10.65 -7.00
CA ASN A 91 -17.97 -11.62 -6.41
C ASN A 91 -17.24 -12.51 -5.42
N LYS A 92 -16.21 -11.96 -4.78
CA LYS A 92 -15.43 -12.69 -3.79
C LYS A 92 -14.69 -11.71 -2.87
N PRO A 93 -14.88 -11.86 -1.55
CA PRO A 93 -14.26 -11.00 -0.54
C PRO A 93 -12.75 -11.19 -0.46
N LYS A 94 -12.04 -10.12 -0.76
CA LYS A 94 -10.58 -10.14 -0.73
C LYS A 94 -10.02 -9.50 0.53
N THR A 95 -9.20 -10.24 1.26
CA THR A 95 -8.57 -9.71 2.46
C THR A 95 -7.25 -9.08 2.09
N VAL A 96 -7.17 -7.76 2.21
CA VAL A 96 -5.96 -7.04 1.85
C VAL A 96 -5.24 -6.50 3.07
N ILE A 97 -4.10 -7.10 3.39
CA ILE A 97 -3.30 -6.65 4.53
C ILE A 97 -2.39 -5.52 4.10
N TYR A 98 -2.19 -4.55 4.98
CA TYR A 98 -1.36 -3.40 4.64
C TYR A 98 -0.25 -3.15 5.65
N TRP A 99 0.96 -2.93 5.13
CA TRP A 99 2.12 -2.65 5.95
C TRP A 99 2.73 -1.32 5.52
N LEU A 100 3.25 -0.56 6.48
CA LEU A 100 3.86 0.72 6.17
C LEU A 100 5.29 0.51 5.68
N ALA A 101 5.61 1.09 4.54
CA ALA A 101 6.95 0.96 3.98
C ALA A 101 7.49 2.30 3.51
N GLU A 102 8.78 2.52 3.70
CA GLU A 102 9.42 3.76 3.28
C GLU A 102 10.52 3.49 2.27
N VAL A 103 10.34 3.98 1.05
CA VAL A 103 11.34 3.78 0.00
C VAL A 103 12.57 4.63 0.26
N LYS A 104 13.73 3.99 0.21
CA LYS A 104 15.00 4.66 0.48
C LYS A 104 15.28 5.77 -0.53
N ASP A 105 14.73 5.64 -1.72
CA ASP A 105 14.95 6.64 -2.76
C ASP A 105 13.71 7.49 -2.99
N TYR A 106 13.93 8.80 -3.05
CA TYR A 106 12.85 9.75 -3.30
C TYR A 106 12.35 9.60 -4.73
N ASP A 107 13.30 9.47 -5.65
CA ASP A 107 12.99 9.28 -7.06
C ASP A 107 13.11 7.81 -7.43
N VAL A 108 12.97 6.94 -6.42
CA VAL A 108 13.06 5.50 -6.62
C VAL A 108 12.33 5.07 -7.88
N GLU A 109 12.85 4.02 -8.53
CA GLU A 109 12.25 3.53 -9.76
C GLU A 109 10.83 3.04 -9.50
N ILE A 110 9.98 3.26 -10.50
CA ILE A 110 8.59 2.87 -10.42
C ILE A 110 8.21 1.95 -11.57
N ARG A 111 8.25 0.66 -11.31
CA ARG A 111 7.92 -0.35 -12.31
C ARG A 111 6.57 -0.99 -12.04
N LEU A 112 5.54 -0.51 -12.75
CA LEU A 112 4.18 -1.02 -12.59
C LEU A 112 3.94 -2.26 -13.43
N SER A 113 2.78 -2.88 -13.24
CA SER A 113 2.41 -4.09 -13.97
C SER A 113 1.14 -3.85 -14.80
N HIS A 114 0.62 -4.91 -15.39
CA HIS A 114 -0.59 -4.82 -16.21
C HIS A 114 -1.77 -4.31 -15.38
N GLU A 115 -1.75 -4.62 -14.09
CA GLU A 115 -2.83 -4.21 -13.19
C GLU A 115 -2.76 -2.71 -12.87
N HIS A 116 -1.69 -2.05 -13.30
CA HIS A 116 -1.52 -0.63 -13.04
C HIS A 116 -0.90 0.08 -14.24
N GLN A 117 -1.54 1.16 -14.69
CA GLN A 117 -1.06 1.91 -15.83
C GLN A 117 -0.34 3.19 -15.38
N ALA A 118 -0.58 3.61 -14.15
CA ALA A 118 0.04 4.82 -13.63
C ALA A 118 0.12 4.80 -12.11
N TYR A 119 0.96 5.66 -11.56
CA TYR A 119 1.15 5.75 -10.11
C TYR A 119 1.22 7.20 -9.66
N ARG A 120 1.29 7.41 -8.34
CA ARG A 120 1.35 8.76 -7.79
C ARG A 120 1.93 8.75 -6.39
N TRP A 121 2.44 9.92 -5.97
CA TRP A 121 3.01 10.08 -4.65
C TRP A 121 2.36 11.28 -3.96
N LEU A 122 1.50 11.01 -2.98
CA LEU A 122 0.80 12.08 -2.28
C LEU A 122 0.75 11.81 -0.77
N GLY A 123 0.36 12.83 -0.01
CA GLY A 123 0.26 12.69 1.42
C GLY A 123 -0.97 11.89 1.82
N LEU A 124 -1.48 12.14 3.02
CA LEU A 124 -2.66 11.43 3.49
C LEU A 124 -3.93 11.99 2.85
N GLU A 125 -4.04 13.31 2.84
CA GLU A 125 -5.21 13.98 2.26
C GLU A 125 -5.43 13.57 0.81
N GLU A 126 -4.36 13.63 0.02
CA GLU A 126 -4.46 13.27 -1.39
C GLU A 126 -4.61 11.77 -1.55
N ALA A 127 -3.72 11.03 -0.91
CA ALA A 127 -3.79 9.57 -0.97
C ALA A 127 -5.20 9.12 -0.63
N CYS A 128 -5.86 9.92 0.20
CA CYS A 128 -7.23 9.63 0.61
C CYS A 128 -8.22 10.16 -0.44
N GLN A 129 -7.86 11.28 -1.07
CA GLN A 129 -8.70 11.88 -2.10
C GLN A 129 -8.82 10.96 -3.31
N LEU A 130 -7.70 10.36 -3.68
CA LEU A 130 -7.68 9.44 -4.81
C LEU A 130 -8.25 8.09 -4.40
N ALA A 131 -7.84 7.63 -3.22
CA ALA A 131 -8.33 6.36 -2.70
C ALA A 131 -9.71 6.57 -2.07
N GLN A 132 -10.62 7.15 -2.84
CA GLN A 132 -11.99 7.43 -2.39
C GLN A 132 -12.51 6.30 -1.50
N PHE A 133 -12.10 5.08 -1.82
CA PHE A 133 -12.52 3.92 -1.06
C PHE A 133 -12.19 4.10 0.42
N LYS A 134 -13.22 4.18 1.25
CA LYS A 134 -13.06 4.39 2.68
C LYS A 134 -11.98 3.49 3.26
N GLU A 135 -12.08 2.19 2.95
CA GLU A 135 -11.14 1.21 3.43
C GLU A 135 -9.69 1.68 3.26
N MET A 136 -9.37 2.20 2.08
CA MET A 136 -8.04 2.68 1.81
C MET A 136 -7.76 3.97 2.57
N LYS A 137 -8.71 4.89 2.54
CA LYS A 137 -8.56 6.16 3.25
C LYS A 137 -8.15 5.90 4.69
N ALA A 138 -8.57 4.76 5.23
CA ALA A 138 -8.24 4.38 6.58
C ALA A 138 -6.83 3.80 6.66
N ALA A 139 -6.53 2.88 5.74
CA ALA A 139 -5.21 2.25 5.70
C ALA A 139 -4.12 3.31 5.70
N LEU A 140 -4.28 4.31 4.84
CA LEU A 140 -3.33 5.41 4.76
C LEU A 140 -3.47 6.32 5.97
N GLN A 141 -4.68 6.37 6.53
CA GLN A 141 -4.96 7.19 7.70
C GLN A 141 -4.21 6.67 8.92
N GLU A 142 -4.36 5.38 9.18
CA GLU A 142 -3.70 4.75 10.32
C GLU A 142 -2.20 4.73 10.12
N GLY A 143 -1.77 4.66 8.85
CA GLY A 143 -0.35 4.65 8.56
C GLY A 143 0.36 5.85 9.14
N HIS A 144 -0.10 7.03 8.78
CA HIS A 144 0.49 8.27 9.28
C HIS A 144 0.22 8.42 10.78
N GLN A 145 -0.89 7.84 11.23
CA GLN A 145 -1.27 7.89 12.64
C GLN A 145 -0.31 7.08 13.49
N PHE A 146 0.04 5.90 13.02
CA PHE A 146 0.95 5.01 13.73
C PHE A 146 2.39 5.52 13.67
N LEU A 147 2.87 5.80 12.46
CA LEU A 147 4.23 6.29 12.27
C LEU A 147 4.51 7.50 13.15
N CYS A 148 3.49 8.33 13.35
CA CYS A 148 3.65 9.52 14.18
C CYS A 148 3.85 9.14 15.65
N SER A 149 3.51 7.89 15.97
CA SER A 149 3.65 7.40 17.34
C SER A 149 5.03 6.76 17.56
N ILE A 150 5.78 6.55 16.48
CA ILE A 150 7.10 5.96 16.57
C ILE A 150 8.16 7.07 16.61
N GLU A 151 9.30 6.83 15.96
CA GLU A 151 10.37 7.81 15.93
C GLU A 151 11.05 7.81 14.57
N ALA A 152 11.75 6.72 14.27
CA ALA A 152 12.46 6.58 13.00
C ALA A 152 12.84 5.13 12.73
N LEU A 153 13.33 4.45 13.77
CA LEU A 153 13.74 3.05 13.66
C LEU A 153 14.98 2.92 12.78
N GLY A 1 -19.87 -17.03 7.55
CA GLY A 1 -19.22 -15.79 7.91
C GLY A 1 -18.05 -15.52 6.99
N PRO A 2 -17.36 -14.39 7.19
CA PRO A 2 -16.21 -13.97 6.42
C PRO A 2 -15.02 -14.85 6.77
N LEU A 3 -14.90 -15.22 8.03
CA LEU A 3 -13.80 -16.06 8.49
C LEU A 3 -13.87 -17.45 7.86
N GLY A 4 -12.70 -18.00 7.53
CA GLY A 4 -12.65 -19.32 6.91
C GLY A 4 -11.86 -19.32 5.61
N SER A 5 -12.39 -20.02 4.61
CA SER A 5 -11.73 -20.10 3.32
C SER A 5 -12.35 -19.11 2.33
N MET A 6 -13.54 -18.63 2.63
CA MET A 6 -14.22 -17.67 1.78
C MET A 6 -13.38 -16.42 1.61
N ALA A 7 -13.82 -15.53 0.72
CA ALA A 7 -13.11 -14.30 0.46
C ALA A 7 -11.78 -14.58 -0.23
N LEU A 8 -11.20 -13.54 -0.81
CA LEU A 8 -9.93 -13.66 -1.51
C LEU A 8 -8.79 -13.08 -0.67
N ARG A 9 -7.74 -13.87 -0.48
CA ARG A 9 -6.58 -13.43 0.31
C ARG A 9 -5.67 -12.54 -0.53
N ALA A 10 -5.45 -11.32 -0.04
CA ALA A 10 -4.59 -10.37 -0.74
C ALA A 10 -3.72 -9.61 0.25
N CYS A 11 -2.63 -9.02 -0.25
CA CYS A 11 -1.73 -8.27 0.60
C CYS A 11 -1.09 -7.12 -0.16
N GLY A 12 -1.26 -5.91 0.37
CA GLY A 12 -0.70 -4.74 -0.25
C GLY A 12 0.35 -4.10 0.63
N LEU A 13 1.07 -3.12 0.09
CA LEU A 13 2.11 -2.45 0.86
C LEU A 13 1.87 -0.94 0.86
N ILE A 14 1.63 -0.39 2.06
CA ILE A 14 1.43 1.04 2.19
C ILE A 14 2.77 1.73 2.24
N ILE A 15 3.25 2.14 1.09
CA ILE A 15 4.53 2.79 0.97
C ILE A 15 4.43 4.27 1.29
N PHE A 16 5.48 4.79 1.90
CA PHE A 16 5.53 6.19 2.30
C PHE A 16 6.96 6.72 2.25
N ARG A 17 7.18 7.78 1.51
CA ARG A 17 8.52 8.36 1.41
C ARG A 17 8.74 9.37 2.54
N ARG A 18 9.65 9.04 3.44
CA ARG A 18 9.97 9.90 4.57
C ARG A 18 11.03 10.94 4.20
N CYS A 19 10.63 12.21 4.18
CA CYS A 19 11.55 13.29 3.85
C CYS A 19 12.54 13.52 4.99
N LEU A 20 13.66 14.17 4.68
CA LEU A 20 14.68 14.45 5.67
C LEU A 20 14.12 15.30 6.81
N ILE A 21 14.06 16.61 6.59
CA ILE A 21 13.54 17.52 7.61
C ILE A 21 12.26 18.19 7.13
N PRO A 22 11.33 18.51 8.05
CA PRO A 22 10.05 19.14 7.72
C PRO A 22 10.21 20.60 7.32
N LYS A 23 9.21 21.11 6.60
CA LYS A 23 9.21 22.51 6.15
C LYS A 23 8.14 23.31 6.88
N VAL A 24 6.90 23.15 6.46
CA VAL A 24 5.78 23.85 7.06
C VAL A 24 5.19 23.05 8.23
N ASP A 25 5.82 21.92 8.55
CA ASP A 25 5.37 21.05 9.64
C ASP A 25 3.98 20.48 9.35
N ASN A 26 3.59 20.49 8.08
CA ASN A 26 2.29 19.96 7.67
C ASN A 26 2.45 18.68 6.87
N ASN A 27 2.94 18.81 5.64
CA ASN A 27 3.16 17.67 4.76
C ASN A 27 4.61 17.20 4.85
N ALA A 28 4.81 15.96 5.30
CA ALA A 28 6.15 15.41 5.43
C ALA A 28 6.27 14.07 4.73
N ILE A 29 5.30 13.18 4.98
CA ILE A 29 5.32 11.86 4.38
C ILE A 29 4.35 11.78 3.20
N GLU A 30 4.71 10.95 2.22
CA GLU A 30 3.88 10.75 1.03
C GLU A 30 3.78 9.26 0.73
N PHE A 31 2.58 8.79 0.43
CA PHE A 31 2.36 7.37 0.15
C PHE A 31 2.35 7.08 -1.35
N LEU A 32 2.79 5.88 -1.72
CA LEU A 32 2.81 5.46 -3.12
C LEU A 32 1.43 4.96 -3.55
N LEU A 33 0.99 5.39 -4.72
CA LEU A 33 -0.31 4.99 -5.23
C LEU A 33 -0.22 4.60 -6.70
N LEU A 34 -0.97 3.58 -7.09
CA LEU A 34 -0.97 3.10 -8.47
C LEU A 34 -2.37 3.12 -9.06
N GLN A 35 -2.57 3.98 -10.05
CA GLN A 35 -3.87 4.09 -10.71
C GLN A 35 -4.18 2.85 -11.52
N ALA A 36 -5.29 2.20 -11.21
CA ALA A 36 -5.70 1.01 -11.93
C ALA A 36 -5.87 1.30 -13.41
N SER A 37 -5.26 0.47 -14.25
CA SER A 37 -5.34 0.65 -15.70
C SER A 37 -6.72 0.28 -16.24
N ASP A 38 -7.61 -0.14 -15.34
CA ASP A 38 -8.96 -0.52 -15.73
C ASP A 38 -9.96 -0.17 -14.63
N GLY A 39 -11.16 -0.72 -14.71
CA GLY A 39 -12.17 -0.46 -13.71
C GLY A 39 -12.63 0.99 -13.72
N ILE A 40 -12.63 1.61 -12.54
CA ILE A 40 -13.06 3.00 -12.41
C ILE A 40 -11.85 3.95 -12.44
N HIS A 41 -10.68 3.42 -12.76
CA HIS A 41 -9.47 4.23 -12.77
C HIS A 41 -9.20 4.73 -11.37
N HIS A 42 -9.07 3.78 -10.44
CA HIS A 42 -8.83 4.10 -9.04
C HIS A 42 -7.40 3.75 -8.65
N TRP A 43 -6.86 4.48 -7.68
CA TRP A 43 -5.49 4.26 -7.24
C TRP A 43 -5.45 3.35 -6.01
N THR A 44 -4.46 2.46 -6.01
CA THR A 44 -4.28 1.52 -4.92
C THR A 44 -2.82 1.07 -4.86
N PRO A 45 -2.22 1.00 -3.67
CA PRO A 45 -0.83 0.56 -3.54
C PRO A 45 -0.58 -0.73 -4.30
N PRO A 46 0.68 -1.14 -4.46
CA PRO A 46 1.01 -2.36 -5.18
C PRO A 46 0.78 -3.61 -4.33
N LYS A 47 -0.35 -4.28 -4.59
CA LYS A 47 -0.69 -5.49 -3.86
C LYS A 47 -0.85 -6.67 -4.81
N GLY A 48 -1.31 -7.80 -4.27
CA GLY A 48 -1.50 -8.98 -5.09
C GLY A 48 -2.30 -10.05 -4.36
N HIS A 49 -1.89 -11.30 -4.52
CA HIS A 49 -2.58 -12.43 -3.88
C HIS A 49 -1.57 -13.34 -3.17
N VAL A 50 -1.81 -13.60 -1.90
CA VAL A 50 -0.93 -14.47 -1.13
C VAL A 50 -1.24 -15.95 -1.39
N GLU A 51 -0.20 -16.75 -1.59
CA GLU A 51 -0.35 -18.17 -1.86
C GLU A 51 -0.43 -18.97 -0.56
N PRO A 52 -0.77 -20.26 -0.65
CA PRO A 52 -0.89 -21.14 0.52
C PRO A 52 0.34 -21.06 1.44
N GLY A 53 1.49 -21.47 0.91
CA GLY A 53 2.71 -21.47 1.70
C GLY A 53 3.48 -20.16 1.59
N GLU A 54 2.80 -19.08 1.18
CA GLU A 54 3.46 -17.79 1.06
C GLU A 54 3.31 -17.00 2.35
N ASP A 55 4.17 -16.00 2.52
CA ASP A 55 4.13 -15.16 3.71
C ASP A 55 3.12 -14.04 3.52
N ASP A 56 2.72 -13.42 4.63
CA ASP A 56 1.76 -12.34 4.59
C ASP A 56 2.39 -11.06 4.01
N LEU A 57 3.40 -10.55 4.70
CA LEU A 57 4.10 -9.35 4.25
C LEU A 57 4.76 -9.56 2.89
N GLU A 58 5.40 -10.71 2.72
CA GLU A 58 6.08 -11.02 1.47
C GLU A 58 5.15 -10.78 0.29
N THR A 59 3.92 -11.27 0.39
CA THR A 59 2.94 -11.08 -0.69
C THR A 59 2.81 -9.60 -0.99
N ALA A 60 2.88 -8.79 0.06
CA ALA A 60 2.80 -7.33 -0.09
C ALA A 60 4.14 -6.79 -0.58
N LEU A 61 5.23 -7.43 -0.15
CA LEU A 61 6.57 -7.02 -0.54
C LEU A 61 6.82 -7.32 -2.02
N ARG A 62 6.61 -8.58 -2.38
CA ARG A 62 6.79 -9.01 -3.76
C ARG A 62 5.85 -8.25 -4.68
N ALA A 63 4.64 -8.03 -4.21
CA ALA A 63 3.64 -7.30 -4.99
C ALA A 63 4.10 -5.85 -5.19
N THR A 64 4.79 -5.32 -4.20
CA THR A 64 5.31 -3.95 -4.28
C THR A 64 6.23 -3.79 -5.47
N GLN A 65 7.20 -4.68 -5.59
CA GLN A 65 8.14 -4.64 -6.70
C GLN A 65 7.47 -5.10 -8.00
N GLU A 66 6.37 -5.84 -7.86
CA GLU A 66 5.65 -6.33 -9.03
C GLU A 66 4.77 -5.23 -9.64
N GLU A 67 4.12 -4.46 -8.79
CA GLU A 67 3.24 -3.38 -9.25
C GLU A 67 3.87 -2.00 -8.98
N ALA A 68 5.11 -1.98 -8.51
CA ALA A 68 5.79 -0.73 -8.22
C ALA A 68 7.30 -0.83 -8.44
N GLY A 69 7.81 -2.02 -8.69
CA GLY A 69 9.23 -2.19 -8.91
C GLY A 69 10.05 -2.00 -7.64
N ILE A 70 9.39 -1.67 -6.53
CA ILE A 70 10.09 -1.48 -5.27
C ILE A 70 9.96 -2.71 -4.37
N GLU A 71 11.09 -3.21 -3.88
CA GLU A 71 11.09 -4.40 -3.03
C GLU A 71 11.44 -4.03 -1.59
N ALA A 72 11.21 -4.97 -0.67
CA ALA A 72 11.49 -4.75 0.75
C ALA A 72 12.87 -4.13 0.95
N GLY A 73 13.82 -4.51 0.12
CA GLY A 73 15.16 -3.97 0.23
C GLY A 73 15.24 -2.51 -0.16
N GLN A 74 14.28 -2.08 -0.99
CA GLN A 74 14.24 -0.69 -1.44
C GLN A 74 13.33 0.15 -0.55
N LEU A 75 12.64 -0.49 0.41
CA LEU A 75 11.78 0.23 1.32
C LEU A 75 12.04 -0.20 2.76
N THR A 76 11.20 0.25 3.67
CA THR A 76 11.32 -0.08 5.09
C THR A 76 9.97 -0.38 5.71
N ILE A 77 9.66 -1.66 5.83
CA ILE A 77 8.39 -2.09 6.42
C ILE A 77 8.38 -1.85 7.92
N ILE A 78 7.43 -1.05 8.37
CA ILE A 78 7.31 -0.74 9.79
C ILE A 78 6.62 -1.87 10.54
N GLU A 79 7.22 -2.28 11.64
CA GLU A 79 6.68 -3.36 12.46
C GLU A 79 5.74 -2.81 13.54
N GLY A 80 4.75 -3.61 13.90
CA GLY A 80 3.80 -3.19 14.92
C GLY A 80 2.47 -2.76 14.32
N PHE A 81 2.50 -2.34 13.06
CA PHE A 81 1.30 -1.90 12.37
C PHE A 81 0.80 -2.97 11.41
N LYS A 82 -0.46 -3.36 11.55
CA LYS A 82 -1.05 -4.36 10.69
C LYS A 82 -2.57 -4.27 10.66
N ARG A 83 -3.11 -4.11 9.46
CA ARG A 83 -4.55 -4.01 9.27
C ARG A 83 -4.91 -4.51 7.87
N GLU A 84 -5.99 -5.27 7.78
CA GLU A 84 -6.40 -5.80 6.48
C GLU A 84 -7.75 -5.22 6.05
N LEU A 85 -7.81 -4.81 4.79
CA LEU A 85 -9.04 -4.23 4.24
C LEU A 85 -9.89 -5.32 3.61
N ASN A 86 -11.13 -5.44 4.09
CA ASN A 86 -12.05 -6.45 3.58
C ASN A 86 -13.25 -5.81 2.89
N TYR A 87 -13.47 -6.17 1.63
CA TYR A 87 -14.59 -5.64 0.87
C TYR A 87 -14.78 -6.44 -0.41
N VAL A 88 -16.04 -6.64 -0.78
CA VAL A 88 -16.36 -7.38 -1.99
C VAL A 88 -16.27 -6.46 -3.20
N ALA A 89 -15.26 -6.69 -4.03
CA ALA A 89 -15.03 -5.88 -5.21
C ALA A 89 -16.00 -6.24 -6.34
N ARG A 90 -15.53 -7.04 -7.30
CA ARG A 90 -16.37 -7.44 -8.43
C ARG A 90 -17.51 -8.34 -7.97
N ASN A 91 -17.22 -9.21 -7.02
CA ASN A 91 -18.22 -10.14 -6.49
C ASN A 91 -17.60 -11.09 -5.46
N LYS A 92 -16.54 -10.64 -4.80
CA LYS A 92 -15.87 -11.45 -3.80
C LYS A 92 -15.06 -10.55 -2.84
N PRO A 93 -15.23 -10.76 -1.53
CA PRO A 93 -14.53 -9.97 -0.49
C PRO A 93 -13.03 -10.21 -0.48
N LYS A 94 -12.30 -9.13 -0.68
CA LYS A 94 -10.84 -9.19 -0.70
C LYS A 94 -10.24 -8.70 0.60
N THR A 95 -9.43 -9.56 1.24
CA THR A 95 -8.76 -9.19 2.47
C THR A 95 -7.35 -8.70 2.14
N VAL A 96 -7.14 -7.41 2.28
CA VAL A 96 -5.85 -6.82 1.95
C VAL A 96 -5.08 -6.41 3.20
N ILE A 97 -4.01 -7.15 3.51
CA ILE A 97 -3.17 -6.83 4.64
C ILE A 97 -2.12 -5.80 4.21
N TYR A 98 -2.06 -4.69 4.91
CA TYR A 98 -1.13 -3.63 4.54
C TYR A 98 0.00 -3.44 5.55
N TRP A 99 1.03 -2.71 5.12
CA TRP A 99 2.19 -2.43 5.94
C TRP A 99 2.83 -1.11 5.52
N LEU A 100 3.24 -0.31 6.50
CA LEU A 100 3.88 0.97 6.21
C LEU A 100 5.32 0.73 5.74
N ALA A 101 5.67 1.26 4.58
CA ALA A 101 7.00 1.08 4.03
C ALA A 101 7.59 2.41 3.57
N GLU A 102 8.90 2.58 3.75
CA GLU A 102 9.58 3.80 3.35
C GLU A 102 10.64 3.50 2.29
N VAL A 103 10.38 3.95 1.05
CA VAL A 103 11.32 3.71 -0.03
C VAL A 103 12.57 4.56 0.10
N LYS A 104 13.69 3.97 -0.29
CA LYS A 104 14.99 4.62 -0.19
C LYS A 104 15.17 5.76 -1.20
N ASP A 105 14.28 5.86 -2.18
CA ASP A 105 14.40 6.90 -3.19
C ASP A 105 13.07 7.60 -3.43
N TYR A 106 13.09 8.93 -3.33
CA TYR A 106 11.88 9.72 -3.57
C TYR A 106 11.40 9.54 -4.99
N ASP A 107 12.36 9.45 -5.92
CA ASP A 107 12.05 9.24 -7.32
C ASP A 107 12.26 7.77 -7.67
N VAL A 108 12.23 6.91 -6.64
CA VAL A 108 12.42 5.48 -6.82
C VAL A 108 11.63 4.97 -8.01
N GLU A 109 12.17 3.98 -8.71
CA GLU A 109 11.51 3.44 -9.87
C GLU A 109 10.16 2.84 -9.50
N ILE A 110 9.19 3.07 -10.36
CA ILE A 110 7.85 2.56 -10.14
C ILE A 110 7.42 1.72 -11.34
N ARG A 111 7.62 0.42 -11.20
CA ARG A 111 7.30 -0.53 -12.26
C ARG A 111 5.91 -1.13 -12.05
N LEU A 112 4.95 -0.63 -12.82
CA LEU A 112 3.57 -1.11 -12.72
C LEU A 112 3.33 -2.26 -13.68
N SER A 113 2.49 -3.21 -13.26
CA SER A 113 2.16 -4.37 -14.08
C SER A 113 0.95 -4.09 -14.96
N HIS A 114 0.24 -5.15 -15.38
CA HIS A 114 -0.93 -5.00 -16.23
C HIS A 114 -2.17 -4.61 -15.41
N GLU A 115 -1.97 -4.34 -14.12
CA GLU A 115 -3.08 -3.96 -13.25
C GLU A 115 -3.16 -2.45 -13.07
N HIS A 116 -2.00 -1.79 -13.14
CA HIS A 116 -1.94 -0.34 -12.98
C HIS A 116 -1.35 0.31 -14.23
N GLN A 117 -1.66 1.60 -14.43
CA GLN A 117 -1.16 2.32 -15.58
C GLN A 117 -0.32 3.53 -15.17
N ALA A 118 -0.49 4.00 -13.95
CA ALA A 118 0.27 5.15 -13.45
C ALA A 118 0.38 5.13 -11.93
N TYR A 119 1.07 6.13 -11.39
CA TYR A 119 1.26 6.24 -9.95
C TYR A 119 1.57 7.68 -9.54
N ARG A 120 1.38 7.98 -8.26
CA ARG A 120 1.64 9.32 -7.75
C ARG A 120 2.09 9.29 -6.30
N TRP A 121 2.94 10.25 -5.94
CA TRP A 121 3.43 10.35 -4.57
C TRP A 121 2.75 11.53 -3.89
N LEU A 122 1.83 11.23 -2.97
CA LEU A 122 1.08 12.27 -2.28
C LEU A 122 1.00 12.01 -0.78
N GLY A 123 0.53 12.99 -0.04
CA GLY A 123 0.38 12.85 1.39
C GLY A 123 -0.83 12.01 1.75
N LEU A 124 -1.41 12.26 2.93
CA LEU A 124 -2.58 11.52 3.37
C LEU A 124 -3.84 12.01 2.68
N GLU A 125 -4.00 13.33 2.61
CA GLU A 125 -5.18 13.93 1.99
C GLU A 125 -5.32 13.52 0.52
N GLU A 126 -4.25 13.68 -0.25
CA GLU A 126 -4.28 13.32 -1.65
C GLU A 126 -4.36 11.81 -1.82
N ALA A 127 -3.53 11.10 -1.08
CA ALA A 127 -3.54 9.64 -1.14
C ALA A 127 -4.93 9.13 -0.82
N CYS A 128 -5.62 9.87 0.03
CA CYS A 128 -6.98 9.54 0.43
C CYS A 128 -7.97 10.01 -0.62
N GLN A 129 -7.64 11.11 -1.29
CA GLN A 129 -8.50 11.68 -2.32
C GLN A 129 -8.61 10.72 -3.51
N LEU A 130 -7.49 10.16 -3.92
CA LEU A 130 -7.47 9.22 -5.03
C LEU A 130 -7.97 7.85 -4.58
N ALA A 131 -7.61 7.48 -3.36
CA ALA A 131 -8.05 6.20 -2.80
C ALA A 131 -9.49 6.31 -2.31
N GLN A 132 -10.37 6.70 -3.22
CA GLN A 132 -11.80 6.87 -2.93
C GLN A 132 -12.29 5.80 -1.97
N PHE A 133 -11.74 4.59 -2.09
CA PHE A 133 -12.12 3.49 -1.23
C PHE A 133 -11.86 3.86 0.24
N LYS A 134 -12.94 3.95 1.02
CA LYS A 134 -12.84 4.29 2.44
C LYS A 134 -11.73 3.51 3.13
N GLU A 135 -11.68 2.21 2.85
CA GLU A 135 -10.67 1.35 3.46
C GLU A 135 -9.28 1.94 3.32
N MET A 136 -8.84 2.15 2.07
CA MET A 136 -7.52 2.71 1.81
C MET A 136 -7.32 4.02 2.56
N LYS A 137 -8.37 4.84 2.59
CA LYS A 137 -8.30 6.11 3.29
C LYS A 137 -7.85 5.88 4.73
N ALA A 138 -8.35 4.81 5.32
CA ALA A 138 -8.00 4.44 6.68
C ALA A 138 -6.61 3.80 6.72
N ALA A 139 -6.37 2.90 5.77
CA ALA A 139 -5.08 2.22 5.67
C ALA A 139 -3.95 3.24 5.65
N LEU A 140 -4.16 4.31 4.89
CA LEU A 140 -3.18 5.38 4.78
C LEU A 140 -3.28 6.30 6.00
N GLN A 141 -4.49 6.39 6.56
CA GLN A 141 -4.73 7.23 7.73
C GLN A 141 -4.00 6.68 8.95
N GLU A 142 -4.21 5.39 9.23
CA GLU A 142 -3.58 4.74 10.36
C GLU A 142 -2.07 4.67 10.15
N GLY A 143 -1.66 4.60 8.88
CA GLY A 143 -0.24 4.55 8.57
C GLY A 143 0.52 5.72 9.15
N HIS A 144 0.06 6.93 8.84
CA HIS A 144 0.69 8.14 9.35
C HIS A 144 0.42 8.28 10.85
N GLN A 145 -0.74 7.78 11.28
CA GLN A 145 -1.12 7.83 12.68
C GLN A 145 -0.16 7.01 13.53
N PHE A 146 0.07 5.77 13.12
CA PHE A 146 0.97 4.87 13.82
C PHE A 146 2.39 5.42 13.81
N LEU A 147 2.89 5.76 12.64
CA LEU A 147 4.24 6.31 12.50
C LEU A 147 4.42 7.52 13.40
N CYS A 148 3.34 8.25 13.63
CA CYS A 148 3.37 9.44 14.48
C CYS A 148 3.25 9.03 15.95
N SER A 149 2.97 7.75 16.20
CA SER A 149 2.82 7.24 17.55
C SER A 149 4.07 6.48 17.98
N ILE A 150 4.86 6.00 17.02
CA ILE A 150 6.07 5.26 17.34
C ILE A 150 7.10 6.19 17.99
N GLU A 151 8.30 6.27 17.42
CA GLU A 151 9.34 7.11 17.96
C GLU A 151 9.38 8.45 17.21
N ALA A 152 9.62 8.37 15.90
CA ALA A 152 9.68 9.56 15.06
C ALA A 152 8.39 10.36 15.16
N LEU A 153 8.50 11.60 15.63
CA LEU A 153 7.35 12.47 15.79
C LEU A 153 7.10 13.27 14.51
N GLY A 1 -17.35 -14.37 10.42
CA GLY A 1 -17.90 -15.43 9.58
C GLY A 1 -17.60 -16.79 10.18
N PRO A 2 -18.30 -17.82 9.70
CA PRO A 2 -18.15 -19.19 10.14
C PRO A 2 -16.82 -19.75 9.62
N LEU A 3 -15.86 -18.88 9.37
CA LEU A 3 -14.56 -19.30 8.87
C LEU A 3 -14.70 -20.02 7.54
N GLY A 4 -13.57 -20.51 7.02
CA GLY A 4 -13.57 -21.23 5.76
C GLY A 4 -12.58 -20.64 4.77
N SER A 5 -12.54 -21.20 3.57
CA SER A 5 -11.63 -20.72 2.54
C SER A 5 -12.28 -19.64 1.68
N MET A 6 -13.36 -19.05 2.20
CA MET A 6 -14.06 -18.00 1.49
C MET A 6 -13.15 -16.80 1.24
N ALA A 7 -13.61 -15.89 0.40
CA ALA A 7 -12.83 -14.71 0.07
C ALA A 7 -11.48 -15.07 -0.54
N LEU A 8 -10.82 -14.06 -1.09
CA LEU A 8 -9.52 -14.25 -1.70
C LEU A 8 -8.43 -13.59 -0.86
N ARG A 9 -7.28 -14.24 -0.79
CA ARG A 9 -6.16 -13.70 -0.01
C ARG A 9 -5.45 -12.60 -0.78
N ALA A 10 -5.09 -11.53 -0.09
CA ALA A 10 -4.40 -10.40 -0.71
C ALA A 10 -3.48 -9.71 0.28
N CYS A 11 -2.54 -8.92 -0.22
CA CYS A 11 -1.61 -8.21 0.63
C CYS A 11 -1.04 -6.97 -0.06
N GLY A 12 -1.23 -5.82 0.57
CA GLY A 12 -0.72 -4.57 0.03
C GLY A 12 0.37 -3.99 0.90
N LEU A 13 0.95 -2.87 0.49
CA LEU A 13 2.01 -2.24 1.26
C LEU A 13 1.81 -0.73 1.38
N ILE A 14 1.65 -0.24 2.61
CA ILE A 14 1.50 1.19 2.84
C ILE A 14 2.86 1.84 2.69
N ILE A 15 3.18 2.26 1.48
CA ILE A 15 4.45 2.87 1.20
C ILE A 15 4.42 4.35 1.51
N PHE A 16 5.48 4.84 2.16
CA PHE A 16 5.56 6.23 2.56
C PHE A 16 6.99 6.75 2.49
N ARG A 17 7.20 7.83 1.74
CA ARG A 17 8.53 8.43 1.63
C ARG A 17 8.80 9.31 2.84
N ARG A 18 9.77 8.90 3.67
CA ARG A 18 10.12 9.64 4.87
C ARG A 18 11.28 10.59 4.62
N CYS A 19 11.02 11.89 4.77
CA CYS A 19 12.04 12.91 4.57
C CYS A 19 12.96 13.02 5.78
N LEU A 20 14.14 13.61 5.59
CA LEU A 20 15.09 13.77 6.68
C LEU A 20 14.50 14.61 7.80
N ILE A 21 14.50 15.93 7.65
CA ILE A 21 13.96 16.83 8.66
C ILE A 21 12.68 17.51 8.16
N PRO A 22 11.72 17.76 9.06
CA PRO A 22 10.44 18.41 8.71
C PRO A 22 10.59 19.89 8.42
N LYS A 23 9.63 20.46 7.70
CA LYS A 23 9.65 21.88 7.37
C LYS A 23 8.55 22.63 8.12
N VAL A 24 7.32 22.50 7.61
CA VAL A 24 6.17 23.16 8.23
C VAL A 24 5.24 22.15 8.89
N ASP A 25 5.59 20.87 8.81
CA ASP A 25 4.78 19.82 9.40
C ASP A 25 3.41 19.74 8.74
N ASN A 26 3.41 19.74 7.41
CA ASN A 26 2.18 19.66 6.64
C ASN A 26 2.10 18.36 5.86
N ASN A 27 3.16 18.08 5.10
CA ASN A 27 3.24 16.86 4.32
C ASN A 27 4.29 15.92 4.90
N ALA A 28 5.56 16.25 4.66
CA ALA A 28 6.67 15.46 5.17
C ALA A 28 6.70 14.08 4.53
N ILE A 29 5.69 13.27 4.82
CA ILE A 29 5.60 11.93 4.28
C ILE A 29 4.60 11.85 3.13
N GLU A 30 4.88 10.96 2.18
CA GLU A 30 4.02 10.77 1.03
C GLU A 30 3.85 9.27 0.76
N PHE A 31 2.64 8.85 0.38
CA PHE A 31 2.37 7.45 0.13
C PHE A 31 2.32 7.14 -1.36
N LEU A 32 2.69 5.91 -1.71
CA LEU A 32 2.68 5.47 -3.11
C LEU A 32 1.29 4.99 -3.51
N LEU A 33 0.86 5.39 -4.71
CA LEU A 33 -0.44 5.00 -5.21
C LEU A 33 -0.35 4.60 -6.69
N LEU A 34 -1.12 3.60 -7.07
CA LEU A 34 -1.11 3.12 -8.46
C LEU A 34 -2.51 3.21 -9.06
N GLN A 35 -2.67 4.11 -10.03
CA GLN A 35 -3.96 4.31 -10.69
C GLN A 35 -4.43 3.02 -11.38
N ALA A 36 -5.71 2.70 -11.18
CA ALA A 36 -6.29 1.51 -11.78
C ALA A 36 -6.42 1.69 -13.29
N SER A 37 -6.01 0.66 -14.04
CA SER A 37 -6.09 0.71 -15.49
C SER A 37 -7.49 0.39 -15.99
N ASP A 38 -8.43 0.22 -15.06
CA ASP A 38 -9.81 -0.09 -15.42
C ASP A 38 -10.72 0.07 -14.20
N GLY A 39 -12.00 -0.25 -14.39
CA GLY A 39 -12.95 -0.15 -13.30
C GLY A 39 -13.48 1.26 -13.13
N ILE A 40 -13.25 1.84 -11.95
CA ILE A 40 -13.72 3.20 -11.66
C ILE A 40 -12.60 4.22 -11.81
N HIS A 41 -11.47 3.79 -12.36
CA HIS A 41 -10.32 4.69 -12.53
C HIS A 41 -9.85 5.18 -11.18
N HIS A 42 -9.90 4.29 -10.20
CA HIS A 42 -9.49 4.60 -8.84
C HIS A 42 -8.00 4.38 -8.66
N TRP A 43 -7.47 4.79 -7.52
CA TRP A 43 -6.05 4.65 -7.25
C TRP A 43 -5.81 3.72 -6.07
N THR A 44 -5.21 2.56 -6.36
CA THR A 44 -4.91 1.58 -5.34
C THR A 44 -3.43 1.21 -5.38
N PRO A 45 -2.81 0.97 -4.21
CA PRO A 45 -1.40 0.60 -4.12
C PRO A 45 -1.13 -0.77 -4.72
N PRO A 46 0.16 -1.14 -4.87
CA PRO A 46 0.54 -2.44 -5.42
C PRO A 46 0.03 -3.60 -4.59
N LYS A 47 -1.12 -4.15 -4.97
CA LYS A 47 -1.71 -5.27 -4.25
C LYS A 47 -1.15 -6.61 -4.74
N GLY A 48 -1.46 -7.68 -4.03
CA GLY A 48 -0.98 -9.00 -4.41
C GLY A 48 -1.70 -10.12 -3.69
N HIS A 49 -2.19 -11.08 -4.45
CA HIS A 49 -2.89 -12.23 -3.88
C HIS A 49 -1.92 -13.18 -3.20
N VAL A 50 -1.99 -13.23 -1.87
CA VAL A 50 -1.10 -14.10 -1.10
C VAL A 50 -1.62 -15.55 -1.11
N GLU A 51 -0.69 -16.48 -1.30
CA GLU A 51 -1.02 -17.91 -1.33
C GLU A 51 -0.83 -18.53 0.06
N PRO A 52 -1.60 -19.60 0.37
CA PRO A 52 -1.53 -20.27 1.66
C PRO A 52 -0.10 -20.68 2.04
N GLY A 53 0.72 -20.98 1.05
CA GLY A 53 2.08 -21.38 1.31
C GLY A 53 3.04 -20.20 1.30
N GLU A 54 2.57 -19.06 0.80
CA GLU A 54 3.38 -17.85 0.73
C GLU A 54 3.28 -17.06 2.03
N ASP A 55 4.23 -16.17 2.26
CA ASP A 55 4.21 -15.35 3.47
C ASP A 55 3.21 -14.21 3.33
N ASP A 56 2.81 -13.65 4.46
CA ASP A 56 1.85 -12.55 4.45
C ASP A 56 2.47 -11.26 3.91
N LEU A 57 3.49 -10.76 4.60
CA LEU A 57 4.16 -9.54 4.18
C LEU A 57 4.81 -9.70 2.81
N GLU A 58 5.42 -10.86 2.59
CA GLU A 58 6.09 -11.13 1.30
C GLU A 58 5.15 -10.81 0.14
N THR A 59 3.90 -11.24 0.23
CA THR A 59 2.93 -10.96 -0.82
C THR A 59 2.77 -9.46 -1.00
N ALA A 60 2.72 -8.75 0.12
CA ALA A 60 2.61 -7.29 0.09
C ALA A 60 3.90 -6.69 -0.43
N LEU A 61 5.02 -7.36 -0.15
CA LEU A 61 6.33 -6.93 -0.58
C LEU A 61 6.50 -7.16 -2.08
N ARG A 62 6.24 -8.39 -2.50
CA ARG A 62 6.36 -8.77 -3.91
C ARG A 62 5.42 -7.92 -4.77
N ALA A 63 4.19 -7.73 -4.30
CA ALA A 63 3.22 -6.92 -5.03
C ALA A 63 3.76 -5.51 -5.22
N THR A 64 4.46 -5.02 -4.19
CA THR A 64 5.05 -3.68 -4.24
C THR A 64 6.03 -3.58 -5.39
N GLN A 65 7.00 -4.50 -5.43
CA GLN A 65 8.00 -4.53 -6.48
C GLN A 65 7.41 -5.01 -7.79
N GLU A 66 6.29 -5.73 -7.71
CA GLU A 66 5.62 -6.25 -8.90
C GLU A 66 4.79 -5.17 -9.58
N GLU A 67 4.09 -4.37 -8.78
CA GLU A 67 3.25 -3.30 -9.32
C GLU A 67 3.87 -1.92 -9.10
N ALA A 68 5.08 -1.89 -8.52
CA ALA A 68 5.75 -0.62 -8.27
C ALA A 68 7.26 -0.72 -8.44
N GLY A 69 7.78 -1.94 -8.61
CA GLY A 69 9.21 -2.11 -8.77
C GLY A 69 9.99 -1.88 -7.47
N ILE A 70 9.28 -1.58 -6.39
CA ILE A 70 9.91 -1.35 -5.10
C ILE A 70 9.73 -2.56 -4.19
N GLU A 71 10.85 -3.13 -3.73
CA GLU A 71 10.81 -4.29 -2.86
C GLU A 71 11.18 -3.93 -1.42
N ALA A 72 10.96 -4.87 -0.50
CA ALA A 72 11.27 -4.66 0.90
C ALA A 72 12.68 -4.08 1.08
N GLY A 73 13.60 -4.52 0.24
CA GLY A 73 14.97 -4.01 0.32
C GLY A 73 15.08 -2.58 -0.16
N GLN A 74 14.12 -2.17 -1.00
CA GLN A 74 14.09 -0.80 -1.53
C GLN A 74 13.28 0.12 -0.64
N LEU A 75 12.63 -0.44 0.38
CA LEU A 75 11.83 0.34 1.31
C LEU A 75 12.10 -0.12 2.74
N THR A 76 11.38 0.47 3.69
CA THR A 76 11.53 0.12 5.09
C THR A 76 10.20 -0.29 5.70
N ILE A 77 10.00 -1.60 5.88
CA ILE A 77 8.75 -2.11 6.44
C ILE A 77 8.70 -1.93 7.96
N ILE A 78 7.84 -1.02 8.40
CA ILE A 78 7.69 -0.75 9.83
C ILE A 78 6.98 -1.90 10.53
N GLU A 79 7.47 -2.24 11.71
CA GLU A 79 6.89 -3.34 12.49
C GLU A 79 5.87 -2.83 13.49
N GLY A 80 4.87 -3.65 13.78
CA GLY A 80 3.84 -3.27 14.74
C GLY A 80 2.55 -2.85 14.06
N PHE A 81 2.64 -2.44 12.80
CA PHE A 81 1.47 -2.00 12.06
C PHE A 81 0.98 -3.10 11.11
N LYS A 82 -0.29 -3.46 11.24
CA LYS A 82 -0.88 -4.49 10.40
C LYS A 82 -2.40 -4.34 10.33
N ARG A 83 -2.91 -4.27 9.10
CA ARG A 83 -4.34 -4.15 8.87
C ARG A 83 -4.70 -4.71 7.51
N GLU A 84 -5.80 -5.46 7.44
CA GLU A 84 -6.23 -6.05 6.18
C GLU A 84 -7.60 -5.53 5.76
N LEU A 85 -7.71 -5.16 4.49
CA LEU A 85 -8.97 -4.65 3.95
C LEU A 85 -9.70 -5.73 3.17
N ASN A 86 -10.89 -6.08 3.64
CA ASN A 86 -11.70 -7.11 2.99
C ASN A 86 -13.00 -6.53 2.45
N TYR A 87 -13.23 -6.76 1.17
CA TYR A 87 -14.44 -6.27 0.50
C TYR A 87 -14.60 -6.94 -0.84
N VAL A 88 -15.84 -7.28 -1.18
CA VAL A 88 -16.14 -7.92 -2.45
C VAL A 88 -16.20 -6.89 -3.57
N ALA A 89 -15.20 -6.91 -4.44
CA ALA A 89 -15.12 -5.96 -5.53
C ALA A 89 -16.09 -6.32 -6.66
N ARG A 90 -15.59 -7.04 -7.68
CA ARG A 90 -16.42 -7.43 -8.81
C ARG A 90 -17.43 -8.50 -8.40
N ASN A 91 -16.99 -9.43 -7.54
CA ASN A 91 -17.86 -10.49 -7.05
C ASN A 91 -17.08 -11.45 -6.16
N LYS A 92 -16.05 -10.94 -5.50
CA LYS A 92 -15.23 -11.75 -4.61
C LYS A 92 -14.51 -10.87 -3.59
N PRO A 93 -14.70 -11.17 -2.29
CA PRO A 93 -14.08 -10.39 -1.20
C PRO A 93 -12.60 -10.68 -1.06
N LYS A 94 -11.82 -9.63 -1.25
CA LYS A 94 -10.36 -9.73 -1.17
C LYS A 94 -9.82 -9.17 0.14
N THR A 95 -9.11 -10.01 0.90
CA THR A 95 -8.49 -9.57 2.14
C THR A 95 -7.11 -9.04 1.83
N VAL A 96 -6.92 -7.74 2.04
CA VAL A 96 -5.65 -7.10 1.73
C VAL A 96 -4.94 -6.62 2.99
N ILE A 97 -3.84 -7.29 3.34
CA ILE A 97 -3.04 -6.92 4.50
C ILE A 97 -2.06 -5.83 4.12
N TYR A 98 -2.02 -4.75 4.89
CA TYR A 98 -1.16 -3.63 4.58
C TYR A 98 -0.07 -3.40 5.63
N TRP A 99 1.14 -3.12 5.16
CA TRP A 99 2.28 -2.86 6.03
C TRP A 99 2.92 -1.52 5.68
N LEU A 100 3.39 -0.81 6.69
CA LEU A 100 4.04 0.48 6.44
C LEU A 100 5.43 0.28 5.88
N ALA A 101 5.68 0.88 4.72
CA ALA A 101 6.98 0.77 4.07
C ALA A 101 7.48 2.15 3.63
N GLU A 102 8.79 2.36 3.72
CA GLU A 102 9.36 3.64 3.34
C GLU A 102 10.44 3.46 2.28
N VAL A 103 10.16 3.95 1.06
CA VAL A 103 11.13 3.84 -0.01
C VAL A 103 12.29 4.79 0.20
N LYS A 104 13.46 4.22 0.44
CA LYS A 104 14.67 4.98 0.71
C LYS A 104 15.12 5.82 -0.48
N ASP A 105 14.48 5.61 -1.62
CA ASP A 105 14.82 6.35 -2.83
C ASP A 105 13.69 7.30 -3.24
N TYR A 106 13.91 8.60 -3.02
CA TYR A 106 12.90 9.61 -3.36
C TYR A 106 12.52 9.49 -4.84
N ASP A 107 13.52 9.23 -5.67
CA ASP A 107 13.30 9.08 -7.10
C ASP A 107 13.30 7.59 -7.45
N VAL A 108 12.94 6.76 -6.46
CA VAL A 108 12.89 5.32 -6.64
C VAL A 108 12.13 4.94 -7.90
N GLU A 109 12.56 3.85 -8.53
CA GLU A 109 11.93 3.38 -9.75
C GLU A 109 10.53 2.86 -9.46
N ILE A 110 9.63 3.11 -10.39
CA ILE A 110 8.25 2.68 -10.26
C ILE A 110 7.86 1.77 -11.41
N ARG A 111 7.93 0.46 -11.16
CA ARG A 111 7.61 -0.53 -12.16
C ARG A 111 6.22 -1.10 -11.91
N LEU A 112 5.25 -0.60 -12.67
CA LEU A 112 3.86 -1.03 -12.53
C LEU A 112 3.52 -2.18 -13.48
N SER A 113 2.24 -2.53 -13.53
CA SER A 113 1.78 -3.61 -14.38
C SER A 113 0.64 -3.14 -15.29
N HIS A 114 0.03 -4.08 -16.01
CA HIS A 114 -1.07 -3.74 -16.91
C HIS A 114 -2.30 -3.26 -16.15
N GLU A 115 -2.41 -3.68 -14.89
CA GLU A 115 -3.53 -3.28 -14.05
C GLU A 115 -3.36 -1.86 -13.52
N HIS A 116 -2.15 -1.32 -13.65
CA HIS A 116 -1.86 0.03 -13.18
C HIS A 116 -1.31 0.89 -14.32
N GLN A 117 -2.14 1.80 -14.81
CA GLN A 117 -1.75 2.68 -15.91
C GLN A 117 -0.79 3.78 -15.45
N ALA A 118 -0.73 4.01 -14.14
CA ALA A 118 0.16 5.04 -13.59
C ALA A 118 0.22 4.99 -12.08
N TYR A 119 1.00 5.89 -11.49
CA TYR A 119 1.16 5.96 -10.05
C TYR A 119 1.32 7.41 -9.59
N ARG A 120 1.32 7.62 -8.27
CA ARG A 120 1.47 8.96 -7.73
C ARG A 120 1.97 8.93 -6.29
N TRP A 121 2.64 10.01 -5.90
CA TRP A 121 3.17 10.14 -4.55
C TRP A 121 2.52 11.35 -3.87
N LEU A 122 1.62 11.10 -2.94
CA LEU A 122 0.92 12.17 -2.25
C LEU A 122 0.83 11.92 -0.75
N GLY A 123 0.32 12.92 -0.03
CA GLY A 123 0.16 12.79 1.41
C GLY A 123 -1.07 12.00 1.78
N LEU A 124 -1.61 12.25 2.96
CA LEU A 124 -2.81 11.55 3.41
C LEU A 124 -4.07 12.09 2.74
N GLU A 125 -4.14 13.41 2.60
CA GLU A 125 -5.31 14.04 1.98
C GLU A 125 -5.49 13.58 0.53
N GLU A 126 -4.43 13.68 -0.25
CA GLU A 126 -4.49 13.27 -1.65
C GLU A 126 -4.63 11.77 -1.74
N ALA A 127 -3.78 11.05 -1.02
CA ALA A 127 -3.85 9.60 -1.02
C ALA A 127 -5.27 9.15 -0.66
N CYS A 128 -5.96 10.00 0.10
CA CYS A 128 -7.34 9.75 0.50
C CYS A 128 -8.29 10.17 -0.61
N GLN A 129 -7.91 11.22 -1.34
CA GLN A 129 -8.74 11.74 -2.43
C GLN A 129 -8.90 10.69 -3.53
N LEU A 130 -7.79 10.08 -3.94
CA LEU A 130 -7.81 9.06 -4.98
C LEU A 130 -8.29 7.74 -4.41
N ALA A 131 -7.90 7.45 -3.17
CA ALA A 131 -8.29 6.21 -2.51
C ALA A 131 -9.75 6.29 -2.06
N GLN A 132 -10.63 6.64 -2.99
CA GLN A 132 -12.05 6.77 -2.71
C GLN A 132 -12.56 5.67 -1.78
N PHE A 133 -11.94 4.50 -1.86
CA PHE A 133 -12.32 3.38 -1.02
C PHE A 133 -12.05 3.70 0.45
N LYS A 134 -13.11 3.66 1.26
CA LYS A 134 -12.99 3.95 2.69
C LYS A 134 -11.81 3.20 3.31
N GLU A 135 -11.76 1.90 3.04
CA GLU A 135 -10.71 1.04 3.57
C GLU A 135 -9.32 1.67 3.39
N MET A 136 -9.01 2.05 2.16
CA MET A 136 -7.71 2.64 1.86
C MET A 136 -7.50 3.91 2.65
N LYS A 137 -8.53 4.74 2.73
CA LYS A 137 -8.44 6.00 3.48
C LYS A 137 -7.96 5.74 4.89
N ALA A 138 -8.39 4.62 5.46
CA ALA A 138 -7.99 4.25 6.81
C ALA A 138 -6.58 3.66 6.80
N ALA A 139 -6.31 2.82 5.80
CA ALA A 139 -4.99 2.21 5.67
C ALA A 139 -3.92 3.29 5.60
N LEU A 140 -4.22 4.34 4.85
CA LEU A 140 -3.29 5.46 4.72
C LEU A 140 -3.38 6.36 5.95
N GLN A 141 -4.55 6.35 6.60
CA GLN A 141 -4.77 7.15 7.79
C GLN A 141 -3.96 6.62 8.96
N GLU A 142 -4.10 5.32 9.21
CA GLU A 142 -3.37 4.69 10.31
C GLU A 142 -1.89 4.61 9.98
N GLY A 143 -1.57 4.51 8.70
CA GLY A 143 -0.18 4.44 8.28
C GLY A 143 0.61 5.64 8.74
N HIS A 144 0.07 6.84 8.50
CA HIS A 144 0.71 8.07 8.92
C HIS A 144 0.54 8.28 10.42
N GLN A 145 -0.63 7.90 10.92
CA GLN A 145 -0.94 8.05 12.33
C GLN A 145 0.02 7.26 13.21
N PHE A 146 0.16 5.98 12.91
CA PHE A 146 1.05 5.11 13.68
C PHE A 146 2.49 5.60 13.62
N LEU A 147 2.97 5.85 12.40
CA LEU A 147 4.33 6.32 12.19
C LEU A 147 4.62 7.60 12.95
N CYS A 148 3.59 8.43 13.11
CA CYS A 148 3.74 9.68 13.84
C CYS A 148 3.67 9.44 15.34
N SER A 149 3.42 8.20 15.74
CA SER A 149 3.31 7.84 17.15
C SER A 149 4.46 6.94 17.59
N ILE A 150 5.45 6.75 16.73
CA ILE A 150 6.58 5.90 17.06
C ILE A 150 7.74 6.73 17.63
N GLU A 151 8.97 6.45 17.21
CA GLU A 151 10.13 7.19 17.70
C GLU A 151 10.59 8.24 16.71
N ALA A 152 11.00 7.80 15.52
CA ALA A 152 11.48 8.72 14.49
C ALA A 152 10.32 9.32 13.69
N LEU A 153 10.30 10.65 13.61
CA LEU A 153 9.25 11.35 12.86
C LEU A 153 9.81 12.62 12.22
N GLY A 1 -4.15 -24.45 11.60
CA GLY A 1 -5.42 -25.13 11.79
C GLY A 1 -6.55 -24.33 11.13
N PRO A 2 -6.52 -23.01 11.30
CA PRO A 2 -7.50 -22.10 10.75
C PRO A 2 -7.31 -21.99 9.24
N LEU A 3 -7.98 -22.86 8.50
CA LEU A 3 -7.88 -22.87 7.04
C LEU A 3 -8.50 -21.61 6.46
N GLY A 4 -7.82 -21.02 5.48
CA GLY A 4 -8.31 -19.80 4.85
C GLY A 4 -9.39 -20.08 3.83
N SER A 5 -10.46 -20.75 4.24
CA SER A 5 -11.56 -21.06 3.34
C SER A 5 -12.36 -19.81 3.03
N MET A 6 -13.05 -19.82 1.90
CA MET A 6 -13.86 -18.67 1.48
C MET A 6 -12.99 -17.42 1.36
N ALA A 7 -13.48 -16.44 0.61
CA ALA A 7 -12.75 -15.20 0.40
C ALA A 7 -11.39 -15.46 -0.22
N LEU A 8 -10.78 -14.41 -0.74
CA LEU A 8 -9.47 -14.52 -1.38
C LEU A 8 -8.39 -13.87 -0.52
N ARG A 9 -7.23 -14.50 -0.46
CA ARG A 9 -6.11 -13.99 0.31
C ARG A 9 -5.32 -12.97 -0.49
N ALA A 10 -5.18 -11.77 0.07
CA ALA A 10 -4.44 -10.69 -0.58
C ALA A 10 -3.56 -9.96 0.41
N CYS A 11 -2.60 -9.20 -0.10
CA CYS A 11 -1.70 -8.43 0.74
C CYS A 11 -1.08 -7.27 -0.02
N GLY A 12 -1.25 -6.08 0.51
CA GLY A 12 -0.69 -4.88 -0.11
C GLY A 12 0.34 -4.20 0.75
N LEU A 13 1.04 -3.23 0.18
CA LEU A 13 2.06 -2.50 0.92
C LEU A 13 1.79 -1.01 0.90
N ILE A 14 1.57 -0.43 2.08
CA ILE A 14 1.34 1.00 2.18
C ILE A 14 2.67 1.71 2.29
N ILE A 15 3.19 2.10 1.14
CA ILE A 15 4.47 2.76 1.05
C ILE A 15 4.37 4.23 1.39
N PHE A 16 5.42 4.76 2.01
CA PHE A 16 5.45 6.15 2.42
C PHE A 16 6.87 6.70 2.44
N ARG A 17 7.11 7.76 1.67
CA ARG A 17 8.44 8.37 1.64
C ARG A 17 8.61 9.32 2.82
N ARG A 18 9.50 8.95 3.74
CA ARG A 18 9.75 9.76 4.92
C ARG A 18 11.01 10.60 4.76
N CYS A 19 10.88 11.90 5.02
CA CYS A 19 12.00 12.81 4.91
C CYS A 19 13.05 12.47 5.97
N LEU A 20 14.28 12.93 5.75
CA LEU A 20 15.37 12.67 6.68
C LEU A 20 14.97 13.01 8.12
N ILE A 21 14.10 14.01 8.26
CA ILE A 21 13.61 14.42 9.58
C ILE A 21 12.38 15.31 9.44
N PRO A 22 11.49 15.31 10.45
CA PRO A 22 10.27 16.12 10.44
C PRO A 22 10.56 17.60 10.69
N LYS A 23 9.64 18.46 10.29
CA LYS A 23 9.79 19.90 10.48
C LYS A 23 8.48 20.54 10.92
N VAL A 24 7.58 20.78 9.96
CA VAL A 24 6.30 21.39 10.24
C VAL A 24 5.22 20.32 10.41
N ASP A 25 5.54 19.08 10.07
CA ASP A 25 4.58 17.98 10.18
C ASP A 25 3.45 18.17 9.16
N ASN A 26 3.80 18.73 8.01
CA ASN A 26 2.82 18.98 6.95
C ASN A 26 2.74 17.81 5.98
N ASN A 27 3.79 17.64 5.18
CA ASN A 27 3.83 16.55 4.20
C ASN A 27 5.11 15.75 4.37
N ALA A 28 5.56 15.62 5.61
CA ALA A 28 6.78 14.89 5.92
C ALA A 28 6.74 13.48 5.33
N ILE A 29 5.53 12.98 5.11
CA ILE A 29 5.36 11.63 4.56
C ILE A 29 4.42 11.62 3.36
N GLU A 30 4.77 10.82 2.35
CA GLU A 30 3.97 10.69 1.15
C GLU A 30 3.84 9.21 0.77
N PHE A 31 2.60 8.77 0.58
CA PHE A 31 2.34 7.38 0.24
C PHE A 31 2.33 7.14 -1.27
N LEU A 32 2.72 5.92 -1.67
CA LEU A 32 2.74 5.55 -3.08
C LEU A 32 1.37 5.05 -3.51
N LEU A 33 0.94 5.45 -4.69
CA LEU A 33 -0.37 5.04 -5.20
C LEU A 33 -0.29 4.71 -6.69
N LEU A 34 -0.86 3.57 -7.06
CA LEU A 34 -0.84 3.14 -8.45
C LEU A 34 -2.23 3.25 -9.07
N GLN A 35 -2.43 4.31 -9.83
CA GLN A 35 -3.72 4.55 -10.49
C GLN A 35 -4.13 3.36 -11.34
N ALA A 36 -5.38 2.96 -11.22
CA ALA A 36 -5.90 1.85 -12.00
C ALA A 36 -5.84 2.18 -13.49
N SER A 37 -5.40 1.23 -14.30
CA SER A 37 -5.29 1.44 -15.73
C SER A 37 -6.67 1.52 -16.40
N ASP A 38 -7.72 1.41 -15.61
CA ASP A 38 -9.08 1.49 -16.13
C ASP A 38 -10.10 1.51 -14.99
N GLY A 39 -11.36 1.27 -15.32
CA GLY A 39 -12.41 1.25 -14.30
C GLY A 39 -12.82 2.65 -13.89
N ILE A 40 -12.77 2.90 -12.58
CA ILE A 40 -13.14 4.21 -12.04
C ILE A 40 -11.92 5.11 -11.86
N HIS A 41 -10.77 4.66 -12.36
CA HIS A 41 -9.54 5.43 -12.22
C HIS A 41 -9.20 5.58 -10.75
N HIS A 42 -9.37 4.49 -10.00
CA HIS A 42 -9.10 4.48 -8.58
C HIS A 42 -7.66 4.06 -8.30
N TRP A 43 -7.06 4.68 -7.30
CA TRP A 43 -5.67 4.41 -6.94
C TRP A 43 -5.59 3.50 -5.72
N THR A 44 -4.83 2.42 -5.85
CA THR A 44 -4.63 1.46 -4.77
C THR A 44 -3.17 1.04 -4.68
N PRO A 45 -2.62 0.91 -3.46
CA PRO A 45 -1.23 0.51 -3.26
C PRO A 45 -0.92 -0.82 -3.93
N PRO A 46 0.38 -1.14 -4.09
CA PRO A 46 0.80 -2.40 -4.73
C PRO A 46 0.32 -3.63 -3.96
N LYS A 47 -0.91 -4.03 -4.22
CA LYS A 47 -1.49 -5.21 -3.56
C LYS A 47 -1.43 -6.43 -4.46
N GLY A 48 -1.39 -7.61 -3.85
CA GLY A 48 -1.32 -8.84 -4.62
C GLY A 48 -2.19 -9.95 -4.04
N HIS A 49 -1.82 -11.19 -4.34
CA HIS A 49 -2.57 -12.35 -3.85
C HIS A 49 -1.65 -13.32 -3.09
N VAL A 50 -1.82 -13.39 -1.78
CA VAL A 50 -1.00 -14.28 -0.96
C VAL A 50 -1.56 -15.70 -0.98
N GLU A 51 -0.66 -16.67 -1.18
CA GLU A 51 -1.04 -18.07 -1.23
C GLU A 51 -0.82 -18.73 0.14
N PRO A 52 -1.60 -19.78 0.45
CA PRO A 52 -1.52 -20.48 1.73
C PRO A 52 -0.08 -20.87 2.09
N GLY A 53 0.74 -21.12 1.09
CA GLY A 53 2.12 -21.49 1.34
C GLY A 53 3.05 -20.29 1.26
N GLU A 54 2.53 -19.16 0.78
CA GLU A 54 3.32 -17.94 0.65
C GLU A 54 3.24 -17.13 1.94
N ASP A 55 4.21 -16.25 2.14
CA ASP A 55 4.23 -15.41 3.33
C ASP A 55 3.21 -14.28 3.18
N ASP A 56 2.81 -13.70 4.30
CA ASP A 56 1.85 -12.61 4.28
C ASP A 56 2.48 -11.31 3.77
N LEU A 57 3.49 -10.82 4.48
CA LEU A 57 4.17 -9.60 4.08
C LEU A 57 4.81 -9.74 2.71
N GLU A 58 5.45 -10.89 2.48
CA GLU A 58 6.11 -11.15 1.20
C GLU A 58 5.17 -10.84 0.05
N THR A 59 3.94 -11.33 0.14
CA THR A 59 2.95 -11.08 -0.90
C THR A 59 2.80 -9.58 -1.13
N ALA A 60 2.77 -8.82 -0.04
CA ALA A 60 2.66 -7.38 -0.12
C ALA A 60 3.97 -6.79 -0.64
N LEU A 61 5.09 -7.44 -0.29
CA LEU A 61 6.39 -6.99 -0.72
C LEU A 61 6.59 -7.23 -2.22
N ARG A 62 6.35 -8.47 -2.61
CA ARG A 62 6.49 -8.88 -4.01
C ARG A 62 5.58 -8.04 -4.90
N ALA A 63 4.38 -7.76 -4.42
CA ALA A 63 3.45 -6.94 -5.18
C ALA A 63 3.98 -5.53 -5.34
N THR A 64 4.75 -5.09 -4.34
CA THR A 64 5.35 -3.77 -4.37
C THR A 64 6.35 -3.66 -5.51
N GLN A 65 7.27 -4.61 -5.56
CA GLN A 65 8.28 -4.61 -6.62
C GLN A 65 7.69 -5.07 -7.94
N GLU A 66 6.61 -5.84 -7.89
CA GLU A 66 5.95 -6.32 -9.09
C GLU A 66 5.09 -5.23 -9.71
N GLU A 67 4.43 -4.44 -8.86
CA GLU A 67 3.55 -3.37 -9.34
C GLU A 67 4.20 -1.99 -9.20
N ALA A 68 5.34 -1.93 -8.51
CA ALA A 68 6.02 -0.66 -8.31
C ALA A 68 7.53 -0.76 -8.48
N GLY A 69 8.04 -1.96 -8.71
CA GLY A 69 9.46 -2.13 -8.88
C GLY A 69 10.23 -1.94 -7.57
N ILE A 70 9.50 -1.66 -6.49
CA ILE A 70 10.14 -1.46 -5.19
C ILE A 70 9.93 -2.69 -4.30
N GLU A 71 11.03 -3.25 -3.81
CA GLU A 71 10.97 -4.43 -2.96
C GLU A 71 11.33 -4.09 -1.53
N ALA A 72 11.07 -5.01 -0.61
CA ALA A 72 11.37 -4.80 0.80
C ALA A 72 12.80 -4.30 0.99
N GLY A 73 13.67 -4.66 0.06
CA GLY A 73 15.05 -4.22 0.13
C GLY A 73 15.23 -2.77 -0.28
N GLN A 74 14.25 -2.25 -1.02
CA GLN A 74 14.30 -0.86 -1.48
C GLN A 74 13.47 0.05 -0.58
N LEU A 75 12.69 -0.54 0.33
CA LEU A 75 11.88 0.24 1.25
C LEU A 75 12.16 -0.16 2.70
N THR A 76 11.35 0.35 3.61
CA THR A 76 11.49 0.04 5.02
C THR A 76 10.14 -0.29 5.63
N ILE A 77 9.87 -1.58 5.81
CA ILE A 77 8.61 -2.03 6.37
C ILE A 77 8.56 -1.76 7.88
N ILE A 78 7.60 -0.95 8.29
CA ILE A 78 7.45 -0.60 9.71
C ILE A 78 6.70 -1.70 10.45
N GLU A 79 7.25 -2.07 11.60
CA GLU A 79 6.66 -3.10 12.44
C GLU A 79 5.69 -2.51 13.46
N GLY A 80 4.67 -3.27 13.81
CA GLY A 80 3.69 -2.80 14.77
C GLY A 80 2.37 -2.43 14.12
N PHE A 81 2.42 -2.04 12.86
CA PHE A 81 1.22 -1.65 12.13
C PHE A 81 0.78 -2.75 11.18
N LYS A 82 -0.47 -3.18 11.33
CA LYS A 82 -1.01 -4.23 10.48
C LYS A 82 -2.53 -4.18 10.45
N ARG A 83 -3.08 -4.15 9.24
CA ARG A 83 -4.52 -4.12 9.05
C ARG A 83 -4.88 -4.65 7.67
N GLU A 84 -6.00 -5.37 7.58
CA GLU A 84 -6.43 -5.93 6.31
C GLU A 84 -7.82 -5.44 5.91
N LEU A 85 -7.99 -5.17 4.63
CA LEU A 85 -9.26 -4.71 4.11
C LEU A 85 -10.02 -5.85 3.44
N ASN A 86 -11.19 -6.18 3.97
CA ASN A 86 -11.99 -7.27 3.44
C ASN A 86 -13.25 -6.75 2.77
N TYR A 87 -13.43 -7.12 1.51
CA TYR A 87 -14.60 -6.69 0.73
C TYR A 87 -14.72 -7.50 -0.55
N VAL A 88 -15.95 -7.74 -0.96
CA VAL A 88 -16.20 -8.50 -2.18
C VAL A 88 -16.19 -7.57 -3.40
N ALA A 89 -15.18 -7.74 -4.24
CA ALA A 89 -15.04 -6.91 -5.43
C ALA A 89 -16.04 -7.33 -6.52
N ARG A 90 -15.55 -7.98 -7.58
CA ARG A 90 -16.42 -8.42 -8.66
C ARG A 90 -17.46 -9.42 -8.15
N ASN A 91 -17.03 -10.30 -7.26
CA ASN A 91 -17.91 -11.32 -6.68
C ASN A 91 -17.14 -12.22 -5.73
N LYS A 92 -16.12 -11.68 -5.08
CA LYS A 92 -15.31 -12.44 -4.14
C LYS A 92 -14.61 -11.51 -3.15
N PRO A 93 -14.81 -11.75 -1.84
CA PRO A 93 -14.21 -10.94 -0.76
C PRO A 93 -12.71 -11.14 -0.65
N LYS A 94 -11.99 -10.07 -0.90
CA LYS A 94 -10.54 -10.08 -0.84
C LYS A 94 -10.02 -9.51 0.47
N THR A 95 -9.15 -10.26 1.14
CA THR A 95 -8.55 -9.80 2.39
C THR A 95 -7.20 -9.17 2.07
N VAL A 96 -7.15 -7.86 2.10
CA VAL A 96 -5.92 -7.15 1.79
C VAL A 96 -5.23 -6.62 3.04
N ILE A 97 -4.10 -7.24 3.39
CA ILE A 97 -3.32 -6.80 4.54
C ILE A 97 -2.36 -5.70 4.09
N TYR A 98 -2.24 -4.65 4.89
CA TYR A 98 -1.38 -3.53 4.51
C TYR A 98 -0.31 -3.23 5.56
N TRP A 99 0.93 -3.13 5.09
CA TRP A 99 2.06 -2.82 5.95
C TRP A 99 2.65 -1.47 5.57
N LEU A 100 3.21 -0.77 6.54
CA LEU A 100 3.82 0.52 6.26
C LEU A 100 5.23 0.33 5.76
N ALA A 101 5.55 0.92 4.62
CA ALA A 101 6.89 0.79 4.05
C ALA A 101 7.40 2.14 3.60
N GLU A 102 8.71 2.36 3.75
CA GLU A 102 9.32 3.62 3.35
C GLU A 102 10.44 3.41 2.35
N VAL A 103 10.25 3.95 1.14
CA VAL A 103 11.25 3.82 0.10
C VAL A 103 12.41 4.78 0.34
N LYS A 104 13.61 4.21 0.46
CA LYS A 104 14.81 5.00 0.71
C LYS A 104 15.10 5.96 -0.44
N ASP A 105 14.58 5.64 -1.62
CA ASP A 105 14.81 6.48 -2.79
C ASP A 105 13.57 7.32 -3.14
N TYR A 106 13.75 8.64 -3.12
CA TYR A 106 12.67 9.56 -3.46
C TYR A 106 12.24 9.37 -4.90
N ASP A 107 13.22 9.25 -5.78
CA ASP A 107 12.96 9.05 -7.21
C ASP A 107 13.03 7.56 -7.54
N VAL A 108 12.86 6.73 -6.50
CA VAL A 108 12.89 5.28 -6.65
C VAL A 108 12.14 4.82 -7.89
N GLU A 109 12.64 3.76 -8.51
CA GLU A 109 12.04 3.23 -9.73
C GLU A 109 10.61 2.77 -9.48
N ILE A 110 9.76 3.03 -10.45
CA ILE A 110 8.36 2.63 -10.37
C ILE A 110 7.98 1.78 -11.56
N ARG A 111 7.93 0.47 -11.32
CA ARG A 111 7.60 -0.49 -12.37
C ARG A 111 6.15 -0.94 -12.28
N LEU A 112 5.31 -0.38 -13.15
CA LEU A 112 3.89 -0.73 -13.18
C LEU A 112 3.62 -1.86 -14.17
N SER A 113 2.45 -2.48 -14.05
CA SER A 113 2.08 -3.58 -14.93
C SER A 113 0.85 -3.23 -15.76
N HIS A 114 0.28 -4.23 -16.43
CA HIS A 114 -0.90 -4.04 -17.26
C HIS A 114 -2.10 -3.61 -16.42
N GLU A 115 -2.03 -3.86 -15.11
CA GLU A 115 -3.12 -3.51 -14.21
C GLU A 115 -3.01 -2.06 -13.76
N HIS A 116 -1.83 -1.48 -13.92
CA HIS A 116 -1.58 -0.10 -13.53
C HIS A 116 -1.16 0.73 -14.73
N GLN A 117 -1.71 1.93 -14.84
CA GLN A 117 -1.39 2.82 -15.96
C GLN A 117 -0.56 4.02 -15.50
N ALA A 118 -0.60 4.31 -14.21
CA ALA A 118 0.15 5.43 -13.66
C ALA A 118 0.23 5.36 -12.13
N TYR A 119 1.11 6.16 -11.55
CA TYR A 119 1.29 6.19 -10.11
C TYR A 119 1.48 7.61 -9.61
N ARG A 120 1.52 7.78 -8.30
CA ARG A 120 1.70 9.11 -7.70
C ARG A 120 2.18 9.00 -6.25
N TRP A 121 2.79 10.08 -5.77
CA TRP A 121 3.28 10.15 -4.40
C TRP A 121 2.63 11.34 -3.71
N LEU A 122 1.71 11.06 -2.80
CA LEU A 122 0.99 12.12 -2.09
C LEU A 122 0.89 11.83 -0.61
N GLY A 123 0.39 12.81 0.13
CA GLY A 123 0.22 12.66 1.57
C GLY A 123 -1.02 11.88 1.92
N LEU A 124 -1.59 12.15 3.09
CA LEU A 124 -2.78 11.46 3.55
C LEU A 124 -4.03 11.98 2.86
N GLU A 125 -4.16 13.30 2.79
CA GLU A 125 -5.32 13.93 2.16
C GLU A 125 -5.48 13.49 0.71
N GLU A 126 -4.40 13.60 -0.07
CA GLU A 126 -4.44 13.22 -1.47
C GLU A 126 -4.60 11.72 -1.59
N ALA A 127 -3.72 10.97 -0.93
CA ALA A 127 -3.79 9.53 -0.97
C ALA A 127 -5.20 9.06 -0.64
N CYS A 128 -5.89 9.84 0.18
CA CYS A 128 -7.26 9.55 0.58
C CYS A 128 -8.24 10.07 -0.46
N GLN A 129 -7.87 11.16 -1.13
CA GLN A 129 -8.71 11.76 -2.16
C GLN A 129 -8.91 10.81 -3.32
N LEU A 130 -7.82 10.16 -3.74
CA LEU A 130 -7.88 9.21 -4.84
C LEU A 130 -8.46 7.89 -4.37
N ALA A 131 -8.04 7.45 -3.18
CA ALA A 131 -8.54 6.20 -2.62
C ALA A 131 -9.93 6.42 -2.05
N GLN A 132 -10.83 6.93 -2.89
CA GLN A 132 -12.21 7.21 -2.50
C GLN A 132 -12.75 6.14 -1.57
N PHE A 133 -12.30 4.90 -1.78
CA PHE A 133 -12.73 3.79 -0.96
C PHE A 133 -12.37 4.03 0.51
N LYS A 134 -13.39 4.04 1.36
CA LYS A 134 -13.21 4.27 2.79
C LYS A 134 -12.07 3.42 3.34
N GLU A 135 -12.16 2.11 3.10
CA GLU A 135 -11.16 1.16 3.57
C GLU A 135 -9.74 1.68 3.38
N MET A 136 -9.41 2.06 2.16
CA MET A 136 -8.07 2.57 1.86
C MET A 136 -7.77 3.85 2.63
N LYS A 137 -8.74 4.76 2.65
CA LYS A 137 -8.57 6.01 3.37
C LYS A 137 -8.08 5.74 4.79
N ALA A 138 -8.68 4.73 5.42
CA ALA A 138 -8.30 4.35 6.77
C ALA A 138 -6.90 3.75 6.80
N ALA A 139 -6.62 2.87 5.85
CA ALA A 139 -5.31 2.23 5.75
C ALA A 139 -4.21 3.29 5.74
N LEU A 140 -4.44 4.35 4.97
CA LEU A 140 -3.49 5.44 4.85
C LEU A 140 -3.63 6.39 6.04
N GLN A 141 -4.85 6.47 6.58
CA GLN A 141 -5.12 7.35 7.71
C GLN A 141 -4.32 6.92 8.94
N GLU A 142 -4.41 5.64 9.28
CA GLU A 142 -3.67 5.12 10.42
C GLU A 142 -2.19 5.01 10.11
N GLY A 143 -1.88 4.81 8.83
CA GLY A 143 -0.49 4.70 8.41
C GLY A 143 0.34 5.90 8.87
N HIS A 144 -0.20 7.09 8.68
CA HIS A 144 0.49 8.31 9.08
C HIS A 144 0.33 8.56 10.57
N GLN A 145 -0.79 8.09 11.12
CA GLN A 145 -1.09 8.27 12.55
C GLN A 145 -0.11 7.46 13.41
N PHE A 146 0.01 6.18 13.11
CA PHE A 146 0.90 5.30 13.85
C PHE A 146 2.35 5.73 13.70
N LEU A 147 2.77 5.95 12.45
CA LEU A 147 4.12 6.36 12.14
C LEU A 147 4.50 7.65 12.87
N CYS A 148 3.53 8.54 13.07
CA CYS A 148 3.78 9.80 13.75
C CYS A 148 4.05 9.57 15.24
N SER A 149 3.69 8.38 15.73
CA SER A 149 3.88 8.04 17.13
C SER A 149 5.23 7.35 17.36
N ILE A 150 5.93 7.03 16.27
CA ILE A 150 7.22 6.37 16.36
C ILE A 150 8.34 7.41 16.41
N GLU A 151 9.45 7.13 15.72
CA GLU A 151 10.58 8.05 15.68
C GLU A 151 11.35 7.90 14.37
N ALA A 152 11.74 6.66 14.07
CA ALA A 152 12.48 6.38 12.84
C ALA A 152 12.54 4.88 12.57
N LEU A 153 13.28 4.50 11.54
CA LEU A 153 13.43 3.09 11.18
C LEU A 153 12.08 2.49 10.79
N GLY A 1 -9.11 -29.63 -6.67
CA GLY A 1 -8.86 -28.21 -6.53
C GLY A 1 -10.15 -27.43 -6.78
N PRO A 2 -11.25 -27.88 -6.17
CA PRO A 2 -12.55 -27.26 -6.28
C PRO A 2 -12.57 -25.96 -5.50
N LEU A 3 -13.68 -25.22 -5.59
CA LEU A 3 -13.81 -23.96 -4.88
C LEU A 3 -13.63 -24.15 -3.37
N GLY A 4 -12.52 -23.66 -2.84
CA GLY A 4 -12.27 -23.79 -1.42
C GLY A 4 -11.72 -22.52 -0.81
N SER A 5 -11.56 -22.51 0.51
CA SER A 5 -11.03 -21.34 1.21
C SER A 5 -11.94 -20.14 1.00
N MET A 6 -12.68 -19.78 2.04
CA MET A 6 -13.59 -18.64 1.98
C MET A 6 -12.82 -17.35 1.81
N ALA A 7 -13.23 -16.55 0.83
CA ALA A 7 -12.58 -15.27 0.56
C ALA A 7 -11.19 -15.47 -0.02
N LEU A 8 -10.63 -14.40 -0.59
CA LEU A 8 -9.31 -14.45 -1.19
C LEU A 8 -8.29 -13.73 -0.31
N ARG A 9 -7.21 -14.41 0.04
CA ARG A 9 -6.18 -13.84 0.89
C ARG A 9 -5.26 -12.93 0.08
N ALA A 10 -5.28 -11.64 0.41
CA ALA A 10 -4.44 -10.66 -0.29
C ALA A 10 -3.61 -9.87 0.70
N CYS A 11 -2.55 -9.26 0.19
CA CYS A 11 -1.67 -8.45 1.03
C CYS A 11 -1.01 -7.35 0.21
N GLY A 12 -1.20 -6.11 0.64
CA GLY A 12 -0.61 -4.99 -0.06
C GLY A 12 0.42 -4.28 0.80
N LEU A 13 1.06 -3.26 0.23
CA LEU A 13 2.08 -2.51 0.96
C LEU A 13 1.79 -1.01 0.93
N ILE A 14 1.56 -0.43 2.10
CA ILE A 14 1.35 1.00 2.19
C ILE A 14 2.68 1.69 2.24
N ILE A 15 3.17 2.05 1.07
CA ILE A 15 4.45 2.69 0.94
C ILE A 15 4.37 4.16 1.28
N PHE A 16 5.43 4.69 1.89
CA PHE A 16 5.46 6.08 2.28
C PHE A 16 6.87 6.66 2.23
N ARG A 17 7.04 7.72 1.43
CA ARG A 17 8.33 8.37 1.31
C ARG A 17 8.51 9.41 2.42
N ARG A 18 9.45 9.14 3.32
CA ARG A 18 9.71 10.04 4.43
C ARG A 18 10.77 11.08 4.09
N CYS A 19 10.38 12.35 4.14
CA CYS A 19 11.30 13.44 3.84
C CYS A 19 12.38 13.56 4.92
N LEU A 20 13.48 14.22 4.57
CA LEU A 20 14.58 14.40 5.50
C LEU A 20 14.12 15.10 6.79
N ILE A 21 14.04 16.43 6.75
CA ILE A 21 13.60 17.19 7.91
C ILE A 21 12.39 18.08 7.58
N PRO A 22 11.53 18.34 8.59
CA PRO A 22 10.33 19.16 8.40
C PRO A 22 10.68 20.61 8.08
N LYS A 23 9.68 21.38 7.65
CA LYS A 23 9.88 22.79 7.32
C LYS A 23 8.66 23.61 7.70
N VAL A 24 7.61 23.51 6.90
CA VAL A 24 6.39 24.26 7.16
C VAL A 24 5.60 23.66 8.33
N ASP A 25 6.01 22.47 8.76
CA ASP A 25 5.33 21.79 9.87
C ASP A 25 3.95 21.31 9.47
N ASN A 26 3.75 21.08 8.17
CA ASN A 26 2.46 20.61 7.67
C ASN A 26 2.57 19.17 7.19
N ASN A 27 3.05 18.99 5.97
CA ASN A 27 3.20 17.65 5.40
C ASN A 27 4.56 17.08 5.77
N ALA A 28 4.88 15.90 5.26
CA ALA A 28 6.16 15.25 5.55
C ALA A 28 6.28 13.90 4.85
N ILE A 29 5.25 13.08 4.99
CA ILE A 29 5.26 11.75 4.39
C ILE A 29 4.24 11.64 3.26
N GLU A 30 4.63 10.91 2.21
CA GLU A 30 3.77 10.69 1.05
C GLU A 30 3.68 9.19 0.74
N PHE A 31 2.48 8.72 0.45
CA PHE A 31 2.26 7.31 0.15
C PHE A 31 2.27 7.03 -1.34
N LEU A 32 2.61 5.79 -1.71
CA LEU A 32 2.65 5.40 -3.12
C LEU A 32 1.26 4.93 -3.57
N LEU A 33 0.84 5.38 -4.74
CA LEU A 33 -0.46 5.00 -5.28
C LEU A 33 -0.34 4.67 -6.76
N LEU A 34 -1.05 3.63 -7.20
CA LEU A 34 -1.02 3.21 -8.59
C LEU A 34 -2.39 3.36 -9.25
N GLN A 35 -2.41 4.04 -10.39
CA GLN A 35 -3.65 4.25 -11.13
C GLN A 35 -4.18 2.92 -11.66
N ALA A 36 -5.47 2.87 -11.92
CA ALA A 36 -6.09 1.64 -12.43
C ALA A 36 -5.93 1.51 -13.94
N SER A 37 -5.55 2.60 -14.60
CA SER A 37 -5.35 2.63 -16.05
C SER A 37 -6.69 2.76 -16.80
N ASP A 38 -7.76 2.21 -16.23
CA ASP A 38 -9.07 2.28 -16.84
C ASP A 38 -10.17 2.24 -15.78
N GLY A 39 -11.41 2.03 -16.21
CA GLY A 39 -12.52 1.97 -15.27
C GLY A 39 -12.72 3.29 -14.55
N ILE A 40 -12.76 3.21 -13.22
CA ILE A 40 -12.95 4.41 -12.38
C ILE A 40 -11.62 5.09 -12.09
N HIS A 41 -10.52 4.47 -12.51
CA HIS A 41 -9.19 5.03 -12.27
C HIS A 41 -8.88 5.07 -10.78
N HIS A 42 -9.40 4.09 -10.05
CA HIS A 42 -9.17 4.00 -8.61
C HIS A 42 -7.70 3.82 -8.30
N TRP A 43 -7.20 4.58 -7.33
CA TRP A 43 -5.80 4.50 -6.95
C TRP A 43 -5.63 3.69 -5.67
N THR A 44 -4.72 2.73 -5.70
CA THR A 44 -4.46 1.88 -4.55
C THR A 44 -3.00 1.44 -4.52
N PRO A 45 -2.41 1.33 -3.32
CA PRO A 45 -1.01 0.92 -3.17
C PRO A 45 -0.74 -0.43 -3.83
N PRO A 46 0.53 -0.72 -4.14
CA PRO A 46 0.93 -1.99 -4.78
C PRO A 46 0.51 -3.21 -3.96
N LYS A 47 -0.71 -3.69 -4.20
CA LYS A 47 -1.22 -4.85 -3.47
C LYS A 47 -1.19 -6.10 -4.35
N GLY A 48 -1.16 -7.27 -3.70
CA GLY A 48 -1.12 -8.53 -4.43
C GLY A 48 -2.09 -9.55 -3.87
N HIS A 49 -1.76 -10.83 -4.06
CA HIS A 49 -2.62 -11.91 -3.57
C HIS A 49 -1.79 -13.01 -2.90
N VAL A 50 -1.86 -13.07 -1.57
CA VAL A 50 -1.11 -14.07 -0.81
C VAL A 50 -1.80 -15.43 -0.85
N GLU A 51 -1.04 -16.46 -1.19
CA GLU A 51 -1.55 -17.81 -1.27
C GLU A 51 -1.36 -18.52 0.08
N PRO A 52 -2.21 -19.52 0.38
CA PRO A 52 -2.15 -20.26 1.65
C PRO A 52 -0.73 -20.65 2.05
N GLY A 53 0.08 -21.01 1.07
CA GLY A 53 1.45 -21.40 1.36
C GLY A 53 2.44 -20.24 1.21
N GLU A 54 1.94 -19.09 0.77
CA GLU A 54 2.78 -17.91 0.58
C GLU A 54 2.79 -17.05 1.86
N ASP A 55 3.87 -16.29 2.04
CA ASP A 55 3.98 -15.42 3.22
C ASP A 55 3.03 -14.24 3.09
N ASP A 56 2.70 -13.64 4.22
CA ASP A 56 1.78 -12.50 4.24
C ASP A 56 2.46 -11.22 3.73
N LEU A 57 3.46 -10.74 4.47
CA LEU A 57 4.17 -9.52 4.07
C LEU A 57 4.81 -9.70 2.70
N GLU A 58 5.33 -10.89 2.44
CA GLU A 58 5.97 -11.20 1.16
C GLU A 58 5.05 -10.79 0.01
N THR A 59 3.80 -11.22 0.07
CA THR A 59 2.83 -10.89 -0.97
C THR A 59 2.78 -9.37 -1.15
N ALA A 60 2.77 -8.65 -0.04
CA ALA A 60 2.75 -7.18 -0.08
C ALA A 60 4.08 -6.66 -0.60
N LEU A 61 5.16 -7.39 -0.28
CA LEU A 61 6.50 -7.03 -0.71
C LEU A 61 6.65 -7.25 -2.20
N ARG A 62 6.31 -8.45 -2.64
CA ARG A 62 6.40 -8.82 -4.04
C ARG A 62 5.49 -7.92 -4.88
N ALA A 63 4.28 -7.70 -4.39
CA ALA A 63 3.32 -6.85 -5.09
C ALA A 63 3.88 -5.44 -5.25
N THR A 64 4.67 -5.02 -4.27
CA THR A 64 5.29 -3.70 -4.29
C THR A 64 6.26 -3.60 -5.45
N GLN A 65 7.14 -4.59 -5.58
CA GLN A 65 8.10 -4.62 -6.67
C GLN A 65 7.46 -5.12 -7.96
N GLU A 66 6.37 -5.87 -7.81
CA GLU A 66 5.65 -6.42 -8.96
C GLU A 66 4.77 -5.36 -9.61
N GLU A 67 4.26 -4.43 -8.80
CA GLU A 67 3.38 -3.37 -9.30
C GLU A 67 4.05 -2.00 -9.23
N ALA A 68 5.15 -1.91 -8.47
CA ALA A 68 5.86 -0.64 -8.32
C ALA A 68 7.36 -0.79 -8.55
N GLY A 69 7.83 -2.01 -8.73
CA GLY A 69 9.25 -2.23 -8.95
C GLY A 69 10.08 -2.01 -7.70
N ILE A 70 9.42 -1.70 -6.58
CA ILE A 70 10.12 -1.49 -5.33
C ILE A 70 9.96 -2.69 -4.40
N GLU A 71 11.08 -3.24 -3.94
CA GLU A 71 11.06 -4.40 -3.05
C GLU A 71 11.39 -3.99 -1.63
N ALA A 72 11.18 -4.90 -0.69
CA ALA A 72 11.46 -4.64 0.72
C ALA A 72 12.83 -4.00 0.91
N GLY A 73 13.80 -4.41 0.10
CA GLY A 73 15.13 -3.85 0.19
C GLY A 73 15.17 -2.41 -0.28
N GLN A 74 14.21 -2.03 -1.10
CA GLN A 74 14.12 -0.68 -1.63
C GLN A 74 13.23 0.21 -0.74
N LEU A 75 12.60 -0.40 0.26
CA LEU A 75 11.75 0.35 1.18
C LEU A 75 12.08 -0.02 2.62
N THR A 76 11.19 0.35 3.53
CA THR A 76 11.37 0.06 4.95
C THR A 76 10.04 -0.34 5.59
N ILE A 77 9.83 -1.65 5.71
CA ILE A 77 8.59 -2.16 6.30
C ILE A 77 8.55 -1.91 7.80
N ILE A 78 7.72 -0.96 8.21
CA ILE A 78 7.60 -0.62 9.62
C ILE A 78 6.88 -1.73 10.37
N GLU A 79 7.44 -2.11 11.52
CA GLU A 79 6.88 -3.17 12.34
C GLU A 79 5.91 -2.61 13.37
N GLY A 80 4.92 -3.42 13.75
CA GLY A 80 3.96 -2.99 14.74
C GLY A 80 2.63 -2.60 14.13
N PHE A 81 2.64 -2.27 12.83
CA PHE A 81 1.43 -1.86 12.14
C PHE A 81 0.91 -2.96 11.22
N LYS A 82 -0.36 -3.31 11.37
CA LYS A 82 -0.97 -4.34 10.55
C LYS A 82 -2.49 -4.21 10.52
N ARG A 83 -3.03 -4.19 9.31
CA ARG A 83 -4.47 -4.07 9.09
C ARG A 83 -4.84 -4.70 7.75
N GLU A 84 -6.03 -5.28 7.67
CA GLU A 84 -6.47 -5.91 6.43
C GLU A 84 -7.85 -5.41 5.99
N LEU A 85 -7.97 -5.17 4.69
CA LEU A 85 -9.23 -4.71 4.13
C LEU A 85 -9.99 -5.87 3.50
N ASN A 86 -11.22 -6.07 3.92
CA ASN A 86 -12.04 -7.17 3.42
C ASN A 86 -13.24 -6.65 2.63
N TYR A 87 -13.37 -7.10 1.39
CA TYR A 87 -14.47 -6.69 0.52
C TYR A 87 -14.55 -7.57 -0.71
N VAL A 88 -15.77 -7.79 -1.18
CA VAL A 88 -16.00 -8.60 -2.37
C VAL A 88 -15.96 -7.73 -3.63
N ALA A 89 -14.90 -7.87 -4.41
CA ALA A 89 -14.73 -7.09 -5.63
C ALA A 89 -15.64 -7.60 -6.75
N ARG A 90 -15.08 -8.36 -7.69
CA ARG A 90 -15.86 -8.90 -8.80
C ARG A 90 -16.98 -9.79 -8.28
N ASN A 91 -16.63 -10.73 -7.41
CA ASN A 91 -17.61 -11.64 -6.83
C ASN A 91 -16.97 -12.51 -5.75
N LYS A 92 -15.93 -11.99 -5.10
CA LYS A 92 -15.27 -12.71 -4.03
C LYS A 92 -14.57 -11.74 -3.06
N PRO A 93 -14.79 -11.93 -1.75
CA PRO A 93 -14.21 -11.08 -0.69
C PRO A 93 -12.71 -11.25 -0.56
N LYS A 94 -12.00 -10.15 -0.76
CA LYS A 94 -10.55 -10.17 -0.68
C LYS A 94 -10.05 -9.52 0.61
N THR A 95 -9.19 -10.24 1.33
CA THR A 95 -8.59 -9.72 2.56
C THR A 95 -7.23 -9.13 2.21
N VAL A 96 -7.14 -7.81 2.27
CA VAL A 96 -5.90 -7.15 1.93
C VAL A 96 -5.18 -6.61 3.16
N ILE A 97 -4.06 -7.24 3.51
CA ILE A 97 -3.25 -6.81 4.64
C ILE A 97 -2.29 -5.74 4.17
N TYR A 98 -2.26 -4.61 4.86
CA TYR A 98 -1.40 -3.51 4.46
C TYR A 98 -0.34 -3.18 5.50
N TRP A 99 0.90 -3.06 5.04
CA TRP A 99 2.04 -2.74 5.89
C TRP A 99 2.63 -1.39 5.50
N LEU A 100 3.31 -0.74 6.44
CA LEU A 100 3.94 0.55 6.15
C LEU A 100 5.35 0.35 5.65
N ALA A 101 5.65 0.89 4.48
CA ALA A 101 6.98 0.76 3.90
C ALA A 101 7.49 2.10 3.39
N GLU A 102 8.76 2.40 3.66
CA GLU A 102 9.35 3.66 3.24
C GLU A 102 10.43 3.44 2.19
N VAL A 103 10.19 3.93 0.97
CA VAL A 103 11.16 3.80 -0.10
C VAL A 103 12.34 4.74 0.13
N LYS A 104 13.44 4.16 0.63
CA LYS A 104 14.64 4.91 0.94
C LYS A 104 15.17 5.68 -0.27
N ASP A 105 14.62 5.42 -1.46
CA ASP A 105 15.06 6.10 -2.67
C ASP A 105 14.00 7.09 -3.14
N TYR A 106 14.21 8.37 -2.85
CA TYR A 106 13.27 9.41 -3.25
C TYR A 106 12.97 9.31 -4.74
N ASP A 107 14.00 9.01 -5.52
CA ASP A 107 13.85 8.88 -6.96
C ASP A 107 13.75 7.39 -7.31
N VAL A 108 13.27 6.60 -6.36
CA VAL A 108 13.11 5.17 -6.54
C VAL A 108 12.35 4.85 -7.82
N GLU A 109 12.73 3.76 -8.47
CA GLU A 109 12.10 3.35 -9.72
C GLU A 109 10.68 2.83 -9.45
N ILE A 110 9.79 3.13 -10.38
CA ILE A 110 8.41 2.69 -10.28
C ILE A 110 8.02 1.84 -11.47
N ARG A 111 8.05 0.53 -11.28
CA ARG A 111 7.73 -0.41 -12.35
C ARG A 111 6.29 -0.88 -12.22
N LEU A 112 5.42 -0.34 -13.07
CA LEU A 112 4.01 -0.69 -13.08
C LEU A 112 3.73 -1.84 -14.04
N SER A 113 2.51 -2.34 -14.02
CA SER A 113 2.10 -3.44 -14.89
C SER A 113 1.00 -3.00 -15.86
N HIS A 114 0.45 -3.95 -16.59
CA HIS A 114 -0.62 -3.66 -17.56
C HIS A 114 -1.89 -3.19 -16.85
N GLU A 115 -1.96 -3.36 -15.53
CA GLU A 115 -3.14 -2.96 -14.77
C GLU A 115 -3.00 -1.53 -14.27
N HIS A 116 -1.77 -1.06 -14.15
CA HIS A 116 -1.51 0.31 -13.68
C HIS A 116 -0.90 1.15 -14.79
N GLN A 117 -1.60 2.21 -15.17
CA GLN A 117 -1.13 3.10 -16.22
C GLN A 117 -0.19 4.17 -15.67
N ALA A 118 -0.28 4.43 -14.36
CA ALA A 118 0.56 5.42 -13.72
C ALA A 118 0.51 5.32 -12.21
N TYR A 119 1.20 6.22 -11.53
CA TYR A 119 1.25 6.24 -10.07
C TYR A 119 1.42 7.66 -9.56
N ARG A 120 1.35 7.82 -8.23
CA ARG A 120 1.51 9.15 -7.63
C ARG A 120 1.96 9.06 -6.19
N TRP A 121 2.70 10.07 -5.75
CA TRP A 121 3.18 10.16 -4.38
C TRP A 121 2.50 11.32 -3.67
N LEU A 122 1.58 11.01 -2.78
CA LEU A 122 0.84 12.05 -2.07
C LEU A 122 0.69 11.71 -0.59
N GLY A 123 0.26 12.71 0.18
CA GLY A 123 0.06 12.51 1.60
C GLY A 123 -1.23 11.79 1.90
N LEU A 124 -1.64 11.82 3.16
CA LEU A 124 -2.88 11.17 3.57
C LEU A 124 -4.10 11.80 2.91
N GLU A 125 -4.12 13.14 2.87
CA GLU A 125 -5.23 13.86 2.27
C GLU A 125 -5.44 13.47 0.82
N GLU A 126 -4.38 13.57 0.02
CA GLU A 126 -4.46 13.22 -1.39
C GLU A 126 -4.62 11.72 -1.54
N ALA A 127 -3.78 10.96 -0.85
CA ALA A 127 -3.87 9.50 -0.90
C ALA A 127 -5.30 9.07 -0.58
N CYS A 128 -5.99 9.92 0.19
CA CYS A 128 -7.37 9.67 0.57
C CYS A 128 -8.31 10.14 -0.54
N GLN A 129 -7.96 11.26 -1.17
CA GLN A 129 -8.76 11.82 -2.24
C GLN A 129 -8.91 10.82 -3.38
N LEU A 130 -7.81 10.19 -3.76
CA LEU A 130 -7.82 9.20 -4.83
C LEU A 130 -8.35 7.86 -4.30
N ALA A 131 -7.97 7.54 -3.06
CA ALA A 131 -8.43 6.29 -2.44
C ALA A 131 -9.84 6.44 -1.91
N GLN A 132 -10.73 6.93 -2.77
CA GLN A 132 -12.15 7.13 -2.42
C GLN A 132 -12.67 6.01 -1.54
N PHE A 133 -12.13 4.81 -1.76
CA PHE A 133 -12.54 3.65 -0.99
C PHE A 133 -12.27 3.85 0.50
N LYS A 134 -13.33 3.80 1.30
CA LYS A 134 -13.24 3.99 2.75
C LYS A 134 -12.09 3.19 3.34
N GLU A 135 -12.06 1.90 3.00
CA GLU A 135 -11.04 0.98 3.49
C GLU A 135 -9.64 1.56 3.36
N MET A 136 -9.27 1.96 2.14
CA MET A 136 -7.94 2.51 1.91
C MET A 136 -7.71 3.78 2.73
N LYS A 137 -8.72 4.64 2.75
CA LYS A 137 -8.63 5.88 3.51
C LYS A 137 -8.15 5.59 4.93
N ALA A 138 -8.65 4.49 5.48
CA ALA A 138 -8.27 4.07 6.83
C ALA A 138 -6.85 3.53 6.84
N ALA A 139 -6.55 2.66 5.87
CA ALA A 139 -5.22 2.08 5.77
C ALA A 139 -4.16 3.18 5.75
N LEU A 140 -4.39 4.21 4.94
CA LEU A 140 -3.48 5.33 4.84
C LEU A 140 -3.62 6.23 6.08
N GLN A 141 -4.82 6.22 6.67
CA GLN A 141 -5.10 7.02 7.85
C GLN A 141 -4.27 6.55 9.04
N GLU A 142 -4.35 5.25 9.32
CA GLU A 142 -3.61 4.67 10.44
C GLU A 142 -2.13 4.59 10.11
N GLY A 143 -1.81 4.44 8.82
CA GLY A 143 -0.42 4.35 8.41
C GLY A 143 0.36 5.57 8.84
N HIS A 144 -0.17 6.74 8.52
CA HIS A 144 0.47 8.01 8.89
C HIS A 144 0.39 8.21 10.40
N GLN A 145 -0.75 7.82 10.97
CA GLN A 145 -0.98 7.95 12.41
C GLN A 145 0.07 7.18 13.21
N PHE A 146 0.23 5.90 12.87
CA PHE A 146 1.18 5.04 13.55
C PHE A 146 2.59 5.64 13.51
N LEU A 147 3.06 5.94 12.31
CA LEU A 147 4.38 6.51 12.11
C LEU A 147 4.52 7.83 12.87
N CYS A 148 3.49 8.66 12.82
CA CYS A 148 3.51 9.95 13.52
C CYS A 148 3.63 9.74 15.03
N SER A 149 3.43 8.50 15.47
CA SER A 149 3.52 8.16 16.88
C SER A 149 4.90 7.61 17.24
N ILE A 150 5.60 7.09 16.24
CA ILE A 150 6.93 6.53 16.46
C ILE A 150 7.95 7.64 16.73
N GLU A 151 9.02 7.69 15.95
CA GLU A 151 10.06 8.69 16.10
C GLU A 151 10.88 8.42 17.35
N ALA A 152 11.81 7.48 17.24
CA ALA A 152 12.68 7.10 18.34
C ALA A 152 13.82 8.12 18.51
N LEU A 153 13.97 9.00 17.52
CA LEU A 153 15.02 10.01 17.55
C LEU A 153 14.42 11.40 17.78
N GLY A 1 -18.35 -19.82 -12.02
CA GLY A 1 -17.87 -19.50 -10.70
C GLY A 1 -16.67 -20.38 -10.35
N PRO A 2 -15.51 -19.76 -10.15
CA PRO A 2 -14.27 -20.43 -9.80
C PRO A 2 -14.35 -20.93 -8.36
N LEU A 3 -14.38 -22.24 -8.18
CA LEU A 3 -14.46 -22.84 -6.85
C LEU A 3 -13.25 -22.43 -6.01
N GLY A 4 -13.50 -21.66 -4.97
CA GLY A 4 -12.43 -21.21 -4.09
C GLY A 4 -12.90 -20.98 -2.67
N SER A 5 -11.94 -20.95 -1.74
CA SER A 5 -12.26 -20.73 -0.33
C SER A 5 -12.98 -19.39 -0.14
N MET A 6 -13.50 -19.18 1.07
CA MET A 6 -14.20 -17.95 1.39
C MET A 6 -13.31 -16.74 1.17
N ALA A 7 -13.76 -15.81 0.33
CA ALA A 7 -13.01 -14.61 0.04
C ALA A 7 -11.65 -14.95 -0.55
N LEU A 8 -10.98 -13.93 -1.09
CA LEU A 8 -9.66 -14.11 -1.68
C LEU A 8 -8.58 -13.46 -0.81
N ARG A 9 -7.47 -14.16 -0.65
CA ARG A 9 -6.37 -13.66 0.16
C ARG A 9 -5.50 -12.69 -0.64
N ALA A 10 -5.24 -11.52 -0.07
CA ALA A 10 -4.42 -10.51 -0.74
C ALA A 10 -3.52 -9.78 0.24
N CYS A 11 -2.52 -9.09 -0.28
CA CYS A 11 -1.59 -8.35 0.56
C CYS A 11 -0.98 -7.17 -0.20
N GLY A 12 -1.14 -5.98 0.36
CA GLY A 12 -0.60 -4.78 -0.26
C GLY A 12 0.43 -4.11 0.62
N LEU A 13 1.09 -3.09 0.09
CA LEU A 13 2.11 -2.37 0.86
C LEU A 13 1.84 -0.87 0.87
N ILE A 14 1.61 -0.33 2.06
CA ILE A 14 1.39 1.10 2.19
C ILE A 14 2.74 1.79 2.28
N ILE A 15 3.25 2.20 1.13
CA ILE A 15 4.54 2.85 1.04
C ILE A 15 4.44 4.33 1.37
N PHE A 16 5.47 4.85 2.00
CA PHE A 16 5.52 6.25 2.40
C PHE A 16 6.95 6.78 2.38
N ARG A 17 7.19 7.82 1.59
CA ARG A 17 8.53 8.40 1.51
C ARG A 17 8.73 9.42 2.63
N ARG A 18 9.66 9.09 3.54
CA ARG A 18 9.96 9.96 4.67
C ARG A 18 11.08 10.93 4.32
N CYS A 19 10.74 12.21 4.16
CA CYS A 19 11.73 13.23 3.83
C CYS A 19 12.65 13.46 5.02
N LEU A 20 13.87 13.96 4.74
CA LEU A 20 14.83 14.23 5.81
C LEU A 20 14.27 15.25 6.80
N ILE A 21 14.36 16.53 6.46
CA ILE A 21 13.84 17.58 7.32
C ILE A 21 12.59 18.21 6.72
N PRO A 22 11.66 18.69 7.58
CA PRO A 22 10.42 19.32 7.13
C PRO A 22 10.65 20.71 6.57
N LYS A 23 9.72 21.17 5.74
CA LYS A 23 9.81 22.50 5.14
C LYS A 23 8.77 23.43 5.72
N VAL A 24 7.53 23.30 5.25
CA VAL A 24 6.43 24.12 5.73
C VAL A 24 5.55 23.37 6.74
N ASP A 25 6.02 22.21 7.19
CA ASP A 25 5.27 21.40 8.14
C ASP A 25 3.94 20.96 7.54
N ASN A 26 3.98 20.45 6.32
CA ASN A 26 2.78 19.99 5.65
C ASN A 26 3.03 18.68 4.92
N ASN A 27 2.29 17.66 5.32
CA ASN A 27 2.42 16.33 4.73
C ASN A 27 3.72 15.67 5.13
N ALA A 28 4.84 16.20 4.62
CA ALA A 28 6.15 15.65 4.92
C ALA A 28 6.33 14.29 4.25
N ILE A 29 5.50 13.33 4.66
CA ILE A 29 5.55 12.00 4.10
C ILE A 29 4.68 11.91 2.85
N GLU A 30 5.02 10.97 1.97
CA GLU A 30 4.27 10.77 0.73
C GLU A 30 4.03 9.29 0.48
N PHE A 31 2.76 8.92 0.30
CA PHE A 31 2.40 7.53 0.08
C PHE A 31 2.37 7.19 -1.42
N LEU A 32 2.76 5.96 -1.75
CA LEU A 32 2.76 5.52 -3.14
C LEU A 32 1.38 5.01 -3.53
N LEU A 33 0.93 5.35 -4.73
CA LEU A 33 -0.37 4.92 -5.20
C LEU A 33 -0.30 4.51 -6.67
N LEU A 34 -1.06 3.48 -7.03
CA LEU A 34 -1.08 3.00 -8.40
C LEU A 34 -2.50 3.04 -8.97
N GLN A 35 -2.74 3.98 -9.88
CA GLN A 35 -4.05 4.14 -10.50
C GLN A 35 -4.42 2.91 -11.33
N ALA A 36 -5.67 2.47 -11.20
CA ALA A 36 -6.15 1.32 -11.94
C ALA A 36 -6.08 1.58 -13.44
N SER A 37 -5.90 0.51 -14.21
CA SER A 37 -5.82 0.62 -15.66
C SER A 37 -7.20 0.49 -16.30
N ASP A 38 -8.25 0.68 -15.49
CA ASP A 38 -9.62 0.58 -15.96
C ASP A 38 -10.59 0.84 -14.82
N GLY A 39 -11.85 0.44 -15.02
CA GLY A 39 -12.86 0.64 -13.98
C GLY A 39 -13.23 2.09 -13.79
N ILE A 40 -13.02 2.60 -12.58
CA ILE A 40 -13.36 3.99 -12.25
C ILE A 40 -12.11 4.88 -12.26
N HIS A 41 -10.98 4.33 -12.73
CA HIS A 41 -9.73 5.08 -12.77
C HIS A 41 -9.26 5.42 -11.35
N HIS A 42 -9.74 4.63 -10.40
CA HIS A 42 -9.41 4.79 -8.99
C HIS A 42 -7.92 4.50 -8.74
N TRP A 43 -7.43 4.94 -7.59
CA TRP A 43 -6.04 4.73 -7.23
C TRP A 43 -5.91 3.77 -6.04
N THR A 44 -4.89 2.93 -6.07
CA THR A 44 -4.65 1.98 -4.99
C THR A 44 -3.20 1.52 -4.99
N PRO A 45 -2.58 1.39 -3.80
CA PRO A 45 -1.19 0.95 -3.66
C PRO A 45 -0.98 -0.43 -4.26
N PRO A 46 0.29 -0.87 -4.37
CA PRO A 46 0.65 -2.18 -4.93
C PRO A 46 0.01 -3.33 -4.16
N LYS A 47 -1.09 -3.85 -4.69
CA LYS A 47 -1.79 -4.96 -4.05
C LYS A 47 -1.32 -6.30 -4.63
N GLY A 48 -1.35 -7.33 -3.81
CA GLY A 48 -0.91 -8.65 -4.25
C GLY A 48 -1.90 -9.74 -3.91
N HIS A 49 -1.58 -10.97 -4.31
CA HIS A 49 -2.44 -12.11 -4.05
C HIS A 49 -1.69 -13.18 -3.25
N VAL A 50 -1.77 -13.08 -1.91
CA VAL A 50 -1.10 -14.04 -1.05
C VAL A 50 -1.77 -15.41 -1.11
N GLU A 51 -0.96 -16.45 -1.27
CA GLU A 51 -1.46 -17.81 -1.32
C GLU A 51 -1.36 -18.46 0.04
N PRO A 52 -2.25 -19.43 0.35
CA PRO A 52 -2.27 -20.12 1.64
C PRO A 52 -0.89 -20.60 2.07
N GLY A 53 -0.05 -20.92 1.09
CA GLY A 53 1.30 -21.39 1.40
C GLY A 53 2.33 -20.27 1.32
N GLU A 54 1.91 -19.12 0.81
CA GLU A 54 2.81 -17.97 0.69
C GLU A 54 2.80 -17.14 1.97
N ASP A 55 3.81 -16.29 2.15
CA ASP A 55 3.89 -15.46 3.34
C ASP A 55 2.96 -14.26 3.21
N ASP A 56 2.64 -13.64 4.33
CA ASP A 56 1.75 -12.49 4.35
C ASP A 56 2.44 -11.23 3.81
N LEU A 57 3.47 -10.77 4.51
CA LEU A 57 4.19 -9.58 4.11
C LEU A 57 4.84 -9.78 2.74
N GLU A 58 5.39 -10.97 2.51
CA GLU A 58 6.05 -11.28 1.24
C GLU A 58 5.13 -10.93 0.07
N THR A 59 3.88 -11.40 0.13
CA THR A 59 2.93 -11.12 -0.93
C THR A 59 2.80 -9.62 -1.14
N ALA A 60 2.83 -8.87 -0.05
CA ALA A 60 2.75 -7.42 -0.13
C ALA A 60 4.06 -6.85 -0.66
N LEU A 61 5.15 -7.46 -0.22
CA LEU A 61 6.48 -7.05 -0.64
C LEU A 61 6.67 -7.29 -2.13
N ARG A 62 6.39 -8.52 -2.55
CA ARG A 62 6.52 -8.90 -3.94
C ARG A 62 5.59 -8.06 -4.81
N ALA A 63 4.35 -7.87 -4.34
CA ALA A 63 3.38 -7.08 -5.06
C ALA A 63 3.90 -5.66 -5.25
N THR A 64 4.64 -5.18 -4.25
CA THR A 64 5.22 -3.85 -4.31
C THR A 64 6.16 -3.72 -5.50
N GLN A 65 7.08 -4.66 -5.62
CA GLN A 65 8.03 -4.66 -6.73
C GLN A 65 7.37 -5.17 -8.01
N GLU A 66 6.33 -5.97 -7.87
CA GLU A 66 5.62 -6.52 -9.03
C GLU A 66 4.72 -5.46 -9.66
N GLU A 67 4.18 -4.57 -8.84
CA GLU A 67 3.29 -3.52 -9.33
C GLU A 67 3.89 -2.12 -9.14
N ALA A 68 5.09 -2.06 -8.57
CA ALA A 68 5.76 -0.78 -8.34
C ALA A 68 7.27 -0.87 -8.53
N GLY A 69 7.79 -2.08 -8.69
CA GLY A 69 9.22 -2.24 -8.89
C GLY A 69 10.02 -2.04 -7.60
N ILE A 70 9.33 -1.72 -6.51
CA ILE A 70 10.00 -1.51 -5.24
C ILE A 70 9.83 -2.71 -4.31
N GLU A 71 10.95 -3.25 -3.81
CA GLU A 71 10.92 -4.39 -2.93
C GLU A 71 11.32 -4.00 -1.51
N ALA A 72 11.13 -4.92 -0.56
CA ALA A 72 11.47 -4.66 0.83
C ALA A 72 12.89 -4.12 0.96
N GLY A 73 13.79 -4.62 0.12
CA GLY A 73 15.17 -4.15 0.15
C GLY A 73 15.30 -2.72 -0.31
N GLN A 74 14.27 -2.20 -0.97
CA GLN A 74 14.29 -0.84 -1.47
C GLN A 74 13.48 0.10 -0.56
N LEU A 75 12.71 -0.48 0.36
CA LEU A 75 11.92 0.31 1.30
C LEU A 75 12.21 -0.11 2.73
N THR A 76 11.41 0.41 3.66
CA THR A 76 11.57 0.10 5.08
C THR A 76 10.23 -0.24 5.70
N ILE A 77 9.96 -1.54 5.85
CA ILE A 77 8.71 -2.01 6.43
C ILE A 77 8.66 -1.73 7.92
N ILE A 78 7.66 -0.96 8.35
CA ILE A 78 7.50 -0.62 9.76
C ILE A 78 6.82 -1.75 10.51
N GLU A 79 7.35 -2.05 11.69
CA GLU A 79 6.80 -3.11 12.53
C GLU A 79 5.80 -2.57 13.54
N GLY A 80 4.84 -3.41 13.92
CA GLY A 80 3.84 -2.99 14.89
C GLY A 80 2.53 -2.59 14.24
N PHE A 81 2.56 -2.29 12.95
CA PHE A 81 1.37 -1.89 12.22
C PHE A 81 0.92 -2.97 11.25
N LYS A 82 -0.35 -3.36 11.34
CA LYS A 82 -0.91 -4.37 10.46
C LYS A 82 -2.43 -4.24 10.36
N ARG A 83 -2.94 -4.24 9.14
CA ARG A 83 -4.36 -4.14 8.90
C ARG A 83 -4.74 -4.79 7.57
N GLU A 84 -5.88 -5.48 7.54
CA GLU A 84 -6.34 -6.13 6.32
C GLU A 84 -7.69 -5.59 5.89
N LEU A 85 -7.75 -5.11 4.64
CA LEU A 85 -8.98 -4.57 4.09
C LEU A 85 -9.78 -5.65 3.39
N ASN A 86 -11.03 -5.83 3.79
CA ASN A 86 -11.90 -6.84 3.20
C ASN A 86 -13.10 -6.22 2.51
N TYR A 87 -13.24 -6.49 1.22
CA TYR A 87 -14.35 -5.98 0.44
C TYR A 87 -14.44 -6.69 -0.91
N VAL A 88 -15.67 -6.92 -1.36
CA VAL A 88 -15.89 -7.58 -2.64
C VAL A 88 -15.68 -6.60 -3.79
N ALA A 89 -14.63 -6.84 -4.57
CA ALA A 89 -14.31 -5.96 -5.69
C ALA A 89 -15.13 -6.32 -6.93
N ARG A 90 -14.52 -7.08 -7.85
CA ARG A 90 -15.21 -7.48 -9.08
C ARG A 90 -16.42 -8.34 -8.75
N ASN A 91 -16.23 -9.28 -7.83
CA ASN A 91 -17.30 -10.19 -7.43
C ASN A 91 -16.79 -11.19 -6.39
N LYS A 92 -15.83 -10.75 -5.58
CA LYS A 92 -15.24 -11.61 -4.55
C LYS A 92 -14.48 -10.76 -3.52
N PRO A 93 -14.76 -10.97 -2.23
CA PRO A 93 -14.12 -10.22 -1.14
C PRO A 93 -12.64 -10.52 -1.00
N LYS A 94 -11.83 -9.49 -1.16
CA LYS A 94 -10.39 -9.63 -1.08
C LYS A 94 -9.84 -9.11 0.25
N THR A 95 -9.18 -9.98 1.01
CA THR A 95 -8.56 -9.58 2.26
C THR A 95 -7.19 -9.02 1.96
N VAL A 96 -7.07 -7.70 2.04
CA VAL A 96 -5.80 -7.05 1.72
C VAL A 96 -5.06 -6.59 2.97
N ILE A 97 -3.97 -7.28 3.28
CA ILE A 97 -3.14 -6.93 4.43
C ILE A 97 -2.13 -5.86 4.02
N TYR A 98 -2.07 -4.79 4.78
CA TYR A 98 -1.16 -3.69 4.45
C TYR A 98 -0.10 -3.46 5.53
N TRP A 99 0.99 -2.82 5.10
CA TRP A 99 2.10 -2.49 5.99
C TRP A 99 2.68 -1.14 5.61
N LEU A 100 3.24 -0.44 6.58
CA LEU A 100 3.85 0.85 6.32
C LEU A 100 5.29 0.66 5.88
N ALA A 101 5.62 1.15 4.69
CA ALA A 101 6.97 1.01 4.16
C ALA A 101 7.50 2.34 3.67
N GLU A 102 8.81 2.54 3.81
CA GLU A 102 9.45 3.78 3.38
C GLU A 102 10.53 3.51 2.34
N VAL A 103 10.33 4.02 1.12
CA VAL A 103 11.30 3.84 0.06
C VAL A 103 12.51 4.75 0.24
N LYS A 104 13.66 4.13 0.45
CA LYS A 104 14.90 4.87 0.68
C LYS A 104 15.24 5.78 -0.50
N ASP A 105 14.74 5.43 -1.68
CA ASP A 105 15.02 6.21 -2.88
C ASP A 105 13.86 7.15 -3.21
N TYR A 106 14.11 8.45 -3.08
CA TYR A 106 13.10 9.47 -3.35
C TYR A 106 12.60 9.33 -4.79
N ASP A 107 13.54 9.16 -5.71
CA ASP A 107 13.21 8.99 -7.12
C ASP A 107 13.21 7.51 -7.47
N VAL A 108 12.97 6.67 -6.45
CA VAL A 108 12.92 5.22 -6.62
C VAL A 108 12.15 4.84 -7.87
N GLU A 109 12.58 3.77 -8.52
CA GLU A 109 11.93 3.31 -9.74
C GLU A 109 10.52 2.81 -9.45
N ILE A 110 9.61 3.10 -10.37
CA ILE A 110 8.23 2.68 -10.24
C ILE A 110 7.81 1.82 -11.41
N ARG A 111 7.85 0.51 -11.20
CA ARG A 111 7.48 -0.45 -12.24
C ARG A 111 6.07 -0.99 -12.02
N LEU A 112 5.13 -0.46 -12.80
CA LEU A 112 3.73 -0.87 -12.69
C LEU A 112 3.45 -2.08 -13.59
N SER A 113 2.25 -2.62 -13.46
CA SER A 113 1.84 -3.78 -14.25
C SER A 113 0.58 -3.47 -15.07
N HIS A 114 -0.03 -4.51 -15.62
CA HIS A 114 -1.24 -4.36 -16.43
C HIS A 114 -2.43 -3.93 -15.58
N GLU A 115 -2.29 -4.03 -14.25
CA GLU A 115 -3.36 -3.65 -13.34
C GLU A 115 -3.28 -2.17 -12.99
N HIS A 116 -2.13 -1.56 -13.23
CA HIS A 116 -1.94 -0.14 -12.95
C HIS A 116 -1.36 0.59 -14.15
N GLN A 117 -1.99 1.69 -14.53
CA GLN A 117 -1.52 2.47 -15.68
C GLN A 117 -0.64 3.63 -15.26
N ALA A 118 -0.74 4.04 -14.00
CA ALA A 118 0.07 5.15 -13.50
C ALA A 118 0.23 5.09 -11.98
N TYR A 119 0.91 6.09 -11.42
CA TYR A 119 1.14 6.16 -9.99
C TYR A 119 1.41 7.61 -9.57
N ARG A 120 1.41 7.85 -8.26
CA ARG A 120 1.67 9.20 -7.75
C ARG A 120 2.08 9.17 -6.28
N TRP A 121 2.82 10.21 -5.88
CA TRP A 121 3.27 10.33 -4.50
C TRP A 121 2.55 11.49 -3.82
N LEU A 122 1.63 11.16 -2.92
CA LEU A 122 0.85 12.18 -2.23
C LEU A 122 0.78 11.90 -0.74
N GLY A 123 0.30 12.89 0.01
CA GLY A 123 0.18 12.74 1.45
C GLY A 123 -1.04 11.92 1.83
N LEU A 124 -1.58 12.17 3.02
CA LEU A 124 -2.75 11.43 3.48
C LEU A 124 -4.03 11.95 2.82
N GLU A 125 -4.17 13.27 2.77
CA GLU A 125 -5.35 13.88 2.18
C GLU A 125 -5.52 13.47 0.73
N GLU A 126 -4.45 13.56 -0.05
CA GLU A 126 -4.52 13.20 -1.46
C GLU A 126 -4.61 11.69 -1.61
N ALA A 127 -3.74 10.97 -0.92
CA ALA A 127 -3.77 9.51 -0.98
C ALA A 127 -5.16 9.02 -0.65
N CYS A 128 -5.86 9.78 0.19
CA CYS A 128 -7.22 9.46 0.60
C CYS A 128 -8.22 9.95 -0.45
N GLN A 129 -7.90 11.06 -1.10
CA GLN A 129 -8.77 11.62 -2.12
C GLN A 129 -8.90 10.67 -3.31
N LEU A 130 -7.78 10.07 -3.70
CA LEU A 130 -7.76 9.12 -4.80
C LEU A 130 -8.28 7.76 -4.34
N ALA A 131 -7.86 7.36 -3.15
CA ALA A 131 -8.29 6.08 -2.58
C ALA A 131 -9.72 6.18 -2.05
N GLN A 132 -10.62 6.60 -2.93
CA GLN A 132 -12.05 6.75 -2.58
C GLN A 132 -12.51 5.64 -1.64
N PHE A 133 -11.93 4.46 -1.81
CA PHE A 133 -12.28 3.32 -0.97
C PHE A 133 -12.04 3.63 0.49
N LYS A 134 -13.13 3.70 1.26
CA LYS A 134 -13.05 4.01 2.69
C LYS A 134 -11.96 3.19 3.38
N GLU A 135 -11.88 1.92 3.00
CA GLU A 135 -10.89 1.01 3.58
C GLU A 135 -9.48 1.57 3.42
N MET A 136 -9.12 1.96 2.21
CA MET A 136 -7.80 2.50 1.94
C MET A 136 -7.57 3.79 2.70
N LYS A 137 -8.58 4.68 2.68
CA LYS A 137 -8.48 5.95 3.40
C LYS A 137 -8.02 5.71 4.83
N ALA A 138 -8.53 4.63 5.43
CA ALA A 138 -8.16 4.27 6.79
C ALA A 138 -6.76 3.68 6.83
N ALA A 139 -6.48 2.77 5.90
CA ALA A 139 -5.16 2.13 5.82
C ALA A 139 -4.07 3.18 5.81
N LEU A 140 -4.29 4.23 5.01
CA LEU A 140 -3.33 5.32 4.91
C LEU A 140 -3.48 6.26 6.10
N GLN A 141 -4.68 6.32 6.66
CA GLN A 141 -4.97 7.17 7.81
C GLN A 141 -4.21 6.69 9.04
N GLU A 142 -4.34 5.40 9.34
CA GLU A 142 -3.67 4.81 10.48
C GLU A 142 -2.16 4.76 10.24
N GLY A 143 -1.78 4.63 8.98
CA GLY A 143 -0.37 4.58 8.63
C GLY A 143 0.38 5.80 9.14
N HIS A 144 -0.07 6.98 8.73
CA HIS A 144 0.54 8.22 9.16
C HIS A 144 0.31 8.44 10.66
N GLN A 145 -0.84 7.99 11.13
CA GLN A 145 -1.19 8.13 12.54
C GLN A 145 -0.21 7.36 13.43
N PHE A 146 -0.03 6.08 13.12
CA PHE A 146 0.87 5.23 13.89
C PHE A 146 2.32 5.73 13.75
N LEU A 147 2.73 6.01 12.52
CA LEU A 147 4.07 6.49 12.24
C LEU A 147 4.37 7.77 13.00
N CYS A 148 3.32 8.55 13.29
CA CYS A 148 3.49 9.80 14.03
C CYS A 148 3.58 9.51 15.53
N SER A 149 3.22 8.29 15.92
CA SER A 149 3.27 7.88 17.31
C SER A 149 4.60 7.22 17.65
N ILE A 150 5.39 6.90 16.62
CA ILE A 150 6.68 6.27 16.82
C ILE A 150 7.75 7.33 17.10
N GLU A 151 8.92 7.19 16.49
CA GLU A 151 10.01 8.15 16.67
C GLU A 151 11.03 8.03 15.54
N ALA A 152 11.79 6.95 15.54
CA ALA A 152 12.80 6.72 14.52
C ALA A 152 13.57 5.43 14.78
N LEU A 153 13.06 4.33 14.22
CA LEU A 153 13.69 3.03 14.40
C LEU A 153 13.74 2.64 15.87
N GLY A 1 -7.19 -25.33 13.59
CA GLY A 1 -8.07 -24.21 13.38
C GLY A 1 -8.54 -24.17 11.93
N PRO A 2 -9.51 -25.03 11.59
CA PRO A 2 -10.07 -25.14 10.27
C PRO A 2 -10.96 -23.93 10.00
N LEU A 3 -10.47 -23.01 9.16
CA LEU A 3 -11.22 -21.81 8.82
C LEU A 3 -11.90 -21.95 7.45
N GLY A 4 -11.36 -22.85 6.63
CA GLY A 4 -11.92 -23.06 5.30
C GLY A 4 -11.25 -22.21 4.25
N SER A 5 -11.90 -22.08 3.10
CA SER A 5 -11.34 -21.28 2.00
C SER A 5 -12.19 -20.03 1.77
N MET A 6 -12.78 -19.52 2.84
CA MET A 6 -13.62 -18.33 2.77
C MET A 6 -12.78 -17.12 2.39
N ALA A 7 -13.24 -16.38 1.38
CA ALA A 7 -12.55 -15.19 0.92
C ALA A 7 -11.19 -15.53 0.33
N LEU A 8 -10.60 -14.56 -0.35
CA LEU A 8 -9.29 -14.74 -0.97
C LEU A 8 -8.23 -13.99 -0.17
N ARG A 9 -7.06 -14.61 -0.04
CA ARG A 9 -5.96 -14.00 0.71
C ARG A 9 -5.18 -13.02 -0.18
N ALA A 10 -4.94 -11.83 0.35
CA ALA A 10 -4.20 -10.81 -0.38
C ALA A 10 -3.32 -10.00 0.57
N CYS A 11 -2.38 -9.24 0.00
CA CYS A 11 -1.50 -8.43 0.81
C CYS A 11 -0.94 -7.25 0.01
N GLY A 12 -1.15 -6.05 0.53
CA GLY A 12 -0.66 -4.86 -0.13
C GLY A 12 0.39 -4.16 0.71
N LEU A 13 0.98 -3.09 0.18
CA LEU A 13 2.00 -2.36 0.92
C LEU A 13 1.74 -0.86 0.90
N ILE A 14 1.50 -0.28 2.07
CA ILE A 14 1.29 1.15 2.17
C ILE A 14 2.64 1.83 2.24
N ILE A 15 3.15 2.18 1.07
CA ILE A 15 4.45 2.80 0.96
C ILE A 15 4.41 4.27 1.30
N PHE A 16 5.48 4.76 1.90
CA PHE A 16 5.56 6.16 2.31
C PHE A 16 7.01 6.65 2.33
N ARG A 17 7.28 7.72 1.56
CA ARG A 17 8.63 8.29 1.51
C ARG A 17 8.88 9.18 2.73
N ARG A 18 9.81 8.76 3.58
CA ARG A 18 10.15 9.52 4.78
C ARG A 18 11.34 10.44 4.55
N CYS A 19 11.11 11.75 4.65
CA CYS A 19 12.16 12.73 4.45
C CYS A 19 13.10 12.75 5.65
N LEU A 20 14.30 13.27 5.44
CA LEU A 20 15.29 13.35 6.52
C LEU A 20 14.80 14.24 7.65
N ILE A 21 14.95 15.55 7.50
CA ILE A 21 14.50 16.50 8.52
C ILE A 21 13.34 17.34 8.02
N PRO A 22 12.41 17.72 8.91
CA PRO A 22 11.25 18.54 8.55
C PRO A 22 11.59 20.02 8.43
N LYS A 23 10.73 20.75 7.74
CA LYS A 23 10.93 22.19 7.55
C LYS A 23 9.73 22.96 8.08
N VAL A 24 8.66 22.97 7.31
CA VAL A 24 7.43 23.67 7.70
C VAL A 24 6.45 22.71 8.37
N ASP A 25 6.74 21.42 8.32
CA ASP A 25 5.88 20.41 8.92
C ASP A 25 4.62 20.21 8.10
N ASN A 26 4.74 20.39 6.78
CA ASN A 26 3.62 20.23 5.87
C ASN A 26 3.08 18.81 5.91
N ASN A 27 3.67 17.92 5.12
CA ASN A 27 3.24 16.53 5.07
C ASN A 27 4.39 15.62 5.49
N ALA A 28 5.59 15.97 5.05
CA ALA A 28 6.79 15.20 5.38
C ALA A 28 6.81 13.85 4.66
N ILE A 29 5.76 13.06 4.88
CA ILE A 29 5.67 11.74 4.27
C ILE A 29 4.71 11.74 3.07
N GLU A 30 4.99 10.85 2.12
CA GLU A 30 4.16 10.71 0.92
C GLU A 30 3.96 9.23 0.60
N PHE A 31 2.71 8.83 0.39
CA PHE A 31 2.40 7.44 0.10
C PHE A 31 2.38 7.15 -1.39
N LEU A 32 2.74 5.92 -1.76
CA LEU A 32 2.74 5.50 -3.15
C LEU A 32 1.35 5.03 -3.56
N LEU A 33 0.92 5.43 -4.75
CA LEU A 33 -0.41 5.05 -5.23
C LEU A 33 -0.35 4.65 -6.70
N LEU A 34 -1.06 3.59 -7.04
CA LEU A 34 -1.10 3.09 -8.41
C LEU A 34 -2.53 3.15 -8.96
N GLN A 35 -2.70 3.92 -10.04
CA GLN A 35 -4.01 4.07 -10.66
C GLN A 35 -4.32 2.91 -11.60
N ALA A 36 -5.53 2.37 -11.50
CA ALA A 36 -5.96 1.27 -12.35
C ALA A 36 -5.93 1.69 -13.82
N SER A 37 -5.67 0.73 -14.70
CA SER A 37 -5.62 1.01 -16.14
C SER A 37 -6.98 0.87 -16.80
N ASP A 38 -8.04 0.82 -16.00
CA ASP A 38 -9.39 0.69 -16.53
C ASP A 38 -10.43 0.90 -15.43
N GLY A 39 -11.70 0.74 -15.80
CA GLY A 39 -12.77 0.91 -14.84
C GLY A 39 -12.92 2.35 -14.37
N ILE A 40 -13.04 2.54 -13.07
CA ILE A 40 -13.19 3.87 -12.49
C ILE A 40 -11.84 4.56 -12.33
N HIS A 41 -10.76 3.89 -12.73
CA HIS A 41 -9.42 4.46 -12.63
C HIS A 41 -9.09 4.81 -11.18
N HIS A 42 -9.61 4.02 -10.25
CA HIS A 42 -9.37 4.26 -8.82
C HIS A 42 -7.89 4.19 -8.50
N TRP A 43 -7.49 4.84 -7.42
CA TRP A 43 -6.11 4.86 -6.99
C TRP A 43 -5.88 3.94 -5.80
N THR A 44 -4.86 3.10 -5.88
CA THR A 44 -4.55 2.17 -4.81
C THR A 44 -3.08 1.73 -4.87
N PRO A 45 -2.52 1.29 -3.74
CA PRO A 45 -1.13 0.83 -3.68
C PRO A 45 -0.96 -0.56 -4.29
N PRO A 46 0.28 -1.07 -4.36
CA PRO A 46 0.56 -2.38 -4.92
C PRO A 46 -0.15 -3.51 -4.16
N LYS A 47 -1.08 -4.17 -4.85
CA LYS A 47 -1.83 -5.26 -4.23
C LYS A 47 -1.34 -6.61 -4.73
N GLY A 48 -1.31 -7.58 -3.82
CA GLY A 48 -0.85 -8.91 -4.18
C GLY A 48 -1.79 -9.99 -3.68
N HIS A 49 -1.54 -11.23 -4.09
CA HIS A 49 -2.38 -12.34 -3.68
C HIS A 49 -1.56 -13.40 -2.94
N VAL A 50 -1.56 -13.33 -1.61
CA VAL A 50 -0.83 -14.28 -0.80
C VAL A 50 -1.48 -15.66 -0.84
N GLU A 51 -0.66 -16.68 -1.06
CA GLU A 51 -1.15 -18.06 -1.12
C GLU A 51 -0.95 -18.73 0.23
N PRO A 52 -1.80 -19.73 0.56
CA PRO A 52 -1.73 -20.44 1.84
C PRO A 52 -0.30 -20.84 2.21
N GLY A 53 0.51 -21.16 1.22
CA GLY A 53 1.89 -21.54 1.46
C GLY A 53 2.84 -20.36 1.37
N GLU A 54 2.35 -19.22 0.89
CA GLU A 54 3.17 -18.02 0.76
C GLU A 54 3.17 -17.23 2.06
N ASP A 55 4.07 -16.25 2.16
CA ASP A 55 4.16 -15.42 3.35
C ASP A 55 3.19 -14.25 3.27
N ASP A 56 2.88 -13.66 4.42
CA ASP A 56 1.96 -12.54 4.50
C ASP A 56 2.58 -11.25 3.94
N LEU A 57 3.60 -10.75 4.62
CA LEU A 57 4.26 -9.52 4.20
C LEU A 57 4.89 -9.68 2.82
N GLU A 58 5.48 -10.84 2.57
CA GLU A 58 6.11 -11.11 1.28
C GLU A 58 5.17 -10.77 0.13
N THR A 59 3.95 -11.28 0.21
CA THR A 59 2.97 -11.00 -0.83
C THR A 59 2.81 -9.49 -1.01
N ALA A 60 2.84 -8.78 0.10
CA ALA A 60 2.74 -7.31 0.06
C ALA A 60 4.05 -6.71 -0.44
N LEU A 61 5.15 -7.40 -0.15
CA LEU A 61 6.47 -6.95 -0.59
C LEU A 61 6.68 -7.19 -2.08
N ARG A 62 6.43 -8.42 -2.50
CA ARG A 62 6.59 -8.79 -3.89
C ARG A 62 5.64 -7.97 -4.76
N ALA A 63 4.41 -7.80 -4.31
CA ALA A 63 3.43 -7.02 -5.06
C ALA A 63 3.94 -5.60 -5.25
N THR A 64 4.67 -5.11 -4.26
CA THR A 64 5.23 -3.77 -4.31
C THR A 64 6.21 -3.65 -5.47
N GLN A 65 7.19 -4.54 -5.51
CA GLN A 65 8.18 -4.52 -6.58
C GLN A 65 7.58 -4.98 -7.91
N GLU A 66 6.47 -5.70 -7.83
CA GLU A 66 5.80 -6.19 -9.04
C GLU A 66 4.97 -5.09 -9.68
N GLU A 67 4.25 -4.33 -8.86
CA GLU A 67 3.41 -3.25 -9.36
C GLU A 67 4.03 -1.88 -9.08
N ALA A 68 5.26 -1.87 -8.57
CA ALA A 68 5.95 -0.61 -8.27
C ALA A 68 7.46 -0.72 -8.43
N GLY A 69 7.97 -1.92 -8.64
CA GLY A 69 9.41 -2.10 -8.81
C GLY A 69 10.19 -1.89 -7.53
N ILE A 70 9.48 -1.61 -6.43
CA ILE A 70 10.13 -1.39 -5.15
C ILE A 70 9.96 -2.61 -4.24
N GLU A 71 11.07 -3.19 -3.82
CA GLU A 71 11.04 -4.37 -2.95
C GLU A 71 11.40 -3.99 -1.52
N ALA A 72 11.20 -4.93 -0.59
CA ALA A 72 11.52 -4.68 0.81
C ALA A 72 12.96 -4.20 0.95
N GLY A 73 13.81 -4.58 0.00
CA GLY A 73 15.19 -4.16 0.02
C GLY A 73 15.36 -2.70 -0.39
N GLN A 74 14.28 -2.11 -0.92
CA GLN A 74 14.30 -0.72 -1.36
C GLN A 74 13.44 0.15 -0.44
N LEU A 75 12.58 -0.48 0.35
CA LEU A 75 11.72 0.26 1.27
C LEU A 75 11.99 -0.16 2.71
N THR A 76 11.14 0.29 3.62
CA THR A 76 11.28 -0.02 5.04
C THR A 76 9.94 -0.39 5.66
N ILE A 77 9.72 -1.68 5.86
CA ILE A 77 8.48 -2.17 6.45
C ILE A 77 8.43 -1.90 7.94
N ILE A 78 7.39 -1.21 8.39
CA ILE A 78 7.22 -0.89 9.80
C ILE A 78 6.52 -2.01 10.55
N GLU A 79 7.04 -2.32 11.72
CA GLU A 79 6.47 -3.38 12.56
C GLU A 79 5.54 -2.80 13.62
N GLY A 80 4.51 -3.56 13.97
CA GLY A 80 3.56 -3.11 14.97
C GLY A 80 2.24 -2.70 14.36
N PHE A 81 2.29 -2.20 13.13
CA PHE A 81 1.09 -1.77 12.44
C PHE A 81 0.64 -2.81 11.41
N LYS A 82 -0.63 -3.17 11.46
CA LYS A 82 -1.18 -4.15 10.53
C LYS A 82 -2.69 -4.01 10.40
N ARG A 83 -3.15 -3.93 9.16
CA ARG A 83 -4.57 -3.80 8.87
C ARG A 83 -4.90 -4.47 7.53
N GLU A 84 -5.99 -5.23 7.50
CA GLU A 84 -6.38 -5.90 6.27
C GLU A 84 -7.78 -5.49 5.85
N LEU A 85 -7.92 -5.07 4.60
CA LEU A 85 -9.20 -4.66 4.06
C LEU A 85 -9.90 -5.83 3.41
N ASN A 86 -11.09 -6.16 3.92
CA ASN A 86 -11.87 -7.26 3.39
C ASN A 86 -13.10 -6.74 2.65
N TYR A 87 -13.24 -7.15 1.40
CA TYR A 87 -14.36 -6.73 0.58
C TYR A 87 -14.45 -7.57 -0.68
N VAL A 88 -15.69 -7.84 -1.11
CA VAL A 88 -15.91 -8.62 -2.30
C VAL A 88 -15.88 -7.74 -3.55
N ALA A 89 -14.82 -7.90 -4.34
CA ALA A 89 -14.65 -7.11 -5.56
C ALA A 89 -15.51 -7.66 -6.69
N ARG A 90 -14.91 -8.47 -7.57
CA ARG A 90 -15.64 -9.04 -8.69
C ARG A 90 -16.76 -9.95 -8.20
N ASN A 91 -16.42 -10.86 -7.30
CA ASN A 91 -17.40 -11.78 -6.74
C ASN A 91 -16.79 -12.64 -5.63
N LYS A 92 -15.79 -12.09 -4.94
CA LYS A 92 -15.14 -12.80 -3.86
C LYS A 92 -14.38 -11.82 -2.96
N PRO A 93 -14.59 -11.93 -1.64
CA PRO A 93 -13.94 -11.04 -0.65
C PRO A 93 -12.45 -11.27 -0.55
N LYS A 94 -11.70 -10.24 -0.87
CA LYS A 94 -10.24 -10.30 -0.83
C LYS A 94 -9.68 -9.64 0.42
N THR A 95 -9.01 -10.42 1.25
CA THR A 95 -8.40 -9.87 2.46
C THR A 95 -7.07 -9.23 2.08
N VAL A 96 -7.00 -7.92 2.20
CA VAL A 96 -5.81 -7.19 1.82
C VAL A 96 -5.10 -6.63 3.03
N ILE A 97 -3.95 -7.21 3.38
CA ILE A 97 -3.16 -6.74 4.51
C ILE A 97 -2.24 -5.62 4.05
N TYR A 98 -2.24 -4.52 4.78
CA TYR A 98 -1.43 -3.37 4.41
C TYR A 98 -0.35 -3.07 5.46
N TRP A 99 0.88 -2.95 4.99
CA TRP A 99 2.01 -2.64 5.86
C TRP A 99 2.61 -1.29 5.48
N LEU A 100 3.11 -0.57 6.47
CA LEU A 100 3.72 0.73 6.23
C LEU A 100 5.16 0.55 5.79
N ALA A 101 5.44 0.92 4.54
CA ALA A 101 6.78 0.79 4.00
C ALA A 101 7.32 2.14 3.54
N GLU A 102 8.62 2.33 3.67
CA GLU A 102 9.25 3.58 3.27
C GLU A 102 10.35 3.35 2.25
N VAL A 103 10.14 3.85 1.04
CA VAL A 103 11.13 3.70 -0.02
C VAL A 103 12.34 4.60 0.23
N LYS A 104 13.51 3.98 0.29
CA LYS A 104 14.74 4.71 0.57
C LYS A 104 15.02 5.78 -0.48
N ASP A 105 14.51 5.58 -1.68
CA ASP A 105 14.72 6.54 -2.76
C ASP A 105 13.47 7.36 -3.04
N TYR A 106 13.63 8.69 -3.00
CA TYR A 106 12.52 9.60 -3.28
C TYR A 106 12.04 9.40 -4.71
N ASP A 107 13.00 9.25 -5.61
CA ASP A 107 12.71 9.02 -7.02
C ASP A 107 12.84 7.54 -7.34
N VAL A 108 12.68 6.72 -6.29
CA VAL A 108 12.77 5.26 -6.42
C VAL A 108 12.09 4.77 -7.69
N GLU A 109 12.56 3.64 -8.21
CA GLU A 109 12.01 3.09 -9.44
C GLU A 109 10.54 2.72 -9.26
N ILE A 110 9.76 3.00 -10.29
CA ILE A 110 8.34 2.71 -10.28
C ILE A 110 7.95 1.85 -11.47
N ARG A 111 7.88 0.55 -11.22
CA ARG A 111 7.55 -0.43 -12.25
C ARG A 111 6.09 -0.87 -12.16
N LEU A 112 5.24 -0.29 -13.01
CA LEU A 112 3.82 -0.63 -13.02
C LEU A 112 3.55 -1.73 -14.04
N SER A 113 2.41 -2.39 -13.89
CA SER A 113 2.01 -3.46 -14.80
C SER A 113 0.79 -3.06 -15.60
N HIS A 114 0.19 -4.02 -16.31
CA HIS A 114 -1.00 -3.74 -17.11
C HIS A 114 -2.19 -3.38 -16.22
N GLU A 115 -2.06 -3.63 -14.92
CA GLU A 115 -3.13 -3.32 -13.97
C GLU A 115 -3.05 -1.86 -13.51
N HIS A 116 -1.89 -1.25 -13.69
CA HIS A 116 -1.69 0.14 -13.29
C HIS A 116 -0.97 0.92 -14.39
N GLN A 117 -1.69 1.82 -15.04
CA GLN A 117 -1.12 2.62 -16.13
C GLN A 117 -0.48 3.91 -15.60
N ALA A 118 -0.49 4.09 -14.28
CA ALA A 118 0.08 5.30 -13.69
C ALA A 118 0.15 5.19 -12.17
N TYR A 119 1.00 6.02 -11.57
CA TYR A 119 1.17 6.05 -10.12
C TYR A 119 1.32 7.48 -9.62
N ARG A 120 1.33 7.66 -8.31
CA ARG A 120 1.48 8.98 -7.72
C ARG A 120 2.02 8.93 -6.30
N TRP A 121 2.62 10.03 -5.89
CA TRP A 121 3.19 10.16 -4.54
C TRP A 121 2.55 11.35 -3.84
N LEU A 122 1.68 11.08 -2.88
CA LEU A 122 0.98 12.14 -2.16
C LEU A 122 0.88 11.84 -0.67
N GLY A 123 0.40 12.83 0.08
CA GLY A 123 0.25 12.67 1.52
C GLY A 123 -1.00 11.88 1.86
N LEU A 124 -1.51 12.09 3.06
CA LEU A 124 -2.71 11.39 3.50
C LEU A 124 -3.97 11.96 2.85
N GLU A 125 -4.03 13.29 2.76
CA GLU A 125 -5.18 13.96 2.18
C GLU A 125 -5.35 13.57 0.71
N GLU A 126 -4.29 13.66 -0.06
CA GLU A 126 -4.34 13.33 -1.47
C GLU A 126 -4.47 11.82 -1.65
N ALA A 127 -3.71 11.06 -0.88
CA ALA A 127 -3.79 9.62 -0.97
C ALA A 127 -5.20 9.16 -0.64
N CYS A 128 -5.87 9.93 0.21
CA CYS A 128 -7.24 9.64 0.60
C CYS A 128 -8.21 10.18 -0.45
N GLN A 129 -7.86 11.32 -1.05
CA GLN A 129 -8.69 11.94 -2.07
C GLN A 129 -8.85 11.01 -3.28
N LEU A 130 -7.75 10.41 -3.68
CA LEU A 130 -7.74 9.48 -4.80
C LEU A 130 -8.32 8.14 -4.38
N ALA A 131 -7.88 7.66 -3.21
CA ALA A 131 -8.36 6.40 -2.68
C ALA A 131 -9.73 6.59 -2.04
N GLN A 132 -10.66 7.12 -2.83
CA GLN A 132 -12.04 7.37 -2.38
C GLN A 132 -12.53 6.26 -1.47
N PHE A 133 -12.09 5.05 -1.79
CA PHE A 133 -12.47 3.88 -1.02
C PHE A 133 -12.18 4.09 0.46
N LYS A 134 -13.25 4.12 1.25
CA LYS A 134 -13.14 4.34 2.70
C LYS A 134 -12.03 3.48 3.30
N GLU A 135 -12.06 2.21 2.97
CA GLU A 135 -11.08 1.25 3.47
C GLU A 135 -9.65 1.78 3.29
N MET A 136 -9.31 2.18 2.07
CA MET A 136 -7.98 2.68 1.78
C MET A 136 -7.67 3.95 2.57
N LYS A 137 -8.61 4.89 2.58
CA LYS A 137 -8.43 6.13 3.31
C LYS A 137 -7.99 5.85 4.73
N ALA A 138 -8.57 4.82 5.33
CA ALA A 138 -8.24 4.42 6.69
C ALA A 138 -6.85 3.82 6.75
N ALA A 139 -6.55 2.89 5.85
CA ALA A 139 -5.24 2.26 5.79
C ALA A 139 -4.16 3.33 5.77
N LEU A 140 -4.37 4.35 4.94
CA LEU A 140 -3.44 5.45 4.82
C LEU A 140 -3.58 6.38 6.02
N GLN A 141 -4.77 6.42 6.60
CA GLN A 141 -5.05 7.26 7.77
C GLN A 141 -4.27 6.79 8.98
N GLU A 142 -4.41 5.50 9.30
CA GLU A 142 -3.72 4.93 10.45
C GLU A 142 -2.23 4.79 10.16
N GLY A 143 -1.89 4.61 8.87
CA GLY A 143 -0.51 4.48 8.49
C GLY A 143 0.30 5.71 8.85
N HIS A 144 -0.30 6.88 8.65
CA HIS A 144 0.36 8.14 8.98
C HIS A 144 0.27 8.41 10.48
N GLN A 145 -0.76 7.87 11.11
CA GLN A 145 -0.98 8.06 12.55
C GLN A 145 0.02 7.23 13.36
N PHE A 146 0.09 5.94 13.05
CA PHE A 146 0.98 5.03 13.76
C PHE A 146 2.44 5.49 13.63
N LEU A 147 2.86 5.71 12.38
CA LEU A 147 4.23 6.13 12.12
C LEU A 147 4.60 7.38 12.90
N CYS A 148 3.67 8.33 12.97
CA CYS A 148 3.90 9.56 13.71
C CYS A 148 4.00 9.26 15.21
N SER A 149 3.60 8.05 15.60
CA SER A 149 3.64 7.64 17.00
C SER A 149 4.96 6.92 17.33
N ILE A 150 5.69 6.50 16.30
CA ILE A 150 6.95 5.82 16.50
C ILE A 150 8.06 6.83 16.78
N GLU A 151 9.21 6.67 16.12
CA GLU A 151 10.34 7.57 16.30
C GLU A 151 11.31 7.46 15.14
N ALA A 152 12.00 6.33 15.08
CA ALA A 152 12.98 6.08 14.02
C ALA A 152 13.23 4.59 13.80
N LEU A 153 12.81 3.76 14.76
CA LEU A 153 13.01 2.32 14.67
C LEU A 153 11.84 1.67 13.95
N GLY A 1 -22.32 -19.82 -1.66
CA GLY A 1 -21.91 -19.10 -0.47
C GLY A 1 -21.56 -20.09 0.64
N PRO A 2 -22.42 -21.10 0.83
CA PRO A 2 -22.26 -22.12 1.84
C PRO A 2 -21.13 -23.07 1.43
N LEU A 3 -19.94 -22.81 1.95
CA LEU A 3 -18.77 -23.63 1.63
C LEU A 3 -18.45 -23.58 0.14
N GLY A 4 -17.23 -23.18 -0.18
CA GLY A 4 -16.81 -23.09 -1.56
C GLY A 4 -15.76 -22.01 -1.78
N SER A 5 -15.76 -21.02 -0.90
CA SER A 5 -14.80 -19.92 -0.99
C SER A 5 -14.81 -19.09 0.29
N MET A 6 -13.78 -19.28 1.13
CA MET A 6 -13.67 -18.56 2.39
C MET A 6 -12.86 -17.28 2.21
N ALA A 7 -13.24 -16.48 1.22
CA ALA A 7 -12.55 -15.22 0.94
C ALA A 7 -11.20 -15.47 0.28
N LEU A 8 -10.67 -14.43 -0.34
CA LEU A 8 -9.38 -14.52 -1.03
C LEU A 8 -8.30 -13.82 -0.21
N ARG A 9 -7.18 -14.49 0.00
CA ARG A 9 -6.07 -13.93 0.77
C ARG A 9 -5.19 -13.04 -0.09
N ALA A 10 -5.08 -11.77 0.30
CA ALA A 10 -4.26 -10.81 -0.42
C ALA A 10 -3.42 -10.00 0.55
N CYS A 11 -2.49 -9.21 0.02
CA CYS A 11 -1.63 -8.38 0.85
C CYS A 11 -1.01 -7.25 0.05
N GLY A 12 -1.24 -6.02 0.52
CA GLY A 12 -0.70 -4.86 -0.14
C GLY A 12 0.35 -4.16 0.70
N LEU A 13 0.93 -3.09 0.18
CA LEU A 13 1.96 -2.36 0.91
C LEU A 13 1.71 -0.86 0.88
N ILE A 14 1.50 -0.26 2.05
CA ILE A 14 1.30 1.18 2.11
C ILE A 14 2.66 1.86 2.23
N ILE A 15 3.22 2.20 1.08
CA ILE A 15 4.51 2.83 1.00
C ILE A 15 4.45 4.31 1.34
N PHE A 16 5.50 4.81 1.97
CA PHE A 16 5.57 6.21 2.37
C PHE A 16 6.99 6.73 2.36
N ARG A 17 7.24 7.80 1.60
CA ARG A 17 8.58 8.39 1.57
C ARG A 17 8.77 9.30 2.77
N ARG A 18 9.67 8.91 3.67
CA ARG A 18 9.93 9.68 4.89
C ARG A 18 11.02 10.73 4.67
N CYS A 19 10.70 11.97 5.03
CA CYS A 19 11.64 13.08 4.91
C CYS A 19 12.42 13.25 6.21
N LEU A 20 13.57 13.91 6.13
CA LEU A 20 14.39 14.14 7.32
C LEU A 20 13.71 15.12 8.27
N ILE A 21 13.83 16.42 7.99
CA ILE A 21 13.22 17.44 8.83
C ILE A 21 12.02 18.08 8.13
N PRO A 22 11.02 18.54 8.91
CA PRO A 22 9.81 19.16 8.37
C PRO A 22 10.07 20.57 7.84
N LYS A 23 9.14 21.09 7.06
CA LYS A 23 9.26 22.44 6.50
C LYS A 23 8.19 23.35 7.05
N VAL A 24 6.97 23.19 6.54
CA VAL A 24 5.84 24.01 6.99
C VAL A 24 5.17 23.41 8.22
N ASP A 25 5.58 22.21 8.59
CA ASP A 25 5.01 21.51 9.76
C ASP A 25 3.66 20.89 9.43
N ASN A 26 3.25 20.98 8.17
CA ASN A 26 1.98 20.41 7.74
C ASN A 26 2.19 19.01 7.17
N ASN A 27 2.81 18.94 6.01
CA ASN A 27 3.10 17.66 5.37
C ASN A 27 4.46 17.14 5.83
N ALA A 28 4.85 15.98 5.31
CA ALA A 28 6.12 15.38 5.68
C ALA A 28 6.30 14.02 5.01
N ILE A 29 5.24 13.22 5.04
CA ILE A 29 5.28 11.89 4.44
C ILE A 29 4.29 11.77 3.30
N GLU A 30 4.72 11.07 2.25
CA GLU A 30 3.88 10.84 1.07
C GLU A 30 3.81 9.35 0.77
N PHE A 31 2.63 8.87 0.41
CA PHE A 31 2.44 7.45 0.11
C PHE A 31 2.41 7.17 -1.39
N LEU A 32 2.81 5.96 -1.76
CA LEU A 32 2.82 5.55 -3.17
C LEU A 32 1.43 5.06 -3.57
N LEU A 33 0.95 5.51 -4.72
CA LEU A 33 -0.37 5.10 -5.20
C LEU A 33 -0.31 4.68 -6.65
N LEU A 34 -1.07 3.65 -6.99
CA LEU A 34 -1.11 3.13 -8.35
C LEU A 34 -2.52 3.16 -8.91
N GLN A 35 -2.80 4.11 -9.80
CA GLN A 35 -4.11 4.24 -10.40
C GLN A 35 -4.50 2.99 -11.16
N ALA A 36 -5.72 2.52 -10.95
CA ALA A 36 -6.23 1.33 -11.62
C ALA A 36 -6.07 1.46 -13.14
N SER A 37 -5.83 0.34 -13.80
CA SER A 37 -5.67 0.34 -15.25
C SER A 37 -7.01 0.37 -15.98
N ASP A 38 -8.10 0.45 -15.22
CA ASP A 38 -9.44 0.48 -15.81
C ASP A 38 -10.51 0.69 -14.73
N GLY A 39 -11.74 0.86 -15.17
CA GLY A 39 -12.84 1.06 -14.23
C GLY A 39 -13.02 2.52 -13.84
N ILE A 40 -13.13 2.77 -12.53
CA ILE A 40 -13.30 4.12 -12.02
C ILE A 40 -11.96 4.86 -11.92
N HIS A 41 -10.88 4.19 -12.33
CA HIS A 41 -9.55 4.79 -12.26
C HIS A 41 -9.16 5.06 -10.82
N HIS A 42 -9.69 4.25 -9.90
CA HIS A 42 -9.39 4.40 -8.49
C HIS A 42 -7.92 4.14 -8.21
N TRP A 43 -7.37 4.85 -7.24
CA TRP A 43 -5.97 4.70 -6.88
C TRP A 43 -5.79 3.77 -5.69
N THR A 44 -4.90 2.79 -5.83
CA THR A 44 -4.63 1.82 -4.77
C THR A 44 -3.20 1.29 -4.86
N PRO A 45 -2.50 1.19 -3.71
CA PRO A 45 -1.12 0.69 -3.66
C PRO A 45 -0.99 -0.72 -4.25
N PRO A 46 0.23 -1.27 -4.26
CA PRO A 46 0.50 -2.60 -4.80
C PRO A 46 -0.21 -3.70 -4.01
N LYS A 47 -1.12 -4.40 -4.69
CA LYS A 47 -1.87 -5.49 -4.05
C LYS A 47 -1.41 -6.84 -4.59
N GLY A 48 -1.08 -7.76 -3.69
CA GLY A 48 -0.62 -9.07 -4.11
C GLY A 48 -1.53 -10.20 -3.67
N HIS A 49 -1.22 -11.41 -4.14
CA HIS A 49 -2.01 -12.59 -3.81
C HIS A 49 -1.23 -13.52 -2.89
N VAL A 50 -1.56 -13.51 -1.62
CA VAL A 50 -0.89 -14.38 -0.65
C VAL A 50 -1.54 -15.75 -0.60
N GLU A 51 -0.73 -16.77 -0.86
CA GLU A 51 -1.22 -18.14 -0.84
C GLU A 51 -0.96 -18.76 0.53
N PRO A 52 -1.76 -19.77 0.92
CA PRO A 52 -1.63 -20.44 2.21
C PRO A 52 -0.17 -20.72 2.57
N GLY A 53 0.58 -21.24 1.61
CA GLY A 53 1.98 -21.54 1.84
C GLY A 53 2.88 -20.32 1.70
N GLU A 54 2.34 -19.24 1.17
CA GLU A 54 3.12 -18.01 0.98
C GLU A 54 3.11 -17.16 2.25
N ASP A 55 4.02 -16.19 2.32
CA ASP A 55 4.10 -15.31 3.48
C ASP A 55 3.13 -14.15 3.35
N ASP A 56 2.80 -13.54 4.48
CA ASP A 56 1.88 -12.41 4.51
C ASP A 56 2.52 -11.16 3.92
N LEU A 57 3.53 -10.63 4.60
CA LEU A 57 4.22 -9.44 4.14
C LEU A 57 4.82 -9.63 2.75
N GLU A 58 5.39 -10.81 2.51
CA GLU A 58 5.99 -11.12 1.21
C GLU A 58 5.03 -10.78 0.07
N THR A 59 3.80 -11.28 0.16
CA THR A 59 2.81 -10.99 -0.87
C THR A 59 2.67 -9.49 -1.06
N ALA A 60 2.79 -8.75 0.04
CA ALA A 60 2.70 -7.30 0.00
C ALA A 60 4.01 -6.74 -0.55
N LEU A 61 5.12 -7.42 -0.25
CA LEU A 61 6.44 -7.00 -0.71
C LEU A 61 6.61 -7.27 -2.19
N ARG A 62 6.36 -8.50 -2.59
CA ARG A 62 6.47 -8.91 -3.99
C ARG A 62 5.56 -8.05 -4.86
N ALA A 63 4.34 -7.83 -4.38
CA ALA A 63 3.37 -7.01 -5.10
C ALA A 63 3.90 -5.61 -5.31
N THR A 64 4.64 -5.12 -4.31
CA THR A 64 5.23 -3.79 -4.38
C THR A 64 6.14 -3.65 -5.59
N GLN A 65 7.10 -4.58 -5.70
CA GLN A 65 8.03 -4.57 -6.82
C GLN A 65 7.35 -5.04 -8.10
N GLU A 66 6.25 -5.78 -7.95
CA GLU A 66 5.50 -6.28 -9.10
C GLU A 66 4.62 -5.18 -9.70
N GLU A 67 4.08 -4.33 -8.84
CA GLU A 67 3.20 -3.24 -9.28
C GLU A 67 3.85 -1.87 -9.07
N ALA A 68 5.12 -1.86 -8.66
CA ALA A 68 5.82 -0.59 -8.42
C ALA A 68 7.33 -0.72 -8.65
N GLY A 69 7.83 -1.96 -8.76
CA GLY A 69 9.25 -2.15 -8.96
C GLY A 69 10.06 -1.99 -7.69
N ILE A 70 9.38 -1.63 -6.59
CA ILE A 70 10.05 -1.44 -5.31
C ILE A 70 9.86 -2.66 -4.42
N GLU A 71 10.97 -3.23 -3.96
CA GLU A 71 10.94 -4.41 -3.10
C GLU A 71 11.32 -4.05 -1.67
N ALA A 72 11.07 -4.97 -0.74
CA ALA A 72 11.40 -4.74 0.67
C ALA A 72 12.79 -4.15 0.85
N GLY A 73 13.73 -4.63 0.03
CA GLY A 73 15.09 -4.13 0.11
C GLY A 73 15.20 -2.69 -0.36
N GLN A 74 14.21 -2.25 -1.13
CA GLN A 74 14.19 -0.88 -1.65
C GLN A 74 13.33 0.03 -0.76
N LEU A 75 12.67 -0.56 0.24
CA LEU A 75 11.84 0.22 1.16
C LEU A 75 12.14 -0.19 2.61
N THR A 76 11.30 0.28 3.52
CA THR A 76 11.45 -0.03 4.94
C THR A 76 10.10 -0.35 5.57
N ILE A 77 9.85 -1.64 5.74
CA ILE A 77 8.59 -2.09 6.34
C ILE A 77 8.56 -1.81 7.83
N ILE A 78 7.53 -1.10 8.28
CA ILE A 78 7.40 -0.76 9.68
C ILE A 78 6.69 -1.87 10.46
N GLU A 79 7.27 -2.22 11.60
CA GLU A 79 6.73 -3.26 12.47
C GLU A 79 5.79 -2.68 13.51
N GLY A 80 4.82 -3.49 13.96
CA GLY A 80 3.87 -3.04 14.96
C GLY A 80 2.55 -2.61 14.35
N PHE A 81 2.56 -2.27 13.07
CA PHE A 81 1.34 -1.85 12.38
C PHE A 81 0.84 -2.95 11.45
N LYS A 82 -0.45 -3.24 11.53
CA LYS A 82 -1.06 -4.27 10.69
C LYS A 82 -2.55 -4.05 10.56
N ARG A 83 -3.04 -4.11 9.32
CA ARG A 83 -4.46 -3.94 9.04
C ARG A 83 -4.78 -4.54 7.68
N GLU A 84 -5.93 -5.21 7.59
CA GLU A 84 -6.34 -5.81 6.32
C GLU A 84 -7.74 -5.36 5.92
N LEU A 85 -7.89 -5.00 4.66
CA LEU A 85 -9.17 -4.57 4.14
C LEU A 85 -9.93 -5.75 3.54
N ASN A 86 -11.09 -6.06 4.09
CA ASN A 86 -11.90 -7.17 3.61
C ASN A 86 -13.17 -6.67 2.94
N TYR A 87 -13.38 -7.10 1.71
CA TYR A 87 -14.55 -6.70 0.94
C TYR A 87 -14.72 -7.57 -0.29
N VAL A 88 -15.97 -7.87 -0.63
CA VAL A 88 -16.27 -8.69 -1.79
C VAL A 88 -16.26 -7.86 -3.06
N ALA A 89 -15.28 -8.12 -3.92
CA ALA A 89 -15.13 -7.39 -5.17
C ALA A 89 -16.24 -7.78 -6.17
N ARG A 90 -15.88 -8.53 -7.21
CA ARG A 90 -16.85 -8.95 -8.21
C ARG A 90 -17.84 -9.95 -7.61
N ASN A 91 -17.35 -10.78 -6.72
CA ASN A 91 -18.18 -11.79 -6.07
C ASN A 91 -17.36 -12.62 -5.09
N LYS A 92 -16.31 -12.03 -4.53
CA LYS A 92 -15.46 -12.72 -3.58
C LYS A 92 -14.68 -11.75 -2.71
N PRO A 93 -14.79 -11.89 -1.37
CA PRO A 93 -14.12 -11.01 -0.41
C PRO A 93 -12.62 -11.22 -0.37
N LYS A 94 -11.91 -10.18 -0.73
CA LYS A 94 -10.45 -10.22 -0.74
C LYS A 94 -9.87 -9.56 0.50
N THR A 95 -9.06 -10.30 1.25
CA THR A 95 -8.42 -9.77 2.44
C THR A 95 -7.10 -9.12 2.05
N VAL A 96 -7.02 -7.81 2.22
CA VAL A 96 -5.82 -7.08 1.86
C VAL A 96 -5.12 -6.51 3.08
N ILE A 97 -3.97 -7.10 3.43
CA ILE A 97 -3.18 -6.63 4.56
C ILE A 97 -2.25 -5.52 4.08
N TYR A 98 -2.27 -4.40 4.78
CA TYR A 98 -1.45 -3.26 4.39
C TYR A 98 -0.42 -2.89 5.46
N TRP A 99 0.83 -2.78 5.03
CA TRP A 99 1.93 -2.41 5.92
C TRP A 99 2.43 -1.01 5.59
N LEU A 100 3.25 -0.46 6.48
CA LEU A 100 3.82 0.86 6.25
C LEU A 100 5.27 0.72 5.83
N ALA A 101 5.55 1.04 4.57
CA ALA A 101 6.90 0.93 4.04
C ALA A 101 7.45 2.28 3.61
N GLU A 102 8.76 2.41 3.62
CA GLU A 102 9.40 3.65 3.22
C GLU A 102 10.52 3.40 2.21
N VAL A 103 10.34 3.92 0.99
CA VAL A 103 11.33 3.74 -0.07
C VAL A 103 12.56 4.62 0.18
N LYS A 104 13.72 3.97 0.27
CA LYS A 104 14.99 4.66 0.53
C LYS A 104 15.33 5.67 -0.58
N ASP A 105 14.79 5.45 -1.77
CA ASP A 105 15.07 6.35 -2.89
C ASP A 105 13.90 7.27 -3.19
N TYR A 106 14.16 8.58 -3.05
CA TYR A 106 13.15 9.60 -3.31
C TYR A 106 12.64 9.47 -4.73
N ASP A 107 13.57 9.26 -5.67
CA ASP A 107 13.22 9.09 -7.06
C ASP A 107 13.24 7.61 -7.43
N VAL A 108 13.02 6.77 -6.42
CA VAL A 108 13.00 5.33 -6.61
C VAL A 108 12.21 4.95 -7.85
N GLU A 109 12.68 3.93 -8.56
CA GLU A 109 12.03 3.49 -9.78
C GLU A 109 10.63 2.95 -9.50
N ILE A 110 9.72 3.24 -10.41
CA ILE A 110 8.35 2.79 -10.29
C ILE A 110 7.95 1.93 -11.47
N ARG A 111 8.04 0.63 -11.28
CA ARG A 111 7.71 -0.33 -12.33
C ARG A 111 6.32 -0.93 -12.10
N LEU A 112 5.35 -0.43 -12.85
CA LEU A 112 3.96 -0.90 -12.74
C LEU A 112 3.69 -2.05 -13.70
N SER A 113 2.47 -2.56 -13.66
CA SER A 113 2.06 -3.68 -14.52
C SER A 113 0.79 -3.33 -15.30
N HIS A 114 0.08 -4.35 -15.75
CA HIS A 114 -1.16 -4.16 -16.51
C HIS A 114 -2.33 -3.83 -15.58
N GLU A 115 -2.09 -3.84 -14.27
CA GLU A 115 -3.13 -3.54 -13.30
C GLU A 115 -3.14 -2.05 -12.95
N HIS A 116 -2.01 -1.39 -13.17
CA HIS A 116 -1.90 0.04 -12.89
C HIS A 116 -1.26 0.77 -14.07
N GLN A 117 -2.01 1.68 -14.68
CA GLN A 117 -1.53 2.43 -15.83
C GLN A 117 -0.79 3.70 -15.40
N ALA A 118 -0.75 3.97 -14.10
CA ALA A 118 -0.08 5.16 -13.60
C ALA A 118 0.07 5.10 -12.08
N TYR A 119 0.94 5.96 -11.56
CA TYR A 119 1.18 6.02 -10.12
C TYR A 119 1.38 7.46 -9.67
N ARG A 120 1.36 7.68 -8.36
CA ARG A 120 1.52 9.02 -7.81
C ARG A 120 2.03 8.97 -6.37
N TRP A 121 2.61 10.08 -5.94
CA TRP A 121 3.13 10.20 -4.58
C TRP A 121 2.48 11.40 -3.88
N LEU A 122 1.59 11.13 -2.94
CA LEU A 122 0.90 12.20 -2.23
C LEU A 122 0.83 11.91 -0.73
N GLY A 123 0.36 12.89 0.02
CA GLY A 123 0.23 12.72 1.46
C GLY A 123 -0.98 11.91 1.83
N LEU A 124 -1.50 12.12 3.04
CA LEU A 124 -2.67 11.39 3.50
C LEU A 124 -3.95 11.94 2.87
N GLU A 125 -4.04 13.27 2.81
CA GLU A 125 -5.22 13.92 2.23
C GLU A 125 -5.41 13.54 0.78
N GLU A 126 -4.36 13.65 -0.01
CA GLU A 126 -4.44 13.32 -1.42
C GLU A 126 -4.54 11.82 -1.61
N ALA A 127 -3.69 11.06 -0.92
CA ALA A 127 -3.73 9.61 -1.02
C ALA A 127 -5.15 9.13 -0.71
N CYS A 128 -5.82 9.88 0.15
CA CYS A 128 -7.19 9.59 0.54
C CYS A 128 -8.18 10.13 -0.49
N GLN A 129 -7.85 11.28 -1.08
CA GLN A 129 -8.70 11.90 -2.08
C GLN A 129 -8.83 10.98 -3.29
N LEU A 130 -7.72 10.37 -3.67
CA LEU A 130 -7.69 9.45 -4.80
C LEU A 130 -8.23 8.09 -4.39
N ALA A 131 -7.79 7.62 -3.23
CA ALA A 131 -8.27 6.34 -2.71
C ALA A 131 -9.64 6.52 -2.10
N GLN A 132 -10.55 7.08 -2.90
CA GLN A 132 -11.93 7.35 -2.47
C GLN A 132 -12.47 6.22 -1.59
N PHE A 133 -12.00 5.01 -1.85
CA PHE A 133 -12.44 3.86 -1.07
C PHE A 133 -12.15 4.08 0.41
N LYS A 134 -13.22 4.13 1.20
CA LYS A 134 -13.12 4.36 2.65
C LYS A 134 -12.03 3.47 3.27
N GLU A 135 -11.97 2.25 2.81
CA GLU A 135 -11.01 1.28 3.30
C GLU A 135 -9.57 1.78 3.15
N MET A 136 -9.21 2.16 1.93
CA MET A 136 -7.85 2.64 1.68
C MET A 136 -7.59 3.92 2.45
N LYS A 137 -8.60 4.78 2.50
CA LYS A 137 -8.48 6.05 3.23
C LYS A 137 -8.01 5.79 4.65
N ALA A 138 -8.50 4.71 5.24
CA ALA A 138 -8.14 4.34 6.59
C ALA A 138 -6.73 3.75 6.64
N ALA A 139 -6.45 2.84 5.71
CA ALA A 139 -5.15 2.20 5.64
C ALA A 139 -4.05 3.25 5.62
N LEU A 140 -4.25 4.28 4.81
CA LEU A 140 -3.29 5.37 4.71
C LEU A 140 -3.41 6.28 5.94
N GLN A 141 -4.62 6.35 6.49
CA GLN A 141 -4.88 7.17 7.67
C GLN A 141 -4.12 6.65 8.88
N GLU A 142 -4.27 5.35 9.14
CA GLU A 142 -3.59 4.73 10.26
C GLU A 142 -2.09 4.65 10.03
N GLY A 143 -1.71 4.56 8.75
CA GLY A 143 -0.30 4.50 8.41
C GLY A 143 0.46 5.70 8.92
N HIS A 144 -0.11 6.88 8.73
CA HIS A 144 0.52 8.12 9.18
C HIS A 144 0.30 8.30 10.68
N GLN A 145 -0.82 7.79 11.17
CA GLN A 145 -1.15 7.89 12.59
C GLN A 145 -0.15 7.12 13.44
N PHE A 146 0.05 5.86 13.09
CA PHE A 146 0.98 5.00 13.82
C PHE A 146 2.40 5.55 13.74
N LEU A 147 2.86 5.80 12.51
CA LEU A 147 4.21 6.32 12.29
C LEU A 147 4.44 7.62 13.06
N CYS A 148 3.35 8.34 13.35
CA CYS A 148 3.46 9.59 14.10
C CYS A 148 3.48 9.31 15.60
N SER A 149 3.19 8.07 15.97
CA SER A 149 3.17 7.67 17.37
C SER A 149 4.49 6.99 17.75
N ILE A 150 5.24 6.54 16.74
CA ILE A 150 6.51 5.89 16.97
C ILE A 150 7.57 6.93 17.37
N GLU A 151 8.72 6.91 16.71
CA GLU A 151 9.78 7.86 17.01
C GLU A 151 10.76 7.98 15.84
N ALA A 152 11.44 6.89 15.55
CA ALA A 152 12.41 6.86 14.46
C ALA A 152 12.67 5.43 13.97
N LEU A 153 12.77 4.50 14.91
CA LEU A 153 12.99 3.10 14.58
C LEU A 153 14.43 2.89 14.08
N GLY A 1 -28.13 -19.81 2.96
CA GLY A 1 -27.53 -18.77 2.15
C GLY A 1 -27.03 -19.34 0.83
N PRO A 2 -27.56 -18.82 -0.28
CA PRO A 2 -27.21 -19.23 -1.62
C PRO A 2 -25.81 -18.74 -1.95
N LEU A 3 -25.69 -17.45 -2.28
CA LEU A 3 -24.40 -16.87 -2.62
C LEU A 3 -23.46 -16.88 -1.41
N GLY A 4 -22.39 -17.68 -1.51
CA GLY A 4 -21.44 -17.76 -0.41
C GLY A 4 -20.02 -17.94 -0.91
N SER A 5 -19.47 -16.88 -1.52
CA SER A 5 -18.10 -16.93 -2.04
C SER A 5 -17.09 -16.82 -0.90
N MET A 6 -16.13 -17.74 -0.88
CA MET A 6 -15.10 -17.74 0.16
C MET A 6 -14.04 -16.68 -0.12
N ALA A 7 -13.73 -15.90 0.91
CA ALA A 7 -12.75 -14.83 0.78
C ALA A 7 -11.39 -15.37 0.37
N LEU A 8 -10.59 -14.47 -0.19
CA LEU A 8 -9.26 -14.80 -0.65
C LEU A 8 -8.20 -14.03 0.13
N ARG A 9 -7.05 -14.68 0.34
CA ARG A 9 -5.96 -14.08 1.07
C ARG A 9 -5.19 -13.10 0.18
N ALA A 10 -5.16 -11.83 0.57
CA ALA A 10 -4.46 -10.81 -0.18
C ALA A 10 -3.49 -10.04 0.69
N CYS A 11 -2.61 -9.27 0.07
CA CYS A 11 -1.63 -8.49 0.82
C CYS A 11 -1.07 -7.34 0.00
N GLY A 12 -1.21 -6.14 0.54
CA GLY A 12 -0.70 -4.96 -0.13
C GLY A 12 0.32 -4.23 0.72
N LEU A 13 0.99 -3.23 0.15
CA LEU A 13 2.00 -2.49 0.89
C LEU A 13 1.72 -0.98 0.88
N ILE A 14 1.51 -0.41 2.06
CA ILE A 14 1.29 1.02 2.16
C ILE A 14 2.63 1.71 2.25
N ILE A 15 3.16 2.08 1.10
CA ILE A 15 4.45 2.72 1.04
C ILE A 15 4.36 4.18 1.40
N PHE A 16 5.37 4.68 2.10
CA PHE A 16 5.40 6.06 2.53
C PHE A 16 6.82 6.62 2.51
N ARG A 17 7.04 7.68 1.74
CA ARG A 17 8.36 8.30 1.68
C ARG A 17 8.57 9.21 2.89
N ARG A 18 9.50 8.83 3.75
CA ARG A 18 9.79 9.59 4.95
C ARG A 18 10.95 10.56 4.73
N CYS A 19 10.69 11.83 5.02
CA CYS A 19 11.71 12.87 4.87
C CYS A 19 12.43 13.09 6.20
N LEU A 20 13.64 13.62 6.14
CA LEU A 20 14.41 13.87 7.35
C LEU A 20 13.68 14.85 8.27
N ILE A 21 13.78 16.14 7.98
CA ILE A 21 13.11 17.17 8.78
C ILE A 21 11.97 17.81 8.00
N PRO A 22 10.94 18.30 8.72
CA PRO A 22 9.78 18.95 8.09
C PRO A 22 10.17 20.18 7.27
N LYS A 23 9.32 20.53 6.31
CA LYS A 23 9.57 21.68 5.46
C LYS A 23 8.62 22.83 5.80
N VAL A 24 7.39 22.72 5.32
CA VAL A 24 6.38 23.75 5.57
C VAL A 24 5.32 23.27 6.55
N ASP A 25 5.57 22.11 7.18
CA ASP A 25 4.63 21.54 8.14
C ASP A 25 3.27 21.28 7.49
N ASN A 26 3.30 21.02 6.18
CA ASN A 26 2.07 20.75 5.44
C ASN A 26 1.99 19.28 5.06
N ASN A 27 3.14 18.68 4.82
CA ASN A 27 3.20 17.27 4.45
C ASN A 27 4.64 16.76 4.55
N ALA A 28 4.85 15.75 5.39
CA ALA A 28 6.17 15.18 5.58
C ALA A 28 6.27 13.80 4.92
N ILE A 29 5.19 13.04 4.99
CA ILE A 29 5.18 11.70 4.42
C ILE A 29 4.16 11.59 3.28
N GLU A 30 4.54 10.85 2.25
CA GLU A 30 3.70 10.62 1.09
C GLU A 30 3.59 9.13 0.79
N PHE A 31 2.41 8.68 0.39
CA PHE A 31 2.21 7.26 0.10
C PHE A 31 2.18 6.98 -1.40
N LEU A 32 2.70 5.82 -1.79
CA LEU A 32 2.72 5.44 -3.20
C LEU A 32 1.33 4.94 -3.62
N LEU A 33 0.88 5.38 -4.78
CA LEU A 33 -0.42 4.98 -5.29
C LEU A 33 -0.34 4.59 -6.75
N LEU A 34 -1.13 3.61 -7.15
CA LEU A 34 -1.15 3.14 -8.53
C LEU A 34 -2.55 3.23 -9.12
N GLN A 35 -2.71 4.10 -10.11
CA GLN A 35 -4.00 4.31 -10.76
C GLN A 35 -4.31 3.19 -11.74
N ALA A 36 -5.60 2.88 -11.87
CA ALA A 36 -6.06 1.82 -12.77
C ALA A 36 -5.90 2.24 -14.24
N SER A 37 -5.68 1.27 -15.11
CA SER A 37 -5.52 1.54 -16.53
C SER A 37 -6.87 1.68 -17.24
N ASP A 38 -7.95 1.58 -16.48
CA ASP A 38 -9.30 1.70 -17.04
C ASP A 38 -10.36 1.67 -15.95
N GLY A 39 -11.62 1.49 -16.35
CA GLY A 39 -12.70 1.44 -15.39
C GLY A 39 -12.99 2.78 -14.76
N ILE A 40 -12.88 2.85 -13.43
CA ILE A 40 -13.14 4.07 -12.70
C ILE A 40 -11.85 4.86 -12.45
N HIS A 41 -10.72 4.30 -12.88
CA HIS A 41 -9.43 4.95 -12.70
C HIS A 41 -9.12 5.16 -11.22
N HIS A 42 -9.57 4.23 -10.39
CA HIS A 42 -9.33 4.32 -8.95
C HIS A 42 -7.84 4.12 -8.63
N TRP A 43 -7.39 4.74 -7.56
CA TRP A 43 -5.99 4.63 -7.16
C TRP A 43 -5.83 3.66 -5.99
N THR A 44 -4.83 2.78 -6.08
CA THR A 44 -4.57 1.80 -5.03
C THR A 44 -3.11 1.37 -5.05
N PRO A 45 -2.59 0.93 -3.87
CA PRO A 45 -1.19 0.49 -3.75
C PRO A 45 -0.97 -0.91 -4.33
N PRO A 46 0.30 -1.34 -4.40
CA PRO A 46 0.65 -2.66 -4.94
C PRO A 46 0.12 -3.81 -4.07
N LYS A 47 -1.12 -4.21 -4.34
CA LYS A 47 -1.72 -5.30 -3.57
C LYS A 47 -1.66 -6.60 -4.36
N GLY A 48 -1.51 -7.71 -3.64
CA GLY A 48 -1.43 -9.01 -4.29
C GLY A 48 -2.27 -10.07 -3.58
N HIS A 49 -2.14 -11.31 -4.03
CA HIS A 49 -2.90 -12.41 -3.44
C HIS A 49 -1.95 -13.39 -2.74
N VAL A 50 -1.86 -13.27 -1.42
CA VAL A 50 -0.99 -14.14 -0.64
C VAL A 50 -1.50 -15.58 -0.66
N GLU A 51 -0.60 -16.51 -0.96
CA GLU A 51 -0.95 -17.92 -1.01
C GLU A 51 -0.59 -18.61 0.30
N PRO A 52 -1.32 -19.67 0.68
CA PRO A 52 -1.07 -20.41 1.91
C PRO A 52 0.42 -20.58 2.20
N GLY A 53 1.11 -21.27 1.31
CA GLY A 53 2.53 -21.49 1.48
C GLY A 53 3.33 -20.20 1.43
N GLU A 54 2.72 -19.16 0.87
CA GLU A 54 3.38 -17.86 0.77
C GLU A 54 3.30 -17.10 2.09
N ASP A 55 4.20 -16.14 2.28
CA ASP A 55 4.21 -15.35 3.49
C ASP A 55 3.21 -14.21 3.40
N ASP A 56 2.87 -13.63 4.54
CA ASP A 56 1.92 -12.53 4.58
C ASP A 56 2.52 -11.25 4.00
N LEU A 57 3.55 -10.74 4.66
CA LEU A 57 4.21 -9.52 4.20
C LEU A 57 4.83 -9.70 2.83
N GLU A 58 5.49 -10.84 2.62
CA GLU A 58 6.13 -11.12 1.33
C GLU A 58 5.17 -10.85 0.19
N THR A 59 3.94 -11.33 0.33
CA THR A 59 2.93 -11.11 -0.71
C THR A 59 2.78 -9.62 -0.97
N ALA A 60 2.72 -8.84 0.10
CA ALA A 60 2.60 -7.40 0.00
C ALA A 60 3.90 -6.80 -0.51
N LEU A 61 5.01 -7.48 -0.21
CA LEU A 61 6.34 -7.03 -0.64
C LEU A 61 6.53 -7.24 -2.13
N ARG A 62 6.29 -8.47 -2.57
CA ARG A 62 6.44 -8.83 -3.98
C ARG A 62 5.58 -7.93 -4.85
N ALA A 63 4.32 -7.76 -4.47
CA ALA A 63 3.41 -6.92 -5.23
C ALA A 63 3.95 -5.51 -5.35
N THR A 64 4.65 -5.08 -4.30
CA THR A 64 5.25 -3.74 -4.27
C THR A 64 6.25 -3.59 -5.40
N GLN A 65 7.18 -4.53 -5.49
CA GLN A 65 8.19 -4.52 -6.53
C GLN A 65 7.64 -5.02 -7.86
N GLU A 66 6.57 -5.81 -7.79
CA GLU A 66 5.96 -6.35 -9.00
C GLU A 66 5.09 -5.30 -9.70
N GLU A 67 4.41 -4.49 -8.91
CA GLU A 67 3.53 -3.45 -9.46
C GLU A 67 4.17 -2.07 -9.39
N ALA A 68 5.19 -1.92 -8.56
CA ALA A 68 5.87 -0.63 -8.41
C ALA A 68 7.37 -0.75 -8.65
N GLY A 69 7.90 -1.96 -8.70
CA GLY A 69 9.32 -2.12 -8.91
C GLY A 69 10.11 -1.97 -7.62
N ILE A 70 9.45 -1.50 -6.56
CA ILE A 70 10.10 -1.32 -5.27
C ILE A 70 9.84 -2.52 -4.37
N GLU A 71 10.93 -3.15 -3.92
CA GLU A 71 10.83 -4.32 -3.04
C GLU A 71 11.19 -3.95 -1.61
N ALA A 72 10.97 -4.89 -0.69
CA ALA A 72 11.28 -4.67 0.72
C ALA A 72 12.69 -4.13 0.92
N GLY A 73 13.60 -4.58 0.06
CA GLY A 73 14.98 -4.12 0.15
C GLY A 73 15.14 -2.69 -0.33
N GLN A 74 14.13 -2.19 -1.05
CA GLN A 74 14.16 -0.81 -1.55
C GLN A 74 13.33 0.12 -0.65
N LEU A 75 12.58 -0.48 0.26
CA LEU A 75 11.75 0.30 1.17
C LEU A 75 12.03 -0.11 2.62
N THR A 76 11.20 0.37 3.53
CA THR A 76 11.36 0.05 4.95
C THR A 76 10.02 -0.29 5.58
N ILE A 77 9.78 -1.60 5.74
CA ILE A 77 8.53 -2.06 6.35
C ILE A 77 8.53 -1.83 7.85
N ILE A 78 7.63 -0.96 8.31
CA ILE A 78 7.54 -0.66 9.73
C ILE A 78 6.80 -1.76 10.47
N GLU A 79 7.29 -2.09 11.65
CA GLU A 79 6.69 -3.13 12.47
C GLU A 79 5.74 -2.54 13.50
N GLY A 80 4.70 -3.30 13.85
CA GLY A 80 3.74 -2.83 14.82
C GLY A 80 2.42 -2.42 14.17
N PHE A 81 2.48 -2.10 12.88
CA PHE A 81 1.29 -1.69 12.16
C PHE A 81 0.82 -2.79 11.21
N LYS A 82 -0.46 -3.15 11.31
CA LYS A 82 -1.02 -4.17 10.45
C LYS A 82 -2.54 -4.05 10.34
N ARG A 83 -3.02 -4.02 9.11
CA ARG A 83 -4.45 -3.91 8.84
C ARG A 83 -4.77 -4.57 7.51
N GLU A 84 -5.88 -5.31 7.45
CA GLU A 84 -6.27 -5.98 6.22
C GLU A 84 -7.63 -5.50 5.74
N LEU A 85 -7.67 -5.01 4.51
CA LEU A 85 -8.92 -4.53 3.93
C LEU A 85 -9.62 -5.65 3.18
N ASN A 86 -10.80 -6.02 3.67
CA ASN A 86 -11.57 -7.09 3.05
C ASN A 86 -12.89 -6.56 2.51
N TYR A 87 -13.18 -6.89 1.27
CA TYR A 87 -14.42 -6.45 0.62
C TYR A 87 -14.66 -7.21 -0.66
N VAL A 88 -15.91 -7.58 -0.89
CA VAL A 88 -16.27 -8.31 -2.10
C VAL A 88 -16.43 -7.38 -3.29
N ALA A 89 -15.58 -7.56 -4.27
CA ALA A 89 -15.60 -6.72 -5.47
C ALA A 89 -16.78 -7.08 -6.35
N ARG A 90 -16.57 -7.98 -7.31
CA ARG A 90 -17.64 -8.39 -8.22
C ARG A 90 -18.52 -9.46 -7.58
N ASN A 91 -17.87 -10.45 -6.98
CA ASN A 91 -18.57 -11.54 -6.32
C ASN A 91 -17.62 -12.35 -5.45
N LYS A 92 -16.53 -11.71 -5.04
CA LYS A 92 -15.53 -12.35 -4.20
C LYS A 92 -14.75 -11.29 -3.42
N PRO A 93 -14.69 -11.42 -2.09
CA PRO A 93 -13.98 -10.46 -1.25
C PRO A 93 -12.49 -10.54 -1.46
N LYS A 94 -11.76 -9.80 -0.65
CA LYS A 94 -10.31 -9.79 -0.76
C LYS A 94 -9.69 -9.27 0.53
N THR A 95 -9.00 -10.13 1.25
CA THR A 95 -8.35 -9.72 2.49
C THR A 95 -6.97 -9.17 2.17
N VAL A 96 -6.87 -7.85 2.14
CA VAL A 96 -5.61 -7.21 1.81
C VAL A 96 -4.92 -6.65 3.05
N ILE A 97 -3.82 -7.30 3.44
CA ILE A 97 -3.06 -6.86 4.60
C ILE A 97 -2.08 -5.79 4.15
N TYR A 98 -2.16 -4.63 4.78
CA TYR A 98 -1.32 -3.51 4.40
C TYR A 98 -0.27 -3.18 5.45
N TRP A 99 0.97 -3.09 5.01
CA TRP A 99 2.10 -2.77 5.89
C TRP A 99 2.69 -1.43 5.49
N LEU A 100 3.25 -0.72 6.47
CA LEU A 100 3.86 0.57 6.20
C LEU A 100 5.28 0.36 5.70
N ALA A 101 5.57 0.87 4.51
CA ALA A 101 6.90 0.73 3.92
C ALA A 101 7.42 2.07 3.42
N GLU A 102 8.68 2.35 3.72
CA GLU A 102 9.28 3.62 3.30
C GLU A 102 10.38 3.40 2.27
N VAL A 103 10.19 3.94 1.07
CA VAL A 103 11.17 3.80 0.01
C VAL A 103 12.37 4.70 0.26
N LYS A 104 13.51 4.09 0.53
CA LYS A 104 14.74 4.82 0.83
C LYS A 104 15.10 5.80 -0.28
N ASP A 105 14.65 5.52 -1.50
CA ASP A 105 14.93 6.40 -2.63
C ASP A 105 13.73 7.28 -2.96
N TYR A 106 13.92 8.60 -2.81
CA TYR A 106 12.87 9.56 -3.09
C TYR A 106 12.47 9.48 -4.56
N ASP A 107 13.47 9.36 -5.42
CA ASP A 107 13.24 9.25 -6.86
C ASP A 107 13.26 7.78 -7.27
N VAL A 108 13.02 6.90 -6.29
CA VAL A 108 13.01 5.46 -6.51
C VAL A 108 12.22 5.11 -7.77
N GLU A 109 12.70 4.09 -8.49
CA GLU A 109 12.05 3.67 -9.71
C GLU A 109 10.66 3.10 -9.43
N ILE A 110 9.77 3.34 -10.37
CA ILE A 110 8.40 2.85 -10.26
C ILE A 110 8.05 1.99 -11.47
N ARG A 111 8.14 0.68 -11.29
CA ARG A 111 7.85 -0.26 -12.36
C ARG A 111 6.42 -0.80 -12.28
N LEU A 112 5.57 -0.31 -13.17
CA LEU A 112 4.17 -0.73 -13.20
C LEU A 112 3.94 -1.78 -14.28
N SER A 113 3.47 -2.95 -13.87
CA SER A 113 3.20 -4.04 -14.81
C SER A 113 2.13 -3.63 -15.82
N HIS A 114 1.46 -4.62 -16.42
CA HIS A 114 0.42 -4.34 -17.39
C HIS A 114 -0.94 -4.18 -16.71
N GLU A 115 -0.92 -3.90 -15.41
CA GLU A 115 -2.15 -3.72 -14.65
C GLU A 115 -2.36 -2.25 -14.31
N HIS A 116 -1.29 -1.59 -13.87
CA HIS A 116 -1.34 -0.17 -13.51
C HIS A 116 -0.85 0.70 -14.66
N GLN A 117 -1.60 1.74 -14.97
CA GLN A 117 -1.26 2.64 -16.06
C GLN A 117 -0.45 3.84 -15.56
N ALA A 118 -0.57 4.14 -14.28
CA ALA A 118 0.15 5.27 -13.69
C ALA A 118 0.19 5.19 -12.17
N TYR A 119 1.05 6.01 -11.59
CA TYR A 119 1.21 6.05 -10.13
C TYR A 119 1.35 7.49 -9.65
N ARG A 120 1.39 7.68 -8.34
CA ARG A 120 1.53 9.02 -7.77
C ARG A 120 2.04 8.97 -6.34
N TRP A 121 2.60 10.10 -5.90
CA TRP A 121 3.12 10.22 -4.55
C TRP A 121 2.46 11.39 -3.85
N LEU A 122 1.56 11.09 -2.91
CA LEU A 122 0.83 12.12 -2.20
C LEU A 122 0.74 11.81 -0.71
N GLY A 123 0.36 12.83 0.07
CA GLY A 123 0.24 12.65 1.51
C GLY A 123 -1.01 11.88 1.88
N LEU A 124 -1.53 12.14 3.07
CA LEU A 124 -2.72 11.46 3.55
C LEU A 124 -3.98 12.01 2.89
N GLU A 125 -4.05 13.32 2.76
CA GLU A 125 -5.21 13.98 2.15
C GLU A 125 -5.39 13.56 0.70
N GLU A 126 -4.34 13.67 -0.10
CA GLU A 126 -4.41 13.31 -1.51
C GLU A 126 -4.56 11.80 -1.66
N ALA A 127 -3.78 11.05 -0.90
CA ALA A 127 -3.85 9.60 -0.95
C ALA A 127 -5.27 9.15 -0.61
N CYS A 128 -5.92 9.94 0.23
CA CYS A 128 -7.29 9.66 0.65
C CYS A 128 -8.28 10.21 -0.39
N GLN A 129 -7.90 11.32 -1.02
CA GLN A 129 -8.75 11.94 -2.04
C GLN A 129 -8.91 11.01 -3.24
N LEU A 130 -7.81 10.42 -3.69
CA LEU A 130 -7.86 9.50 -4.82
C LEU A 130 -8.42 8.17 -4.38
N ALA A 131 -7.95 7.68 -3.22
CA ALA A 131 -8.44 6.43 -2.67
C ALA A 131 -9.79 6.65 -1.99
N GLN A 132 -10.73 7.20 -2.75
CA GLN A 132 -12.08 7.49 -2.26
C GLN A 132 -12.58 6.39 -1.34
N PHE A 133 -12.17 5.17 -1.65
CA PHE A 133 -12.58 4.02 -0.88
C PHE A 133 -12.21 4.19 0.59
N LYS A 134 -13.23 4.19 1.45
CA LYS A 134 -13.04 4.36 2.88
C LYS A 134 -11.90 3.50 3.41
N GLU A 135 -11.96 2.22 3.07
CA GLU A 135 -10.96 1.26 3.50
C GLU A 135 -9.54 1.80 3.29
N MET A 136 -9.23 2.20 2.07
CA MET A 136 -7.91 2.72 1.76
C MET A 136 -7.62 4.00 2.54
N LYS A 137 -8.58 4.90 2.56
CA LYS A 137 -8.43 6.16 3.27
C LYS A 137 -7.94 5.88 4.69
N ALA A 138 -8.52 4.86 5.30
CA ALA A 138 -8.16 4.47 6.66
C ALA A 138 -6.77 3.84 6.68
N ALA A 139 -6.53 2.91 5.76
CA ALA A 139 -5.23 2.24 5.68
C ALA A 139 -4.11 3.28 5.62
N LEU A 140 -4.33 4.32 4.83
CA LEU A 140 -3.37 5.40 4.69
C LEU A 140 -3.47 6.34 5.88
N GLN A 141 -4.68 6.47 6.42
CA GLN A 141 -4.93 7.34 7.57
C GLN A 141 -4.16 6.84 8.79
N GLU A 142 -4.31 5.55 9.08
CA GLU A 142 -3.66 4.94 10.22
C GLU A 142 -2.15 4.80 9.97
N GLY A 143 -1.77 4.70 8.70
CA GLY A 143 -0.37 4.58 8.36
C GLY A 143 0.45 5.75 8.85
N HIS A 144 -0.03 6.96 8.55
CA HIS A 144 0.66 8.18 8.97
C HIS A 144 0.47 8.42 10.47
N GLN A 145 -0.66 7.95 11.00
CA GLN A 145 -0.96 8.10 12.42
C GLN A 145 -0.02 7.29 13.28
N PHE A 146 0.11 6.01 12.97
CA PHE A 146 0.98 5.11 13.73
C PHE A 146 2.44 5.56 13.63
N LEU A 147 2.92 5.75 12.41
CA LEU A 147 4.30 6.15 12.17
C LEU A 147 4.64 7.43 12.93
N CYS A 148 3.64 8.27 13.16
CA CYS A 148 3.85 9.52 13.89
C CYS A 148 3.98 9.26 15.39
N SER A 149 3.67 8.03 15.81
CA SER A 149 3.75 7.66 17.21
C SER A 149 5.09 7.01 17.54
N ILE A 150 5.88 6.68 16.53
CA ILE A 150 7.17 6.05 16.74
C ILE A 150 8.23 7.12 17.05
N GLU A 151 9.41 7.00 16.44
CA GLU A 151 10.48 7.96 16.66
C GLU A 151 11.57 7.80 15.61
N ALA A 152 12.30 6.70 15.68
CA ALA A 152 13.37 6.42 14.73
C ALA A 152 13.98 5.05 14.98
N LEU A 153 14.60 4.87 16.15
CA LEU A 153 15.22 3.61 16.51
C LEU A 153 16.35 3.27 15.55
N GLY A 1 -12.18 -24.92 8.84
CA GLY A 1 -10.85 -25.44 8.57
C GLY A 1 -10.84 -26.26 7.30
N PRO A 2 -11.92 -27.01 7.06
CA PRO A 2 -12.09 -27.84 5.88
C PRO A 2 -12.34 -26.97 4.67
N LEU A 3 -11.77 -27.36 3.53
CA LEU A 3 -11.94 -26.61 2.30
C LEU A 3 -11.43 -25.18 2.46
N GLY A 4 -11.26 -24.49 1.34
CA GLY A 4 -10.77 -23.12 1.39
C GLY A 4 -11.04 -22.36 0.11
N SER A 5 -12.16 -21.63 0.08
CA SER A 5 -12.52 -20.84 -1.09
C SER A 5 -13.29 -19.59 -0.68
N MET A 6 -13.22 -19.24 0.59
CA MET A 6 -13.91 -18.06 1.11
C MET A 6 -13.04 -16.81 0.95
N ALA A 7 -13.52 -15.87 0.16
CA ALA A 7 -12.81 -14.62 -0.07
C ALA A 7 -11.44 -14.87 -0.70
N LEU A 8 -10.81 -13.79 -1.13
CA LEU A 8 -9.50 -13.86 -1.75
C LEU A 8 -8.42 -13.29 -0.83
N ARG A 9 -7.36 -14.08 -0.61
CA ARG A 9 -6.26 -13.65 0.25
C ARG A 9 -5.33 -12.70 -0.50
N ALA A 10 -5.24 -11.46 -0.03
CA ALA A 10 -4.38 -10.47 -0.67
C ALA A 10 -3.53 -9.72 0.35
N CYS A 11 -2.56 -8.98 -0.15
CA CYS A 11 -1.66 -8.21 0.71
C CYS A 11 -1.05 -7.02 -0.04
N GLY A 12 -1.24 -5.83 0.51
CA GLY A 12 -0.70 -4.64 -0.10
C GLY A 12 0.38 -4.01 0.76
N LEU A 13 1.01 -2.94 0.27
CA LEU A 13 2.07 -2.29 1.04
C LEU A 13 1.86 -0.78 1.15
N ILE A 14 1.76 -0.29 2.38
CA ILE A 14 1.62 1.14 2.61
C ILE A 14 3.00 1.78 2.53
N ILE A 15 3.34 2.23 1.34
CA ILE A 15 4.65 2.81 1.11
C ILE A 15 4.67 4.28 1.47
N PHE A 16 5.74 4.69 2.14
CA PHE A 16 5.87 6.07 2.58
C PHE A 16 7.34 6.48 2.63
N ARG A 17 7.66 7.64 2.05
CA ARG A 17 9.03 8.12 2.07
C ARG A 17 9.27 8.97 3.32
N ARG A 18 10.11 8.48 4.21
CA ARG A 18 10.42 9.20 5.44
C ARG A 18 11.62 10.11 5.28
N CYS A 19 11.49 11.34 5.77
CA CYS A 19 12.56 12.32 5.68
C CYS A 19 13.30 12.39 7.01
N LEU A 20 14.54 12.89 6.98
CA LEU A 20 15.33 13.00 8.20
C LEU A 20 14.65 13.88 9.23
N ILE A 21 14.81 15.20 9.11
CA ILE A 21 14.21 16.13 10.05
C ILE A 21 13.22 17.06 9.34
N PRO A 22 12.15 17.49 10.06
CA PRO A 22 11.14 18.39 9.50
C PRO A 22 11.68 19.80 9.26
N LYS A 23 10.98 20.55 8.41
CA LYS A 23 11.39 21.92 8.10
C LYS A 23 10.41 22.92 8.70
N VAL A 24 9.17 22.87 8.25
CA VAL A 24 8.12 23.77 8.73
C VAL A 24 7.26 23.09 9.78
N ASP A 25 7.23 21.76 9.73
CA ASP A 25 6.44 20.94 10.67
C ASP A 25 5.04 20.71 10.12
N ASN A 26 4.93 20.58 8.80
CA ASN A 26 3.66 20.34 8.14
C ASN A 26 3.69 19.02 7.38
N ASN A 27 4.32 19.04 6.21
CA ASN A 27 4.44 17.84 5.39
C ASN A 27 5.76 17.14 5.68
N ALA A 28 5.82 15.85 5.41
CA ALA A 28 7.04 15.08 5.65
C ALA A 28 6.99 13.72 5.00
N ILE A 29 5.89 13.00 5.20
CA ILE A 29 5.74 11.67 4.62
C ILE A 29 4.70 11.64 3.50
N GLU A 30 4.99 10.83 2.49
CA GLU A 30 4.12 10.65 1.34
C GLU A 30 3.77 9.19 1.17
N PHE A 31 2.85 8.87 0.26
CA PHE A 31 2.45 7.48 0.04
C PHE A 31 2.42 7.12 -1.44
N LEU A 32 3.01 5.97 -1.79
CA LEU A 32 3.03 5.52 -3.18
C LEU A 32 1.65 4.99 -3.57
N LEU A 33 1.19 5.39 -4.75
CA LEU A 33 -0.11 4.97 -5.24
C LEU A 33 -0.04 4.55 -6.70
N LEU A 34 -0.67 3.41 -7.02
CA LEU A 34 -0.69 2.90 -8.38
C LEU A 34 -2.10 2.98 -8.95
N GLN A 35 -2.33 3.97 -9.80
CA GLN A 35 -3.65 4.16 -10.41
C GLN A 35 -4.05 2.96 -11.26
N ALA A 36 -5.29 2.53 -11.09
CA ALA A 36 -5.82 1.40 -11.84
C ALA A 36 -5.89 1.72 -13.33
N SER A 37 -5.39 0.80 -14.15
CA SER A 37 -5.39 1.00 -15.60
C SER A 37 -6.70 0.58 -16.23
N ASP A 38 -7.71 0.30 -15.39
CA ASP A 38 -9.02 -0.11 -15.86
C ASP A 38 -10.09 0.18 -14.81
N GLY A 39 -11.29 -0.34 -15.04
CA GLY A 39 -12.37 -0.14 -14.10
C GLY A 39 -12.89 1.29 -14.11
N ILE A 40 -12.83 1.94 -12.95
CA ILE A 40 -13.30 3.31 -12.82
C ILE A 40 -12.13 4.30 -12.82
N HIS A 41 -10.93 3.82 -13.15
CA HIS A 41 -9.74 4.67 -13.16
C HIS A 41 -9.50 5.19 -11.74
N HIS A 42 -9.49 4.27 -10.80
CA HIS A 42 -9.29 4.58 -9.39
C HIS A 42 -7.85 4.26 -8.97
N TRP A 43 -7.36 5.01 -7.98
CA TRP A 43 -5.99 4.82 -7.50
C TRP A 43 -5.93 3.85 -6.33
N THR A 44 -4.91 3.00 -6.35
CA THR A 44 -4.70 2.03 -5.29
C THR A 44 -3.24 1.59 -5.27
N PRO A 45 -2.64 1.44 -4.07
CA PRO A 45 -1.24 1.02 -3.94
C PRO A 45 -1.02 -0.40 -4.42
N PRO A 46 0.24 -0.87 -4.44
CA PRO A 46 0.58 -2.22 -4.88
C PRO A 46 -0.11 -3.30 -4.04
N LYS A 47 -1.01 -4.03 -4.68
CA LYS A 47 -1.74 -5.11 -4.00
C LYS A 47 -1.35 -6.48 -4.55
N GLY A 48 -1.24 -7.46 -3.68
CA GLY A 48 -0.87 -8.80 -4.11
C GLY A 48 -1.80 -9.86 -3.58
N HIS A 49 -1.69 -11.07 -4.12
CA HIS A 49 -2.54 -12.19 -3.70
C HIS A 49 -1.71 -13.27 -3.01
N VAL A 50 -1.77 -13.29 -1.68
CA VAL A 50 -1.01 -14.26 -0.90
C VAL A 50 -1.54 -15.68 -1.11
N GLU A 51 -0.63 -16.60 -1.41
CA GLU A 51 -0.97 -18.00 -1.65
C GLU A 51 -0.92 -18.79 -0.35
N PRO A 52 -1.36 -20.06 -0.38
CA PRO A 52 -1.38 -20.92 0.81
C PRO A 52 -0.03 -20.95 1.52
N GLY A 53 0.99 -21.46 0.84
CA GLY A 53 2.31 -21.53 1.44
C GLY A 53 3.10 -20.24 1.33
N GLU A 54 2.43 -19.17 0.92
CA GLU A 54 3.09 -17.87 0.79
C GLU A 54 3.03 -17.09 2.09
N ASP A 55 3.90 -16.10 2.22
CA ASP A 55 3.92 -15.26 3.41
C ASP A 55 2.94 -14.12 3.26
N ASP A 56 2.60 -13.48 4.37
CA ASP A 56 1.65 -12.37 4.34
C ASP A 56 2.30 -11.11 3.79
N LEU A 57 3.30 -10.61 4.51
CA LEU A 57 4.00 -9.40 4.09
C LEU A 57 4.68 -9.61 2.75
N GLU A 58 5.29 -10.77 2.56
CA GLU A 58 5.98 -11.09 1.31
C GLU A 58 5.08 -10.80 0.11
N THR A 59 3.84 -11.28 0.18
CA THR A 59 2.88 -11.05 -0.89
C THR A 59 2.78 -9.56 -1.17
N ALA A 60 2.74 -8.78 -0.09
CA ALA A 60 2.68 -7.33 -0.21
C ALA A 60 4.00 -6.79 -0.73
N LEU A 61 5.09 -7.40 -0.29
CA LEU A 61 6.44 -7.02 -0.69
C LEU A 61 6.63 -7.26 -2.19
N ARG A 62 6.34 -8.49 -2.61
CA ARG A 62 6.48 -8.87 -4.01
C ARG A 62 5.53 -8.04 -4.88
N ALA A 63 4.31 -7.83 -4.37
CA ALA A 63 3.34 -7.04 -5.11
C ALA A 63 3.83 -5.61 -5.26
N THR A 64 4.58 -5.15 -4.28
CA THR A 64 5.14 -3.80 -4.31
C THR A 64 6.14 -3.65 -5.45
N GLN A 65 7.07 -4.59 -5.54
CA GLN A 65 8.07 -4.56 -6.60
C GLN A 65 7.47 -5.03 -7.92
N GLU A 66 6.40 -5.80 -7.85
CA GLU A 66 5.73 -6.30 -9.04
C GLU A 66 4.86 -5.24 -9.69
N GLU A 67 4.27 -4.37 -8.85
CA GLU A 67 3.40 -3.32 -9.34
C GLU A 67 4.07 -1.95 -9.24
N ALA A 68 5.13 -1.85 -8.45
CA ALA A 68 5.84 -0.59 -8.29
C ALA A 68 7.34 -0.74 -8.49
N GLY A 69 7.83 -1.96 -8.65
CA GLY A 69 9.24 -2.16 -8.85
C GLY A 69 10.05 -2.00 -7.57
N ILE A 70 9.38 -1.59 -6.48
CA ILE A 70 10.03 -1.41 -5.20
C ILE A 70 9.81 -2.63 -4.31
N GLU A 71 10.89 -3.23 -3.83
CA GLU A 71 10.82 -4.41 -2.98
C GLU A 71 11.24 -4.09 -1.55
N ALA A 72 11.03 -5.04 -0.64
CA ALA A 72 11.39 -4.85 0.76
C ALA A 72 12.80 -4.28 0.92
N GLY A 73 13.69 -4.64 -0.01
CA GLY A 73 15.05 -4.14 0.04
C GLY A 73 15.13 -2.68 -0.32
N GLN A 74 14.16 -2.20 -1.10
CA GLN A 74 14.12 -0.80 -1.52
C GLN A 74 13.24 0.02 -0.58
N LEU A 75 12.69 -0.62 0.46
CA LEU A 75 11.86 0.09 1.43
C LEU A 75 12.12 -0.43 2.84
N THR A 76 11.33 0.05 3.79
CA THR A 76 11.47 -0.36 5.18
C THR A 76 10.10 -0.62 5.79
N ILE A 77 9.74 -1.90 5.85
CA ILE A 77 8.45 -2.31 6.39
C ILE A 77 8.40 -2.09 7.90
N ILE A 78 7.63 -1.08 8.32
CA ILE A 78 7.49 -0.76 9.73
C ILE A 78 6.68 -1.83 10.45
N GLU A 79 7.19 -2.26 11.59
CA GLU A 79 6.54 -3.29 12.38
C GLU A 79 5.58 -2.67 13.40
N GLY A 80 4.54 -3.42 13.75
CA GLY A 80 3.57 -2.93 14.70
C GLY A 80 2.27 -2.54 14.04
N PHE A 81 2.35 -2.18 12.76
CA PHE A 81 1.17 -1.76 12.01
C PHE A 81 0.69 -2.88 11.09
N LYS A 82 -0.55 -3.32 11.30
CA LYS A 82 -1.13 -4.37 10.47
C LYS A 82 -2.63 -4.20 10.36
N ARG A 83 -3.10 -4.13 9.12
CA ARG A 83 -4.52 -3.97 8.84
C ARG A 83 -4.88 -4.66 7.54
N GLU A 84 -6.02 -5.34 7.53
CA GLU A 84 -6.46 -6.03 6.33
C GLU A 84 -7.79 -5.48 5.83
N LEU A 85 -7.80 -4.98 4.61
CA LEU A 85 -9.00 -4.42 4.02
C LEU A 85 -9.85 -5.53 3.39
N ASN A 86 -11.10 -5.63 3.83
CA ASN A 86 -11.99 -6.65 3.33
C ASN A 86 -13.18 -6.04 2.57
N TYR A 87 -13.30 -6.40 1.30
CA TYR A 87 -14.39 -5.91 0.47
C TYR A 87 -14.48 -6.70 -0.82
N VAL A 88 -15.71 -6.96 -1.26
CA VAL A 88 -15.94 -7.70 -2.49
C VAL A 88 -15.82 -6.77 -3.69
N ALA A 89 -14.74 -6.95 -4.46
CA ALA A 89 -14.50 -6.11 -5.62
C ALA A 89 -15.36 -6.50 -6.82
N ARG A 90 -14.78 -7.23 -7.77
CA ARG A 90 -15.52 -7.66 -8.96
C ARG A 90 -16.68 -8.56 -8.58
N ASN A 91 -16.47 -9.42 -7.60
CA ASN A 91 -17.50 -10.34 -7.14
C ASN A 91 -16.94 -11.32 -6.11
N LYS A 92 -15.92 -10.87 -5.38
CA LYS A 92 -15.29 -11.71 -4.37
C LYS A 92 -14.58 -10.83 -3.33
N PRO A 93 -14.83 -11.09 -2.04
CA PRO A 93 -14.23 -10.33 -0.93
C PRO A 93 -12.74 -10.51 -0.85
N LYS A 94 -12.03 -9.42 -0.98
CA LYS A 94 -10.57 -9.44 -0.93
C LYS A 94 -10.04 -8.94 0.41
N THR A 95 -9.18 -9.74 1.02
CA THR A 95 -8.56 -9.37 2.29
C THR A 95 -7.16 -8.87 2.02
N VAL A 96 -6.98 -7.56 2.12
CA VAL A 96 -5.68 -6.96 1.85
C VAL A 96 -4.98 -6.52 3.12
N ILE A 97 -3.94 -7.26 3.51
CA ILE A 97 -3.16 -6.93 4.68
C ILE A 97 -2.08 -5.93 4.31
N TYR A 98 -2.21 -4.71 4.80
CA TYR A 98 -1.26 -3.65 4.47
C TYR A 98 -0.12 -3.58 5.47
N TRP A 99 0.92 -2.84 5.09
CA TRP A 99 2.11 -2.67 5.92
C TRP A 99 2.85 -1.40 5.53
N LEU A 100 3.24 -0.61 6.53
CA LEU A 100 3.96 0.62 6.26
C LEU A 100 5.38 0.33 5.83
N ALA A 101 5.82 0.97 4.76
CA ALA A 101 7.16 0.77 4.25
C ALA A 101 7.79 2.08 3.81
N GLU A 102 9.07 2.25 4.12
CA GLU A 102 9.78 3.47 3.75
C GLU A 102 10.80 3.19 2.66
N VAL A 103 10.52 3.69 1.45
CA VAL A 103 11.41 3.47 0.32
C VAL A 103 12.67 4.30 0.44
N LYS A 104 13.75 3.78 -0.11
CA LYS A 104 15.05 4.43 -0.06
C LYS A 104 15.10 5.67 -0.95
N ASP A 105 14.06 5.89 -1.75
CA ASP A 105 14.03 7.07 -2.63
C ASP A 105 12.61 7.56 -2.87
N TYR A 106 12.35 8.79 -2.45
CA TYR A 106 11.04 9.40 -2.65
C TYR A 106 10.61 9.26 -4.10
N ASP A 107 11.56 9.42 -5.00
CA ASP A 107 11.32 9.28 -6.43
C ASP A 107 11.81 7.93 -6.91
N VAL A 108 11.87 6.97 -5.98
CA VAL A 108 12.30 5.60 -6.26
C VAL A 108 11.68 5.10 -7.57
N GLU A 109 12.31 4.12 -8.19
CA GLU A 109 11.81 3.60 -9.45
C GLU A 109 10.42 3.00 -9.26
N ILE A 110 9.57 3.24 -10.23
CA ILE A 110 8.20 2.74 -10.21
C ILE A 110 7.93 1.88 -11.43
N ARG A 111 8.00 0.57 -11.24
CA ARG A 111 7.79 -0.38 -12.32
C ARG A 111 6.40 -1.02 -12.23
N LEU A 112 5.47 -0.46 -12.99
CA LEU A 112 4.09 -0.96 -13.01
C LEU A 112 3.93 -2.08 -14.02
N SER A 113 3.03 -3.01 -13.73
CA SER A 113 2.78 -4.14 -14.62
C SER A 113 1.71 -3.80 -15.66
N HIS A 114 1.25 -4.80 -16.40
CA HIS A 114 0.23 -4.60 -17.41
C HIS A 114 -1.14 -4.30 -16.80
N GLU A 115 -1.23 -4.39 -15.48
CA GLU A 115 -2.49 -4.12 -14.78
C GLU A 115 -2.58 -2.66 -14.34
N HIS A 116 -1.42 -2.02 -14.19
CA HIS A 116 -1.37 -0.62 -13.78
C HIS A 116 -0.97 0.26 -14.95
N GLN A 117 -1.38 1.53 -14.91
CA GLN A 117 -1.07 2.47 -15.98
C GLN A 117 -0.33 3.71 -15.47
N ALA A 118 -0.45 3.99 -14.18
CA ALA A 118 0.22 5.16 -13.61
C ALA A 118 0.34 5.06 -12.09
N TYR A 119 1.07 6.00 -11.50
CA TYR A 119 1.28 6.04 -10.06
C TYR A 119 1.46 7.48 -9.58
N ARG A 120 1.60 7.66 -8.27
CA ARG A 120 1.79 8.99 -7.71
C ARG A 120 2.26 8.94 -6.26
N TRP A 121 2.78 10.07 -5.80
CA TRP A 121 3.25 10.19 -4.42
C TRP A 121 2.56 11.39 -3.76
N LEU A 122 1.62 11.11 -2.87
CA LEU A 122 0.88 12.16 -2.20
C LEU A 122 0.76 11.91 -0.70
N GLY A 123 0.27 12.92 0.01
CA GLY A 123 0.10 12.81 1.45
C GLY A 123 -1.13 11.99 1.81
N LEU A 124 -1.69 12.25 2.97
CA LEU A 124 -2.88 11.53 3.41
C LEU A 124 -4.14 12.04 2.73
N GLU A 125 -4.26 13.35 2.60
CA GLU A 125 -5.45 13.95 1.98
C GLU A 125 -5.59 13.51 0.52
N GLU A 126 -4.51 13.60 -0.24
CA GLU A 126 -4.53 13.20 -1.64
C GLU A 126 -4.66 11.69 -1.74
N ALA A 127 -3.78 10.97 -1.05
CA ALA A 127 -3.83 9.52 -1.05
C ALA A 127 -5.25 9.04 -0.73
N CYS A 128 -5.96 9.89 0.02
CA CYS A 128 -7.33 9.62 0.41
C CYS A 128 -8.28 10.04 -0.71
N GLN A 129 -7.95 11.15 -1.36
CA GLN A 129 -8.76 11.70 -2.44
C GLN A 129 -8.89 10.67 -3.57
N LEU A 130 -7.78 10.09 -3.98
CA LEU A 130 -7.78 9.09 -5.03
C LEU A 130 -8.28 7.75 -4.50
N ALA A 131 -7.86 7.42 -3.29
CA ALA A 131 -8.27 6.17 -2.66
C ALA A 131 -9.69 6.28 -2.13
N GLN A 132 -10.61 6.64 -3.01
CA GLN A 132 -12.02 6.80 -2.67
C GLN A 132 -12.50 5.72 -1.72
N PHE A 133 -11.98 4.52 -1.90
CA PHE A 133 -12.34 3.39 -1.07
C PHE A 133 -12.06 3.67 0.41
N LYS A 134 -13.10 3.62 1.23
CA LYS A 134 -12.98 3.89 2.66
C LYS A 134 -11.80 3.13 3.26
N GLU A 135 -11.72 1.85 2.94
CA GLU A 135 -10.66 0.99 3.45
C GLU A 135 -9.28 1.60 3.21
N MET A 136 -9.01 1.97 1.95
CA MET A 136 -7.72 2.54 1.60
C MET A 136 -7.45 3.81 2.40
N LYS A 137 -8.49 4.61 2.59
CA LYS A 137 -8.37 5.84 3.34
C LYS A 137 -7.85 5.54 4.74
N ALA A 138 -8.42 4.51 5.35
CA ALA A 138 -8.01 4.09 6.68
C ALA A 138 -6.59 3.54 6.66
N ALA A 139 -6.31 2.69 5.68
CA ALA A 139 -4.98 2.11 5.53
C ALA A 139 -3.94 3.21 5.50
N LEU A 140 -4.23 4.26 4.74
CA LEU A 140 -3.34 5.40 4.62
C LEU A 140 -3.51 6.34 5.83
N GLN A 141 -4.70 6.31 6.42
CA GLN A 141 -5.01 7.15 7.57
C GLN A 141 -4.23 6.72 8.80
N GLU A 142 -4.31 5.42 9.13
CA GLU A 142 -3.59 4.89 10.27
C GLU A 142 -2.11 4.77 9.98
N GLY A 143 -1.78 4.51 8.72
CA GLY A 143 -0.38 4.38 8.33
C GLY A 143 0.44 5.58 8.75
N HIS A 144 -0.06 6.77 8.46
CA HIS A 144 0.61 8.02 8.81
C HIS A 144 0.48 8.30 10.31
N GLN A 145 -0.65 7.87 10.87
CA GLN A 145 -0.93 8.08 12.28
C GLN A 145 0.06 7.30 13.16
N PHE A 146 0.19 6.01 12.89
CA PHE A 146 1.08 5.16 13.67
C PHE A 146 2.52 5.68 13.60
N LEU A 147 3.03 5.86 12.40
CA LEU A 147 4.39 6.33 12.19
C LEU A 147 4.63 7.68 12.87
N CYS A 148 3.59 8.51 12.92
CA CYS A 148 3.70 9.81 13.56
C CYS A 148 4.03 9.67 15.05
N SER A 149 3.82 8.48 15.58
CA SER A 149 4.10 8.21 16.99
C SER A 149 5.49 7.62 17.21
N ILE A 150 6.08 7.08 16.14
CA ILE A 150 7.40 6.49 16.24
C ILE A 150 8.48 7.57 16.22
N GLU A 151 9.51 7.39 15.40
CA GLU A 151 10.59 8.35 15.29
C GLU A 151 11.45 8.08 14.06
N ALA A 152 12.12 6.93 14.06
CA ALA A 152 12.98 6.54 12.94
C ALA A 152 12.93 5.03 12.72
N LEU A 153 13.49 4.28 13.67
CA LEU A 153 13.51 2.82 13.58
C LEU A 153 12.24 2.22 14.19
N GLY A 1 -5.25 -13.76 11.24
CA GLY A 1 -5.19 -14.77 10.19
C GLY A 1 -5.46 -16.15 10.80
N PRO A 2 -6.73 -16.42 11.12
CA PRO A 2 -7.18 -17.67 11.69
C PRO A 2 -7.12 -18.77 10.63
N LEU A 3 -5.92 -19.08 10.15
CA LEU A 3 -5.75 -20.11 9.15
C LEU A 3 -6.56 -19.78 7.89
N GLY A 4 -6.53 -20.69 6.92
CA GLY A 4 -7.27 -20.49 5.69
C GLY A 4 -8.75 -20.36 5.92
N SER A 5 -9.47 -19.84 4.93
CA SER A 5 -10.92 -19.66 5.03
C SER A 5 -11.47 -19.04 3.75
N MET A 6 -12.77 -18.75 3.76
CA MET A 6 -13.41 -18.13 2.60
C MET A 6 -12.71 -16.83 2.24
N ALA A 7 -13.18 -16.19 1.17
CA ALA A 7 -12.59 -14.94 0.73
C ALA A 7 -11.24 -15.20 0.08
N LEU A 8 -10.73 -14.17 -0.58
CA LEU A 8 -9.44 -14.26 -1.24
C LEU A 8 -8.36 -13.57 -0.41
N ARG A 9 -7.23 -14.24 -0.25
CA ARG A 9 -6.12 -13.70 0.52
C ARG A 9 -5.25 -12.77 -0.33
N ALA A 10 -5.11 -11.53 0.13
CA ALA A 10 -4.30 -10.55 -0.58
C ALA A 10 -3.42 -9.77 0.40
N CYS A 11 -2.44 -9.06 -0.14
CA CYS A 11 -1.54 -8.28 0.69
C CYS A 11 -0.94 -7.11 -0.10
N GLY A 12 -1.15 -5.91 0.42
CA GLY A 12 -0.63 -4.72 -0.20
C GLY A 12 0.42 -4.05 0.67
N LEU A 13 1.08 -3.03 0.12
CA LEU A 13 2.11 -2.33 0.89
C LEU A 13 1.85 -0.83 0.90
N ILE A 14 1.62 -0.28 2.09
CA ILE A 14 1.41 1.15 2.22
C ILE A 14 2.77 1.81 2.29
N ILE A 15 3.28 2.19 1.14
CA ILE A 15 4.57 2.82 1.06
C ILE A 15 4.48 4.30 1.39
N PHE A 16 5.53 4.81 2.03
CA PHE A 16 5.56 6.20 2.44
C PHE A 16 6.99 6.74 2.45
N ARG A 17 7.23 7.80 1.68
CA ARG A 17 8.57 8.40 1.64
C ARG A 17 8.77 9.31 2.84
N ARG A 18 9.68 8.93 3.73
CA ARG A 18 9.95 9.73 4.92
C ARG A 18 11.09 10.71 4.68
N CYS A 19 10.74 11.97 4.48
CA CYS A 19 11.73 13.02 4.24
C CYS A 19 12.26 13.55 5.57
N LEU A 20 13.44 14.17 5.53
CA LEU A 20 14.03 14.72 6.74
C LEU A 20 13.14 15.79 7.36
N ILE A 21 13.20 17.01 6.82
CA ILE A 21 12.39 18.11 7.33
C ILE A 21 11.77 18.92 6.20
N PRO A 22 10.65 19.61 6.46
CA PRO A 22 9.98 20.43 5.45
C PRO A 22 10.89 21.53 4.93
N LYS A 23 10.60 22.03 3.72
CA LYS A 23 11.40 23.07 3.12
C LYS A 23 10.56 24.32 2.81
N VAL A 24 9.78 24.26 1.74
CA VAL A 24 8.95 25.39 1.36
C VAL A 24 7.54 24.95 0.99
N ASP A 25 7.45 23.81 0.32
CA ASP A 25 6.15 23.28 -0.11
C ASP A 25 6.25 21.80 -0.43
N ASN A 26 6.64 21.00 0.55
CA ASN A 26 6.76 19.57 0.36
C ASN A 26 6.49 18.82 1.66
N ASN A 27 5.41 18.04 1.65
CA ASN A 27 4.99 17.27 2.82
C ASN A 27 6.13 16.41 3.35
N ALA A 28 5.98 15.96 4.59
CA ALA A 28 6.99 15.12 5.23
C ALA A 28 6.94 13.70 4.67
N ILE A 29 5.78 13.07 4.82
CA ILE A 29 5.60 11.70 4.33
C ILE A 29 4.70 11.67 3.10
N GLU A 30 5.03 10.79 2.16
CA GLU A 30 4.27 10.64 0.93
C GLU A 30 4.02 9.16 0.63
N PHE A 31 2.76 8.79 0.47
CA PHE A 31 2.41 7.40 0.21
C PHE A 31 2.40 7.08 -1.28
N LEU A 32 2.81 5.86 -1.61
CA LEU A 32 2.82 5.42 -3.01
C LEU A 32 1.46 4.85 -3.38
N LEU A 33 0.92 5.31 -4.51
CA LEU A 33 -0.38 4.85 -4.97
C LEU A 33 -0.30 4.41 -6.43
N LEU A 34 -0.99 3.32 -6.75
CA LEU A 34 -0.99 2.79 -8.10
C LEU A 34 -2.41 2.78 -8.68
N GLN A 35 -2.68 3.73 -9.56
CA GLN A 35 -4.00 3.84 -10.18
C GLN A 35 -4.37 2.56 -10.92
N ALA A 36 -5.48 1.94 -10.49
CA ALA A 36 -5.95 0.71 -11.11
C ALA A 36 -6.25 0.93 -12.59
N SER A 37 -5.89 -0.06 -13.41
CA SER A 37 -6.12 0.02 -14.86
C SER A 37 -7.49 -0.56 -15.24
N ASP A 38 -8.36 -0.73 -14.24
CA ASP A 38 -9.69 -1.28 -14.49
C ASP A 38 -10.68 -0.79 -13.44
N GLY A 39 -11.86 -1.41 -13.40
CA GLY A 39 -12.87 -1.02 -12.43
C GLY A 39 -13.23 0.45 -12.54
N ILE A 40 -13.31 1.13 -11.41
CA ILE A 40 -13.64 2.56 -11.41
C ILE A 40 -12.38 3.41 -11.55
N HIS A 41 -11.24 2.76 -11.79
CA HIS A 41 -9.97 3.45 -11.95
C HIS A 41 -9.50 4.11 -10.66
N HIS A 42 -9.81 3.48 -9.53
CA HIS A 42 -9.39 4.00 -8.23
C HIS A 42 -7.89 3.87 -8.06
N TRP A 43 -7.35 4.44 -6.98
CA TRP A 43 -5.92 4.39 -6.71
C TRP A 43 -5.62 3.47 -5.53
N THR A 44 -4.99 2.33 -5.84
CA THR A 44 -4.65 1.35 -4.81
C THR A 44 -3.17 0.95 -4.91
N PRO A 45 -2.42 0.99 -3.79
CA PRO A 45 -1.01 0.61 -3.77
C PRO A 45 -0.78 -0.79 -4.31
N PRO A 46 0.49 -1.24 -4.35
CA PRO A 46 0.83 -2.57 -4.86
C PRO A 46 0.05 -3.67 -4.16
N LYS A 47 -1.01 -4.15 -4.80
CA LYS A 47 -1.83 -5.20 -4.23
C LYS A 47 -1.47 -6.56 -4.82
N GLY A 48 -1.47 -7.58 -3.97
CA GLY A 48 -1.13 -8.91 -4.42
C GLY A 48 -1.99 -9.97 -3.76
N HIS A 49 -1.98 -11.17 -4.33
CA HIS A 49 -2.76 -12.28 -3.80
C HIS A 49 -1.85 -13.24 -3.03
N VAL A 50 -2.04 -13.29 -1.71
CA VAL A 50 -1.23 -14.17 -0.87
C VAL A 50 -1.83 -15.57 -0.80
N GLU A 51 -0.97 -16.57 -0.97
CA GLU A 51 -1.38 -17.96 -0.93
C GLU A 51 -1.30 -18.50 0.49
N PRO A 52 -2.16 -19.48 0.84
CA PRO A 52 -2.19 -20.06 2.19
C PRO A 52 -0.83 -20.56 2.65
N GLY A 53 0.05 -20.86 1.70
CA GLY A 53 1.38 -21.33 2.03
C GLY A 53 2.43 -20.25 1.91
N GLU A 54 2.05 -19.12 1.31
CA GLU A 54 2.97 -18.00 1.13
C GLU A 54 2.99 -17.13 2.39
N ASP A 55 3.97 -16.25 2.48
CA ASP A 55 4.09 -15.37 3.64
C ASP A 55 3.12 -14.19 3.50
N ASP A 56 2.80 -13.57 4.63
CA ASP A 56 1.88 -12.45 4.65
C ASP A 56 2.50 -11.19 4.05
N LEU A 57 3.53 -10.66 4.72
CA LEU A 57 4.20 -9.46 4.24
C LEU A 57 4.86 -9.68 2.89
N GLU A 58 5.43 -10.87 2.70
CA GLU A 58 6.10 -11.20 1.44
C GLU A 58 5.21 -10.87 0.27
N THR A 59 3.97 -11.35 0.31
CA THR A 59 3.03 -11.09 -0.76
C THR A 59 2.92 -9.58 -1.00
N ALA A 60 2.79 -8.84 0.10
CA ALA A 60 2.71 -7.39 0.01
C ALA A 60 4.03 -6.82 -0.49
N LEU A 61 5.12 -7.52 -0.19
CA LEU A 61 6.46 -7.10 -0.61
C LEU A 61 6.65 -7.35 -2.10
N ARG A 62 6.38 -8.58 -2.51
CA ARG A 62 6.51 -8.98 -3.91
C ARG A 62 5.61 -8.12 -4.79
N ALA A 63 4.38 -7.90 -4.34
CA ALA A 63 3.43 -7.08 -5.08
C ALA A 63 3.97 -5.65 -5.24
N THR A 64 4.71 -5.21 -4.23
CA THR A 64 5.30 -3.87 -4.25
C THR A 64 6.26 -3.74 -5.42
N GLN A 65 7.20 -4.66 -5.51
CA GLN A 65 8.17 -4.66 -6.59
C GLN A 65 7.54 -5.14 -7.89
N GLU A 66 6.45 -5.88 -7.78
CA GLU A 66 5.75 -6.38 -8.97
C GLU A 66 4.86 -5.30 -9.57
N GLU A 67 4.20 -4.52 -8.70
CA GLU A 67 3.31 -3.47 -9.14
C GLU A 67 3.93 -2.07 -8.98
N ALA A 68 5.18 -2.02 -8.51
CA ALA A 68 5.86 -0.75 -8.32
C ALA A 68 7.36 -0.85 -8.56
N GLY A 69 7.87 -2.07 -8.65
CA GLY A 69 9.29 -2.23 -8.88
C GLY A 69 10.12 -2.03 -7.61
N ILE A 70 9.46 -1.59 -6.54
CA ILE A 70 10.13 -1.37 -5.28
C ILE A 70 9.98 -2.59 -4.36
N GLU A 71 11.10 -3.15 -3.94
CA GLU A 71 11.09 -4.32 -3.07
C GLU A 71 11.44 -3.93 -1.64
N ALA A 72 11.21 -4.86 -0.70
CA ALA A 72 11.51 -4.62 0.71
C ALA A 72 12.90 -4.02 0.89
N GLY A 73 13.83 -4.45 0.06
CA GLY A 73 15.19 -3.93 0.14
C GLY A 73 15.27 -2.48 -0.29
N GLN A 74 14.31 -2.06 -1.10
CA GLN A 74 14.26 -0.69 -1.59
C GLN A 74 13.37 0.18 -0.72
N LEU A 75 12.69 -0.44 0.25
CA LEU A 75 11.83 0.29 1.16
C LEU A 75 12.10 -0.14 2.59
N THR A 76 11.25 0.31 3.51
CA THR A 76 11.40 -0.02 4.92
C THR A 76 10.06 -0.35 5.55
N ILE A 77 9.79 -1.64 5.70
CA ILE A 77 8.53 -2.09 6.28
C ILE A 77 8.50 -1.84 7.78
N ILE A 78 7.68 -0.90 8.22
CA ILE A 78 7.56 -0.57 9.63
C ILE A 78 6.84 -1.69 10.37
N GLU A 79 7.36 -2.04 11.54
CA GLU A 79 6.77 -3.10 12.35
C GLU A 79 5.79 -2.54 13.38
N GLY A 80 4.78 -3.33 13.72
CA GLY A 80 3.80 -2.91 14.69
C GLY A 80 2.49 -2.47 14.05
N PHE A 81 2.53 -2.23 12.74
CA PHE A 81 1.34 -1.81 12.01
C PHE A 81 0.78 -2.95 11.17
N LYS A 82 -0.54 -3.11 11.22
CA LYS A 82 -1.21 -4.16 10.46
C LYS A 82 -2.68 -3.83 10.22
N ARG A 83 -3.14 -4.10 9.01
CA ARG A 83 -4.53 -3.86 8.64
C ARG A 83 -4.86 -4.57 7.33
N GLU A 84 -6.07 -5.10 7.23
CA GLU A 84 -6.48 -5.79 6.02
C GLU A 84 -7.86 -5.33 5.56
N LEU A 85 -7.94 -4.92 4.30
CA LEU A 85 -9.20 -4.46 3.74
C LEU A 85 -9.98 -5.62 3.12
N ASN A 86 -11.15 -5.90 3.67
CA ASN A 86 -11.98 -7.00 3.20
C ASN A 86 -13.28 -6.51 2.56
N TYR A 87 -13.53 -6.95 1.34
CA TYR A 87 -14.75 -6.58 0.62
C TYR A 87 -14.94 -7.44 -0.62
N VAL A 88 -16.18 -7.80 -0.90
CA VAL A 88 -16.50 -8.61 -2.06
C VAL A 88 -16.65 -7.72 -3.30
N ALA A 89 -15.72 -7.83 -4.23
CA ALA A 89 -15.76 -7.03 -5.44
C ALA A 89 -16.89 -7.46 -6.37
N ARG A 90 -16.58 -8.33 -7.33
CA ARG A 90 -17.59 -8.81 -8.27
C ARG A 90 -18.43 -9.91 -7.65
N ASN A 91 -17.80 -10.75 -6.86
CA ASN A 91 -18.49 -11.85 -6.18
C ASN A 91 -17.54 -12.64 -5.28
N LYS A 92 -16.49 -11.97 -4.80
CA LYS A 92 -15.52 -12.62 -3.93
C LYS A 92 -14.81 -11.58 -3.05
N PRO A 93 -14.90 -11.75 -1.71
CA PRO A 93 -14.27 -10.84 -0.74
C PRO A 93 -12.76 -10.96 -0.71
N LYS A 94 -12.09 -9.87 -1.05
CA LYS A 94 -10.64 -9.84 -1.07
C LYS A 94 -10.06 -9.25 0.21
N THR A 95 -9.17 -10.02 0.86
CA THR A 95 -8.52 -9.56 2.07
C THR A 95 -7.18 -8.93 1.73
N VAL A 96 -7.08 -7.62 1.87
CA VAL A 96 -5.85 -6.93 1.54
C VAL A 96 -5.14 -6.42 2.78
N ILE A 97 -4.03 -7.06 3.13
CA ILE A 97 -3.25 -6.66 4.29
C ILE A 97 -2.26 -5.59 3.88
N TYR A 98 -2.25 -4.48 4.62
CA TYR A 98 -1.36 -3.38 4.29
C TYR A 98 -0.29 -3.15 5.35
N TRP A 99 0.93 -2.91 4.89
CA TRP A 99 2.05 -2.65 5.78
C TRP A 99 2.70 -1.32 5.44
N LEU A 100 3.20 -0.63 6.45
CA LEU A 100 3.85 0.66 6.23
C LEU A 100 5.26 0.45 5.71
N ALA A 101 5.58 1.07 4.58
CA ALA A 101 6.90 0.94 3.98
C ALA A 101 7.48 2.29 3.58
N GLU A 102 8.79 2.41 3.65
CA GLU A 102 9.46 3.66 3.30
C GLU A 102 10.56 3.41 2.27
N VAL A 103 10.36 3.90 1.05
CA VAL A 103 11.33 3.71 -0.02
C VAL A 103 12.57 4.57 0.22
N LYS A 104 13.73 3.93 0.13
CA LYS A 104 15.02 4.61 0.39
C LYS A 104 15.30 5.70 -0.62
N ASP A 105 14.70 5.61 -1.81
CA ASP A 105 14.93 6.60 -2.85
C ASP A 105 13.74 7.52 -3.05
N TYR A 106 14.01 8.82 -3.05
CA TYR A 106 12.96 9.82 -3.25
C TYR A 106 12.41 9.71 -4.67
N ASP A 107 13.30 9.43 -5.61
CA ASP A 107 12.92 9.28 -7.00
C ASP A 107 12.96 7.81 -7.40
N VAL A 108 12.78 6.93 -6.41
CA VAL A 108 12.78 5.49 -6.62
C VAL A 108 11.99 5.12 -7.88
N GLU A 109 12.43 4.08 -8.57
CA GLU A 109 11.76 3.64 -9.78
C GLU A 109 10.42 3.00 -9.48
N ILE A 110 9.46 3.26 -10.35
CA ILE A 110 8.12 2.71 -10.22
C ILE A 110 7.77 1.85 -11.41
N ARG A 111 7.93 0.54 -11.25
CA ARG A 111 7.65 -0.42 -12.31
C ARG A 111 6.24 -0.99 -12.19
N LEU A 112 5.35 -0.48 -13.04
CA LEU A 112 3.96 -0.93 -13.04
C LEU A 112 3.72 -1.94 -14.17
N SER A 113 2.95 -2.98 -13.88
CA SER A 113 2.63 -4.00 -14.86
C SER A 113 1.30 -3.69 -15.54
N HIS A 114 0.63 -4.73 -16.06
CA HIS A 114 -0.66 -4.56 -16.74
C HIS A 114 -1.80 -4.47 -15.73
N GLU A 115 -1.47 -4.17 -14.48
CA GLU A 115 -2.49 -4.05 -13.43
C GLU A 115 -2.76 -2.59 -13.11
N HIS A 116 -1.72 -1.77 -13.17
CA HIS A 116 -1.85 -0.34 -12.89
C HIS A 116 -1.51 0.49 -14.11
N GLN A 117 -2.28 1.55 -14.34
CA GLN A 117 -2.05 2.44 -15.47
C GLN A 117 -1.16 3.61 -15.09
N ALA A 118 -1.01 3.85 -13.79
CA ALA A 118 -0.18 4.95 -13.31
C ALA A 118 -0.02 4.91 -11.79
N TYR A 119 0.77 5.83 -11.26
CA TYR A 119 1.01 5.90 -9.83
C TYR A 119 1.22 7.34 -9.39
N ARG A 120 1.25 7.58 -8.07
CA ARG A 120 1.45 8.92 -7.55
C ARG A 120 1.93 8.89 -6.10
N TRP A 121 2.65 9.95 -5.73
CA TRP A 121 3.17 10.08 -4.36
C TRP A 121 2.49 11.27 -3.68
N LEU A 122 1.60 10.98 -2.74
CA LEU A 122 0.87 12.03 -2.04
C LEU A 122 0.78 11.74 -0.55
N GLY A 123 0.37 12.76 0.21
CA GLY A 123 0.22 12.60 1.64
C GLY A 123 -1.03 11.81 2.00
N LEU A 124 -1.58 12.05 3.17
CA LEU A 124 -2.78 11.34 3.60
C LEU A 124 -4.02 11.91 2.91
N GLU A 125 -4.12 13.24 2.87
CA GLU A 125 -5.26 13.90 2.25
C GLU A 125 -5.42 13.49 0.79
N GLU A 126 -4.35 13.58 0.02
CA GLU A 126 -4.40 13.21 -1.39
C GLU A 126 -4.54 11.72 -1.54
N ALA A 127 -3.74 10.96 -0.80
CA ALA A 127 -3.81 9.52 -0.86
C ALA A 127 -5.23 9.06 -0.54
N CYS A 128 -5.91 9.85 0.28
CA CYS A 128 -7.28 9.58 0.67
C CYS A 128 -8.25 10.13 -0.37
N GLN A 129 -7.85 11.20 -1.05
CA GLN A 129 -8.68 11.82 -2.07
C GLN A 129 -8.86 10.88 -3.26
N LEU A 130 -7.77 10.25 -3.66
CA LEU A 130 -7.80 9.31 -4.77
C LEU A 130 -8.40 7.99 -4.33
N ALA A 131 -7.96 7.52 -3.16
CA ALA A 131 -8.47 6.28 -2.60
C ALA A 131 -9.82 6.55 -1.93
N GLN A 132 -10.74 7.08 -2.72
CA GLN A 132 -12.09 7.42 -2.26
C GLN A 132 -12.65 6.38 -1.29
N PHE A 133 -12.29 5.13 -1.53
CA PHE A 133 -12.75 4.04 -0.70
C PHE A 133 -12.34 4.24 0.75
N LYS A 134 -13.33 4.24 1.65
CA LYS A 134 -13.08 4.44 3.09
C LYS A 134 -11.91 3.59 3.55
N GLU A 135 -12.00 2.30 3.28
CA GLU A 135 -10.95 1.35 3.64
C GLU A 135 -9.55 1.88 3.30
N MET A 136 -9.34 2.20 2.03
CA MET A 136 -8.05 2.70 1.58
C MET A 136 -7.69 3.98 2.31
N LYS A 137 -8.70 4.80 2.58
CA LYS A 137 -8.49 6.04 3.30
C LYS A 137 -7.98 5.74 4.69
N ALA A 138 -8.52 4.67 5.27
CA ALA A 138 -8.12 4.22 6.60
C ALA A 138 -6.70 3.65 6.56
N ALA A 139 -6.42 2.82 5.57
CA ALA A 139 -5.10 2.23 5.43
C ALA A 139 -4.03 3.31 5.46
N LEU A 140 -4.27 4.38 4.72
CA LEU A 140 -3.35 5.51 4.67
C LEU A 140 -3.50 6.35 5.93
N GLN A 141 -4.70 6.36 6.49
CA GLN A 141 -4.99 7.14 7.70
C GLN A 141 -4.15 6.65 8.87
N GLU A 142 -4.20 5.35 9.11
CA GLU A 142 -3.45 4.75 10.21
C GLU A 142 -1.95 4.77 9.92
N GLY A 143 -1.59 4.71 8.63
CA GLY A 143 -0.20 4.71 8.24
C GLY A 143 0.55 5.89 8.83
N HIS A 144 0.02 7.09 8.65
CA HIS A 144 0.64 8.30 9.17
C HIS A 144 0.37 8.43 10.67
N GLN A 145 -0.75 7.89 11.11
CA GLN A 145 -1.12 7.95 12.52
C GLN A 145 -0.15 7.16 13.37
N PHE A 146 0.07 5.90 13.01
CA PHE A 146 0.97 5.02 13.73
C PHE A 146 2.39 5.60 13.74
N LEU A 147 2.91 5.87 12.55
CA LEU A 147 4.26 6.42 12.40
C LEU A 147 4.44 7.69 13.21
N CYS A 148 3.39 8.50 13.28
CA CYS A 148 3.44 9.75 14.03
C CYS A 148 3.59 9.48 15.53
N SER A 149 3.37 8.23 15.93
CA SER A 149 3.48 7.84 17.33
C SER A 149 4.84 7.22 17.63
N ILE A 150 5.54 6.76 16.59
CA ILE A 150 6.84 6.15 16.77
C ILE A 150 7.92 7.22 17.00
N GLU A 151 9.01 7.14 16.26
CA GLU A 151 10.10 8.10 16.40
C GLU A 151 11.09 7.95 15.25
N ALA A 152 11.64 6.74 15.12
CA ALA A 152 12.60 6.45 14.05
C ALA A 152 12.55 4.98 13.66
N LEU A 153 12.30 4.11 14.65
CA LEU A 153 12.22 2.68 14.39
C LEU A 153 11.09 2.35 13.42
N GLY A 1 -4.56 -18.21 -9.93
CA GLY A 1 -5.67 -17.76 -9.11
C GLY A 1 -5.72 -18.58 -7.83
N PRO A 2 -5.40 -17.94 -6.70
CA PRO A 2 -5.39 -18.55 -5.38
C PRO A 2 -6.83 -18.77 -4.92
N LEU A 3 -7.61 -19.47 -5.74
CA LEU A 3 -9.01 -19.76 -5.41
C LEU A 3 -9.10 -20.87 -4.35
N GLY A 4 -9.73 -20.54 -3.22
CA GLY A 4 -9.88 -21.51 -2.16
C GLY A 4 -10.36 -20.89 -0.86
N SER A 5 -11.21 -21.62 -0.14
CA SER A 5 -11.73 -21.14 1.13
C SER A 5 -12.56 -19.87 0.95
N MET A 6 -13.05 -19.32 2.06
CA MET A 6 -13.85 -18.11 2.02
C MET A 6 -12.99 -16.89 1.73
N ALA A 7 -13.42 -16.07 0.79
CA ALA A 7 -12.68 -14.87 0.41
C ALA A 7 -11.32 -15.22 -0.15
N LEU A 8 -10.67 -14.23 -0.74
CA LEU A 8 -9.35 -14.41 -1.31
C LEU A 8 -8.28 -13.73 -0.44
N ARG A 9 -7.15 -14.40 -0.30
CA ARG A 9 -6.04 -13.87 0.51
C ARG A 9 -5.20 -12.90 -0.30
N ALA A 10 -5.16 -11.65 0.15
CA ALA A 10 -4.38 -10.62 -0.53
C ALA A 10 -3.48 -9.88 0.45
N CYS A 11 -2.52 -9.13 -0.10
CA CYS A 11 -1.61 -8.36 0.74
C CYS A 11 -0.99 -7.21 -0.04
N GLY A 12 -1.14 -6.01 0.49
CA GLY A 12 -0.59 -4.83 -0.15
C GLY A 12 0.43 -4.13 0.72
N LEU A 13 1.09 -3.13 0.16
CA LEU A 13 2.10 -2.38 0.92
C LEU A 13 1.82 -0.89 0.89
N ILE A 14 1.58 -0.32 2.08
CA ILE A 14 1.35 1.12 2.18
C ILE A 14 2.69 1.80 2.27
N ILE A 15 3.23 2.16 1.13
CA ILE A 15 4.52 2.81 1.07
C ILE A 15 4.42 4.28 1.42
N PHE A 16 5.40 4.74 2.18
CA PHE A 16 5.45 6.11 2.64
C PHE A 16 6.89 6.61 2.67
N ARG A 17 7.18 7.67 1.94
CA ARG A 17 8.54 8.21 1.92
C ARG A 17 8.73 9.21 3.06
N ARG A 18 9.65 8.90 3.94
CA ARG A 18 9.94 9.75 5.09
C ARG A 18 11.07 10.73 4.79
N CYS A 19 10.73 12.02 4.76
CA CYS A 19 11.70 13.07 4.49
C CYS A 19 12.56 13.32 5.73
N LEU A 20 13.73 13.94 5.53
CA LEU A 20 14.62 14.22 6.64
C LEU A 20 13.95 15.13 7.67
N ILE A 21 14.18 16.43 7.58
CA ILE A 21 13.57 17.38 8.52
C ILE A 21 12.47 18.18 7.84
N PRO A 22 11.48 18.67 8.63
CA PRO A 22 10.37 19.46 8.10
C PRO A 22 10.84 20.82 7.57
N LYS A 23 10.07 21.37 6.64
CA LYS A 23 10.40 22.66 6.05
C LYS A 23 9.22 23.62 6.11
N VAL A 24 8.32 23.49 5.14
CA VAL A 24 7.13 24.34 5.08
C VAL A 24 5.99 23.76 5.90
N ASP A 25 6.17 22.55 6.42
CA ASP A 25 5.14 21.90 7.22
C ASP A 25 3.90 21.63 6.38
N ASN A 26 4.10 21.07 5.19
CA ASN A 26 3.00 20.77 4.29
C ASN A 26 2.70 19.28 4.26
N ASN A 27 3.73 18.48 3.95
CA ASN A 27 3.58 17.04 3.88
C ASN A 27 4.94 16.35 4.03
N ALA A 28 5.26 15.95 5.25
CA ALA A 28 6.53 15.29 5.52
C ALA A 28 6.60 13.91 4.88
N ILE A 29 5.51 13.16 4.99
CA ILE A 29 5.46 11.81 4.43
C ILE A 29 4.51 11.73 3.23
N GLU A 30 4.90 10.94 2.24
CA GLU A 30 4.11 10.74 1.05
C GLU A 30 3.97 9.25 0.75
N PHE A 31 2.77 8.82 0.37
CA PHE A 31 2.54 7.40 0.09
C PHE A 31 2.53 7.12 -1.41
N LEU A 32 2.90 5.88 -1.75
CA LEU A 32 2.92 5.45 -3.15
C LEU A 32 1.54 4.95 -3.56
N LEU A 33 1.12 5.31 -4.77
CA LEU A 33 -0.19 4.88 -5.27
C LEU A 33 -0.10 4.46 -6.73
N LEU A 34 -0.81 3.39 -7.06
CA LEU A 34 -0.81 2.87 -8.43
C LEU A 34 -2.22 2.90 -9.02
N GLN A 35 -2.43 3.80 -9.98
CA GLN A 35 -3.74 3.91 -10.64
C GLN A 35 -4.08 2.66 -11.42
N ALA A 36 -5.34 2.27 -11.37
CA ALA A 36 -5.80 1.09 -12.09
C ALA A 36 -5.67 1.31 -13.58
N SER A 37 -5.22 0.28 -14.31
CA SER A 37 -5.06 0.37 -15.76
C SER A 37 -6.41 0.23 -16.48
N ASP A 38 -7.50 0.27 -15.72
CA ASP A 38 -8.83 0.14 -16.28
C ASP A 38 -9.90 0.33 -15.20
N GLY A 39 -11.12 -0.10 -15.49
CA GLY A 39 -12.19 0.04 -14.52
C GLY A 39 -12.63 1.48 -14.34
N ILE A 40 -12.53 1.96 -13.10
CA ILE A 40 -12.93 3.33 -12.79
C ILE A 40 -11.71 4.26 -12.69
N HIS A 41 -10.53 3.77 -13.08
CA HIS A 41 -9.31 4.56 -12.99
C HIS A 41 -9.05 4.95 -11.54
N HIS A 42 -9.27 3.99 -10.66
CA HIS A 42 -9.08 4.19 -9.23
C HIS A 42 -7.65 3.89 -8.81
N TRP A 43 -7.18 4.58 -7.78
CA TRP A 43 -5.82 4.40 -7.29
C TRP A 43 -5.78 3.47 -6.08
N THR A 44 -4.71 2.68 -5.98
CA THR A 44 -4.53 1.75 -4.88
C THR A 44 -3.08 1.32 -4.77
N PRO A 45 -2.62 1.02 -3.55
CA PRO A 45 -1.23 0.58 -3.31
C PRO A 45 -0.94 -0.76 -3.98
N PRO A 46 0.34 -1.14 -4.07
CA PRO A 46 0.75 -2.41 -4.69
C PRO A 46 0.28 -3.62 -3.89
N LYS A 47 -0.93 -4.09 -4.18
CA LYS A 47 -1.48 -5.25 -3.50
C LYS A 47 -1.30 -6.51 -4.34
N GLY A 48 -1.08 -7.63 -3.67
CA GLY A 48 -0.89 -8.89 -4.38
C GLY A 48 -1.80 -9.99 -3.88
N HIS A 49 -1.50 -11.23 -4.26
CA HIS A 49 -2.29 -12.38 -3.85
C HIS A 49 -1.44 -13.38 -3.06
N VAL A 50 -1.61 -13.38 -1.74
CA VAL A 50 -0.85 -14.29 -0.88
C VAL A 50 -1.44 -15.70 -0.95
N GLU A 51 -0.61 -16.66 -1.33
CA GLU A 51 -1.03 -18.05 -1.44
C GLU A 51 -1.10 -18.71 -0.06
N PRO A 52 -1.62 -19.95 0.00
CA PRO A 52 -1.75 -20.68 1.28
C PRO A 52 -0.42 -20.79 2.01
N GLY A 53 0.58 -21.35 1.33
CA GLY A 53 1.90 -21.51 1.94
C GLY A 53 2.80 -20.31 1.73
N GLU A 54 2.21 -19.19 1.30
CA GLU A 54 2.99 -17.97 1.07
C GLU A 54 2.96 -17.07 2.30
N ASP A 55 3.94 -16.18 2.40
CA ASP A 55 4.01 -15.27 3.53
C ASP A 55 3.03 -14.12 3.34
N ASP A 56 2.69 -13.47 4.45
CA ASP A 56 1.75 -12.35 4.41
C ASP A 56 2.41 -11.09 3.86
N LEU A 57 3.48 -10.63 4.51
CA LEU A 57 4.18 -9.43 4.08
C LEU A 57 4.85 -9.66 2.72
N GLU A 58 5.41 -10.84 2.53
CA GLU A 58 6.07 -11.18 1.27
C GLU A 58 5.15 -10.88 0.09
N THR A 59 3.92 -11.35 0.17
CA THR A 59 2.95 -11.11 -0.89
C THR A 59 2.85 -9.61 -1.14
N ALA A 60 2.81 -8.85 -0.06
CA ALA A 60 2.74 -7.40 -0.16
C ALA A 60 4.07 -6.84 -0.67
N LEU A 61 5.15 -7.54 -0.34
CA LEU A 61 6.49 -7.14 -0.76
C LEU A 61 6.67 -7.36 -2.26
N ARG A 62 6.38 -8.58 -2.71
CA ARG A 62 6.51 -8.92 -4.11
C ARG A 62 5.59 -8.05 -4.96
N ALA A 63 4.37 -7.83 -4.47
CA ALA A 63 3.41 -7.00 -5.18
C ALA A 63 3.95 -5.58 -5.31
N THR A 64 4.72 -5.15 -4.33
CA THR A 64 5.31 -3.82 -4.33
C THR A 64 6.30 -3.68 -5.47
N GLN A 65 7.20 -4.64 -5.60
CA GLN A 65 8.20 -4.62 -6.66
C GLN A 65 7.58 -5.06 -7.98
N GLU A 66 6.52 -5.87 -7.91
CA GLU A 66 5.85 -6.35 -9.11
C GLU A 66 4.92 -5.28 -9.68
N GLU A 67 4.29 -4.51 -8.80
CA GLU A 67 3.37 -3.46 -9.21
C GLU A 67 3.98 -2.06 -9.02
N ALA A 68 5.22 -2.01 -8.54
CA ALA A 68 5.88 -0.72 -8.32
C ALA A 68 7.38 -0.80 -8.52
N GLY A 69 7.92 -2.00 -8.71
CA GLY A 69 9.34 -2.13 -8.90
C GLY A 69 10.14 -1.93 -7.62
N ILE A 70 9.46 -1.57 -6.53
CA ILE A 70 10.14 -1.37 -5.25
C ILE A 70 9.96 -2.59 -4.36
N GLU A 71 11.07 -3.12 -3.86
CA GLU A 71 11.04 -4.30 -3.00
C GLU A 71 11.38 -3.96 -1.55
N ALA A 72 11.17 -4.92 -0.66
CA ALA A 72 11.45 -4.73 0.76
C ALA A 72 12.83 -4.14 0.98
N GLY A 73 13.80 -4.52 0.15
CA GLY A 73 15.14 -4.00 0.28
C GLY A 73 15.22 -2.53 -0.12
N GLN A 74 14.26 -2.09 -0.93
CA GLN A 74 14.23 -0.70 -1.39
C GLN A 74 13.28 0.14 -0.54
N LEU A 75 12.68 -0.47 0.47
CA LEU A 75 11.78 0.24 1.38
C LEU A 75 11.98 -0.26 2.79
N THR A 76 11.18 0.25 3.72
CA THR A 76 11.28 -0.15 5.12
C THR A 76 9.92 -0.47 5.72
N ILE A 77 9.62 -1.76 5.80
CA ILE A 77 8.35 -2.21 6.35
C ILE A 77 8.29 -1.97 7.86
N ILE A 78 7.34 -1.16 8.29
CA ILE A 78 7.19 -0.85 9.70
C ILE A 78 6.45 -1.97 10.45
N GLU A 79 6.99 -2.33 11.60
CA GLU A 79 6.41 -3.39 12.42
C GLU A 79 5.46 -2.82 13.47
N GLY A 80 4.47 -3.62 13.85
CA GLY A 80 3.51 -3.19 14.84
C GLY A 80 2.21 -2.71 14.22
N PHE A 81 2.28 -2.31 12.95
CA PHE A 81 1.10 -1.83 12.24
C PHE A 81 0.62 -2.87 11.24
N LYS A 82 -0.66 -3.22 11.33
CA LYS A 82 -1.23 -4.21 10.43
C LYS A 82 -2.75 -4.07 10.33
N ARG A 83 -3.23 -3.95 9.10
CA ARG A 83 -4.66 -3.82 8.83
C ARG A 83 -4.99 -4.45 7.49
N GLU A 84 -6.11 -5.16 7.40
CA GLU A 84 -6.51 -5.80 6.16
C GLU A 84 -7.89 -5.33 5.71
N LEU A 85 -8.01 -5.07 4.41
CA LEU A 85 -9.27 -4.63 3.84
C LEU A 85 -9.97 -5.77 3.10
N ASN A 86 -11.17 -6.10 3.54
CA ASN A 86 -11.94 -7.18 2.94
C ASN A 86 -13.15 -6.63 2.19
N TYR A 87 -13.28 -7.02 0.93
CA TYR A 87 -14.39 -6.58 0.10
C TYR A 87 -14.50 -7.40 -1.16
N VAL A 88 -15.72 -7.68 -1.56
CA VAL A 88 -15.97 -8.47 -2.77
C VAL A 88 -15.96 -7.58 -4.01
N ALA A 89 -14.95 -7.77 -4.87
CA ALA A 89 -14.82 -6.97 -6.07
C ALA A 89 -15.80 -7.43 -7.15
N ARG A 90 -15.34 -8.29 -8.07
CA ARG A 90 -16.20 -8.79 -9.14
C ARG A 90 -17.21 -9.79 -8.61
N ASN A 91 -16.77 -10.60 -7.66
CA ASN A 91 -17.64 -11.62 -7.05
C ASN A 91 -16.88 -12.44 -6.02
N LYS A 92 -15.84 -11.86 -5.43
CA LYS A 92 -15.05 -12.55 -4.42
C LYS A 92 -14.39 -11.55 -3.46
N PRO A 93 -14.63 -11.71 -2.14
CA PRO A 93 -14.07 -10.83 -1.11
C PRO A 93 -12.59 -11.09 -0.88
N LYS A 94 -11.79 -10.07 -1.12
CA LYS A 94 -10.35 -10.18 -0.97
C LYS A 94 -9.84 -9.51 0.31
N THR A 95 -9.09 -10.28 1.11
CA THR A 95 -8.51 -9.76 2.33
C THR A 95 -7.16 -9.14 2.00
N VAL A 96 -7.10 -7.82 2.03
CA VAL A 96 -5.88 -7.12 1.70
C VAL A 96 -5.18 -6.56 2.92
N ILE A 97 -4.06 -7.18 3.30
CA ILE A 97 -3.29 -6.73 4.44
C ILE A 97 -2.32 -5.64 3.99
N TYR A 98 -2.32 -4.52 4.71
CA TYR A 98 -1.47 -3.40 4.34
C TYR A 98 -0.38 -3.12 5.38
N TRP A 99 0.85 -2.96 4.88
CA TRP A 99 2.00 -2.69 5.75
C TRP A 99 2.64 -1.36 5.38
N LEU A 100 3.07 -0.61 6.39
CA LEU A 100 3.72 0.67 6.14
C LEU A 100 5.16 0.43 5.71
N ALA A 101 5.59 1.10 4.65
CA ALA A 101 6.94 0.93 4.15
C ALA A 101 7.53 2.25 3.67
N GLU A 102 8.82 2.46 3.95
CA GLU A 102 9.50 3.67 3.54
C GLU A 102 10.56 3.38 2.49
N VAL A 103 10.34 3.85 1.26
CA VAL A 103 11.28 3.62 0.18
C VAL A 103 12.54 4.45 0.35
N LYS A 104 13.63 3.91 -0.17
CA LYS A 104 14.93 4.56 -0.08
C LYS A 104 15.05 5.73 -1.04
N ASP A 105 14.06 5.91 -1.92
CA ASP A 105 14.11 7.02 -2.88
C ASP A 105 12.73 7.61 -3.14
N TYR A 106 12.56 8.86 -2.76
CA TYR A 106 11.29 9.57 -2.97
C TYR A 106 10.82 9.41 -4.41
N ASP A 107 11.78 9.49 -5.33
CA ASP A 107 11.48 9.33 -6.74
C ASP A 107 11.90 7.94 -7.20
N VAL A 108 11.95 7.01 -6.25
CA VAL A 108 12.32 5.62 -6.51
C VAL A 108 11.65 5.12 -7.78
N GLU A 109 12.29 4.17 -8.47
CA GLU A 109 11.72 3.64 -9.69
C GLU A 109 10.39 2.99 -9.40
N ILE A 110 9.44 3.22 -10.31
CA ILE A 110 8.11 2.65 -10.17
C ILE A 110 7.78 1.81 -11.39
N ARG A 111 7.95 0.50 -11.24
CA ARG A 111 7.71 -0.44 -12.31
C ARG A 111 6.32 -1.07 -12.19
N LEU A 112 5.41 -0.62 -13.06
CA LEU A 112 4.04 -1.10 -13.06
C LEU A 112 3.87 -2.28 -14.01
N SER A 113 2.85 -3.10 -13.75
CA SER A 113 2.57 -4.27 -14.59
C SER A 113 1.43 -3.98 -15.55
N HIS A 114 0.92 -5.03 -16.18
CA HIS A 114 -0.18 -4.88 -17.13
C HIS A 114 -1.46 -4.44 -16.44
N GLU A 115 -1.53 -4.63 -15.12
CA GLU A 115 -2.71 -4.26 -14.35
C GLU A 115 -2.68 -2.78 -13.96
N HIS A 116 -1.52 -2.15 -14.10
CA HIS A 116 -1.37 -0.74 -13.77
C HIS A 116 -0.98 0.09 -14.99
N GLN A 117 -1.13 1.40 -14.89
CA GLN A 117 -0.80 2.30 -16.00
C GLN A 117 -0.09 3.55 -15.52
N ALA A 118 -0.35 3.96 -14.28
CA ALA A 118 0.28 5.16 -13.72
C ALA A 118 0.30 5.12 -12.20
N TYR A 119 1.20 5.89 -11.60
CA TYR A 119 1.33 5.96 -10.15
C TYR A 119 1.49 7.40 -9.71
N ARG A 120 1.48 7.62 -8.40
CA ARG A 120 1.62 8.97 -7.85
C ARG A 120 2.16 8.94 -6.42
N TRP A 121 2.77 10.05 -6.02
CA TRP A 121 3.32 10.20 -4.67
C TRP A 121 2.65 11.37 -3.98
N LEU A 122 1.78 11.08 -3.02
CA LEU A 122 1.05 12.14 -2.32
C LEU A 122 0.99 11.86 -0.81
N GLY A 123 0.52 12.85 -0.06
CA GLY A 123 0.39 12.70 1.38
C GLY A 123 -0.85 11.94 1.76
N LEU A 124 -1.27 12.11 3.01
CA LEU A 124 -2.46 11.43 3.51
C LEU A 124 -3.73 11.99 2.87
N GLU A 125 -3.79 13.31 2.73
CA GLU A 125 -4.95 13.97 2.13
C GLU A 125 -5.16 13.55 0.69
N GLU A 126 -4.11 13.64 -0.12
CA GLU A 126 -4.20 13.26 -1.52
C GLU A 126 -4.36 11.76 -1.66
N ALA A 127 -3.50 11.01 -1.01
CA ALA A 127 -3.58 9.55 -1.05
C ALA A 127 -5.00 9.11 -0.71
N CYS A 128 -5.65 9.91 0.14
CA CYS A 128 -7.02 9.64 0.56
C CYS A 128 -8.00 10.19 -0.49
N GLN A 129 -7.59 11.24 -1.19
CA GLN A 129 -8.43 11.85 -2.21
C GLN A 129 -8.62 10.91 -3.39
N LEU A 130 -7.54 10.29 -3.84
CA LEU A 130 -7.60 9.34 -4.94
C LEU A 130 -8.21 8.03 -4.46
N ALA A 131 -7.77 7.59 -3.28
CA ALA A 131 -8.28 6.36 -2.68
C ALA A 131 -9.63 6.62 -2.03
N GLN A 132 -10.53 7.23 -2.81
CA GLN A 132 -11.88 7.56 -2.37
C GLN A 132 -12.46 6.48 -1.47
N PHE A 133 -12.08 5.24 -1.75
CA PHE A 133 -12.55 4.11 -0.99
C PHE A 133 -12.23 4.29 0.49
N LYS A 134 -13.27 4.35 1.32
CA LYS A 134 -13.12 4.55 2.76
C LYS A 134 -12.02 3.67 3.34
N GLU A 135 -12.10 2.38 3.04
CA GLU A 135 -11.13 1.42 3.53
C GLU A 135 -9.70 1.91 3.36
N MET A 136 -9.35 2.33 2.15
CA MET A 136 -8.00 2.81 1.88
C MET A 136 -7.71 4.10 2.61
N LYS A 137 -8.70 4.99 2.67
CA LYS A 137 -8.54 6.25 3.37
C LYS A 137 -8.09 6.00 4.81
N ALA A 138 -8.58 4.90 5.38
CA ALA A 138 -8.23 4.53 6.74
C ALA A 138 -6.85 3.90 6.79
N ALA A 139 -6.60 2.97 5.85
CA ALA A 139 -5.30 2.30 5.79
C ALA A 139 -4.17 3.31 5.77
N LEU A 140 -4.31 4.32 4.91
CA LEU A 140 -3.31 5.37 4.81
C LEU A 140 -3.42 6.32 5.99
N GLN A 141 -4.62 6.41 6.57
CA GLN A 141 -4.87 7.28 7.71
C GLN A 141 -4.14 6.77 8.95
N GLU A 142 -4.34 5.50 9.26
CA GLU A 142 -3.71 4.89 10.42
C GLU A 142 -2.21 4.74 10.19
N GLY A 143 -1.83 4.60 8.92
CA GLY A 143 -0.42 4.47 8.58
C GLY A 143 0.37 5.68 9.00
N HIS A 144 -0.20 6.87 8.75
CA HIS A 144 0.46 8.12 9.11
C HIS A 144 0.34 8.37 10.60
N GLN A 145 -0.73 7.84 11.21
CA GLN A 145 -0.97 8.00 12.63
C GLN A 145 0.03 7.20 13.47
N PHE A 146 0.15 5.92 13.16
CA PHE A 146 1.06 5.04 13.88
C PHE A 146 2.49 5.55 13.78
N LEU A 147 2.95 5.76 12.56
CA LEU A 147 4.30 6.25 12.30
C LEU A 147 4.58 7.54 13.07
N CYS A 148 3.54 8.33 13.30
CA CYS A 148 3.69 9.58 14.03
C CYS A 148 3.96 9.32 15.51
N SER A 149 3.76 8.07 15.94
CA SER A 149 3.99 7.69 17.33
C SER A 149 5.39 7.10 17.52
N ILE A 150 6.03 6.73 16.41
CA ILE A 150 7.36 6.15 16.47
C ILE A 150 8.43 7.26 16.52
N GLU A 151 9.48 7.12 15.72
CA GLU A 151 10.55 8.11 15.68
C GLU A 151 11.16 8.16 14.28
N ALA A 152 11.70 7.03 13.84
CA ALA A 152 12.33 6.94 12.52
C ALA A 152 13.45 7.94 12.37
N LEU A 153 14.28 7.75 11.36
CA LEU A 153 15.41 8.65 11.11
C LEU A 153 14.95 9.89 10.34
N GLY A 1 -16.21 -32.07 2.50
CA GLY A 1 -16.05 -31.54 3.83
C GLY A 1 -16.80 -30.23 3.98
N PRO A 2 -16.81 -29.68 5.19
CA PRO A 2 -17.47 -28.44 5.53
C PRO A 2 -16.71 -27.28 4.92
N LEU A 3 -17.39 -26.16 4.70
CA LEU A 3 -16.77 -24.97 4.12
C LEU A 3 -15.62 -24.48 5.00
N GLY A 4 -14.65 -23.83 4.37
CA GLY A 4 -13.50 -23.32 5.11
C GLY A 4 -12.42 -22.78 4.19
N SER A 5 -12.84 -22.11 3.12
CA SER A 5 -11.89 -21.54 2.16
C SER A 5 -12.49 -20.33 1.46
N MET A 6 -13.34 -19.59 2.16
CA MET A 6 -13.97 -18.41 1.60
C MET A 6 -13.00 -17.24 1.53
N ALA A 7 -13.36 -16.24 0.76
CA ALA A 7 -12.52 -15.05 0.58
C ALA A 7 -11.16 -15.41 0.00
N LEU A 8 -10.48 -14.39 -0.51
CA LEU A 8 -9.16 -14.57 -1.12
C LEU A 8 -8.10 -13.85 -0.30
N ARG A 9 -6.94 -14.48 -0.18
CA ARG A 9 -5.83 -13.90 0.57
C ARG A 9 -5.09 -12.85 -0.27
N ALA A 10 -4.95 -11.65 0.27
CA ALA A 10 -4.26 -10.57 -0.42
C ALA A 10 -3.34 -9.81 0.53
N CYS A 11 -2.39 -9.08 -0.04
CA CYS A 11 -1.47 -8.29 0.76
C CYS A 11 -0.89 -7.13 -0.04
N GLY A 12 -1.08 -5.93 0.47
CA GLY A 12 -0.56 -4.75 -0.18
C GLY A 12 0.49 -4.08 0.67
N LEU A 13 1.10 -3.02 0.15
CA LEU A 13 2.14 -2.32 0.90
C LEU A 13 1.87 -0.82 0.92
N ILE A 14 1.67 -0.28 2.11
CA ILE A 14 1.45 1.15 2.26
C ILE A 14 2.80 1.82 2.31
N ILE A 15 3.29 2.19 1.14
CA ILE A 15 4.59 2.81 1.03
C ILE A 15 4.53 4.28 1.38
N PHE A 16 5.61 4.76 1.98
CA PHE A 16 5.68 6.15 2.40
C PHE A 16 7.14 6.62 2.44
N ARG A 17 7.42 7.74 1.77
CA ARG A 17 8.78 8.27 1.77
C ARG A 17 8.93 9.36 2.83
N ARG A 18 9.75 9.07 3.83
CA ARG A 18 9.99 10.01 4.92
C ARG A 18 11.11 10.98 4.58
N CYS A 19 10.83 12.28 4.72
CA CYS A 19 11.82 13.32 4.44
C CYS A 19 12.73 13.52 5.66
N LEU A 20 13.89 14.14 5.42
CA LEU A 20 14.83 14.38 6.51
C LEU A 20 14.23 15.32 7.55
N ILE A 21 14.26 16.62 7.26
CA ILE A 21 13.70 17.61 8.18
C ILE A 21 12.57 18.42 7.52
N PRO A 22 11.60 18.88 8.33
CA PRO A 22 10.47 19.67 7.83
C PRO A 22 10.92 20.99 7.20
N LYS A 23 10.08 21.53 6.31
CA LYS A 23 10.40 22.79 5.64
C LYS A 23 9.14 23.63 5.45
N VAL A 24 8.25 23.18 4.58
CA VAL A 24 7.00 23.91 4.31
C VAL A 24 5.93 23.54 5.33
N ASP A 25 6.17 22.47 6.09
CA ASP A 25 5.21 22.02 7.10
C ASP A 25 3.90 21.59 6.44
N ASN A 26 4.00 21.10 5.21
CA ASN A 26 2.84 20.66 4.46
C ASN A 26 2.59 19.17 4.68
N ASN A 27 3.46 18.36 4.12
CA ASN A 27 3.35 16.91 4.25
C ASN A 27 4.72 16.27 4.37
N ALA A 28 5.09 15.91 5.59
CA ALA A 28 6.38 15.29 5.85
C ALA A 28 6.50 13.93 5.16
N ILE A 29 5.46 13.12 5.29
CA ILE A 29 5.45 11.79 4.71
C ILE A 29 4.54 11.72 3.49
N GLU A 30 4.90 10.84 2.57
CA GLU A 30 4.15 10.64 1.33
C GLU A 30 3.67 9.19 1.25
N PHE A 31 2.85 8.89 0.24
CA PHE A 31 2.34 7.54 0.07
C PHE A 31 2.27 7.16 -1.40
N LEU A 32 2.84 6.00 -1.75
CA LEU A 32 2.82 5.53 -3.13
C LEU A 32 1.41 5.06 -3.48
N LEU A 33 0.99 5.36 -4.70
CA LEU A 33 -0.34 4.97 -5.14
C LEU A 33 -0.32 4.50 -6.60
N LEU A 34 -1.16 3.53 -6.91
CA LEU A 34 -1.24 2.97 -8.25
C LEU A 34 -2.65 3.06 -8.81
N GLN A 35 -2.83 3.90 -9.83
CA GLN A 35 -4.13 4.08 -10.46
C GLN A 35 -4.52 2.86 -11.28
N ALA A 36 -5.82 2.57 -11.35
CA ALA A 36 -6.34 1.42 -12.11
C ALA A 36 -5.80 1.43 -13.53
N SER A 37 -6.16 0.39 -14.29
CA SER A 37 -5.73 0.27 -15.67
C SER A 37 -6.86 0.58 -16.65
N ASP A 38 -8.10 0.53 -16.15
CA ASP A 38 -9.27 0.80 -17.01
C ASP A 38 -10.55 0.93 -16.20
N GLY A 39 -10.55 0.41 -14.98
CA GLY A 39 -11.73 0.47 -14.14
C GLY A 39 -12.09 1.89 -13.72
N ILE A 40 -12.29 2.09 -12.43
CA ILE A 40 -12.65 3.41 -11.90
C ILE A 40 -11.42 4.30 -11.75
N HIS A 41 -10.25 3.80 -12.16
CA HIS A 41 -9.02 4.56 -12.06
C HIS A 41 -8.70 4.85 -10.60
N HIS A 42 -9.11 3.95 -9.72
CA HIS A 42 -8.87 4.10 -8.30
C HIS A 42 -7.38 3.95 -7.99
N TRP A 43 -6.93 4.61 -6.94
CA TRP A 43 -5.53 4.55 -6.56
C TRP A 43 -5.33 3.75 -5.28
N THR A 44 -4.58 2.66 -5.40
CA THR A 44 -4.29 1.80 -4.26
C THR A 44 -2.85 1.30 -4.33
N PRO A 45 -2.19 1.13 -3.17
CA PRO A 45 -0.80 0.66 -3.14
C PRO A 45 -0.67 -0.70 -3.82
N PRO A 46 0.58 -1.17 -4.03
CA PRO A 46 0.82 -2.45 -4.68
C PRO A 46 0.04 -3.60 -4.04
N LYS A 47 -1.11 -3.91 -4.61
CA LYS A 47 -1.96 -4.98 -4.11
C LYS A 47 -1.58 -6.32 -4.75
N GLY A 48 -1.38 -7.33 -3.91
CA GLY A 48 -1.01 -8.64 -4.42
C GLY A 48 -1.65 -9.76 -3.62
N HIS A 49 -2.39 -10.63 -4.30
CA HIS A 49 -3.03 -11.76 -3.65
C HIS A 49 -2.00 -12.75 -3.14
N VAL A 50 -2.00 -12.98 -1.83
CA VAL A 50 -1.06 -13.91 -1.22
C VAL A 50 -1.55 -15.35 -1.33
N GLU A 51 -0.63 -16.26 -1.61
CA GLU A 51 -0.96 -17.67 -1.75
C GLU A 51 -0.79 -18.39 -0.41
N PRO A 52 -1.57 -19.44 -0.15
CA PRO A 52 -1.55 -20.18 1.11
C PRO A 52 -0.16 -20.71 1.46
N GLY A 53 0.71 -20.82 0.47
CA GLY A 53 2.06 -21.30 0.71
C GLY A 53 3.07 -20.17 0.79
N GLU A 54 2.65 -18.98 0.42
CA GLU A 54 3.53 -17.81 0.44
C GLU A 54 3.44 -17.09 1.78
N ASP A 55 4.36 -16.15 2.01
CA ASP A 55 4.38 -15.39 3.24
C ASP A 55 3.38 -14.24 3.16
N ASP A 56 3.00 -13.71 4.32
CA ASP A 56 2.05 -12.60 4.39
C ASP A 56 2.65 -11.31 3.84
N LEU A 57 3.63 -10.79 4.54
CA LEU A 57 4.28 -9.55 4.12
C LEU A 57 4.96 -9.70 2.76
N GLU A 58 5.55 -10.88 2.53
CA GLU A 58 6.23 -11.14 1.27
C GLU A 58 5.33 -10.81 0.09
N THR A 59 4.09 -11.27 0.15
CA THR A 59 3.14 -11.00 -0.91
C THR A 59 3.03 -9.49 -1.12
N ALA A 60 2.90 -8.77 -0.01
CA ALA A 60 2.83 -7.32 -0.06
C ALA A 60 4.15 -6.75 -0.57
N LEU A 61 5.23 -7.43 -0.25
CA LEU A 61 6.57 -7.02 -0.68
C LEU A 61 6.73 -7.26 -2.18
N ARG A 62 6.44 -8.49 -2.60
CA ARG A 62 6.55 -8.87 -4.00
C ARG A 62 5.60 -8.05 -4.86
N ALA A 63 4.41 -7.77 -4.33
CA ALA A 63 3.45 -6.96 -5.06
C ALA A 63 3.98 -5.56 -5.25
N THR A 64 4.78 -5.11 -4.29
CA THR A 64 5.39 -3.79 -4.34
C THR A 64 6.32 -3.68 -5.53
N GLN A 65 7.24 -4.62 -5.65
CA GLN A 65 8.19 -4.64 -6.76
C GLN A 65 7.50 -5.07 -8.05
N GLU A 66 6.40 -5.81 -7.92
CA GLU A 66 5.66 -6.28 -9.09
C GLU A 66 4.75 -5.16 -9.62
N GLU A 67 4.20 -4.37 -8.70
CA GLU A 67 3.31 -3.28 -9.09
C GLU A 67 3.95 -1.92 -8.82
N ALA A 68 5.24 -1.91 -8.51
CA ALA A 68 5.95 -0.66 -8.24
C ALA A 68 7.46 -0.79 -8.42
N GLY A 69 7.94 -2.00 -8.69
CA GLY A 69 9.36 -2.18 -8.87
C GLY A 69 10.17 -1.97 -7.59
N ILE A 70 9.49 -1.70 -6.48
CA ILE A 70 10.16 -1.48 -5.21
C ILE A 70 9.99 -2.70 -4.32
N GLU A 71 11.11 -3.25 -3.83
CA GLU A 71 11.07 -4.43 -2.98
C GLU A 71 11.42 -4.07 -1.53
N ALA A 72 11.22 -5.03 -0.63
CA ALA A 72 11.51 -4.81 0.79
C ALA A 72 12.91 -4.21 0.97
N GLY A 73 13.82 -4.55 0.08
CA GLY A 73 15.17 -4.03 0.15
C GLY A 73 15.22 -2.55 -0.18
N GLN A 74 14.26 -2.10 -0.99
CA GLN A 74 14.18 -0.69 -1.38
C GLN A 74 13.23 0.09 -0.49
N LEU A 75 12.66 -0.57 0.51
CA LEU A 75 11.75 0.11 1.42
C LEU A 75 11.97 -0.39 2.84
N THR A 76 11.19 0.14 3.77
CA THR A 76 11.30 -0.24 5.18
C THR A 76 9.93 -0.56 5.76
N ILE A 77 9.62 -1.84 5.86
CA ILE A 77 8.34 -2.27 6.42
C ILE A 77 8.28 -2.03 7.92
N ILE A 78 7.42 -1.10 8.32
CA ILE A 78 7.26 -0.77 9.73
C ILE A 78 6.51 -1.86 10.48
N GLU A 79 7.02 -2.23 11.64
CA GLU A 79 6.39 -3.27 12.46
C GLU A 79 5.45 -2.67 13.49
N GLY A 80 4.42 -3.43 13.85
CA GLY A 80 3.44 -2.96 14.81
C GLY A 80 2.15 -2.52 14.15
N PHE A 81 2.23 -2.20 12.87
CA PHE A 81 1.07 -1.77 12.11
C PHE A 81 0.59 -2.88 11.19
N LYS A 82 -0.67 -3.26 11.34
CA LYS A 82 -1.25 -4.31 10.52
C LYS A 82 -2.77 -4.21 10.45
N ARG A 83 -3.28 -4.23 9.22
CA ARG A 83 -4.71 -4.16 8.97
C ARG A 83 -5.01 -4.73 7.60
N GLU A 84 -6.13 -5.43 7.46
CA GLU A 84 -6.48 -6.02 6.18
C GLU A 84 -7.82 -5.50 5.66
N LEU A 85 -7.84 -5.12 4.39
CA LEU A 85 -9.05 -4.62 3.77
C LEU A 85 -9.73 -5.74 3.00
N ASN A 86 -10.93 -6.11 3.43
CA ASN A 86 -11.67 -7.18 2.79
C ASN A 86 -12.96 -6.68 2.14
N TYR A 87 -13.17 -7.10 0.89
CA TYR A 87 -14.35 -6.72 0.13
C TYR A 87 -14.50 -7.60 -1.09
N VAL A 88 -15.73 -7.97 -1.40
CA VAL A 88 -16.01 -8.80 -2.55
C VAL A 88 -16.05 -7.94 -3.82
N ALA A 89 -15.02 -8.07 -4.65
CA ALA A 89 -14.93 -7.29 -5.88
C ALA A 89 -15.87 -7.82 -6.96
N ARG A 90 -15.39 -8.77 -7.78
CA ARG A 90 -16.20 -9.35 -8.84
C ARG A 90 -17.20 -10.35 -8.30
N ASN A 91 -16.78 -11.08 -7.26
CA ASN A 91 -17.64 -12.08 -6.62
C ASN A 91 -16.85 -12.89 -5.59
N LYS A 92 -15.83 -12.26 -5.01
CA LYS A 92 -14.99 -12.90 -4.01
C LYS A 92 -14.29 -11.85 -3.15
N PRO A 93 -14.47 -11.91 -1.83
CA PRO A 93 -13.87 -10.95 -0.89
C PRO A 93 -12.36 -11.06 -0.80
N LYS A 94 -11.69 -9.96 -1.11
CA LYS A 94 -10.23 -9.90 -1.09
C LYS A 94 -9.71 -9.36 0.24
N THR A 95 -9.02 -10.20 1.00
CA THR A 95 -8.44 -9.78 2.27
C THR A 95 -7.04 -9.22 2.00
N VAL A 96 -6.93 -7.91 2.07
CA VAL A 96 -5.66 -7.25 1.81
C VAL A 96 -5.01 -6.70 3.07
N ILE A 97 -3.94 -7.36 3.51
CA ILE A 97 -3.21 -6.90 4.68
C ILE A 97 -2.19 -5.86 4.25
N TYR A 98 -2.28 -4.67 4.84
CA TYR A 98 -1.38 -3.59 4.47
C TYR A 98 -0.27 -3.38 5.49
N TRP A 99 0.89 -2.97 4.98
CA TRP A 99 2.05 -2.71 5.83
C TRP A 99 2.71 -1.40 5.42
N LEU A 100 3.13 -0.61 6.41
CA LEU A 100 3.78 0.66 6.13
C LEU A 100 5.20 0.40 5.65
N ALA A 101 5.62 1.10 4.61
CA ALA A 101 6.96 0.92 4.06
C ALA A 101 7.60 2.24 3.66
N GLU A 102 8.88 2.39 3.95
CA GLU A 102 9.62 3.61 3.62
C GLU A 102 10.68 3.35 2.55
N VAL A 103 10.44 3.83 1.33
CA VAL A 103 11.37 3.63 0.23
C VAL A 103 12.64 4.48 0.41
N LYS A 104 13.77 3.89 0.08
CA LYS A 104 15.07 4.54 0.22
C LYS A 104 15.25 5.68 -0.79
N ASP A 105 14.45 5.70 -1.85
CA ASP A 105 14.58 6.74 -2.87
C ASP A 105 13.29 7.51 -3.11
N TYR A 106 13.38 8.83 -3.04
CA TYR A 106 12.23 9.70 -3.27
C TYR A 106 11.70 9.49 -4.67
N ASP A 107 12.61 9.44 -5.63
CA ASP A 107 12.26 9.22 -7.03
C ASP A 107 12.45 7.76 -7.39
N VAL A 108 12.39 6.90 -6.37
CA VAL A 108 12.55 5.46 -6.56
C VAL A 108 11.79 4.97 -7.79
N GLU A 109 12.36 4.00 -8.49
CA GLU A 109 11.75 3.46 -9.70
C GLU A 109 10.38 2.86 -9.39
N ILE A 110 9.45 3.05 -10.31
CA ILE A 110 8.10 2.54 -10.17
C ILE A 110 7.72 1.69 -11.37
N ARG A 111 7.88 0.38 -11.20
CA ARG A 111 7.56 -0.58 -12.24
C ARG A 111 6.19 -1.21 -12.02
N LEU A 112 5.20 -0.73 -12.78
CA LEU A 112 3.84 -1.23 -12.65
C LEU A 112 3.60 -2.45 -13.55
N SER A 113 2.37 -2.95 -13.52
CA SER A 113 1.99 -4.10 -14.33
C SER A 113 0.74 -3.78 -15.14
N HIS A 114 0.13 -4.80 -15.74
CA HIS A 114 -1.07 -4.60 -16.54
C HIS A 114 -2.26 -4.18 -15.67
N GLU A 115 -2.13 -4.31 -14.36
CA GLU A 115 -3.19 -3.94 -13.44
C GLU A 115 -3.12 -2.45 -13.07
N HIS A 116 -1.95 -1.85 -13.28
CA HIS A 116 -1.76 -0.44 -12.97
C HIS A 116 -1.12 0.29 -14.15
N GLN A 117 -1.78 1.33 -14.63
CA GLN A 117 -1.28 2.10 -15.76
C GLN A 117 -0.66 3.42 -15.33
N ALA A 118 -0.64 3.69 -14.02
CA ALA A 118 -0.06 4.93 -13.51
C ALA A 118 0.03 4.91 -11.99
N TYR A 119 0.88 5.78 -11.45
CA TYR A 119 1.08 5.87 -10.01
C TYR A 119 1.29 7.32 -9.59
N ARG A 120 1.36 7.56 -8.28
CA ARG A 120 1.54 8.92 -7.76
C ARG A 120 2.10 8.91 -6.34
N TRP A 121 2.68 10.04 -5.95
CA TRP A 121 3.25 10.20 -4.62
C TRP A 121 2.57 11.37 -3.91
N LEU A 122 1.72 11.08 -2.92
CA LEU A 122 0.99 12.12 -2.21
C LEU A 122 0.89 11.81 -0.72
N GLY A 123 0.47 12.81 0.05
CA GLY A 123 0.31 12.63 1.49
C GLY A 123 -0.94 11.84 1.83
N LEU A 124 -1.49 12.08 3.00
CA LEU A 124 -2.71 11.39 3.43
C LEU A 124 -3.94 11.96 2.74
N GLU A 125 -4.07 13.29 2.75
CA GLU A 125 -5.21 13.96 2.13
C GLU A 125 -5.40 13.53 0.69
N GLU A 126 -4.32 13.61 -0.10
CA GLU A 126 -4.38 13.24 -1.50
C GLU A 126 -4.55 11.73 -1.64
N ALA A 127 -3.69 11.00 -0.96
CA ALA A 127 -3.77 9.54 -1.00
C ALA A 127 -5.19 9.09 -0.66
N CYS A 128 -5.87 9.90 0.15
CA CYS A 128 -7.23 9.61 0.54
C CYS A 128 -8.21 10.13 -0.51
N GLN A 129 -7.85 11.24 -1.15
CA GLN A 129 -8.70 11.84 -2.18
C GLN A 129 -8.83 10.91 -3.38
N LEU A 130 -7.72 10.31 -3.79
CA LEU A 130 -7.71 9.40 -4.91
C LEU A 130 -8.26 8.04 -4.48
N ALA A 131 -7.81 7.56 -3.33
CA ALA A 131 -8.28 6.29 -2.80
C ALA A 131 -9.67 6.44 -2.21
N GLN A 132 -10.58 6.95 -3.04
CA GLN A 132 -11.98 7.20 -2.64
C GLN A 132 -12.49 6.10 -1.72
N PHE A 133 -12.00 4.90 -1.91
CA PHE A 133 -12.40 3.77 -1.08
C PHE A 133 -12.10 4.04 0.38
N LYS A 134 -13.15 4.04 1.20
CA LYS A 134 -13.03 4.32 2.63
C LYS A 134 -11.92 3.49 3.26
N GLU A 135 -11.88 2.20 2.95
CA GLU A 135 -10.87 1.30 3.50
C GLU A 135 -9.47 1.88 3.31
N MET A 136 -9.16 2.27 2.07
CA MET A 136 -7.86 2.83 1.76
C MET A 136 -7.66 4.13 2.50
N LYS A 137 -8.72 4.94 2.56
CA LYS A 137 -8.66 6.21 3.26
C LYS A 137 -8.25 5.98 4.70
N ALA A 138 -8.70 4.86 5.25
CA ALA A 138 -8.37 4.48 6.62
C ALA A 138 -6.96 3.91 6.68
N ALA A 139 -6.65 3.04 5.72
CA ALA A 139 -5.34 2.41 5.65
C ALA A 139 -4.25 3.47 5.66
N LEU A 140 -4.36 4.44 4.75
CA LEU A 140 -3.40 5.52 4.67
C LEU A 140 -3.54 6.45 5.87
N GLN A 141 -4.76 6.49 6.44
CA GLN A 141 -5.04 7.33 7.59
C GLN A 141 -4.21 6.90 8.80
N GLU A 142 -4.28 5.61 9.12
CA GLU A 142 -3.53 5.07 10.25
C GLU A 142 -2.05 4.97 9.91
N GLY A 143 -1.75 4.82 8.63
CA GLY A 143 -0.37 4.71 8.20
C GLY A 143 0.48 5.86 8.70
N HIS A 144 -0.04 7.08 8.53
CA HIS A 144 0.67 8.27 8.97
C HIS A 144 0.51 8.46 10.47
N GLN A 145 -0.64 8.09 11.00
CA GLN A 145 -0.94 8.21 12.42
C GLN A 145 0.03 7.36 13.25
N PHE A 146 0.13 6.09 12.91
CA PHE A 146 1.01 5.16 13.61
C PHE A 146 2.46 5.61 13.54
N LEU A 147 2.93 5.85 12.33
CA LEU A 147 4.30 6.28 12.10
C LEU A 147 4.63 7.54 12.89
N CYS A 148 3.62 8.39 13.08
CA CYS A 148 3.81 9.62 13.84
C CYS A 148 3.88 9.33 15.34
N SER A 149 3.49 8.11 15.73
CA SER A 149 3.51 7.71 17.13
C SER A 149 4.79 6.96 17.49
N ILE A 150 5.55 6.57 16.47
CA ILE A 150 6.78 5.84 16.69
C ILE A 150 7.93 6.82 17.01
N GLU A 151 9.06 6.67 16.33
CA GLU A 151 10.21 7.55 16.56
C GLU A 151 10.46 8.44 15.36
N ALA A 152 10.81 7.83 14.23
CA ALA A 152 11.09 8.58 13.01
C ALA A 152 12.29 9.49 13.18
N LEU A 153 13.35 9.20 12.42
CA LEU A 153 14.57 10.01 12.49
C LEU A 153 14.41 11.30 11.71
N GLY A 1 -7.64 -23.18 4.46
CA GLY A 1 -8.40 -23.20 3.22
C GLY A 1 -8.69 -24.63 2.80
N PRO A 2 -8.64 -25.56 3.77
CA PRO A 2 -8.89 -26.97 3.56
C PRO A 2 -10.37 -27.20 3.33
N LEU A 3 -10.79 -27.11 2.07
CA LEU A 3 -12.20 -27.30 1.72
C LEU A 3 -13.08 -26.29 2.43
N GLY A 4 -13.25 -25.13 1.82
CA GLY A 4 -14.07 -24.07 2.41
C GLY A 4 -13.32 -22.76 2.53
N SER A 5 -12.44 -22.50 1.56
CA SER A 5 -11.66 -21.27 1.58
C SER A 5 -12.56 -20.05 1.35
N MET A 6 -12.79 -19.29 2.41
CA MET A 6 -13.63 -18.10 2.32
C MET A 6 -12.81 -16.88 1.97
N ALA A 7 -13.23 -16.16 0.93
CA ALA A 7 -12.53 -14.96 0.50
C ALA A 7 -11.16 -15.27 -0.09
N LEU A 8 -10.55 -14.26 -0.68
CA LEU A 8 -9.24 -14.41 -1.31
C LEU A 8 -8.14 -13.77 -0.46
N ARG A 9 -7.04 -14.49 -0.28
CA ARG A 9 -5.92 -13.99 0.51
C ARG A 9 -5.07 -13.04 -0.32
N ALA A 10 -4.99 -11.79 0.13
CA ALA A 10 -4.19 -10.78 -0.57
C ALA A 10 -3.36 -9.98 0.43
N CYS A 11 -2.41 -9.22 -0.09
CA CYS A 11 -1.55 -8.41 0.76
C CYS A 11 -0.95 -7.25 -0.01
N GLY A 12 -1.18 -6.04 0.50
CA GLY A 12 -0.65 -4.86 -0.14
C GLY A 12 0.37 -4.16 0.72
N LEU A 13 0.98 -3.10 0.21
CA LEU A 13 1.99 -2.37 0.96
C LEU A 13 1.73 -0.87 0.95
N ILE A 14 1.51 -0.30 2.12
CA ILE A 14 1.30 1.14 2.23
C ILE A 14 2.66 1.81 2.26
N ILE A 15 3.14 2.15 1.09
CA ILE A 15 4.44 2.78 0.95
C ILE A 15 4.37 4.26 1.24
N PHE A 16 5.43 4.78 1.83
CA PHE A 16 5.48 6.19 2.17
C PHE A 16 6.91 6.71 2.23
N ARG A 17 7.22 7.73 1.44
CA ARG A 17 8.56 8.31 1.42
C ARG A 17 8.79 9.18 2.65
N ARG A 18 9.72 8.76 3.49
CA ARG A 18 10.05 9.50 4.71
C ARG A 18 11.38 10.23 4.58
N CYS A 19 11.35 11.55 4.68
CA CYS A 19 12.55 12.36 4.59
C CYS A 19 13.37 12.24 5.87
N LEU A 20 14.66 12.56 5.79
CA LEU A 20 15.53 12.48 6.97
C LEU A 20 14.97 13.31 8.11
N ILE A 21 15.19 14.63 8.06
CA ILE A 21 14.70 15.52 9.10
C ILE A 21 13.67 16.50 8.52
N PRO A 22 12.65 16.88 9.31
CA PRO A 22 11.60 17.81 8.87
C PRO A 22 12.07 19.26 8.84
N LYS A 23 11.39 20.07 8.05
CA LYS A 23 11.72 21.49 7.93
C LYS A 23 10.71 22.33 8.71
N VAL A 24 9.51 22.43 8.17
CA VAL A 24 8.44 23.20 8.80
C VAL A 24 7.42 22.27 9.47
N ASP A 25 7.72 20.97 9.47
CA ASP A 25 6.82 19.98 10.06
C ASP A 25 5.53 19.87 9.27
N ASN A 26 5.57 20.27 8.00
CA ASN A 26 4.40 20.20 7.14
C ASN A 26 4.39 18.90 6.34
N ASN A 27 5.11 18.87 5.22
CA ASN A 27 5.18 17.69 4.38
C ASN A 27 6.41 16.86 4.74
N ALA A 28 6.20 15.59 5.08
CA ALA A 28 7.30 14.70 5.44
C ALA A 28 7.10 13.31 4.83
N ILE A 29 5.89 12.78 4.96
CA ILE A 29 5.59 11.46 4.44
C ILE A 29 4.69 11.53 3.20
N GLU A 30 5.01 10.70 2.22
CA GLU A 30 4.24 10.63 0.98
C GLU A 30 3.97 9.17 0.60
N PHE A 31 2.70 8.81 0.53
CA PHE A 31 2.31 7.44 0.21
C PHE A 31 2.33 7.17 -1.30
N LEU A 32 2.63 5.91 -1.65
CA LEU A 32 2.65 5.50 -3.05
C LEU A 32 1.27 5.03 -3.47
N LEU A 33 0.83 5.47 -4.65
CA LEU A 33 -0.47 5.09 -5.16
C LEU A 33 -0.39 4.71 -6.62
N LEU A 34 -1.15 3.69 -7.01
CA LEU A 34 -1.16 3.21 -8.39
C LEU A 34 -2.56 3.32 -8.99
N GLN A 35 -2.70 4.20 -9.97
CA GLN A 35 -3.98 4.41 -10.64
C GLN A 35 -4.31 3.25 -11.57
N ALA A 36 -5.56 2.82 -11.57
CA ALA A 36 -6.00 1.74 -12.43
C ALA A 36 -5.89 2.15 -13.89
N SER A 37 -5.56 1.21 -14.76
CA SER A 37 -5.42 1.50 -16.19
C SER A 37 -6.78 1.66 -16.86
N ASP A 38 -7.86 1.55 -16.08
CA ASP A 38 -9.21 1.69 -16.62
C ASP A 38 -10.25 1.76 -15.50
N GLY A 39 -11.51 1.51 -15.85
CA GLY A 39 -12.58 1.54 -14.85
C GLY A 39 -12.77 2.91 -14.24
N ILE A 40 -12.78 2.97 -12.92
CA ILE A 40 -12.96 4.23 -12.21
C ILE A 40 -11.63 4.95 -12.03
N HIS A 41 -10.54 4.29 -12.40
CA HIS A 41 -9.20 4.88 -12.29
C HIS A 41 -8.83 5.11 -10.83
N HIS A 42 -9.29 4.22 -9.96
CA HIS A 42 -9.02 4.32 -8.53
C HIS A 42 -7.52 4.11 -8.26
N TRP A 43 -7.02 4.75 -7.22
CA TRP A 43 -5.61 4.64 -6.84
C TRP A 43 -5.44 3.77 -5.60
N THR A 44 -4.70 2.67 -5.75
CA THR A 44 -4.47 1.77 -4.62
C THR A 44 -3.05 1.19 -4.67
N PRO A 45 -2.40 1.03 -3.51
CA PRO A 45 -1.05 0.47 -3.43
C PRO A 45 -0.92 -0.88 -4.13
N PRO A 46 0.32 -1.27 -4.51
CA PRO A 46 0.56 -2.55 -5.19
C PRO A 46 0.29 -3.75 -4.29
N LYS A 47 -0.86 -4.37 -4.48
CA LYS A 47 -1.24 -5.53 -3.67
C LYS A 47 -0.99 -6.83 -4.41
N GLY A 48 -0.75 -7.90 -3.64
CA GLY A 48 -0.50 -9.20 -4.23
C GLY A 48 -1.38 -10.28 -3.64
N HIS A 49 -1.45 -11.42 -4.31
CA HIS A 49 -2.26 -12.53 -3.85
C HIS A 49 -1.41 -13.54 -3.09
N VAL A 50 -1.50 -13.52 -1.75
CA VAL A 50 -0.73 -14.44 -0.92
C VAL A 50 -1.26 -15.86 -1.04
N GLU A 51 -0.33 -16.79 -1.27
CA GLU A 51 -0.67 -18.21 -1.42
C GLU A 51 -0.62 -18.92 -0.06
N PRO A 52 -1.01 -20.20 -0.01
CA PRO A 52 -1.02 -20.97 1.23
C PRO A 52 0.35 -20.98 1.92
N GLY A 53 1.34 -21.52 1.22
CA GLY A 53 2.69 -21.59 1.77
C GLY A 53 3.47 -20.31 1.64
N GLU A 54 2.81 -19.25 1.18
CA GLU A 54 3.47 -17.95 1.00
C GLU A 54 3.39 -17.13 2.28
N ASP A 55 4.21 -16.08 2.36
CA ASP A 55 4.22 -15.22 3.53
C ASP A 55 3.20 -14.10 3.38
N ASP A 56 2.82 -13.51 4.50
CA ASP A 56 1.85 -12.43 4.51
C ASP A 56 2.46 -11.15 3.94
N LEU A 57 3.49 -10.64 4.60
CA LEU A 57 4.15 -9.42 4.15
C LEU A 57 4.83 -9.61 2.80
N GLU A 58 5.46 -10.77 2.61
CA GLU A 58 6.14 -11.05 1.35
C GLU A 58 5.22 -10.77 0.17
N THR A 59 3.99 -11.24 0.25
CA THR A 59 3.03 -10.99 -0.81
C THR A 59 2.91 -9.50 -1.05
N ALA A 60 2.77 -8.75 0.03
CA ALA A 60 2.67 -7.29 -0.06
C ALA A 60 3.98 -6.69 -0.55
N LEU A 61 5.08 -7.39 -0.26
CA LEU A 61 6.41 -6.95 -0.68
C LEU A 61 6.63 -7.23 -2.16
N ARG A 62 6.39 -8.48 -2.55
CA ARG A 62 6.56 -8.90 -3.94
C ARG A 62 5.62 -8.13 -4.87
N ALA A 63 4.41 -7.84 -4.38
CA ALA A 63 3.45 -7.08 -5.16
C ALA A 63 3.95 -5.66 -5.36
N THR A 64 4.64 -5.15 -4.34
CA THR A 64 5.20 -3.81 -4.40
C THR A 64 6.19 -3.70 -5.54
N GLN A 65 7.18 -4.56 -5.54
CA GLN A 65 8.20 -4.56 -6.59
C GLN A 65 7.60 -5.00 -7.93
N GLU A 66 6.47 -5.69 -7.87
CA GLU A 66 5.80 -6.15 -9.09
C GLU A 66 5.01 -5.01 -9.72
N GLU A 67 4.27 -4.27 -8.91
CA GLU A 67 3.46 -3.16 -9.41
C GLU A 67 4.09 -1.81 -9.07
N ALA A 68 5.33 -1.84 -8.58
CA ALA A 68 6.03 -0.60 -8.23
C ALA A 68 7.54 -0.73 -8.41
N GLY A 69 8.02 -1.94 -8.66
CA GLY A 69 9.45 -2.14 -8.85
C GLY A 69 10.25 -1.97 -7.57
N ILE A 70 9.56 -1.68 -6.46
CA ILE A 70 10.23 -1.50 -5.19
C ILE A 70 9.98 -2.71 -4.28
N GLU A 71 11.05 -3.24 -3.69
CA GLU A 71 10.95 -4.39 -2.81
C GLU A 71 11.32 -4.00 -1.38
N ALA A 72 11.11 -4.93 -0.45
CA ALA A 72 11.45 -4.68 0.94
C ALA A 72 12.88 -4.22 1.10
N GLY A 73 13.74 -4.65 0.17
CA GLY A 73 15.13 -4.26 0.21
C GLY A 73 15.32 -2.81 -0.22
N GLN A 74 14.26 -2.22 -0.77
CA GLN A 74 14.33 -0.83 -1.22
C GLN A 74 13.45 0.08 -0.36
N LEU A 75 12.56 -0.51 0.42
CA LEU A 75 11.69 0.28 1.28
C LEU A 75 11.87 -0.14 2.74
N THR A 76 11.11 0.49 3.62
CA THR A 76 11.22 0.20 5.05
C THR A 76 9.87 -0.20 5.63
N ILE A 77 9.68 -1.50 5.83
CA ILE A 77 8.43 -2.01 6.40
C ILE A 77 8.40 -1.80 7.91
N ILE A 78 7.37 -1.12 8.39
CA ILE A 78 7.24 -0.85 9.83
C ILE A 78 6.51 -1.98 10.54
N GLU A 79 7.03 -2.36 11.71
CA GLU A 79 6.43 -3.42 12.50
C GLU A 79 5.48 -2.86 13.55
N GLY A 80 4.47 -3.65 13.91
CA GLY A 80 3.51 -3.21 14.89
C GLY A 80 2.19 -2.79 14.27
N PHE A 81 2.26 -2.36 13.01
CA PHE A 81 1.08 -1.93 12.28
C PHE A 81 0.57 -3.03 11.37
N LYS A 82 -0.73 -3.28 11.42
CA LYS A 82 -1.34 -4.32 10.60
C LYS A 82 -2.83 -4.07 10.42
N ARG A 83 -3.28 -4.18 9.18
CA ARG A 83 -4.68 -3.99 8.84
C ARG A 83 -4.97 -4.65 7.49
N GLU A 84 -6.15 -5.24 7.36
CA GLU A 84 -6.52 -5.89 6.12
C GLU A 84 -7.89 -5.42 5.63
N LEU A 85 -7.94 -5.01 4.37
CA LEU A 85 -9.19 -4.54 3.79
C LEU A 85 -9.94 -5.71 3.15
N ASN A 86 -11.14 -5.98 3.66
CA ASN A 86 -11.95 -7.08 3.15
C ASN A 86 -13.18 -6.57 2.42
N TYR A 87 -13.34 -7.00 1.16
CA TYR A 87 -14.48 -6.61 0.35
C TYR A 87 -14.57 -7.46 -0.91
N VAL A 88 -15.79 -7.80 -1.29
CA VAL A 88 -16.03 -8.59 -2.48
C VAL A 88 -16.06 -7.70 -3.72
N ALA A 89 -15.05 -7.83 -4.57
CA ALA A 89 -14.95 -7.02 -5.77
C ALA A 89 -15.87 -7.53 -6.88
N ARG A 90 -15.30 -8.22 -7.86
CA ARG A 90 -16.09 -8.74 -8.98
C ARG A 90 -17.10 -9.78 -8.50
N ASN A 91 -16.70 -10.55 -7.50
CA ASN A 91 -17.56 -11.60 -6.94
C ASN A 91 -16.80 -12.45 -5.93
N LYS A 92 -15.83 -11.83 -5.26
CA LYS A 92 -15.03 -12.54 -4.27
C LYS A 92 -14.38 -11.56 -3.30
N PRO A 93 -14.59 -11.76 -1.98
CA PRO A 93 -14.03 -10.89 -0.94
C PRO A 93 -12.53 -11.08 -0.78
N LYS A 94 -11.80 -10.01 -1.00
CA LYS A 94 -10.34 -10.04 -0.91
C LYS A 94 -9.83 -9.47 0.40
N THR A 95 -8.95 -10.23 1.06
CA THR A 95 -8.35 -9.79 2.31
C THR A 95 -6.99 -9.18 2.01
N VAL A 96 -6.94 -7.85 2.01
CA VAL A 96 -5.70 -7.14 1.71
C VAL A 96 -5.06 -6.59 2.96
N ILE A 97 -3.95 -7.20 3.37
CA ILE A 97 -3.22 -6.74 4.53
C ILE A 97 -2.24 -5.66 4.10
N TYR A 98 -2.36 -4.48 4.70
CA TYR A 98 -1.51 -3.37 4.33
C TYR A 98 -0.51 -3.02 5.43
N TRP A 99 0.76 -2.95 5.04
CA TRP A 99 1.82 -2.60 5.96
C TRP A 99 2.32 -1.20 5.66
N LEU A 100 3.14 -0.65 6.54
CA LEU A 100 3.70 0.68 6.34
C LEU A 100 5.14 0.56 5.84
N ALA A 101 5.37 0.89 4.58
CA ALA A 101 6.70 0.80 4.00
C ALA A 101 7.19 2.16 3.54
N GLU A 102 8.50 2.35 3.55
CA GLU A 102 9.10 3.62 3.13
C GLU A 102 10.24 3.38 2.14
N VAL A 103 10.07 3.84 0.91
CA VAL A 103 11.10 3.67 -0.10
C VAL A 103 12.29 4.58 0.19
N LYS A 104 13.49 4.00 0.15
CA LYS A 104 14.71 4.73 0.43
C LYS A 104 15.03 5.77 -0.64
N ASP A 105 14.53 5.56 -1.85
CA ASP A 105 14.80 6.48 -2.94
C ASP A 105 13.58 7.36 -3.25
N TYR A 106 13.78 8.68 -3.23
CA TYR A 106 12.71 9.62 -3.53
C TYR A 106 12.24 9.43 -4.96
N ASP A 107 13.19 9.25 -5.87
CA ASP A 107 12.89 9.01 -7.27
C ASP A 107 12.96 7.53 -7.57
N VAL A 108 12.79 6.71 -6.52
CA VAL A 108 12.83 5.26 -6.64
C VAL A 108 12.06 4.78 -7.87
N GLU A 109 12.51 3.67 -8.46
CA GLU A 109 11.89 3.13 -9.65
C GLU A 109 10.45 2.69 -9.37
N ILE A 110 9.60 2.95 -10.35
CA ILE A 110 8.19 2.59 -10.26
C ILE A 110 7.80 1.72 -11.44
N ARG A 111 7.81 0.42 -11.22
CA ARG A 111 7.47 -0.55 -12.24
C ARG A 111 6.03 -1.03 -12.10
N LEU A 112 5.15 -0.49 -12.93
CA LEU A 112 3.74 -0.86 -12.90
C LEU A 112 3.42 -1.92 -13.95
N SER A 113 2.84 -3.03 -13.51
CA SER A 113 2.47 -4.11 -14.41
C SER A 113 1.39 -3.65 -15.38
N HIS A 114 0.73 -4.62 -16.03
CA HIS A 114 -0.33 -4.29 -16.98
C HIS A 114 -1.65 -3.99 -16.28
N GLU A 115 -1.60 -3.79 -14.97
CA GLU A 115 -2.79 -3.49 -14.18
C GLU A 115 -2.85 -2.00 -13.83
N HIS A 116 -1.68 -1.42 -13.57
CA HIS A 116 -1.59 -0.01 -13.22
C HIS A 116 -1.01 0.79 -14.38
N GLN A 117 -1.75 1.80 -14.82
CA GLN A 117 -1.32 2.64 -15.93
C GLN A 117 -0.57 3.88 -15.43
N ALA A 118 -0.66 4.16 -14.13
CA ALA A 118 0.02 5.31 -13.55
C ALA A 118 0.10 5.21 -12.03
N TYR A 119 0.92 6.08 -11.44
CA TYR A 119 1.10 6.12 -10.00
C TYR A 119 1.34 7.54 -9.52
N ARG A 120 1.30 7.75 -8.20
CA ARG A 120 1.52 9.07 -7.63
C ARG A 120 2.00 8.99 -6.18
N TRP A 121 2.68 10.05 -5.76
CA TRP A 121 3.18 10.15 -4.39
C TRP A 121 2.56 11.36 -3.69
N LEU A 122 1.65 11.10 -2.76
CA LEU A 122 0.96 12.17 -2.05
C LEU A 122 0.80 11.86 -0.57
N GLY A 123 0.42 12.87 0.20
CA GLY A 123 0.23 12.68 1.63
C GLY A 123 -1.07 11.95 1.92
N LEU A 124 -1.54 12.04 3.16
CA LEU A 124 -2.78 11.39 3.54
C LEU A 124 -3.99 12.03 2.86
N GLU A 125 -4.03 13.36 2.87
CA GLU A 125 -5.14 14.09 2.25
C GLU A 125 -5.33 13.69 0.78
N GLU A 126 -4.26 13.77 0.00
CA GLU A 126 -4.33 13.40 -1.40
C GLU A 126 -4.54 11.91 -1.54
N ALA A 127 -3.69 11.14 -0.87
CA ALA A 127 -3.82 9.69 -0.90
C ALA A 127 -5.25 9.29 -0.54
N CYS A 128 -5.91 10.15 0.23
CA CYS A 128 -7.29 9.93 0.64
C CYS A 128 -8.23 10.41 -0.47
N GLN A 129 -7.81 11.47 -1.17
CA GLN A 129 -8.61 12.04 -2.26
C GLN A 129 -8.76 11.03 -3.40
N LEU A 130 -7.66 10.40 -3.78
CA LEU A 130 -7.68 9.40 -4.85
C LEU A 130 -8.24 8.09 -4.32
N ALA A 131 -7.91 7.76 -3.07
CA ALA A 131 -8.41 6.54 -2.45
C ALA A 131 -9.84 6.73 -1.96
N GLN A 132 -10.68 7.24 -2.84
CA GLN A 132 -12.10 7.49 -2.54
C GLN A 132 -12.69 6.40 -1.65
N PHE A 133 -12.19 5.18 -1.78
CA PHE A 133 -12.67 4.06 -0.98
C PHE A 133 -12.36 4.30 0.50
N LYS A 134 -13.38 4.20 1.34
CA LYS A 134 -13.23 4.43 2.78
C LYS A 134 -12.06 3.64 3.36
N GLU A 135 -12.08 2.33 3.18
CA GLU A 135 -11.03 1.46 3.71
C GLU A 135 -9.63 1.99 3.38
N MET A 136 -9.39 2.32 2.12
CA MET A 136 -8.09 2.82 1.71
C MET A 136 -7.75 4.09 2.48
N LYS A 137 -8.76 4.91 2.72
CA LYS A 137 -8.56 6.14 3.46
C LYS A 137 -8.08 5.80 4.86
N ALA A 138 -8.53 4.66 5.36
CA ALA A 138 -8.16 4.18 6.67
C ALA A 138 -6.74 3.63 6.65
N ALA A 139 -6.45 2.80 5.64
CA ALA A 139 -5.13 2.20 5.51
C ALA A 139 -4.05 3.28 5.55
N LEU A 140 -4.29 4.37 4.82
CA LEU A 140 -3.36 5.49 4.79
C LEU A 140 -3.52 6.36 6.03
N GLN A 141 -4.71 6.31 6.63
CA GLN A 141 -5.01 7.10 7.82
C GLN A 141 -4.19 6.63 9.02
N GLU A 142 -4.25 5.33 9.29
CA GLU A 142 -3.53 4.76 10.43
C GLU A 142 -2.04 4.72 10.14
N GLY A 143 -1.67 4.56 8.86
CA GLY A 143 -0.27 4.51 8.50
C GLY A 143 0.46 5.75 8.95
N HIS A 144 -0.12 6.91 8.70
CA HIS A 144 0.47 8.18 9.09
C HIS A 144 0.30 8.40 10.59
N GLN A 145 -0.83 7.92 11.11
CA GLN A 145 -1.15 8.06 12.52
C GLN A 145 -0.18 7.27 13.40
N PHE A 146 -0.03 5.98 13.09
CA PHE A 146 0.86 5.11 13.85
C PHE A 146 2.30 5.56 13.73
N LEU A 147 2.77 5.70 12.49
CA LEU A 147 4.15 6.12 12.24
C LEU A 147 4.47 7.45 12.91
N CYS A 148 3.46 8.28 13.10
CA CYS A 148 3.65 9.57 13.74
C CYS A 148 3.88 9.43 15.25
N SER A 149 3.69 8.21 15.77
CA SER A 149 3.87 7.95 17.19
C SER A 149 5.18 7.22 17.49
N ILE A 150 5.91 6.83 16.44
CA ILE A 150 7.17 6.14 16.64
C ILE A 150 8.33 7.15 16.57
N GLU A 151 9.45 6.77 15.98
CA GLU A 151 10.60 7.65 15.87
C GLU A 151 11.23 7.57 14.48
N ALA A 152 11.83 6.44 14.18
CA ALA A 152 12.48 6.22 12.89
C ALA A 152 12.36 4.76 12.44
N LEU A 153 12.54 3.85 13.40
CA LEU A 153 12.46 2.42 13.12
C LEU A 153 12.09 1.64 14.37
N GLY A 1 -11.99 -20.52 13.56
CA GLY A 1 -12.31 -20.38 12.16
C GLY A 1 -11.25 -21.10 11.31
N PRO A 2 -11.70 -22.00 10.44
CA PRO A 2 -10.86 -22.77 9.56
C PRO A 2 -10.32 -21.87 8.46
N LEU A 3 -9.21 -21.18 8.73
CA LEU A 3 -8.60 -20.29 7.75
C LEU A 3 -8.18 -21.06 6.50
N GLY A 4 -8.57 -20.54 5.34
CA GLY A 4 -8.23 -21.18 4.09
C GLY A 4 -9.44 -21.78 3.39
N SER A 5 -10.45 -20.95 3.15
CA SER A 5 -11.66 -21.41 2.49
C SER A 5 -12.25 -20.32 1.57
N MET A 6 -13.27 -19.62 2.06
CA MET A 6 -13.90 -18.56 1.29
C MET A 6 -13.02 -17.31 1.27
N ALA A 7 -13.34 -16.39 0.37
CA ALA A 7 -12.59 -15.16 0.24
C ALA A 7 -11.19 -15.44 -0.32
N LEU A 8 -10.54 -14.39 -0.79
CA LEU A 8 -9.21 -14.50 -1.36
C LEU A 8 -8.17 -13.82 -0.48
N ARG A 9 -7.06 -14.51 -0.25
CA ARG A 9 -5.99 -13.97 0.56
C ARG A 9 -5.14 -13.00 -0.25
N ALA A 10 -5.08 -11.75 0.20
CA ALA A 10 -4.31 -10.72 -0.48
C ALA A 10 -3.44 -9.94 0.49
N CYS A 11 -2.46 -9.23 -0.03
CA CYS A 11 -1.56 -8.43 0.79
C CYS A 11 -0.95 -7.30 -0.01
N GLY A 12 -1.14 -6.07 0.47
CA GLY A 12 -0.57 -4.92 -0.20
C GLY A 12 0.43 -4.19 0.68
N LEU A 13 1.09 -3.19 0.13
CA LEU A 13 2.09 -2.44 0.90
C LEU A 13 1.79 -0.95 0.90
N ILE A 14 1.56 -0.39 2.08
CA ILE A 14 1.32 1.04 2.19
C ILE A 14 2.67 1.74 2.23
N ILE A 15 3.14 2.13 1.06
CA ILE A 15 4.43 2.77 0.93
C ILE A 15 4.35 4.27 1.20
N PHE A 16 5.42 4.79 1.79
CA PHE A 16 5.50 6.19 2.12
C PHE A 16 6.94 6.70 2.13
N ARG A 17 7.23 7.72 1.33
CA ARG A 17 8.58 8.27 1.29
C ARG A 17 8.75 9.28 2.42
N ARG A 18 9.61 8.92 3.38
CA ARG A 18 9.88 9.78 4.54
C ARG A 18 11.09 10.66 4.30
N CYS A 19 10.86 11.97 4.25
CA CYS A 19 11.94 12.93 4.05
C CYS A 19 12.41 13.50 5.38
N LEU A 20 13.68 13.90 5.42
CA LEU A 20 14.26 14.45 6.62
C LEU A 20 13.52 15.72 7.06
N ILE A 21 13.83 16.84 6.43
CA ILE A 21 13.18 18.11 6.75
C ILE A 21 12.34 18.60 5.59
N PRO A 22 11.28 19.38 5.88
CA PRO A 22 10.39 19.93 4.84
C PRO A 22 11.13 20.88 3.91
N LYS A 23 10.67 20.95 2.66
CA LYS A 23 11.29 21.83 1.67
C LYS A 23 10.61 23.19 1.69
N VAL A 24 9.39 23.26 1.18
CA VAL A 24 8.66 24.53 1.14
C VAL A 24 7.22 24.37 1.62
N ASP A 25 6.59 23.28 1.20
CA ASP A 25 5.20 23.03 1.59
C ASP A 25 4.75 21.63 1.17
N ASN A 26 5.62 20.66 1.39
CA ASN A 26 5.32 19.27 1.07
C ASN A 26 5.49 18.39 2.29
N ASN A 27 4.43 17.72 2.67
CA ASN A 27 4.45 16.83 3.83
C ASN A 27 5.72 16.01 3.90
N ALA A 28 6.10 15.62 5.12
CA ALA A 28 7.30 14.81 5.31
C ALA A 28 7.13 13.42 4.74
N ILE A 29 5.91 12.90 4.82
CA ILE A 29 5.61 11.56 4.32
C ILE A 29 4.62 11.59 3.16
N GLU A 30 4.90 10.78 2.14
CA GLU A 30 4.05 10.68 0.97
C GLU A 30 3.88 9.21 0.59
N PHE A 31 2.63 8.78 0.46
CA PHE A 31 2.34 7.38 0.14
C PHE A 31 2.32 7.10 -1.36
N LEU A 32 2.74 5.87 -1.72
CA LEU A 32 2.75 5.46 -3.11
C LEU A 32 1.38 4.95 -3.51
N LEU A 33 0.90 5.41 -4.66
CA LEU A 33 -0.42 5.00 -5.13
C LEU A 33 -0.36 4.63 -6.60
N LEU A 34 -1.02 3.53 -6.95
CA LEU A 34 -1.05 3.06 -8.33
C LEU A 34 -2.49 3.00 -8.84
N GLN A 35 -2.84 3.95 -9.69
CA GLN A 35 -4.19 4.02 -10.25
C GLN A 35 -4.51 2.75 -11.03
N ALA A 36 -5.69 2.20 -10.78
CA ALA A 36 -6.14 1.00 -11.46
C ALA A 36 -6.17 1.23 -12.97
N SER A 37 -5.67 0.27 -13.73
CA SER A 37 -5.63 0.38 -15.18
C SER A 37 -6.99 0.01 -15.80
N ASP A 38 -8.01 -0.13 -14.95
CA ASP A 38 -9.34 -0.47 -15.43
C ASP A 38 -10.38 -0.21 -14.33
N GLY A 39 -11.62 -0.60 -14.58
CA GLY A 39 -12.67 -0.40 -13.61
C GLY A 39 -12.96 1.08 -13.37
N ILE A 40 -13.02 1.48 -12.10
CA ILE A 40 -13.29 2.87 -11.76
C ILE A 40 -11.99 3.68 -11.67
N HIS A 41 -10.87 3.05 -12.04
CA HIS A 41 -9.58 3.71 -12.01
C HIS A 41 -9.24 4.25 -10.62
N HIS A 42 -9.47 3.43 -9.59
CA HIS A 42 -9.15 3.84 -8.23
C HIS A 42 -7.66 3.97 -8.04
N TRP A 43 -7.25 4.45 -6.88
CA TRP A 43 -5.84 4.60 -6.57
C TRP A 43 -5.50 3.77 -5.34
N THR A 44 -4.89 2.62 -5.58
CA THR A 44 -4.51 1.71 -4.50
C THR A 44 -3.03 1.37 -4.58
N PRO A 45 -2.42 1.01 -3.44
CA PRO A 45 -0.99 0.66 -3.40
C PRO A 45 -0.72 -0.68 -4.08
N PRO A 46 0.56 -1.05 -4.20
CA PRO A 46 0.95 -2.31 -4.83
C PRO A 46 0.46 -3.52 -4.05
N LYS A 47 -0.77 -3.96 -4.34
CA LYS A 47 -1.34 -5.11 -3.65
C LYS A 47 -1.15 -6.38 -4.47
N GLY A 48 -1.09 -7.51 -3.78
CA GLY A 48 -0.90 -8.79 -4.46
C GLY A 48 -1.75 -9.90 -3.87
N HIS A 49 -1.61 -11.10 -4.42
CA HIS A 49 -2.37 -12.26 -3.95
C HIS A 49 -1.46 -13.21 -3.17
N VAL A 50 -1.75 -13.37 -1.87
CA VAL A 50 -0.94 -14.24 -1.03
C VAL A 50 -1.48 -15.67 -1.03
N GLU A 51 -0.59 -16.62 -1.30
CA GLU A 51 -0.96 -18.02 -1.32
C GLU A 51 -0.74 -18.64 0.06
N PRO A 52 -1.49 -19.71 0.39
CA PRO A 52 -1.39 -20.38 1.68
C PRO A 52 0.06 -20.67 2.08
N GLY A 53 0.85 -21.14 1.12
CA GLY A 53 2.23 -21.43 1.39
C GLY A 53 3.11 -20.19 1.36
N GLU A 54 2.57 -19.10 0.81
CA GLU A 54 3.31 -17.84 0.72
C GLU A 54 3.20 -17.04 2.01
N ASP A 55 4.07 -16.04 2.17
CA ASP A 55 4.05 -15.20 3.37
C ASP A 55 3.06 -14.07 3.21
N ASP A 56 2.68 -13.47 4.32
CA ASP A 56 1.72 -12.38 4.32
C ASP A 56 2.34 -11.09 3.76
N LEU A 57 3.33 -10.55 4.48
CA LEU A 57 3.99 -9.33 4.05
C LEU A 57 4.70 -9.52 2.71
N GLU A 58 5.37 -10.67 2.56
CA GLU A 58 6.10 -10.97 1.33
C GLU A 58 5.20 -10.72 0.13
N THR A 59 3.97 -11.22 0.18
CA THR A 59 3.03 -11.02 -0.91
C THR A 59 2.89 -9.53 -1.18
N ALA A 60 2.75 -8.76 -0.11
CA ALA A 60 2.64 -7.31 -0.22
C ALA A 60 3.97 -6.72 -0.69
N LEU A 61 5.06 -7.39 -0.33
CA LEU A 61 6.39 -6.95 -0.72
C LEU A 61 6.63 -7.21 -2.20
N ARG A 62 6.39 -8.46 -2.61
CA ARG A 62 6.55 -8.86 -3.99
C ARG A 62 5.65 -8.04 -4.89
N ALA A 63 4.44 -7.78 -4.44
CA ALA A 63 3.49 -6.98 -5.20
C ALA A 63 4.03 -5.56 -5.36
N THR A 64 4.74 -5.09 -4.34
CA THR A 64 5.33 -3.76 -4.35
C THR A 64 6.29 -3.62 -5.53
N GLN A 65 7.22 -4.55 -5.63
CA GLN A 65 8.20 -4.54 -6.71
C GLN A 65 7.55 -4.97 -8.02
N GLU A 66 6.46 -5.73 -7.92
CA GLU A 66 5.75 -6.19 -9.10
C GLU A 66 4.89 -5.08 -9.69
N GLU A 67 4.33 -4.24 -8.82
CA GLU A 67 3.48 -3.14 -9.26
C GLU A 67 4.15 -1.78 -9.04
N ALA A 68 5.40 -1.79 -8.57
CA ALA A 68 6.13 -0.55 -8.34
C ALA A 68 7.63 -0.72 -8.50
N GLY A 69 8.09 -1.95 -8.69
CA GLY A 69 9.52 -2.19 -8.84
C GLY A 69 10.30 -1.97 -7.56
N ILE A 70 9.59 -1.66 -6.48
CA ILE A 70 10.22 -1.43 -5.18
C ILE A 70 9.97 -2.61 -4.26
N GLU A 71 11.03 -3.15 -3.68
CA GLU A 71 10.92 -4.30 -2.80
C GLU A 71 11.27 -3.92 -1.36
N ALA A 72 11.05 -4.86 -0.44
CA ALA A 72 11.34 -4.64 0.97
C ALA A 72 12.78 -4.15 1.15
N GLY A 73 13.66 -4.62 0.27
CA GLY A 73 15.05 -4.21 0.35
C GLY A 73 15.26 -2.80 -0.17
N GLN A 74 14.20 -2.21 -0.72
CA GLN A 74 14.27 -0.86 -1.25
C GLN A 74 13.41 0.09 -0.42
N LEU A 75 12.54 -0.46 0.42
CA LEU A 75 11.69 0.35 1.29
C LEU A 75 11.92 -0.03 2.75
N THR A 76 11.08 0.51 3.63
CA THR A 76 11.20 0.22 5.06
C THR A 76 9.86 -0.18 5.65
N ILE A 77 9.65 -1.49 5.81
CA ILE A 77 8.42 -2.00 6.38
C ILE A 77 8.36 -1.75 7.88
N ILE A 78 7.32 -1.05 8.32
CA ILE A 78 7.16 -0.74 9.73
C ILE A 78 6.46 -1.87 10.46
N GLU A 79 6.99 -2.22 11.63
CA GLU A 79 6.42 -3.30 12.45
C GLU A 79 5.41 -2.77 13.46
N GLY A 80 4.45 -3.60 13.82
CA GLY A 80 3.43 -3.20 14.77
C GLY A 80 2.16 -2.74 14.10
N PHE A 81 2.27 -2.32 12.86
CA PHE A 81 1.12 -1.84 12.11
C PHE A 81 0.63 -2.91 11.13
N LYS A 82 -0.65 -3.25 11.22
CA LYS A 82 -1.23 -4.25 10.34
C LYS A 82 -2.74 -4.10 10.25
N ARG A 83 -3.22 -3.97 9.02
CA ARG A 83 -4.65 -3.83 8.77
C ARG A 83 -5.00 -4.50 7.45
N GLU A 84 -6.10 -5.23 7.43
CA GLU A 84 -6.51 -5.91 6.21
C GLU A 84 -7.89 -5.47 5.75
N LEU A 85 -7.98 -5.06 4.49
CA LEU A 85 -9.25 -4.61 3.92
C LEU A 85 -9.97 -5.77 3.25
N ASN A 86 -11.15 -6.09 3.77
CA ASN A 86 -11.93 -7.19 3.24
C ASN A 86 -13.14 -6.69 2.46
N TYR A 87 -13.24 -7.11 1.20
CA TYR A 87 -14.34 -6.70 0.35
C TYR A 87 -14.41 -7.55 -0.91
N VAL A 88 -15.63 -7.83 -1.34
CA VAL A 88 -15.83 -8.63 -2.56
C VAL A 88 -15.76 -7.75 -3.80
N ALA A 89 -14.71 -7.94 -4.59
CA ALA A 89 -14.52 -7.15 -5.80
C ALA A 89 -15.45 -7.62 -6.92
N ARG A 90 -14.90 -8.31 -7.92
CA ARG A 90 -15.71 -8.79 -9.04
C ARG A 90 -16.81 -9.73 -8.54
N ASN A 91 -16.45 -10.59 -7.60
CA ASN A 91 -17.41 -11.54 -7.03
C ASN A 91 -16.72 -12.44 -6.00
N LYS A 92 -15.69 -11.89 -5.35
CA LYS A 92 -14.95 -12.63 -4.34
C LYS A 92 -14.27 -11.67 -3.36
N PRO A 93 -14.52 -11.85 -2.05
CA PRO A 93 -13.94 -11.00 -1.01
C PRO A 93 -12.45 -11.23 -0.83
N LYS A 94 -11.69 -10.18 -1.03
CA LYS A 94 -10.23 -10.26 -0.91
C LYS A 94 -9.73 -9.58 0.35
N THR A 95 -9.08 -10.36 1.20
CA THR A 95 -8.50 -9.82 2.43
C THR A 95 -7.15 -9.21 2.10
N VAL A 96 -7.10 -7.89 2.12
CA VAL A 96 -5.87 -7.19 1.79
C VAL A 96 -5.17 -6.65 3.03
N ILE A 97 -4.05 -7.26 3.38
CA ILE A 97 -3.27 -6.82 4.52
C ILE A 97 -2.30 -5.74 4.06
N TYR A 98 -2.26 -4.63 4.78
CA TYR A 98 -1.41 -3.52 4.40
C TYR A 98 -0.33 -3.24 5.44
N TRP A 99 0.88 -3.00 4.94
CA TRP A 99 2.03 -2.70 5.80
C TRP A 99 2.67 -1.38 5.39
N LEU A 100 3.09 -0.59 6.36
CA LEU A 100 3.74 0.68 6.06
C LEU A 100 5.15 0.44 5.56
N ALA A 101 5.51 1.10 4.45
CA ALA A 101 6.84 0.93 3.88
C ALA A 101 7.39 2.25 3.34
N GLU A 102 8.65 2.53 3.63
CA GLU A 102 9.27 3.76 3.17
C GLU A 102 10.38 3.47 2.16
N VAL A 103 10.19 3.93 0.92
CA VAL A 103 11.19 3.70 -0.11
C VAL A 103 12.42 4.58 0.13
N LYS A 104 13.57 3.92 0.26
CA LYS A 104 14.82 4.62 0.54
C LYS A 104 15.20 5.55 -0.61
N ASP A 105 14.69 5.28 -1.80
CA ASP A 105 15.01 6.11 -2.95
C ASP A 105 13.90 7.11 -3.27
N TYR A 106 14.21 8.38 -3.05
CA TYR A 106 13.27 9.46 -3.31
C TYR A 106 12.78 9.43 -4.75
N ASP A 107 13.71 9.13 -5.66
CA ASP A 107 13.40 9.04 -7.07
C ASP A 107 13.37 7.58 -7.49
N VAL A 108 13.03 6.72 -6.53
CA VAL A 108 12.96 5.29 -6.76
C VAL A 108 12.16 4.95 -8.02
N GLU A 109 12.52 3.85 -8.67
CA GLU A 109 11.84 3.42 -9.88
C GLU A 109 10.46 2.88 -9.55
N ILE A 110 9.51 3.15 -10.44
CA ILE A 110 8.16 2.67 -10.26
C ILE A 110 7.72 1.80 -11.43
N ARG A 111 7.89 0.51 -11.24
CA ARG A 111 7.54 -0.48 -12.27
C ARG A 111 6.16 -1.07 -12.00
N LEU A 112 5.16 -0.55 -12.69
CA LEU A 112 3.79 -1.03 -12.53
C LEU A 112 3.56 -2.27 -13.37
N SER A 113 2.38 -2.87 -13.23
CA SER A 113 2.03 -4.07 -13.99
C SER A 113 0.86 -3.81 -14.92
N HIS A 114 0.30 -4.86 -15.48
CA HIS A 114 -0.84 -4.75 -16.41
C HIS A 114 -2.04 -4.07 -15.76
N GLU A 115 -2.35 -4.45 -14.53
CA GLU A 115 -3.49 -3.88 -13.82
C GLU A 115 -3.25 -2.41 -13.44
N HIS A 116 -2.04 -1.90 -13.72
CA HIS A 116 -1.71 -0.52 -13.39
C HIS A 116 -1.31 0.26 -14.64
N GLN A 117 -1.68 1.53 -14.67
CA GLN A 117 -1.36 2.40 -15.80
C GLN A 117 -0.68 3.68 -15.35
N ALA A 118 -0.79 4.02 -14.07
CA ALA A 118 -0.19 5.23 -13.54
C ALA A 118 -0.09 5.18 -12.02
N TYR A 119 0.86 5.93 -11.47
CA TYR A 119 1.07 5.98 -10.03
C TYR A 119 1.31 7.42 -9.56
N ARG A 120 1.27 7.64 -8.26
CA ARG A 120 1.49 8.98 -7.71
C ARG A 120 1.99 8.92 -6.27
N TRP A 121 2.59 10.02 -5.83
CA TRP A 121 3.11 10.13 -4.47
C TRP A 121 2.46 11.31 -3.77
N LEU A 122 1.58 11.04 -2.81
CA LEU A 122 0.88 12.10 -2.10
C LEU A 122 0.80 11.82 -0.61
N GLY A 123 0.39 12.83 0.15
CA GLY A 123 0.26 12.68 1.59
C GLY A 123 -0.97 11.87 1.95
N LEU A 124 -1.50 12.11 3.14
CA LEU A 124 -2.69 11.38 3.59
C LEU A 124 -3.95 11.95 2.93
N GLU A 125 -4.04 13.27 2.86
CA GLU A 125 -5.19 13.93 2.27
C GLU A 125 -5.39 13.52 0.81
N GLU A 126 -4.32 13.57 0.03
CA GLU A 126 -4.40 13.22 -1.38
C GLU A 126 -4.53 11.71 -1.55
N ALA A 127 -3.78 10.97 -0.75
CA ALA A 127 -3.83 9.51 -0.82
C ALA A 127 -5.24 9.04 -0.47
N CYS A 128 -5.92 9.83 0.35
CA CYS A 128 -7.29 9.55 0.76
C CYS A 128 -8.27 10.07 -0.28
N GLN A 129 -7.93 11.18 -0.91
CA GLN A 129 -8.78 11.80 -1.92
C GLN A 129 -8.92 10.87 -3.12
N LEU A 130 -7.81 10.27 -3.54
CA LEU A 130 -7.82 9.35 -4.66
C LEU A 130 -8.38 8.01 -4.22
N ALA A 131 -7.95 7.56 -3.04
CA ALA A 131 -8.44 6.31 -2.48
C ALA A 131 -9.81 6.52 -1.84
N GLN A 132 -10.73 7.00 -2.66
CA GLN A 132 -12.11 7.28 -2.23
C GLN A 132 -12.61 6.25 -1.23
N PHE A 133 -12.22 5.01 -1.46
CA PHE A 133 -12.63 3.91 -0.60
C PHE A 133 -12.28 4.21 0.85
N LYS A 134 -13.31 4.26 1.70
CA LYS A 134 -13.12 4.54 3.13
C LYS A 134 -11.97 3.71 3.69
N GLU A 135 -12.04 2.40 3.46
CA GLU A 135 -11.02 1.47 3.94
C GLU A 135 -9.61 1.94 3.54
N MET A 136 -9.40 2.20 2.26
CA MET A 136 -8.10 2.65 1.79
C MET A 136 -7.70 3.94 2.49
N LYS A 137 -8.70 4.79 2.70
CA LYS A 137 -8.47 6.05 3.39
C LYS A 137 -7.96 5.77 4.79
N ALA A 138 -8.46 4.69 5.37
CA ALA A 138 -8.06 4.27 6.71
C ALA A 138 -6.65 3.71 6.70
N ALA A 139 -6.38 2.82 5.73
CA ALA A 139 -5.05 2.22 5.61
C ALA A 139 -3.98 3.30 5.61
N LEU A 140 -4.23 4.35 4.82
CA LEU A 140 -3.31 5.47 4.74
C LEU A 140 -3.44 6.36 5.97
N GLN A 141 -4.64 6.39 6.55
CA GLN A 141 -4.89 7.20 7.74
C GLN A 141 -4.12 6.69 8.93
N GLU A 142 -4.25 5.39 9.21
CA GLU A 142 -3.56 4.78 10.33
C GLU A 142 -2.06 4.73 10.05
N GLY A 143 -1.72 4.60 8.77
CA GLY A 143 -0.31 4.55 8.39
C GLY A 143 0.45 5.76 8.90
N HIS A 144 -0.15 6.94 8.73
CA HIS A 144 0.46 8.18 9.18
C HIS A 144 0.28 8.33 10.69
N GLN A 145 -0.85 7.86 11.19
CA GLN A 145 -1.15 7.95 12.63
C GLN A 145 -0.13 7.19 13.46
N PHE A 146 0.07 5.92 13.12
CA PHE A 146 1.02 5.08 13.85
C PHE A 146 2.45 5.62 13.70
N LEU A 147 2.83 5.88 12.47
CA LEU A 147 4.17 6.39 12.16
C LEU A 147 4.45 7.70 12.90
N CYS A 148 3.42 8.53 13.07
CA CYS A 148 3.57 9.80 13.77
C CYS A 148 3.72 9.57 15.27
N SER A 149 3.34 8.39 15.74
CA SER A 149 3.44 8.06 17.15
C SER A 149 4.75 7.35 17.48
N ILE A 150 5.50 6.96 16.46
CA ILE A 150 6.78 6.28 16.68
C ILE A 150 7.89 7.31 16.91
N GLU A 151 9.00 7.16 16.19
CA GLU A 151 10.11 8.08 16.34
C GLU A 151 10.22 9.01 15.12
N ALA A 152 10.25 8.42 13.93
CA ALA A 152 10.34 9.19 12.70
C ALA A 152 9.23 10.24 12.63
N LEU A 153 9.57 11.45 12.18
CA LEU A 153 8.58 12.51 12.06
C LEU A 153 8.22 12.76 10.59
N GLY A 1 -17.47 -23.26 7.24
CA GLY A 1 -16.98 -22.73 5.97
C GLY A 1 -15.95 -23.68 5.37
N PRO A 2 -16.40 -24.56 4.47
CA PRO A 2 -15.55 -25.53 3.80
C PRO A 2 -14.68 -24.81 2.78
N LEU A 3 -13.88 -25.60 2.04
CA LEU A 3 -12.97 -25.09 1.01
C LEU A 3 -11.71 -24.47 1.63
N GLY A 4 -11.89 -23.61 2.63
CA GLY A 4 -10.76 -22.96 3.27
C GLY A 4 -10.25 -21.79 2.46
N SER A 5 -11.06 -21.31 1.52
CA SER A 5 -10.69 -20.17 0.67
C SER A 5 -11.66 -19.01 0.83
N MET A 6 -12.45 -19.01 1.93
CA MET A 6 -13.40 -17.93 2.17
C MET A 6 -12.68 -16.59 2.10
N ALA A 7 -13.01 -15.82 1.06
CA ALA A 7 -12.37 -14.54 0.81
C ALA A 7 -10.96 -14.75 0.30
N LEU A 8 -10.61 -13.99 -0.72
CA LEU A 8 -9.32 -14.07 -1.37
C LEU A 8 -8.21 -13.49 -0.49
N ARG A 9 -7.17 -14.30 -0.26
CA ARG A 9 -6.04 -13.87 0.54
C ARG A 9 -5.13 -12.97 -0.27
N ALA A 10 -5.10 -11.69 0.10
CA ALA A 10 -4.26 -10.71 -0.59
C ALA A 10 -3.41 -9.93 0.40
N CYS A 11 -2.44 -9.18 -0.13
CA CYS A 11 -1.56 -8.38 0.72
C CYS A 11 -0.95 -7.23 -0.06
N GLY A 12 -1.20 -6.02 0.41
CA GLY A 12 -0.66 -4.83 -0.22
C GLY A 12 0.35 -4.14 0.66
N LEU A 13 1.03 -3.13 0.12
CA LEU A 13 2.02 -2.40 0.90
C LEU A 13 1.75 -0.91 0.86
N ILE A 14 1.47 -0.33 2.03
CA ILE A 14 1.23 1.11 2.13
C ILE A 14 2.59 1.80 2.21
N ILE A 15 3.10 2.15 1.04
CA ILE A 15 4.40 2.80 0.94
C ILE A 15 4.31 4.27 1.30
N PHE A 16 5.37 4.79 1.92
CA PHE A 16 5.41 6.19 2.33
C PHE A 16 6.83 6.74 2.29
N ARG A 17 7.03 7.80 1.51
CA ARG A 17 8.35 8.42 1.41
C ARG A 17 8.56 9.37 2.60
N ARG A 18 9.48 9.00 3.48
CA ARG A 18 9.79 9.80 4.66
C ARG A 18 11.02 10.68 4.44
N CYS A 19 10.91 11.95 4.82
CA CYS A 19 12.01 12.90 4.68
C CYS A 19 12.79 13.02 5.99
N LEU A 20 14.03 13.50 5.92
CA LEU A 20 14.88 13.66 7.09
C LEU A 20 14.23 14.62 8.10
N ILE A 21 14.07 15.88 7.69
CA ILE A 21 13.48 16.90 8.54
C ILE A 21 12.42 17.70 7.79
N PRO A 22 11.40 18.21 8.51
CA PRO A 22 10.32 19.00 7.91
C PRO A 22 10.81 20.35 7.37
N LYS A 23 10.12 20.85 6.34
CA LYS A 23 10.48 22.12 5.73
C LYS A 23 9.49 23.22 6.15
N VAL A 24 8.26 23.12 5.63
CA VAL A 24 7.22 24.09 5.94
C VAL A 24 6.11 23.44 6.80
N ASP A 25 6.36 22.23 7.31
CA ASP A 25 5.39 21.52 8.14
C ASP A 25 4.11 21.23 7.34
N ASN A 26 4.27 20.90 6.06
CA ASN A 26 3.13 20.60 5.19
C ASN A 26 2.95 19.08 5.04
N ASN A 27 3.88 18.45 4.34
CA ASN A 27 3.83 17.01 4.10
C ASN A 27 5.22 16.38 4.22
N ALA A 28 5.44 15.69 5.33
CA ALA A 28 6.73 15.03 5.58
C ALA A 28 6.73 13.63 4.98
N ILE A 29 5.56 13.00 4.94
CA ILE A 29 5.43 11.66 4.40
C ILE A 29 4.44 11.62 3.23
N GLU A 30 4.82 10.91 2.16
CA GLU A 30 3.98 10.78 0.98
C GLU A 30 3.82 9.32 0.60
N PHE A 31 2.58 8.84 0.58
CA PHE A 31 2.30 7.45 0.26
C PHE A 31 2.27 7.20 -1.25
N LEU A 32 2.65 5.97 -1.64
CA LEU A 32 2.65 5.58 -3.06
C LEU A 32 1.27 5.06 -3.46
N LEU A 33 0.78 5.50 -4.61
CA LEU A 33 -0.52 5.08 -5.10
C LEU A 33 -0.46 4.71 -6.58
N LEU A 34 -1.07 3.58 -6.92
CA LEU A 34 -1.08 3.10 -8.30
C LEU A 34 -2.50 3.14 -8.88
N GLN A 35 -2.69 4.01 -9.87
CA GLN A 35 -4.00 4.17 -10.52
C GLN A 35 -4.36 2.95 -11.35
N ALA A 36 -5.65 2.62 -11.37
CA ALA A 36 -6.15 1.48 -12.14
C ALA A 36 -6.16 1.83 -13.64
N SER A 37 -5.76 0.87 -14.47
CA SER A 37 -5.72 1.08 -15.92
C SER A 37 -7.13 1.06 -16.54
N ASP A 38 -8.10 0.47 -15.84
CA ASP A 38 -9.47 0.40 -16.33
C ASP A 38 -10.49 0.55 -15.19
N GLY A 39 -11.77 0.55 -15.55
CA GLY A 39 -12.83 0.68 -14.56
C GLY A 39 -13.10 2.11 -14.18
N ILE A 40 -12.94 2.42 -12.89
CA ILE A 40 -13.15 3.78 -12.38
C ILE A 40 -11.82 4.53 -12.25
N HIS A 41 -10.70 3.83 -12.47
CA HIS A 41 -9.36 4.42 -12.38
C HIS A 41 -9.04 4.80 -10.94
N HIS A 42 -9.43 3.92 -10.00
CA HIS A 42 -9.17 4.14 -8.59
C HIS A 42 -7.70 3.96 -8.25
N TRP A 43 -7.20 4.76 -7.33
CA TRP A 43 -5.80 4.69 -6.92
C TRP A 43 -5.63 3.80 -5.69
N THR A 44 -4.79 2.77 -5.83
CA THR A 44 -4.54 1.84 -4.74
C THR A 44 -3.09 1.36 -4.75
N PRO A 45 -2.49 1.13 -3.57
CA PRO A 45 -1.09 0.66 -3.46
C PRO A 45 -0.89 -0.70 -4.13
N PRO A 46 0.38 -1.15 -4.24
CA PRO A 46 0.69 -2.45 -4.86
C PRO A 46 0.14 -3.62 -4.07
N LYS A 47 -0.97 -4.18 -4.54
CA LYS A 47 -1.61 -5.32 -3.88
C LYS A 47 -1.24 -6.63 -4.57
N GLY A 48 -1.06 -7.68 -3.76
CA GLY A 48 -0.71 -8.99 -4.29
C GLY A 48 -1.63 -10.09 -3.78
N HIS A 49 -1.40 -11.31 -4.29
CA HIS A 49 -2.21 -12.46 -3.88
C HIS A 49 -1.39 -13.42 -3.03
N VAL A 50 -1.63 -13.40 -1.72
CA VAL A 50 -0.90 -14.28 -0.81
C VAL A 50 -1.46 -15.69 -0.84
N GLU A 51 -0.61 -16.64 -1.17
CA GLU A 51 -1.00 -18.05 -1.23
C GLU A 51 -0.86 -18.69 0.15
N PRO A 52 -1.57 -19.82 0.41
CA PRO A 52 -1.52 -20.52 1.70
C PRO A 52 -0.08 -20.73 2.19
N GLY A 53 0.76 -21.34 1.34
CA GLY A 53 2.15 -21.57 1.71
C GLY A 53 3.01 -20.33 1.64
N GLU A 54 2.49 -19.26 1.02
CA GLU A 54 3.22 -18.00 0.90
C GLU A 54 3.10 -17.17 2.17
N ASP A 55 4.08 -16.29 2.41
CA ASP A 55 4.07 -15.43 3.58
C ASP A 55 3.13 -14.24 3.37
N ASP A 56 2.69 -13.65 4.48
CA ASP A 56 1.78 -12.51 4.44
C ASP A 56 2.48 -11.26 3.89
N LEU A 57 3.50 -10.78 4.59
CA LEU A 57 4.24 -9.59 4.17
C LEU A 57 4.92 -9.80 2.81
N GLU A 58 5.48 -10.99 2.60
CA GLU A 58 6.16 -11.31 1.34
C GLU A 58 5.25 -11.00 0.15
N THR A 59 3.95 -11.33 0.28
CA THR A 59 2.99 -11.06 -0.78
C THR A 59 2.90 -9.55 -1.05
N ALA A 60 2.79 -8.77 0.03
CA ALA A 60 2.74 -7.32 -0.08
C ALA A 60 4.03 -6.80 -0.70
N LEU A 61 5.15 -7.36 -0.22
CA LEU A 61 6.48 -7.00 -0.70
C LEU A 61 6.62 -7.29 -2.19
N ARG A 62 6.30 -8.53 -2.58
CA ARG A 62 6.37 -8.95 -3.97
C ARG A 62 5.49 -8.06 -4.86
N ALA A 63 4.29 -7.76 -4.37
CA ALA A 63 3.35 -6.92 -5.10
C ALA A 63 3.91 -5.52 -5.31
N THR A 64 4.66 -5.03 -4.32
CA THR A 64 5.28 -3.70 -4.37
C THR A 64 6.31 -3.62 -5.50
N GLN A 65 7.13 -4.66 -5.63
CA GLN A 65 8.16 -4.70 -6.68
C GLN A 65 7.57 -5.10 -8.04
N GLU A 66 6.45 -5.82 -8.01
CA GLU A 66 5.79 -6.26 -9.23
C GLU A 66 4.96 -5.14 -9.86
N GLU A 67 4.18 -4.45 -9.03
CA GLU A 67 3.31 -3.37 -9.50
C GLU A 67 3.94 -1.98 -9.30
N ALA A 68 5.03 -1.90 -8.54
CA ALA A 68 5.70 -0.62 -8.30
C ALA A 68 7.21 -0.69 -8.52
N GLY A 69 7.75 -1.87 -8.81
CA GLY A 69 9.18 -2.00 -9.02
C GLY A 69 10.00 -1.83 -7.74
N ILE A 70 9.33 -1.70 -6.58
CA ILE A 70 10.02 -1.53 -5.31
C ILE A 70 9.87 -2.77 -4.43
N GLU A 71 11.00 -3.37 -4.07
CA GLU A 71 11.00 -4.57 -3.23
C GLU A 71 11.26 -4.19 -1.76
N ALA A 72 11.12 -5.17 -0.87
CA ALA A 72 11.35 -4.94 0.56
C ALA A 72 12.68 -4.25 0.84
N GLY A 73 13.74 -4.67 0.13
CA GLY A 73 15.05 -4.07 0.31
C GLY A 73 15.10 -2.61 -0.14
N GLN A 74 14.20 -2.25 -1.06
CA GLN A 74 14.14 -0.88 -1.58
C GLN A 74 13.24 0.02 -0.70
N LEU A 75 12.72 -0.54 0.40
CA LEU A 75 11.88 0.22 1.32
C LEU A 75 12.21 -0.13 2.77
N THR A 76 11.31 0.23 3.69
CA THR A 76 11.49 -0.04 5.11
C THR A 76 10.15 -0.38 5.75
N ILE A 77 9.92 -1.68 5.96
CA ILE A 77 8.67 -2.15 6.55
C ILE A 77 8.64 -1.89 8.05
N ILE A 78 7.67 -1.08 8.48
CA ILE A 78 7.52 -0.74 9.89
C ILE A 78 6.83 -1.88 10.64
N GLU A 79 7.34 -2.17 11.82
CA GLU A 79 6.80 -3.24 12.66
C GLU A 79 5.77 -2.69 13.64
N GLY A 80 4.76 -3.50 13.95
CA GLY A 80 3.72 -3.09 14.88
C GLY A 80 2.42 -2.71 14.18
N PHE A 81 2.51 -2.24 12.93
CA PHE A 81 1.32 -1.84 12.19
C PHE A 81 0.87 -2.93 11.23
N LYS A 82 -0.41 -3.27 11.30
CA LYS A 82 -1.01 -4.29 10.42
C LYS A 82 -2.51 -4.11 10.34
N ARG A 83 -3.02 -4.03 9.12
CA ARG A 83 -4.45 -3.85 8.88
C ARG A 83 -4.85 -4.45 7.54
N GLU A 84 -5.90 -5.27 7.55
CA GLU A 84 -6.38 -5.90 6.31
C GLU A 84 -7.74 -5.34 5.90
N LEU A 85 -7.89 -5.07 4.60
CA LEU A 85 -9.13 -4.53 4.06
C LEU A 85 -9.93 -5.64 3.38
N ASN A 86 -11.17 -5.84 3.85
CA ASN A 86 -12.04 -6.88 3.32
C ASN A 86 -13.22 -6.29 2.54
N TYR A 87 -13.40 -6.75 1.31
CA TYR A 87 -14.48 -6.28 0.44
C TYR A 87 -14.64 -7.17 -0.78
N VAL A 88 -15.88 -7.41 -1.17
CA VAL A 88 -16.16 -8.21 -2.35
C VAL A 88 -16.04 -7.33 -3.61
N ALA A 89 -15.04 -7.60 -4.43
CA ALA A 89 -14.81 -6.82 -5.64
C ALA A 89 -15.87 -7.12 -6.71
N ARG A 90 -15.58 -8.08 -7.58
CA ARG A 90 -16.50 -8.46 -8.64
C ARG A 90 -17.55 -9.43 -8.09
N ASN A 91 -17.08 -10.41 -7.33
CA ASN A 91 -17.96 -11.42 -6.72
C ASN A 91 -17.18 -12.28 -5.70
N LYS A 92 -16.19 -11.67 -5.05
CA LYS A 92 -15.38 -12.37 -4.06
C LYS A 92 -14.65 -11.36 -3.15
N PRO A 93 -14.82 -11.51 -1.83
CA PRO A 93 -14.19 -10.64 -0.82
C PRO A 93 -12.68 -10.79 -0.77
N LYS A 94 -11.99 -9.69 -1.00
CA LYS A 94 -10.53 -9.69 -0.99
C LYS A 94 -9.97 -9.13 0.31
N THR A 95 -9.18 -9.95 1.00
CA THR A 95 -8.54 -9.54 2.26
C THR A 95 -7.16 -8.98 1.94
N VAL A 96 -7.02 -7.67 2.04
CA VAL A 96 -5.75 -7.02 1.73
C VAL A 96 -5.05 -6.53 2.99
N ILE A 97 -3.98 -7.23 3.39
CA ILE A 97 -3.20 -6.84 4.57
C ILE A 97 -2.14 -5.84 4.16
N TYR A 98 -2.13 -4.68 4.80
CA TYR A 98 -1.19 -3.62 4.46
C TYR A 98 -0.11 -3.42 5.53
N TRP A 99 1.00 -2.82 5.10
CA TRP A 99 2.13 -2.53 5.98
C TRP A 99 2.74 -1.18 5.61
N LEU A 100 3.45 -0.56 6.55
CA LEU A 100 4.07 0.74 6.30
C LEU A 100 5.49 0.55 5.80
N ALA A 101 5.71 0.81 4.51
CA ALA A 101 7.04 0.67 3.92
C ALA A 101 7.55 2.01 3.41
N GLU A 102 8.73 2.41 3.87
CA GLU A 102 9.32 3.68 3.47
C GLU A 102 10.46 3.46 2.47
N VAL A 103 10.26 3.92 1.24
CA VAL A 103 11.28 3.79 0.21
C VAL A 103 12.44 4.73 0.47
N LYS A 104 13.65 4.16 0.52
CA LYS A 104 14.87 4.93 0.81
C LYS A 104 15.26 5.86 -0.35
N ASP A 105 14.70 5.62 -1.54
CA ASP A 105 15.01 6.46 -2.70
C ASP A 105 13.85 7.39 -3.01
N TYR A 106 14.16 8.68 -3.17
CA TYR A 106 13.15 9.68 -3.49
C TYR A 106 12.67 9.48 -4.93
N ASP A 107 13.61 9.19 -5.82
CA ASP A 107 13.30 8.95 -7.22
C ASP A 107 13.32 7.45 -7.52
N VAL A 108 12.94 6.64 -6.52
CA VAL A 108 12.91 5.19 -6.66
C VAL A 108 12.10 4.80 -7.89
N GLU A 109 12.57 3.78 -8.60
CA GLU A 109 11.91 3.31 -9.81
C GLU A 109 10.50 2.81 -9.52
N ILE A 110 9.59 3.12 -10.43
CA ILE A 110 8.20 2.70 -10.31
C ILE A 110 7.80 1.85 -11.51
N ARG A 111 7.84 0.54 -11.32
CA ARG A 111 7.51 -0.42 -12.39
C ARG A 111 6.09 -0.94 -12.22
N LEU A 112 5.17 -0.35 -12.97
CA LEU A 112 3.76 -0.75 -12.92
C LEU A 112 3.46 -1.90 -13.89
N SER A 113 2.53 -2.77 -13.49
CA SER A 113 2.12 -3.91 -14.30
C SER A 113 0.93 -3.53 -15.20
N HIS A 114 0.37 -4.53 -15.88
CA HIS A 114 -0.79 -4.30 -16.76
C HIS A 114 -1.98 -3.73 -15.99
N GLU A 115 -2.08 -4.06 -14.70
CA GLU A 115 -3.18 -3.59 -13.87
C GLU A 115 -3.09 -2.09 -13.61
N HIS A 116 -1.89 -1.59 -13.30
CA HIS A 116 -1.70 -0.16 -13.02
C HIS A 116 -1.03 0.55 -14.19
N GLN A 117 -1.68 1.59 -14.70
CA GLN A 117 -1.14 2.36 -15.83
C GLN A 117 -0.37 3.60 -15.34
N ALA A 118 -0.72 4.11 -14.16
CA ALA A 118 -0.06 5.30 -13.61
C ALA A 118 0.14 5.18 -12.10
N TYR A 119 0.94 6.09 -11.55
CA TYR A 119 1.24 6.12 -10.12
C TYR A 119 1.47 7.55 -9.65
N ARG A 120 1.37 7.77 -8.33
CA ARG A 120 1.57 9.09 -7.75
C ARG A 120 2.05 9.01 -6.30
N TRP A 121 2.76 10.05 -5.88
CA TRP A 121 3.26 10.15 -4.51
C TRP A 121 2.62 11.35 -3.82
N LEU A 122 1.69 11.09 -2.91
CA LEU A 122 0.98 12.16 -2.21
C LEU A 122 0.87 11.90 -0.72
N GLY A 123 0.45 12.92 0.03
CA GLY A 123 0.29 12.79 1.46
C GLY A 123 -0.95 11.99 1.83
N LEU A 124 -1.42 12.19 3.06
CA LEU A 124 -2.62 11.48 3.53
C LEU A 124 -3.88 12.03 2.87
N GLU A 125 -3.99 13.36 2.82
CA GLU A 125 -5.16 14.02 2.22
C GLU A 125 -5.36 13.63 0.75
N GLU A 126 -4.28 13.69 -0.02
CA GLU A 126 -4.35 13.35 -1.44
C GLU A 126 -4.47 11.85 -1.64
N ALA A 127 -3.70 11.08 -0.88
CA ALA A 127 -3.76 9.63 -0.97
C ALA A 127 -5.18 9.14 -0.63
N CYS A 128 -5.86 9.90 0.24
CA CYS A 128 -7.22 9.61 0.64
C CYS A 128 -8.21 10.08 -0.43
N GLN A 129 -7.91 11.24 -1.03
CA GLN A 129 -8.77 11.81 -2.07
C GLN A 129 -8.91 10.85 -3.25
N LEU A 130 -7.80 10.23 -3.65
CA LEU A 130 -7.80 9.27 -4.77
C LEU A 130 -8.34 7.92 -4.31
N ALA A 131 -7.92 7.48 -3.13
CA ALA A 131 -8.40 6.20 -2.58
C ALA A 131 -9.79 6.38 -2.00
N GLN A 132 -10.71 6.86 -2.85
CA GLN A 132 -12.11 7.12 -2.49
C GLN A 132 -12.65 6.06 -1.53
N PHE A 133 -12.27 4.81 -1.77
CA PHE A 133 -12.71 3.70 -0.94
C PHE A 133 -12.33 3.96 0.53
N LYS A 134 -13.35 4.00 1.40
CA LYS A 134 -13.17 4.29 2.83
C LYS A 134 -12.00 3.52 3.45
N GLU A 135 -12.05 2.20 3.36
CA GLU A 135 -10.99 1.35 3.92
C GLU A 135 -9.60 1.84 3.55
N MET A 136 -9.41 2.15 2.25
CA MET A 136 -8.12 2.65 1.78
C MET A 136 -7.75 3.93 2.50
N LYS A 137 -8.71 4.84 2.60
CA LYS A 137 -8.49 6.12 3.30
C LYS A 137 -8.03 5.85 4.73
N ALA A 138 -8.64 4.84 5.37
CA ALA A 138 -8.29 4.46 6.74
C ALA A 138 -6.91 3.82 6.80
N ALA A 139 -6.61 2.96 5.82
CA ALA A 139 -5.31 2.29 5.76
C ALA A 139 -4.19 3.34 5.72
N LEU A 140 -4.37 4.34 4.86
CA LEU A 140 -3.41 5.43 4.74
C LEU A 140 -3.49 6.34 5.98
N GLN A 141 -4.68 6.43 6.57
CA GLN A 141 -4.91 7.25 7.75
C GLN A 141 -4.15 6.70 8.96
N GLU A 142 -4.32 5.41 9.22
CA GLU A 142 -3.67 4.75 10.33
C GLU A 142 -2.16 4.64 10.10
N GLY A 143 -1.77 4.51 8.82
CA GLY A 143 -0.35 4.42 8.49
C GLY A 143 0.40 5.66 8.93
N HIS A 144 -0.16 6.83 8.64
CA HIS A 144 0.44 8.11 9.03
C HIS A 144 0.33 8.32 10.54
N GLN A 145 -0.80 7.88 11.11
CA GLN A 145 -1.05 8.02 12.54
C GLN A 145 -0.05 7.21 13.37
N PHE A 146 0.07 5.92 13.05
CA PHE A 146 0.98 5.02 13.75
C PHE A 146 2.41 5.54 13.70
N LEU A 147 2.88 5.86 12.50
CA LEU A 147 4.24 6.38 12.30
C LEU A 147 4.47 7.66 13.08
N CYS A 148 3.45 8.52 13.16
CA CYS A 148 3.56 9.77 13.91
C CYS A 148 3.61 9.50 15.41
N SER A 149 3.16 8.30 15.82
CA SER A 149 3.16 7.91 17.23
C SER A 149 4.49 7.28 17.63
N ILE A 150 5.34 6.96 16.65
CA ILE A 150 6.64 6.35 16.91
C ILE A 150 7.65 7.42 17.34
N GLU A 151 8.81 7.49 16.70
CA GLU A 151 9.83 8.48 17.03
C GLU A 151 10.44 9.09 15.78
N ALA A 152 11.07 8.25 14.96
CA ALA A 152 11.70 8.70 13.72
C ALA A 152 11.84 7.56 12.72
N LEU A 153 12.39 6.44 13.18
CA LEU A 153 12.58 5.26 12.32
C LEU A 153 11.25 4.74 11.80
N GLY A 1 -18.17 -22.14 -4.26
CA GLY A 1 -16.77 -22.12 -3.90
C GLY A 1 -16.35 -23.44 -3.27
N PRO A 2 -15.09 -23.82 -3.47
CA PRO A 2 -14.52 -25.04 -2.95
C PRO A 2 -14.32 -24.93 -1.45
N LEU A 3 -14.41 -26.05 -0.75
CA LEU A 3 -14.25 -26.06 0.70
C LEU A 3 -12.84 -25.59 1.08
N GLY A 4 -12.73 -24.32 1.43
CA GLY A 4 -11.44 -23.76 1.81
C GLY A 4 -11.57 -22.73 2.91
N SER A 5 -10.71 -21.72 2.88
CA SER A 5 -10.73 -20.66 3.88
C SER A 5 -11.67 -19.54 3.49
N MET A 6 -12.36 -19.68 2.35
CA MET A 6 -13.28 -18.66 1.88
C MET A 6 -12.52 -17.36 1.64
N ALA A 7 -13.10 -16.48 0.81
CA ALA A 7 -12.47 -15.22 0.50
C ALA A 7 -11.14 -15.43 -0.20
N LEU A 8 -10.53 -14.33 -0.64
CA LEU A 8 -9.24 -14.39 -1.32
C LEU A 8 -8.17 -13.72 -0.48
N ARG A 9 -7.08 -14.44 -0.22
CA ARG A 9 -5.99 -13.90 0.57
C ARG A 9 -5.12 -12.97 -0.27
N ALA A 10 -4.96 -11.74 0.21
CA ALA A 10 -4.15 -10.75 -0.49
C ALA A 10 -3.38 -9.88 0.49
N CYS A 11 -2.33 -9.24 0.00
CA CYS A 11 -1.52 -8.37 0.83
C CYS A 11 -0.89 -7.26 0.02
N GLY A 12 -1.15 -6.02 0.43
CA GLY A 12 -0.59 -4.88 -0.24
C GLY A 12 0.42 -4.16 0.63
N LEU A 13 1.06 -3.12 0.12
CA LEU A 13 2.05 -2.41 0.91
C LEU A 13 1.82 -0.91 0.90
N ILE A 14 1.58 -0.34 2.08
CA ILE A 14 1.40 1.09 2.20
C ILE A 14 2.76 1.75 2.27
N ILE A 15 3.26 2.12 1.10
CA ILE A 15 4.58 2.73 0.99
C ILE A 15 4.52 4.20 1.29
N PHE A 16 5.58 4.70 1.88
CA PHE A 16 5.65 6.10 2.25
C PHE A 16 7.09 6.60 2.29
N ARG A 17 7.37 7.69 1.59
CA ARG A 17 8.71 8.24 1.59
C ARG A 17 8.88 9.21 2.74
N ARG A 18 9.72 8.86 3.70
CA ARG A 18 9.97 9.69 4.86
C ARG A 18 11.08 10.68 4.61
N CYS A 19 10.78 11.96 4.82
CA CYS A 19 11.76 13.02 4.63
C CYS A 19 12.63 13.17 5.86
N LEU A 20 13.84 13.68 5.68
CA LEU A 20 14.76 13.88 6.79
C LEU A 20 14.17 14.81 7.85
N ILE A 21 14.25 16.10 7.60
CA ILE A 21 13.70 17.08 8.54
C ILE A 21 12.45 17.74 7.95
N PRO A 22 11.51 18.17 8.81
CA PRO A 22 10.27 18.82 8.36
C PRO A 22 10.52 20.16 7.70
N LYS A 23 9.62 20.54 6.80
CA LYS A 23 9.74 21.82 6.09
C LYS A 23 8.49 22.67 6.31
N VAL A 24 7.43 22.35 5.59
CA VAL A 24 6.17 23.08 5.69
C VAL A 24 5.28 22.53 6.80
N ASP A 25 5.67 21.38 7.37
CA ASP A 25 4.90 20.77 8.44
C ASP A 25 3.53 20.33 7.94
N ASN A 26 3.41 20.13 6.63
CA ASN A 26 2.16 19.71 6.02
C ASN A 26 1.89 18.23 6.32
N ASN A 27 2.55 17.36 5.57
CA ASN A 27 2.39 15.93 5.77
C ASN A 27 3.74 15.27 6.05
N ALA A 28 4.80 15.82 5.47
CA ALA A 28 6.15 15.29 5.66
C ALA A 28 6.36 13.99 4.89
N ILE A 29 5.47 13.03 5.12
CA ILE A 29 5.56 11.74 4.46
C ILE A 29 4.55 11.61 3.32
N GLU A 30 4.91 10.83 2.31
CA GLU A 30 4.05 10.60 1.15
C GLU A 30 3.66 9.12 1.07
N PHE A 31 2.76 8.78 0.16
CA PHE A 31 2.31 7.40 0.01
C PHE A 31 2.26 6.99 -1.46
N LEU A 32 2.88 5.86 -1.79
CA LEU A 32 2.88 5.38 -3.17
C LEU A 32 1.49 4.86 -3.54
N LEU A 33 1.00 5.28 -4.69
CA LEU A 33 -0.32 4.86 -5.15
C LEU A 33 -0.28 4.42 -6.61
N LEU A 34 -1.07 3.42 -6.95
CA LEU A 34 -1.12 2.91 -8.32
C LEU A 34 -2.54 2.97 -8.87
N GLN A 35 -2.75 3.87 -9.82
CA GLN A 35 -4.07 4.03 -10.45
C GLN A 35 -4.39 2.87 -11.38
N ALA A 36 -5.66 2.48 -11.40
CA ALA A 36 -6.11 1.39 -12.26
C ALA A 36 -5.85 1.73 -13.73
N SER A 37 -6.16 0.79 -14.62
CA SER A 37 -5.97 0.99 -16.04
C SER A 37 -7.28 1.28 -16.76
N ASP A 38 -8.39 1.10 -16.05
CA ASP A 38 -9.71 1.34 -16.64
C ASP A 38 -10.76 1.45 -15.55
N GLY A 39 -12.02 1.52 -15.95
CA GLY A 39 -13.11 1.63 -14.99
C GLY A 39 -13.22 3.02 -14.40
N ILE A 40 -13.17 3.11 -13.08
CA ILE A 40 -13.27 4.38 -12.39
C ILE A 40 -11.88 5.01 -12.19
N HIS A 41 -10.84 4.28 -12.59
CA HIS A 41 -9.47 4.76 -12.44
C HIS A 41 -9.12 4.95 -10.97
N HIS A 42 -9.74 4.14 -10.11
CA HIS A 42 -9.48 4.24 -8.68
C HIS A 42 -8.00 4.04 -8.38
N TRP A 43 -7.54 4.64 -7.29
CA TRP A 43 -6.14 4.53 -6.91
C TRP A 43 -5.95 3.56 -5.76
N THR A 44 -4.87 2.78 -5.81
CA THR A 44 -4.58 1.82 -4.77
C THR A 44 -3.12 1.35 -4.85
N PRO A 45 -2.48 1.15 -3.70
CA PRO A 45 -1.08 0.69 -3.66
C PRO A 45 -0.93 -0.71 -4.19
N PRO A 46 0.32 -1.15 -4.41
CA PRO A 46 0.60 -2.50 -4.93
C PRO A 46 -0.09 -3.59 -4.12
N LYS A 47 -1.17 -4.14 -4.69
CA LYS A 47 -1.92 -5.21 -4.03
C LYS A 47 -1.50 -6.57 -4.55
N GLY A 48 -1.09 -7.45 -3.64
CA GLY A 48 -0.67 -8.79 -4.03
C GLY A 48 -1.64 -9.85 -3.54
N HIS A 49 -1.46 -11.08 -4.03
CA HIS A 49 -2.32 -12.19 -3.63
C HIS A 49 -1.52 -13.28 -2.94
N VAL A 50 -1.65 -13.34 -1.61
CA VAL A 50 -0.93 -14.32 -0.82
C VAL A 50 -1.54 -15.71 -0.94
N GLU A 51 -0.70 -16.69 -1.24
CA GLU A 51 -1.11 -18.06 -1.40
C GLU A 51 -1.00 -18.81 -0.07
N PRO A 52 -1.41 -20.09 -0.02
CA PRO A 52 -1.35 -20.89 1.20
C PRO A 52 0.06 -20.98 1.79
N GLY A 53 1.01 -21.41 0.96
CA GLY A 53 2.38 -21.54 1.42
C GLY A 53 3.19 -20.27 1.29
N GLU A 54 2.54 -19.19 0.86
CA GLU A 54 3.22 -17.90 0.69
C GLU A 54 3.27 -17.14 2.00
N ASP A 55 4.01 -16.04 2.03
CA ASP A 55 4.11 -15.22 3.22
C ASP A 55 3.14 -14.06 3.14
N ASP A 56 2.80 -13.52 4.31
CA ASP A 56 1.87 -12.39 4.37
C ASP A 56 2.51 -11.12 3.81
N LEU A 57 3.54 -10.63 4.49
CA LEU A 57 4.23 -9.41 4.06
C LEU A 57 4.86 -9.59 2.69
N GLU A 58 5.49 -10.75 2.46
CA GLU A 58 6.14 -11.02 1.18
C GLU A 58 5.19 -10.73 0.03
N THR A 59 3.93 -11.14 0.18
CA THR A 59 2.94 -10.89 -0.86
C THR A 59 2.83 -9.39 -1.10
N ALA A 60 2.77 -8.63 -0.01
CA ALA A 60 2.68 -7.18 -0.09
C ALA A 60 4.01 -6.61 -0.60
N LEU A 61 5.09 -7.33 -0.30
CA LEU A 61 6.43 -6.92 -0.74
C LEU A 61 6.58 -7.17 -2.23
N ARG A 62 6.27 -8.40 -2.64
CA ARG A 62 6.36 -8.80 -4.04
C ARG A 62 5.44 -7.95 -4.90
N ALA A 63 4.23 -7.70 -4.41
CA ALA A 63 3.28 -6.88 -5.15
C ALA A 63 3.84 -5.49 -5.37
N THR A 64 4.51 -4.98 -4.34
CA THR A 64 5.12 -3.65 -4.38
C THR A 64 6.13 -3.58 -5.53
N GLN A 65 6.98 -4.58 -5.63
CA GLN A 65 7.98 -4.62 -6.69
C GLN A 65 7.36 -5.10 -8.00
N GLU A 66 6.28 -5.86 -7.89
CA GLU A 66 5.58 -6.38 -9.05
C GLU A 66 4.72 -5.29 -9.69
N GLU A 67 4.24 -4.37 -8.86
CA GLU A 67 3.38 -3.28 -9.34
C GLU A 67 4.12 -1.95 -9.33
N ALA A 68 5.11 -1.80 -8.45
CA ALA A 68 5.86 -0.56 -8.38
C ALA A 68 7.34 -0.77 -8.61
N GLY A 69 7.77 -2.01 -8.68
CA GLY A 69 9.18 -2.27 -8.90
C GLY A 69 10.00 -2.14 -7.63
N ILE A 70 9.38 -1.64 -6.57
CA ILE A 70 10.07 -1.47 -5.30
C ILE A 70 9.85 -2.67 -4.41
N GLU A 71 10.93 -3.18 -3.82
CA GLU A 71 10.85 -4.35 -2.96
C GLU A 71 11.25 -4.01 -1.53
N ALA A 72 11.02 -4.94 -0.62
CA ALA A 72 11.37 -4.74 0.78
C ALA A 72 12.78 -4.18 0.92
N GLY A 73 13.69 -4.67 0.08
CA GLY A 73 15.06 -4.19 0.12
C GLY A 73 15.17 -2.74 -0.29
N GLN A 74 14.17 -2.24 -1.01
CA GLN A 74 14.17 -0.85 -1.47
C GLN A 74 13.27 0.02 -0.60
N LEU A 75 12.58 -0.59 0.37
CA LEU A 75 11.72 0.16 1.29
C LEU A 75 11.98 -0.26 2.73
N THR A 76 11.14 0.20 3.64
CA THR A 76 11.30 -0.13 5.06
C THR A 76 9.97 -0.48 5.71
N ILE A 77 9.69 -1.78 5.83
CA ILE A 77 8.45 -2.23 6.45
C ILE A 77 8.44 -1.96 7.94
N ILE A 78 7.37 -1.31 8.39
CA ILE A 78 7.22 -0.98 9.80
C ILE A 78 6.46 -2.07 10.53
N GLU A 79 6.92 -2.41 11.73
CA GLU A 79 6.27 -3.44 12.54
C GLU A 79 5.35 -2.83 13.58
N GLY A 80 4.30 -3.58 13.94
CA GLY A 80 3.36 -3.09 14.92
C GLY A 80 2.05 -2.64 14.28
N PHE A 81 2.16 -2.14 13.06
CA PHE A 81 0.99 -1.68 12.32
C PHE A 81 0.58 -2.70 11.26
N LYS A 82 -0.49 -3.42 11.52
CA LYS A 82 -0.99 -4.42 10.59
C LYS A 82 -2.50 -4.31 10.45
N ARG A 83 -2.95 -4.11 9.23
CA ARG A 83 -4.36 -3.99 8.92
C ARG A 83 -4.67 -4.68 7.61
N GLU A 84 -5.86 -5.24 7.49
CA GLU A 84 -6.24 -5.92 6.26
C GLU A 84 -7.63 -5.49 5.79
N LEU A 85 -7.71 -5.03 4.55
CA LEU A 85 -8.97 -4.60 3.98
C LEU A 85 -9.64 -5.75 3.25
N ASN A 86 -10.81 -6.17 3.74
CA ASN A 86 -11.54 -7.28 3.13
C ASN A 86 -12.88 -6.80 2.58
N TYR A 87 -13.15 -7.16 1.33
CA TYR A 87 -14.39 -6.76 0.68
C TYR A 87 -14.61 -7.55 -0.61
N VAL A 88 -15.86 -7.91 -0.86
CA VAL A 88 -16.20 -8.66 -2.06
C VAL A 88 -16.34 -7.73 -3.26
N ALA A 89 -15.41 -7.85 -4.21
CA ALA A 89 -15.41 -7.01 -5.40
C ALA A 89 -16.47 -7.45 -6.41
N ARG A 90 -16.13 -8.44 -7.23
CA ARG A 90 -17.05 -8.94 -8.24
C ARG A 90 -17.96 -10.02 -7.66
N ASN A 91 -17.40 -10.84 -6.77
CA ASN A 91 -18.14 -11.90 -6.14
C ASN A 91 -17.24 -12.72 -5.22
N LYS A 92 -16.17 -12.08 -4.72
CA LYS A 92 -15.23 -12.75 -3.84
C LYS A 92 -14.51 -11.72 -2.95
N PRO A 93 -14.63 -11.88 -1.62
CA PRO A 93 -14.01 -10.97 -0.64
C PRO A 93 -12.49 -11.09 -0.61
N LYS A 94 -11.83 -10.01 -0.93
CA LYS A 94 -10.37 -9.97 -0.96
C LYS A 94 -9.80 -9.31 0.28
N THR A 95 -9.06 -10.08 1.08
CA THR A 95 -8.43 -9.55 2.28
C THR A 95 -7.07 -8.97 1.90
N VAL A 96 -6.89 -7.68 2.16
CA VAL A 96 -5.64 -7.02 1.81
C VAL A 96 -4.91 -6.52 3.05
N ILE A 97 -3.81 -7.18 3.40
CA ILE A 97 -3.01 -6.75 4.54
C ILE A 97 -2.07 -5.65 4.10
N TYR A 98 -2.12 -4.53 4.79
CA TYR A 98 -1.30 -3.39 4.43
C TYR A 98 -0.26 -3.09 5.50
N TRP A 99 0.99 -2.92 5.05
CA TRP A 99 2.08 -2.59 5.94
C TRP A 99 2.61 -1.20 5.61
N LEU A 100 3.25 -0.58 6.57
CA LEU A 100 3.82 0.73 6.36
C LEU A 100 5.27 0.60 5.94
N ALA A 101 5.57 0.96 4.70
CA ALA A 101 6.91 0.84 4.18
C ALA A 101 7.44 2.15 3.66
N GLU A 102 8.75 2.34 3.76
CA GLU A 102 9.39 3.56 3.30
C GLU A 102 10.48 3.26 2.28
N VAL A 103 10.31 3.76 1.06
CA VAL A 103 11.30 3.54 0.01
C VAL A 103 12.56 4.36 0.29
N LYS A 104 13.72 3.72 0.17
CA LYS A 104 14.98 4.38 0.44
C LYS A 104 15.25 5.52 -0.55
N ASP A 105 14.60 5.46 -1.71
CA ASP A 105 14.81 6.48 -2.74
C ASP A 105 13.58 7.36 -2.95
N TYR A 106 13.77 8.66 -2.75
CA TYR A 106 12.69 9.63 -2.93
C TYR A 106 12.18 9.58 -4.36
N ASP A 107 13.10 9.39 -5.30
CA ASP A 107 12.75 9.30 -6.72
C ASP A 107 12.85 7.85 -7.18
N VAL A 108 12.68 6.93 -6.23
CA VAL A 108 12.75 5.50 -6.52
C VAL A 108 12.00 5.15 -7.81
N GLU A 109 12.49 4.12 -8.50
CA GLU A 109 11.88 3.69 -9.75
C GLU A 109 10.51 3.06 -9.51
N ILE A 110 9.60 3.32 -10.43
CA ILE A 110 8.24 2.79 -10.35
C ILE A 110 7.92 1.95 -11.56
N ARG A 111 8.03 0.63 -11.39
CA ARG A 111 7.77 -0.32 -12.47
C ARG A 111 6.37 -0.89 -12.35
N LEU A 112 5.45 -0.36 -13.16
CA LEU A 112 4.06 -0.83 -13.16
C LEU A 112 3.87 -1.96 -14.15
N SER A 113 2.89 -2.81 -13.90
CA SER A 113 2.59 -3.94 -14.77
C SER A 113 1.22 -3.76 -15.43
N HIS A 114 0.72 -4.83 -16.04
CA HIS A 114 -0.58 -4.78 -16.71
C HIS A 114 -1.73 -4.63 -15.70
N GLU A 115 -1.41 -4.57 -14.41
CA GLU A 115 -2.43 -4.42 -13.38
C GLU A 115 -2.65 -2.95 -13.06
N HIS A 116 -1.61 -2.14 -13.26
CA HIS A 116 -1.70 -0.71 -12.99
C HIS A 116 -1.26 0.09 -14.21
N GLN A 117 -1.94 1.19 -14.47
CA GLN A 117 -1.65 2.04 -15.62
C GLN A 117 -0.83 3.27 -15.23
N ALA A 118 -0.82 3.60 -13.94
CA ALA A 118 -0.08 4.77 -13.47
C ALA A 118 0.06 4.77 -11.95
N TYR A 119 0.90 5.66 -11.45
CA TYR A 119 1.13 5.75 -10.01
C TYR A 119 1.25 7.22 -9.57
N ARG A 120 1.36 7.43 -8.27
CA ARG A 120 1.49 8.78 -7.73
C ARG A 120 2.07 8.77 -6.32
N TRP A 121 2.53 9.94 -5.89
CA TRP A 121 3.11 10.10 -4.57
C TRP A 121 2.47 11.29 -3.86
N LEU A 122 1.64 11.00 -2.87
CA LEU A 122 0.93 12.05 -2.16
C LEU A 122 0.82 11.74 -0.67
N GLY A 123 0.43 12.75 0.10
CA GLY A 123 0.29 12.58 1.53
C GLY A 123 -0.95 11.79 1.89
N LEU A 124 -1.49 12.06 3.06
CA LEU A 124 -2.68 11.37 3.53
C LEU A 124 -3.94 11.90 2.85
N GLU A 125 -4.06 13.22 2.80
CA GLU A 125 -5.20 13.88 2.18
C GLU A 125 -5.39 13.46 0.73
N GLU A 126 -4.33 13.56 -0.05
CA GLU A 126 -4.37 13.20 -1.45
C GLU A 126 -4.54 11.71 -1.63
N ALA A 127 -3.72 10.94 -0.93
CA ALA A 127 -3.81 9.49 -1.00
C ALA A 127 -5.22 9.04 -0.66
N CYS A 128 -5.90 9.83 0.16
CA CYS A 128 -7.26 9.57 0.57
C CYS A 128 -8.24 10.10 -0.47
N GLN A 129 -7.86 11.21 -1.12
CA GLN A 129 -8.72 11.83 -2.13
C GLN A 129 -8.86 10.91 -3.35
N LEU A 130 -7.75 10.33 -3.77
CA LEU A 130 -7.75 9.43 -4.91
C LEU A 130 -8.29 8.07 -4.48
N ALA A 131 -7.86 7.61 -3.32
CA ALA A 131 -8.33 6.35 -2.78
C ALA A 131 -9.70 6.55 -2.15
N GLN A 132 -10.60 7.15 -2.93
CA GLN A 132 -11.96 7.45 -2.49
C GLN A 132 -12.53 6.34 -1.63
N PHE A 133 -12.09 5.12 -1.87
CA PHE A 133 -12.55 3.97 -1.11
C PHE A 133 -12.21 4.15 0.37
N LYS A 134 -13.24 4.16 1.21
CA LYS A 134 -13.08 4.33 2.65
C LYS A 134 -11.96 3.46 3.21
N GLU A 135 -11.99 2.20 2.85
CA GLU A 135 -11.01 1.23 3.31
C GLU A 135 -9.59 1.77 3.17
N MET A 136 -9.23 2.17 1.95
CA MET A 136 -7.89 2.70 1.70
C MET A 136 -7.63 3.99 2.46
N LYS A 137 -8.63 4.88 2.48
CA LYS A 137 -8.49 6.14 3.19
C LYS A 137 -8.05 5.88 4.62
N ALA A 138 -8.61 4.83 5.22
CA ALA A 138 -8.28 4.46 6.59
C ALA A 138 -6.87 3.89 6.67
N ALA A 139 -6.55 2.97 5.75
CA ALA A 139 -5.24 2.35 5.69
C ALA A 139 -4.14 3.40 5.70
N LEU A 140 -4.28 4.38 4.82
CA LEU A 140 -3.31 5.47 4.73
C LEU A 140 -3.47 6.40 5.93
N GLN A 141 -4.72 6.52 6.41
CA GLN A 141 -5.03 7.38 7.55
C GLN A 141 -4.25 6.94 8.79
N GLU A 142 -4.35 5.66 9.12
CA GLU A 142 -3.68 5.11 10.28
C GLU A 142 -2.18 5.04 10.05
N GLY A 143 -1.77 4.90 8.78
CA GLY A 143 -0.36 4.84 8.45
C GLY A 143 0.40 6.06 8.96
N HIS A 144 -0.20 7.23 8.78
CA HIS A 144 0.41 8.47 9.23
C HIS A 144 0.27 8.61 10.74
N GLN A 145 -0.87 8.15 11.25
CA GLN A 145 -1.17 8.24 12.68
C GLN A 145 -0.20 7.40 13.51
N PHE A 146 -0.05 6.14 13.15
CA PHE A 146 0.83 5.24 13.88
C PHE A 146 2.29 5.67 13.75
N LEU A 147 2.73 5.86 12.51
CA LEU A 147 4.11 6.26 12.24
C LEU A 147 4.49 7.54 12.97
N CYS A 148 3.49 8.37 13.28
CA CYS A 148 3.74 9.61 13.99
C CYS A 148 3.94 9.35 15.49
N SER A 149 3.49 8.19 15.94
CA SER A 149 3.62 7.82 17.34
C SER A 149 4.92 7.07 17.62
N ILE A 150 5.60 6.63 16.55
CA ILE A 150 6.86 5.91 16.72
C ILE A 150 8.02 6.91 16.88
N GLU A 151 9.09 6.71 16.12
CA GLU A 151 10.25 7.59 16.17
C GLU A 151 11.22 7.29 15.04
N ALA A 152 11.70 6.05 15.00
CA ALA A 152 12.62 5.62 13.96
C ALA A 152 12.63 4.10 13.83
N LEU A 153 12.77 3.41 14.96
CA LEU A 153 12.79 1.95 14.96
C LEU A 153 11.41 1.39 14.62
N GLY A 1 -3.82 -24.92 9.46
CA GLY A 1 -4.60 -25.82 10.29
C GLY A 1 -6.07 -25.41 10.27
N PRO A 2 -6.32 -24.09 10.32
CA PRO A 2 -7.65 -23.52 10.32
C PRO A 2 -8.25 -23.64 8.92
N LEU A 3 -9.52 -23.31 8.79
CA LEU A 3 -10.21 -23.38 7.50
C LEU A 3 -9.53 -22.47 6.47
N GLY A 4 -9.21 -23.03 5.31
CA GLY A 4 -8.57 -22.27 4.27
C GLY A 4 -9.30 -22.35 2.94
N SER A 5 -10.31 -21.51 2.77
CA SER A 5 -11.08 -21.49 1.53
C SER A 5 -12.02 -20.28 1.48
N MET A 6 -12.36 -19.75 2.65
CA MET A 6 -13.24 -18.58 2.73
C MET A 6 -12.50 -17.33 2.27
N ALA A 7 -13.08 -16.63 1.30
CA ALA A 7 -12.46 -15.41 0.80
C ALA A 7 -11.11 -15.71 0.16
N LEU A 8 -10.53 -14.69 -0.44
CA LEU A 8 -9.23 -14.82 -1.09
C LEU A 8 -8.17 -14.08 -0.28
N ARG A 9 -6.99 -14.68 -0.15
CA ARG A 9 -5.90 -14.09 0.60
C ARG A 9 -5.13 -13.08 -0.25
N ALA A 10 -5.02 -11.86 0.26
CA ALA A 10 -4.29 -10.80 -0.44
C ALA A 10 -3.44 -10.00 0.53
N CYS A 11 -2.52 -9.20 -0.02
CA CYS A 11 -1.64 -8.39 0.81
C CYS A 11 -1.03 -7.24 0.00
N GLY A 12 -1.24 -6.02 0.47
CA GLY A 12 -0.69 -4.86 -0.20
C GLY A 12 0.32 -4.14 0.68
N LEU A 13 1.00 -3.15 0.12
CA LEU A 13 2.00 -2.41 0.88
C LEU A 13 1.75 -0.91 0.86
N ILE A 14 1.50 -0.34 2.04
CA ILE A 14 1.29 1.10 2.14
C ILE A 14 2.64 1.77 2.21
N ILE A 15 3.15 2.15 1.06
CA ILE A 15 4.45 2.77 0.96
C ILE A 15 4.41 4.26 1.26
N PHE A 16 5.47 4.76 1.86
CA PHE A 16 5.55 6.15 2.22
C PHE A 16 7.01 6.63 2.26
N ARG A 17 7.34 7.64 1.46
CA ARG A 17 8.70 8.17 1.45
C ARG A 17 8.88 9.16 2.60
N ARG A 18 9.76 8.79 3.54
CA ARG A 18 10.02 9.62 4.70
C ARG A 18 11.29 10.45 4.51
N CYS A 19 11.17 11.76 4.65
CA CYS A 19 12.31 12.66 4.49
C CYS A 19 13.31 12.45 5.61
N LEU A 20 14.54 12.88 5.39
CA LEU A 20 15.60 12.74 6.39
C LEU A 20 15.14 13.26 7.74
N ILE A 21 14.68 14.50 7.77
CA ILE A 21 14.22 15.12 9.01
C ILE A 21 13.06 16.08 8.75
N PRO A 22 12.15 16.24 9.73
CA PRO A 22 11.00 17.14 9.61
C PRO A 22 11.41 18.61 9.54
N LYS A 23 10.53 19.43 8.98
CA LYS A 23 10.81 20.86 8.85
C LYS A 23 9.62 21.69 9.34
N VAL A 24 8.61 21.81 8.48
CA VAL A 24 7.40 22.57 8.83
C VAL A 24 6.35 21.67 9.46
N ASP A 25 6.58 20.36 9.39
CA ASP A 25 5.64 19.38 9.95
C ASP A 25 4.36 19.30 9.11
N ASN A 26 4.36 19.98 7.95
CA ASN A 26 3.21 19.96 7.06
C ASN A 26 3.20 18.70 6.22
N ASN A 27 4.00 18.70 5.16
CA ASN A 27 4.12 17.54 4.29
C ASN A 27 5.46 16.87 4.47
N ALA A 28 5.49 15.82 5.30
CA ALA A 28 6.72 15.09 5.57
C ALA A 28 6.73 13.73 4.89
N ILE A 29 5.63 13.00 5.02
CA ILE A 29 5.52 11.68 4.43
C ILE A 29 4.59 11.66 3.22
N GLU A 30 4.96 10.84 2.24
CA GLU A 30 4.17 10.70 1.01
C GLU A 30 3.99 9.23 0.67
N PHE A 31 2.74 8.82 0.48
CA PHE A 31 2.43 7.43 0.17
C PHE A 31 2.44 7.14 -1.33
N LEU A 32 2.76 5.89 -1.68
CA LEU A 32 2.79 5.46 -3.07
C LEU A 32 1.40 5.01 -3.50
N LEU A 33 0.97 5.47 -4.68
CA LEU A 33 -0.34 5.11 -5.20
C LEU A 33 -0.26 4.74 -6.67
N LEU A 34 -1.08 3.77 -7.06
CA LEU A 34 -1.10 3.30 -8.44
C LEU A 34 -2.50 3.40 -9.02
N GLN A 35 -2.67 4.29 -10.01
CA GLN A 35 -3.96 4.48 -10.66
C GLN A 35 -4.29 3.32 -11.59
N ALA A 36 -5.55 2.92 -11.60
CA ALA A 36 -5.99 1.83 -12.46
C ALA A 36 -5.82 2.20 -13.93
N SER A 37 -5.73 1.19 -14.79
CA SER A 37 -5.54 1.44 -16.21
C SER A 37 -6.88 1.72 -16.90
N ASP A 38 -7.96 1.74 -16.13
CA ASP A 38 -9.29 2.01 -16.67
C ASP A 38 -10.35 1.96 -15.57
N GLY A 39 -11.61 1.87 -15.97
CA GLY A 39 -12.70 1.81 -15.00
C GLY A 39 -12.94 3.15 -14.33
N ILE A 40 -12.83 3.18 -13.00
CA ILE A 40 -13.04 4.40 -12.24
C ILE A 40 -11.71 5.14 -12.01
N HIS A 41 -10.62 4.58 -12.52
CA HIS A 41 -9.30 5.18 -12.36
C HIS A 41 -8.95 5.33 -10.89
N HIS A 42 -9.43 4.41 -10.08
CA HIS A 42 -9.17 4.44 -8.64
C HIS A 42 -7.70 4.19 -8.35
N TRP A 43 -7.17 4.90 -7.35
CA TRP A 43 -5.78 4.76 -6.98
C TRP A 43 -5.64 3.84 -5.78
N THR A 44 -4.60 3.01 -5.80
CA THR A 44 -4.36 2.07 -4.71
C THR A 44 -2.92 1.54 -4.75
N PRO A 45 -2.30 1.34 -3.58
CA PRO A 45 -0.93 0.83 -3.51
C PRO A 45 -0.78 -0.54 -4.17
N PRO A 46 0.45 -1.07 -4.24
CA PRO A 46 0.73 -2.36 -4.86
C PRO A 46 0.24 -3.53 -4.00
N LYS A 47 -0.89 -4.12 -4.38
CA LYS A 47 -1.43 -5.26 -3.65
C LYS A 47 -1.33 -6.54 -4.45
N GLY A 48 -1.35 -7.67 -3.75
CA GLY A 48 -1.26 -8.96 -4.42
C GLY A 48 -2.01 -10.05 -3.68
N HIS A 49 -2.10 -11.23 -4.28
CA HIS A 49 -2.80 -12.36 -3.68
C HIS A 49 -1.82 -13.32 -3.01
N VAL A 50 -1.84 -13.36 -1.68
CA VAL A 50 -0.95 -14.24 -0.93
C VAL A 50 -1.45 -15.68 -0.98
N GLU A 51 -0.53 -16.60 -1.23
CA GLU A 51 -0.85 -18.03 -1.31
C GLU A 51 -0.70 -18.67 0.07
N PRO A 52 -1.48 -19.75 0.34
CA PRO A 52 -1.46 -20.43 1.63
C PRO A 52 -0.06 -20.88 2.05
N GLY A 53 0.83 -21.00 1.07
CA GLY A 53 2.20 -21.40 1.36
C GLY A 53 3.16 -20.23 1.35
N GLU A 54 2.67 -19.06 0.90
CA GLU A 54 3.48 -17.86 0.84
C GLU A 54 3.38 -17.06 2.14
N ASP A 55 4.21 -16.04 2.27
CA ASP A 55 4.20 -15.20 3.48
C ASP A 55 3.19 -14.07 3.33
N ASP A 56 2.80 -13.50 4.46
CA ASP A 56 1.83 -12.41 4.48
C ASP A 56 2.45 -11.12 3.92
N LEU A 57 3.52 -10.67 4.56
CA LEU A 57 4.20 -9.45 4.13
C LEU A 57 4.82 -9.63 2.76
N GLU A 58 5.46 -10.78 2.53
CA GLU A 58 6.10 -11.06 1.25
C GLU A 58 5.15 -10.76 0.10
N THR A 59 3.90 -11.17 0.26
CA THR A 59 2.90 -10.92 -0.78
C THR A 59 2.76 -9.43 -1.00
N ALA A 60 2.70 -8.67 0.09
CA ALA A 60 2.60 -7.22 0.01
C ALA A 60 3.92 -6.64 -0.50
N LEU A 61 5.02 -7.32 -0.19
CA LEU A 61 6.34 -6.89 -0.62
C LEU A 61 6.52 -7.13 -2.12
N ARG A 62 6.22 -8.34 -2.55
CA ARG A 62 6.35 -8.70 -3.95
C ARG A 62 5.41 -7.84 -4.80
N ALA A 63 4.19 -7.63 -4.32
CA ALA A 63 3.24 -6.79 -5.04
C ALA A 63 3.79 -5.40 -5.21
N THR A 64 4.57 -4.95 -4.23
CA THR A 64 5.21 -3.64 -4.26
C THR A 64 6.10 -3.52 -5.47
N GLN A 65 7.02 -4.47 -5.62
CA GLN A 65 7.93 -4.48 -6.74
C GLN A 65 7.22 -4.87 -8.03
N GLU A 66 6.08 -5.54 -7.90
CA GLU A 66 5.30 -5.95 -9.06
C GLU A 66 4.52 -4.77 -9.64
N GLU A 67 3.96 -3.95 -8.77
CA GLU A 67 3.20 -2.78 -9.21
C GLU A 67 3.92 -1.48 -8.87
N ALA A 68 5.19 -1.57 -8.51
CA ALA A 68 5.98 -0.39 -8.18
C ALA A 68 7.47 -0.61 -8.40
N GLY A 69 7.87 -1.86 -8.61
CA GLY A 69 9.28 -2.15 -8.82
C GLY A 69 10.12 -1.99 -7.58
N ILE A 70 9.48 -1.66 -6.45
CA ILE A 70 10.18 -1.49 -5.19
C ILE A 70 9.93 -2.67 -4.27
N GLU A 71 11.01 -3.23 -3.74
CA GLU A 71 10.91 -4.37 -2.84
C GLU A 71 11.28 -3.96 -1.41
N ALA A 72 11.07 -4.87 -0.46
CA ALA A 72 11.38 -4.60 0.94
C ALA A 72 12.79 -4.02 1.09
N GLY A 73 13.72 -4.52 0.26
CA GLY A 73 15.07 -4.03 0.31
C GLY A 73 15.18 -2.59 -0.17
N GLN A 74 14.17 -2.13 -0.91
CA GLN A 74 14.16 -0.77 -1.42
C GLN A 74 13.27 0.14 -0.56
N LEU A 75 12.59 -0.44 0.41
CA LEU A 75 11.75 0.33 1.32
C LEU A 75 12.02 -0.08 2.77
N THR A 76 11.18 0.41 3.67
CA THR A 76 11.31 0.12 5.09
C THR A 76 9.98 -0.28 5.70
N ILE A 77 9.78 -1.58 5.88
CA ILE A 77 8.53 -2.09 6.46
C ILE A 77 8.48 -1.83 7.95
N ILE A 78 7.44 -1.15 8.40
CA ILE A 78 7.26 -0.84 9.81
C ILE A 78 6.62 -2.01 10.55
N GLU A 79 7.12 -2.28 11.74
CA GLU A 79 6.60 -3.37 12.55
C GLU A 79 5.61 -2.87 13.60
N GLY A 80 4.59 -3.67 13.88
CA GLY A 80 3.58 -3.29 14.85
C GLY A 80 2.29 -2.85 14.21
N PHE A 81 2.35 -2.41 12.96
CA PHE A 81 1.16 -1.97 12.25
C PHE A 81 0.69 -3.02 11.25
N LYS A 82 -0.60 -3.36 11.33
CA LYS A 82 -1.18 -4.34 10.43
C LYS A 82 -2.70 -4.18 10.34
N ARG A 83 -3.20 -4.15 9.12
CA ARG A 83 -4.63 -4.01 8.87
C ARG A 83 -4.98 -4.67 7.54
N GLU A 84 -6.09 -5.40 7.52
CA GLU A 84 -6.51 -6.08 6.30
C GLU A 84 -7.89 -5.62 5.85
N LEU A 85 -8.00 -5.35 4.55
CA LEU A 85 -9.27 -4.91 3.97
C LEU A 85 -10.00 -6.10 3.36
N ASN A 86 -11.21 -6.35 3.84
CA ASN A 86 -12.01 -7.46 3.35
C ASN A 86 -13.22 -6.96 2.58
N TYR A 87 -13.34 -7.39 1.33
CA TYR A 87 -14.45 -6.98 0.48
C TYR A 87 -14.54 -7.85 -0.76
N VAL A 88 -15.76 -8.16 -1.17
CA VAL A 88 -15.98 -8.98 -2.35
C VAL A 88 -15.95 -8.12 -3.61
N ALA A 89 -14.93 -8.34 -4.44
CA ALA A 89 -14.75 -7.58 -5.66
C ALA A 89 -15.73 -8.04 -6.76
N ARG A 90 -15.26 -8.90 -7.65
CA ARG A 90 -16.11 -9.39 -8.74
C ARG A 90 -17.13 -10.40 -8.22
N ASN A 91 -16.72 -11.21 -7.24
CA ASN A 91 -17.59 -12.21 -6.65
C ASN A 91 -16.86 -13.02 -5.57
N LYS A 92 -15.83 -12.43 -4.98
CA LYS A 92 -15.06 -13.10 -3.94
C LYS A 92 -14.38 -12.08 -3.03
N PRO A 93 -14.59 -12.20 -1.70
CA PRO A 93 -14.01 -11.30 -0.70
C PRO A 93 -12.51 -11.46 -0.56
N LYS A 94 -11.80 -10.38 -0.83
CA LYS A 94 -10.34 -10.38 -0.75
C LYS A 94 -9.84 -9.73 0.54
N THR A 95 -8.95 -10.43 1.23
CA THR A 95 -8.35 -9.91 2.45
C THR A 95 -7.02 -9.27 2.11
N VAL A 96 -6.93 -7.95 2.29
CA VAL A 96 -5.72 -7.24 1.95
C VAL A 96 -5.03 -6.67 3.19
N ILE A 97 -3.91 -7.27 3.56
CA ILE A 97 -3.15 -6.78 4.70
C ILE A 97 -2.19 -5.70 4.24
N TYR A 98 -2.34 -4.51 4.79
CA TYR A 98 -1.51 -3.39 4.39
C TYR A 98 -0.43 -3.08 5.42
N TRP A 99 0.80 -3.00 4.95
CA TRP A 99 1.94 -2.70 5.81
C TRP A 99 2.54 -1.35 5.45
N LEU A 100 3.16 -0.70 6.42
CA LEU A 100 3.78 0.59 6.19
C LEU A 100 5.22 0.39 5.73
N ALA A 101 5.52 0.92 4.55
CA ALA A 101 6.86 0.80 4.00
C ALA A 101 7.37 2.15 3.52
N GLU A 102 8.66 2.38 3.67
CA GLU A 102 9.27 3.64 3.26
C GLU A 102 10.40 3.41 2.27
N VAL A 103 10.20 3.87 1.03
CA VAL A 103 11.21 3.72 0.00
C VAL A 103 12.38 4.66 0.24
N LYS A 104 13.54 4.06 0.50
CA LYS A 104 14.76 4.83 0.78
C LYS A 104 15.13 5.74 -0.40
N ASP A 105 14.73 5.34 -1.60
CA ASP A 105 15.06 6.13 -2.78
C ASP A 105 13.94 7.11 -3.13
N TYR A 106 14.21 8.39 -2.94
CA TYR A 106 13.24 9.45 -3.23
C TYR A 106 12.83 9.41 -4.69
N ASP A 107 13.80 9.11 -5.55
CA ASP A 107 13.54 9.02 -6.98
C ASP A 107 13.51 7.55 -7.40
N VAL A 108 13.17 6.69 -6.44
CA VAL A 108 13.08 5.26 -6.67
C VAL A 108 12.31 4.93 -7.93
N GLU A 109 12.67 3.83 -8.58
CA GLU A 109 12.01 3.42 -9.80
C GLU A 109 10.61 2.86 -9.51
N ILE A 110 9.69 3.17 -10.40
CA ILE A 110 8.31 2.72 -10.25
C ILE A 110 7.91 1.83 -11.42
N ARG A 111 7.95 0.53 -11.17
CA ARG A 111 7.61 -0.45 -12.19
C ARG A 111 6.22 -1.03 -11.95
N LEU A 112 5.22 -0.48 -12.66
CA LEU A 112 3.85 -0.94 -12.53
C LEU A 112 3.60 -2.15 -13.42
N SER A 113 2.35 -2.64 -13.43
CA SER A 113 1.98 -3.78 -14.25
C SER A 113 0.87 -3.40 -15.23
N HIS A 114 0.25 -4.41 -15.83
CA HIS A 114 -0.82 -4.18 -16.80
C HIS A 114 -2.07 -3.61 -16.12
N GLU A 115 -2.14 -3.70 -14.80
CA GLU A 115 -3.29 -3.19 -14.07
C GLU A 115 -3.10 -1.74 -13.66
N HIS A 116 -1.85 -1.28 -13.66
CA HIS A 116 -1.55 0.10 -13.29
C HIS A 116 -0.86 0.83 -14.43
N GLN A 117 -1.47 1.92 -14.86
CA GLN A 117 -0.93 2.72 -15.97
C GLN A 117 -0.26 4.00 -15.46
N ALA A 118 -0.39 4.27 -14.17
CA ALA A 118 0.21 5.47 -13.59
C ALA A 118 0.22 5.40 -12.07
N TYR A 119 1.15 6.12 -11.46
CA TYR A 119 1.28 6.14 -10.01
C TYR A 119 1.47 7.57 -9.51
N ARG A 120 1.42 7.75 -8.20
CA ARG A 120 1.59 9.08 -7.61
C ARG A 120 2.04 8.99 -6.16
N TRP A 121 2.65 10.08 -5.70
CA TRP A 121 3.12 10.17 -4.33
C TRP A 121 2.47 11.37 -3.65
N LEU A 122 1.56 11.10 -2.71
CA LEU A 122 0.86 12.17 -2.01
C LEU A 122 0.72 11.85 -0.53
N GLY A 123 0.26 12.84 0.24
CA GLY A 123 0.08 12.67 1.67
C GLY A 123 -1.14 11.84 1.98
N LEU A 124 -1.69 12.02 3.17
CA LEU A 124 -2.87 11.28 3.60
C LEU A 124 -4.13 11.82 2.91
N GLU A 125 -4.22 13.14 2.81
CA GLU A 125 -5.38 13.79 2.19
C GLU A 125 -5.52 13.40 0.71
N GLU A 126 -4.43 13.53 -0.03
CA GLU A 126 -4.45 13.21 -1.45
C GLU A 126 -4.55 11.70 -1.64
N ALA A 127 -3.75 10.95 -0.89
CA ALA A 127 -3.78 9.50 -0.98
C ALA A 127 -5.20 9.00 -0.69
N CYS A 128 -5.90 9.77 0.14
CA CYS A 128 -7.27 9.44 0.52
C CYS A 128 -8.24 9.97 -0.53
N GLN A 129 -7.88 11.09 -1.16
CA GLN A 129 -8.71 11.70 -2.19
C GLN A 129 -8.83 10.79 -3.40
N LEU A 130 -7.72 10.22 -3.81
CA LEU A 130 -7.69 9.31 -4.95
C LEU A 130 -8.23 7.95 -4.53
N ALA A 131 -7.79 7.48 -3.37
CA ALA A 131 -8.26 6.20 -2.85
C ALA A 131 -9.68 6.37 -2.29
N GLN A 132 -10.56 6.91 -3.13
CA GLN A 132 -11.95 7.17 -2.77
C GLN A 132 -12.51 6.06 -1.89
N PHE A 133 -12.02 4.84 -2.08
CA PHE A 133 -12.47 3.70 -1.30
C PHE A 133 -12.20 3.94 0.18
N LYS A 134 -13.27 3.96 0.98
CA LYS A 134 -13.16 4.17 2.42
C LYS A 134 -12.06 3.33 3.05
N GLU A 135 -12.06 2.06 2.69
CA GLU A 135 -11.10 1.11 3.20
C GLU A 135 -9.66 1.63 3.07
N MET A 136 -9.26 2.00 1.86
CA MET A 136 -7.91 2.50 1.64
C MET A 136 -7.65 3.77 2.43
N LYS A 137 -8.63 4.68 2.44
CA LYS A 137 -8.50 5.92 3.17
C LYS A 137 -8.07 5.64 4.62
N ALA A 138 -8.57 4.53 5.15
CA ALA A 138 -8.24 4.14 6.51
C ALA A 138 -6.84 3.57 6.59
N ALA A 139 -6.51 2.66 5.68
CA ALA A 139 -5.19 2.05 5.65
C ALA A 139 -4.12 3.12 5.66
N LEU A 140 -4.35 4.17 4.89
CA LEU A 140 -3.42 5.30 4.81
C LEU A 140 -3.59 6.20 6.03
N GLN A 141 -4.80 6.21 6.59
CA GLN A 141 -5.10 7.03 7.76
C GLN A 141 -4.33 6.54 8.98
N GLU A 142 -4.44 5.26 9.26
CA GLU A 142 -3.76 4.66 10.40
C GLU A 142 -2.25 4.60 10.13
N GLY A 143 -1.89 4.40 8.86
CA GLY A 143 -0.50 4.32 8.50
C GLY A 143 0.27 5.57 8.92
N HIS A 144 -0.35 6.72 8.75
CA HIS A 144 0.29 7.98 9.12
C HIS A 144 0.18 8.22 10.62
N GLN A 145 -0.91 7.72 11.22
CA GLN A 145 -1.15 7.88 12.64
C GLN A 145 -0.09 7.16 13.47
N PHE A 146 0.11 5.88 13.17
CA PHE A 146 1.09 5.08 13.90
C PHE A 146 2.51 5.60 13.67
N LEU A 147 2.88 5.75 12.40
CA LEU A 147 4.20 6.22 12.03
C LEU A 147 4.52 7.57 12.68
N CYS A 148 3.53 8.45 12.73
CA CYS A 148 3.71 9.76 13.33
C CYS A 148 4.10 9.63 14.80
N SER A 149 3.89 8.45 15.37
CA SER A 149 4.21 8.19 16.77
C SER A 149 5.62 7.62 16.93
N ILE A 150 6.20 7.16 15.82
CA ILE A 150 7.55 6.59 15.85
C ILE A 150 8.60 7.71 15.83
N GLU A 151 9.57 7.59 14.93
CA GLU A 151 10.63 8.59 14.83
C GLU A 151 10.27 9.71 13.85
N ALA A 152 9.06 9.66 13.30
CA ALA A 152 8.61 10.67 12.35
C ALA A 152 8.39 12.02 13.04
N LEU A 153 8.40 12.01 14.37
CA LEU A 153 8.20 13.24 15.14
C LEU A 153 6.89 13.92 14.76
N GLY A 1 -21.94 -30.11 -2.97
CA GLY A 1 -20.52 -30.41 -2.89
C GLY A 1 -19.70 -29.13 -2.79
N PRO A 2 -19.53 -28.62 -1.58
CA PRO A 2 -18.79 -27.40 -1.30
C PRO A 2 -17.30 -27.67 -1.48
N LEU A 3 -16.63 -26.79 -2.23
CA LEU A 3 -15.20 -26.95 -2.46
C LEU A 3 -14.57 -25.62 -2.89
N GLY A 4 -13.96 -24.93 -1.94
CA GLY A 4 -13.32 -23.66 -2.25
C GLY A 4 -13.11 -22.80 -1.02
N SER A 5 -11.93 -22.22 -0.89
CA SER A 5 -11.60 -21.38 0.25
C SER A 5 -12.42 -20.09 0.22
N MET A 6 -12.90 -19.67 1.39
CA MET A 6 -13.71 -18.46 1.50
C MET A 6 -12.83 -17.22 1.39
N ALA A 7 -13.17 -16.36 0.43
CA ALA A 7 -12.43 -15.12 0.22
C ALA A 7 -11.04 -15.39 -0.34
N LEU A 8 -10.44 -14.33 -0.87
CA LEU A 8 -9.10 -14.42 -1.44
C LEU A 8 -8.08 -13.73 -0.53
N ARG A 9 -6.99 -14.41 -0.23
CA ARG A 9 -5.94 -13.86 0.62
C ARG A 9 -5.00 -12.97 -0.19
N ALA A 10 -5.04 -11.67 0.09
CA ALA A 10 -4.19 -10.71 -0.60
C ALA A 10 -3.37 -9.90 0.38
N CYS A 11 -2.46 -9.09 -0.13
CA CYS A 11 -1.61 -8.27 0.72
C CYS A 11 -0.98 -7.13 -0.09
N GLY A 12 -1.21 -5.90 0.37
CA GLY A 12 -0.64 -4.73 -0.28
C GLY A 12 0.34 -4.03 0.62
N LEU A 13 1.07 -3.06 0.09
CA LEU A 13 2.06 -2.34 0.90
C LEU A 13 1.80 -0.84 0.90
N ILE A 14 1.51 -0.28 2.08
CA ILE A 14 1.31 1.15 2.18
C ILE A 14 2.65 1.82 2.25
N ILE A 15 3.16 2.18 1.09
CA ILE A 15 4.45 2.81 0.98
C ILE A 15 4.37 4.28 1.32
N PHE A 16 5.40 4.77 1.98
CA PHE A 16 5.45 6.15 2.40
C PHE A 16 6.87 6.69 2.41
N ARG A 17 7.12 7.75 1.66
CA ARG A 17 8.45 8.34 1.61
C ARG A 17 8.66 9.24 2.83
N ARG A 18 9.59 8.84 3.69
CA ARG A 18 9.88 9.58 4.92
C ARG A 18 10.83 10.74 4.67
N CYS A 19 10.32 11.96 4.84
CA CYS A 19 11.11 13.16 4.64
C CYS A 19 12.12 13.33 5.77
N LEU A 20 13.15 14.12 5.54
CA LEU A 20 14.18 14.37 6.54
C LEU A 20 13.56 14.99 7.80
N ILE A 21 13.34 16.29 7.77
CA ILE A 21 12.75 16.98 8.92
C ILE A 21 11.50 17.78 8.51
N PRO A 22 10.53 17.91 9.43
CA PRO A 22 9.29 18.65 9.17
C PRO A 22 9.55 20.12 8.86
N LYS A 23 8.61 20.74 8.15
CA LYS A 23 8.74 22.14 7.78
C LYS A 23 7.93 23.03 8.72
N VAL A 24 6.62 23.08 8.51
CA VAL A 24 5.73 23.88 9.34
C VAL A 24 4.50 23.09 9.76
N ASP A 25 4.01 22.26 8.85
CA ASP A 25 2.82 21.43 9.10
C ASP A 25 2.26 20.88 7.79
N ASN A 26 3.12 20.77 6.77
CA ASN A 26 2.71 20.28 5.47
C ASN A 26 2.17 18.85 5.58
N ASN A 27 3.01 17.86 5.31
CA ASN A 27 2.60 16.47 5.39
C ASN A 27 3.77 15.58 5.79
N ALA A 28 4.98 16.00 5.40
CA ALA A 28 6.19 15.25 5.73
C ALA A 28 6.27 13.95 4.94
N ILE A 29 5.31 13.06 5.16
CA ILE A 29 5.30 11.77 4.49
C ILE A 29 4.31 11.73 3.33
N GLU A 30 4.63 10.90 2.34
CA GLU A 30 3.80 10.72 1.15
C GLU A 30 3.68 9.23 0.84
N PHE A 31 2.49 8.80 0.45
CA PHE A 31 2.27 7.39 0.15
C PHE A 31 2.26 7.10 -1.35
N LEU A 32 2.63 5.87 -1.71
CA LEU A 32 2.65 5.46 -3.11
C LEU A 32 1.27 4.98 -3.53
N LEU A 33 0.86 5.37 -4.73
CA LEU A 33 -0.45 4.98 -5.25
C LEU A 33 -0.33 4.60 -6.72
N LEU A 34 -1.00 3.50 -7.08
CA LEU A 34 -0.97 3.02 -8.46
C LEU A 34 -2.35 3.11 -9.11
N GLN A 35 -2.48 3.99 -10.10
CA GLN A 35 -3.76 4.16 -10.79
C GLN A 35 -4.13 2.90 -11.56
N ALA A 36 -5.33 2.40 -11.31
CA ALA A 36 -5.81 1.21 -12.01
C ALA A 36 -5.87 1.47 -13.51
N SER A 37 -5.24 0.61 -14.28
CA SER A 37 -5.23 0.77 -15.73
C SER A 37 -6.59 0.41 -16.35
N ASP A 38 -7.57 0.13 -15.49
CA ASP A 38 -8.91 -0.21 -15.94
C ASP A 38 -9.85 -0.37 -14.76
N GLY A 39 -11.15 -0.52 -15.05
CA GLY A 39 -12.12 -0.66 -13.99
C GLY A 39 -12.85 0.63 -13.70
N ILE A 40 -12.80 1.07 -12.45
CA ILE A 40 -13.45 2.30 -12.05
C ILE A 40 -12.47 3.46 -11.99
N HIS A 41 -11.25 3.25 -12.49
CA HIS A 41 -10.23 4.29 -12.46
C HIS A 41 -9.89 4.64 -11.02
N HIS A 42 -9.82 3.61 -10.20
CA HIS A 42 -9.53 3.77 -8.79
C HIS A 42 -8.02 3.76 -8.52
N TRP A 43 -7.64 4.23 -7.35
CA TRP A 43 -6.23 4.30 -6.97
C TRP A 43 -5.94 3.33 -5.83
N THR A 44 -5.04 2.39 -6.06
CA THR A 44 -4.68 1.41 -5.05
C THR A 44 -3.21 1.03 -5.14
N PRO A 45 -2.49 1.05 -4.00
CA PRO A 45 -1.07 0.70 -3.97
C PRO A 45 -0.82 -0.70 -4.48
N PRO A 46 0.45 -1.11 -4.59
CA PRO A 46 0.81 -2.44 -5.08
C PRO A 46 0.20 -3.56 -4.26
N LYS A 47 -0.83 -4.20 -4.82
CA LYS A 47 -1.51 -5.31 -4.14
C LYS A 47 -1.04 -6.64 -4.69
N GLY A 48 -0.95 -7.64 -3.82
CA GLY A 48 -0.51 -8.96 -4.24
C GLY A 48 -1.53 -10.04 -3.92
N HIS A 49 -1.08 -11.30 -3.94
CA HIS A 49 -1.95 -12.43 -3.65
C HIS A 49 -1.24 -13.44 -2.75
N VAL A 50 -1.49 -13.33 -1.45
CA VAL A 50 -0.87 -14.23 -0.49
C VAL A 50 -1.56 -15.59 -0.48
N GLU A 51 -0.77 -16.65 -0.53
CA GLU A 51 -1.32 -18.01 -0.53
C GLU A 51 -1.29 -18.58 0.89
N PRO A 52 -1.78 -19.82 1.09
CA PRO A 52 -1.79 -20.44 2.42
C PRO A 52 -0.41 -20.51 3.06
N GLY A 53 0.52 -21.18 2.39
CA GLY A 53 1.87 -21.33 2.91
C GLY A 53 2.76 -20.13 2.60
N GLU A 54 2.20 -19.11 1.95
CA GLU A 54 2.96 -17.92 1.60
C GLU A 54 3.07 -16.99 2.80
N ASP A 55 3.84 -15.92 2.65
CA ASP A 55 4.02 -14.96 3.72
C ASP A 55 3.03 -13.81 3.57
N ASP A 56 2.70 -13.19 4.69
CA ASP A 56 1.76 -12.08 4.71
C ASP A 56 2.38 -10.82 4.08
N LEU A 57 3.42 -10.32 4.72
CA LEU A 57 4.09 -9.11 4.24
C LEU A 57 4.72 -9.34 2.87
N GLU A 58 5.32 -10.52 2.66
CA GLU A 58 5.96 -10.83 1.39
C GLU A 58 5.03 -10.55 0.23
N THR A 59 3.80 -11.06 0.32
CA THR A 59 2.82 -10.84 -0.74
C THR A 59 2.67 -9.34 -1.00
N ALA A 60 2.68 -8.56 0.08
CA ALA A 60 2.59 -7.11 -0.05
C ALA A 60 3.90 -6.53 -0.55
N LEU A 61 5.00 -7.22 -0.23
CA LEU A 61 6.34 -6.80 -0.65
C LEU A 61 6.55 -7.08 -2.13
N ARG A 62 6.33 -8.33 -2.51
CA ARG A 62 6.49 -8.76 -3.88
C ARG A 62 5.57 -7.97 -4.80
N ALA A 63 4.36 -7.70 -4.32
CA ALA A 63 3.39 -6.93 -5.10
C ALA A 63 3.93 -5.53 -5.36
N THR A 64 4.63 -4.99 -4.36
CA THR A 64 5.22 -3.67 -4.47
C THR A 64 6.20 -3.61 -5.63
N GLN A 65 7.18 -4.50 -5.62
CA GLN A 65 8.17 -4.54 -6.68
C GLN A 65 7.56 -5.05 -7.97
N GLU A 66 6.45 -5.78 -7.86
CA GLU A 66 5.76 -6.31 -9.03
C GLU A 66 4.93 -5.23 -9.72
N GLU A 67 4.27 -4.40 -8.90
CA GLU A 67 3.43 -3.32 -9.43
C GLU A 67 4.06 -1.95 -9.17
N ALA A 68 5.32 -1.93 -8.74
CA ALA A 68 6.00 -0.68 -8.46
C ALA A 68 7.52 -0.80 -8.58
N GLY A 69 8.01 -2.01 -8.77
CA GLY A 69 9.45 -2.21 -8.89
C GLY A 69 10.18 -1.96 -7.58
N ILE A 70 9.45 -1.62 -6.53
CA ILE A 70 10.05 -1.37 -5.23
C ILE A 70 9.81 -2.56 -4.30
N GLU A 71 10.90 -3.15 -3.82
CA GLU A 71 10.80 -4.30 -2.93
C GLU A 71 11.20 -3.92 -1.52
N ALA A 72 11.02 -4.86 -0.60
CA ALA A 72 11.35 -4.64 0.80
C ALA A 72 12.76 -4.08 0.95
N GLY A 73 13.68 -4.57 0.11
CA GLY A 73 15.05 -4.09 0.17
C GLY A 73 15.17 -2.66 -0.32
N GLN A 74 14.14 -2.18 -1.03
CA GLN A 74 14.15 -0.82 -1.55
C GLN A 74 13.27 0.11 -0.69
N LEU A 75 12.60 -0.47 0.31
CA LEU A 75 11.76 0.32 1.22
C LEU A 75 12.02 -0.09 2.66
N THR A 76 11.24 0.46 3.58
CA THR A 76 11.39 0.16 5.00
C THR A 76 10.06 -0.21 5.64
N ILE A 77 9.83 -1.51 5.83
CA ILE A 77 8.58 -1.98 6.43
C ILE A 77 8.56 -1.72 7.92
N ILE A 78 7.48 -1.11 8.39
CA ILE A 78 7.32 -0.82 9.81
C ILE A 78 6.58 -1.96 10.52
N GLU A 79 7.05 -2.29 11.72
CA GLU A 79 6.45 -3.37 12.50
C GLU A 79 5.49 -2.80 13.55
N GLY A 80 4.48 -3.59 13.91
CA GLY A 80 3.51 -3.16 14.88
C GLY A 80 2.20 -2.73 14.25
N PHE A 81 2.27 -2.28 13.00
CA PHE A 81 1.07 -1.84 12.30
C PHE A 81 0.62 -2.87 11.28
N LYS A 82 -0.65 -3.26 11.36
CA LYS A 82 -1.20 -4.23 10.43
C LYS A 82 -2.71 -4.12 10.34
N ARG A 83 -3.21 -3.97 9.12
CA ARG A 83 -4.64 -3.88 8.87
C ARG A 83 -4.96 -4.52 7.52
N GLU A 84 -6.06 -5.25 7.45
CA GLU A 84 -6.45 -5.91 6.21
C GLU A 84 -7.83 -5.42 5.74
N LEU A 85 -7.91 -5.10 4.46
CA LEU A 85 -9.17 -4.63 3.88
C LEU A 85 -9.89 -5.78 3.17
N ASN A 86 -11.07 -6.12 3.67
CA ASN A 86 -11.86 -7.20 3.09
C ASN A 86 -13.07 -6.68 2.33
N TYR A 87 -13.17 -7.08 1.07
CA TYR A 87 -14.29 -6.66 0.22
C TYR A 87 -14.35 -7.50 -1.04
N VAL A 88 -15.56 -7.79 -1.48
CA VAL A 88 -15.77 -8.57 -2.70
C VAL A 88 -15.69 -7.67 -3.93
N ALA A 89 -14.59 -7.79 -4.67
CA ALA A 89 -14.38 -6.97 -5.86
C ALA A 89 -15.15 -7.52 -7.06
N ARG A 90 -14.46 -8.23 -7.97
CA ARG A 90 -15.10 -8.79 -9.15
C ARG A 90 -16.26 -9.70 -8.77
N ASN A 91 -16.04 -10.50 -7.74
CA ASN A 91 -17.05 -11.44 -7.25
C ASN A 91 -16.45 -12.35 -6.17
N LYS A 92 -15.47 -11.83 -5.44
CA LYS A 92 -14.82 -12.59 -4.38
C LYS A 92 -14.17 -11.63 -3.37
N PRO A 93 -14.45 -11.82 -2.07
CA PRO A 93 -13.91 -10.98 -1.00
C PRO A 93 -12.41 -11.13 -0.85
N LYS A 94 -11.72 -10.02 -0.99
CA LYS A 94 -10.27 -10.01 -0.89
C LYS A 94 -9.76 -9.42 0.42
N THR A 95 -8.96 -10.22 1.14
CA THR A 95 -8.37 -9.75 2.39
C THR A 95 -7.02 -9.14 2.09
N VAL A 96 -6.96 -7.82 2.15
CA VAL A 96 -5.73 -7.12 1.84
C VAL A 96 -5.06 -6.53 3.07
N ILE A 97 -3.94 -7.13 3.47
CA ILE A 97 -3.19 -6.65 4.61
C ILE A 97 -2.22 -5.57 4.15
N TYR A 98 -2.27 -4.42 4.80
CA TYR A 98 -1.43 -3.29 4.41
C TYR A 98 -0.41 -2.92 5.48
N TRP A 99 0.84 -2.79 5.07
CA TRP A 99 1.90 -2.41 5.99
C TRP A 99 2.41 -1.01 5.65
N LEU A 100 3.22 -0.46 6.54
CA LEU A 100 3.79 0.86 6.32
C LEU A 100 5.24 0.72 5.87
N ALA A 101 5.52 1.08 4.63
CA ALA A 101 6.86 0.96 4.09
C ALA A 101 7.40 2.30 3.62
N GLU A 102 8.71 2.47 3.67
CA GLU A 102 9.35 3.72 3.24
C GLU A 102 10.43 3.46 2.19
N VAL A 103 10.19 3.92 0.96
CA VAL A 103 11.15 3.74 -0.12
C VAL A 103 12.36 4.64 0.07
N LYS A 104 13.50 4.02 0.33
CA LYS A 104 14.74 4.75 0.57
C LYS A 104 15.12 5.65 -0.60
N ASP A 105 14.69 5.28 -1.80
CA ASP A 105 15.02 6.08 -2.97
C ASP A 105 13.92 7.09 -3.30
N TYR A 106 14.23 8.36 -3.10
CA TYR A 106 13.30 9.45 -3.37
C TYR A 106 12.83 9.41 -4.82
N ASP A 107 13.77 9.11 -5.72
CA ASP A 107 13.47 9.01 -7.14
C ASP A 107 13.42 7.54 -7.55
N VAL A 108 13.07 6.70 -6.59
CA VAL A 108 12.97 5.26 -6.80
C VAL A 108 12.21 4.92 -8.07
N GLU A 109 12.52 3.78 -8.66
CA GLU A 109 11.88 3.35 -9.88
C GLU A 109 10.49 2.78 -9.60
N ILE A 110 9.58 3.03 -10.53
CA ILE A 110 8.21 2.57 -10.40
C ILE A 110 7.83 1.69 -11.59
N ARG A 111 7.89 0.38 -11.35
CA ARG A 111 7.58 -0.60 -12.38
C ARG A 111 6.15 -1.13 -12.23
N LEU A 112 5.26 -0.62 -13.07
CA LEU A 112 3.86 -1.03 -13.05
C LEU A 112 3.60 -2.12 -14.08
N SER A 113 2.77 -3.10 -13.70
CA SER A 113 2.44 -4.20 -14.60
C SER A 113 1.31 -3.79 -15.54
N HIS A 114 0.69 -4.77 -16.19
CA HIS A 114 -0.41 -4.50 -17.12
C HIS A 114 -1.68 -4.11 -16.37
N GLU A 115 -1.64 -4.16 -15.05
CA GLU A 115 -2.80 -3.82 -14.24
C GLU A 115 -2.80 -2.34 -13.86
N HIS A 116 -1.62 -1.73 -13.87
CA HIS A 116 -1.48 -0.32 -13.52
C HIS A 116 -0.89 0.47 -14.67
N GLN A 117 -1.54 1.58 -15.03
CA GLN A 117 -1.08 2.43 -16.12
C GLN A 117 -0.31 3.64 -15.61
N ALA A 118 -0.38 3.88 -14.30
CA ALA A 118 0.31 5.01 -13.71
C ALA A 118 0.29 4.95 -12.18
N TYR A 119 1.01 5.87 -11.55
CA TYR A 119 1.09 5.93 -10.10
C TYR A 119 1.22 7.37 -9.62
N ARG A 120 1.19 7.57 -8.31
CA ARG A 120 1.32 8.91 -7.75
C ARG A 120 1.83 8.89 -6.32
N TRP A 121 2.48 9.97 -5.92
CA TRP A 121 3.03 10.12 -4.58
C TRP A 121 2.36 11.32 -3.89
N LEU A 122 1.49 11.04 -2.94
CA LEU A 122 0.78 12.12 -2.24
C LEU A 122 0.70 11.85 -0.74
N GLY A 123 0.31 12.87 0.01
CA GLY A 123 0.18 12.74 1.45
C GLY A 123 -1.05 11.95 1.84
N LEU A 124 -1.58 12.22 3.03
CA LEU A 124 -2.76 11.52 3.51
C LEU A 124 -4.03 12.06 2.85
N GLU A 125 -4.12 13.38 2.74
CA GLU A 125 -5.29 14.03 2.15
C GLU A 125 -5.49 13.58 0.70
N GLU A 126 -4.42 13.61 -0.09
CA GLU A 126 -4.50 13.23 -1.49
C GLU A 126 -4.64 11.72 -1.64
N ALA A 127 -3.86 10.99 -0.86
CA ALA A 127 -3.92 9.54 -0.89
C ALA A 127 -5.32 9.08 -0.52
N CYS A 128 -5.98 9.87 0.30
CA CYS A 128 -7.35 9.61 0.74
C CYS A 128 -8.35 10.12 -0.28
N GLN A 129 -8.01 11.23 -0.93
CA GLN A 129 -8.88 11.83 -1.92
C GLN A 129 -9.02 10.92 -3.14
N LEU A 130 -7.90 10.37 -3.59
CA LEU A 130 -7.90 9.45 -4.72
C LEU A 130 -8.46 8.10 -4.29
N ALA A 131 -7.99 7.62 -3.14
CA ALA A 131 -8.46 6.35 -2.59
C ALA A 131 -9.79 6.57 -1.86
N GLN A 132 -10.75 7.13 -2.59
CA GLN A 132 -12.08 7.43 -2.05
C GLN A 132 -12.58 6.32 -1.15
N PHE A 133 -12.18 5.10 -1.49
CA PHE A 133 -12.59 3.92 -0.73
C PHE A 133 -12.23 4.08 0.76
N LYS A 134 -13.25 4.04 1.61
CA LYS A 134 -13.07 4.18 3.06
C LYS A 134 -11.92 3.32 3.55
N GLU A 135 -11.92 2.07 3.13
CA GLU A 135 -10.89 1.12 3.53
C GLU A 135 -9.49 1.67 3.35
N MET A 136 -9.16 2.08 2.12
CA MET A 136 -7.84 2.61 1.82
C MET A 136 -7.56 3.87 2.62
N LYS A 137 -8.52 4.79 2.64
CA LYS A 137 -8.36 6.04 3.38
C LYS A 137 -7.89 5.75 4.80
N ALA A 138 -8.45 4.71 5.40
CA ALA A 138 -8.07 4.31 6.75
C ALA A 138 -6.66 3.75 6.75
N ALA A 139 -6.39 2.85 5.82
CA ALA A 139 -5.07 2.24 5.69
C ALA A 139 -3.98 3.30 5.66
N LEU A 140 -4.25 4.37 4.91
CA LEU A 140 -3.32 5.48 4.80
C LEU A 140 -3.46 6.41 6.00
N GLN A 141 -4.67 6.44 6.57
CA GLN A 141 -4.95 7.28 7.72
C GLN A 141 -4.18 6.82 8.95
N GLU A 142 -4.31 5.54 9.27
CA GLU A 142 -3.64 4.96 10.42
C GLU A 142 -2.14 4.79 10.14
N GLY A 143 -1.80 4.66 8.87
CA GLY A 143 -0.41 4.49 8.49
C GLY A 143 0.44 5.66 8.96
N HIS A 144 -0.03 6.87 8.72
CA HIS A 144 0.69 8.07 9.12
C HIS A 144 0.52 8.32 10.62
N GLN A 145 -0.62 7.88 11.16
CA GLN A 145 -0.92 8.04 12.58
C GLN A 145 -0.01 7.17 13.45
N PHE A 146 0.03 5.88 13.13
CA PHE A 146 0.86 4.93 13.87
C PHE A 146 2.33 5.31 13.77
N LEU A 147 2.78 5.59 12.55
CA LEU A 147 4.17 5.95 12.30
C LEU A 147 4.60 7.13 13.17
N CYS A 148 3.76 8.14 13.25
CA CYS A 148 4.05 9.31 14.06
C CYS A 148 4.07 8.96 15.55
N SER A 149 3.58 7.78 15.89
CA SER A 149 3.54 7.33 17.27
C SER A 149 4.77 6.49 17.63
N ILE A 150 5.52 6.07 16.61
CA ILE A 150 6.71 5.27 16.86
C ILE A 150 7.89 6.16 17.26
N GLU A 151 9.04 5.97 16.62
CA GLU A 151 10.23 6.75 16.94
C GLU A 151 10.37 7.95 16.01
N ALA A 152 10.62 7.67 14.73
CA ALA A 152 10.78 8.72 13.73
C ALA A 152 9.48 9.47 13.48
N LEU A 153 9.58 10.78 13.29
CA LEU A 153 8.41 11.61 13.04
C LEU A 153 8.44 12.17 11.62
N GLY A 1 -20.20 -25.53 8.60
CA GLY A 1 -20.81 -24.76 9.66
C GLY A 1 -19.98 -23.51 9.94
N PRO A 2 -18.71 -23.70 10.30
CA PRO A 2 -17.78 -22.63 10.60
C PRO A 2 -17.38 -21.93 9.32
N LEU A 3 -17.31 -22.68 8.22
CA LEU A 3 -16.95 -22.10 6.93
C LEU A 3 -15.54 -21.53 6.97
N GLY A 4 -14.56 -22.36 6.60
CA GLY A 4 -13.18 -21.92 6.61
C GLY A 4 -12.72 -21.46 5.24
N SER A 5 -13.11 -22.20 4.21
CA SER A 5 -12.73 -21.87 2.84
C SER A 5 -13.62 -20.77 2.27
N MET A 6 -13.05 -19.58 2.08
CA MET A 6 -13.80 -18.46 1.54
C MET A 6 -12.91 -17.22 1.40
N ALA A 7 -13.31 -16.33 0.49
CA ALA A 7 -12.54 -15.11 0.26
C ALA A 7 -11.18 -15.41 -0.34
N LEU A 8 -10.51 -14.36 -0.80
CA LEU A 8 -9.19 -14.49 -1.39
C LEU A 8 -8.12 -13.86 -0.50
N ARG A 9 -6.99 -14.53 -0.40
CA ARG A 9 -5.89 -14.05 0.42
C ARG A 9 -5.04 -13.06 -0.37
N ALA A 10 -5.06 -11.80 0.04
CA ALA A 10 -4.29 -10.75 -0.64
C ALA A 10 -3.37 -10.03 0.33
N CYS A 11 -2.49 -9.20 -0.20
CA CYS A 11 -1.56 -8.43 0.61
C CYS A 11 -0.96 -7.27 -0.18
N GLY A 12 -1.11 -6.07 0.37
CA GLY A 12 -0.56 -4.88 -0.27
C GLY A 12 0.46 -4.20 0.60
N LEU A 13 1.06 -3.13 0.10
CA LEU A 13 2.07 -2.41 0.87
C LEU A 13 1.81 -0.91 0.88
N ILE A 14 1.58 -0.35 2.07
CA ILE A 14 1.37 1.08 2.21
C ILE A 14 2.71 1.76 2.25
N ILE A 15 3.19 2.16 1.08
CA ILE A 15 4.48 2.79 0.95
C ILE A 15 4.40 4.29 1.24
N PHE A 16 5.48 4.81 1.85
CA PHE A 16 5.53 6.21 2.20
C PHE A 16 6.97 6.72 2.23
N ARG A 17 7.26 7.74 1.43
CA ARG A 17 8.61 8.30 1.42
C ARG A 17 8.81 9.24 2.59
N ARG A 18 9.68 8.85 3.52
CA ARG A 18 9.95 9.64 4.70
C ARG A 18 11.19 10.52 4.51
N CYS A 19 10.96 11.81 4.32
CA CYS A 19 12.05 12.77 4.13
C CYS A 19 12.91 12.86 5.38
N LEU A 20 14.13 13.36 5.24
CA LEU A 20 15.04 13.50 6.37
C LEU A 20 14.42 14.41 7.43
N ILE A 21 14.46 15.71 7.20
CA ILE A 21 13.88 16.67 8.12
C ILE A 21 12.77 17.48 7.44
N PRO A 22 11.85 18.05 8.23
CA PRO A 22 10.74 18.84 7.69
C PRO A 22 11.22 19.98 6.80
N LYS A 23 10.47 20.25 5.75
CA LYS A 23 10.82 21.32 4.80
C LYS A 23 9.94 22.56 5.02
N VAL A 24 8.74 22.53 4.47
CA VAL A 24 7.82 23.65 4.60
C VAL A 24 6.71 23.36 5.61
N ASP A 25 6.81 22.22 6.30
CA ASP A 25 5.83 21.83 7.30
C ASP A 25 4.47 21.58 6.65
N ASN A 26 4.49 21.05 5.42
CA ASN A 26 3.27 20.75 4.68
C ASN A 26 2.98 19.26 4.72
N ASN A 27 3.93 18.48 4.23
CA ASN A 27 3.79 17.03 4.19
C ASN A 27 5.16 16.36 4.19
N ALA A 28 5.53 15.80 5.34
CA ALA A 28 6.83 15.14 5.48
C ALA A 28 6.81 13.77 4.82
N ILE A 29 5.66 13.10 4.86
CA ILE A 29 5.53 11.77 4.28
C ILE A 29 4.57 11.75 3.10
N GLU A 30 4.87 10.89 2.12
CA GLU A 30 4.04 10.74 0.93
C GLU A 30 3.88 9.25 0.61
N PHE A 31 2.64 8.82 0.40
CA PHE A 31 2.36 7.41 0.10
C PHE A 31 2.36 7.13 -1.40
N LEU A 32 2.72 5.90 -1.76
CA LEU A 32 2.73 5.49 -3.15
C LEU A 32 1.35 5.03 -3.57
N LEU A 33 0.89 5.49 -4.73
CA LEU A 33 -0.41 5.11 -5.24
C LEU A 33 -0.34 4.76 -6.71
N LEU A 34 -1.08 3.73 -7.11
CA LEU A 34 -1.09 3.30 -8.50
C LEU A 34 -2.49 3.41 -9.11
N GLN A 35 -2.60 4.18 -10.18
CA GLN A 35 -3.87 4.37 -10.87
C GLN A 35 -4.40 3.04 -11.40
N ALA A 36 -5.69 3.00 -11.72
CA ALA A 36 -6.31 1.79 -12.24
C ALA A 36 -6.25 1.72 -13.77
N SER A 37 -5.88 2.85 -14.39
CA SER A 37 -5.79 2.93 -15.85
C SER A 37 -7.18 2.99 -16.47
N ASP A 38 -7.99 1.96 -16.23
CA ASP A 38 -9.33 1.91 -16.77
C ASP A 38 -10.38 1.89 -15.66
N GLY A 39 -11.65 2.02 -16.04
CA GLY A 39 -12.71 2.02 -15.05
C GLY A 39 -12.83 3.34 -14.34
N ILE A 40 -12.79 3.29 -13.01
CA ILE A 40 -12.89 4.50 -12.19
C ILE A 40 -11.51 5.12 -11.95
N HIS A 41 -10.46 4.46 -12.44
CA HIS A 41 -9.10 4.96 -12.27
C HIS A 41 -8.75 5.05 -10.79
N HIS A 42 -9.29 4.13 -10.01
CA HIS A 42 -9.03 4.09 -8.58
C HIS A 42 -7.55 3.88 -8.31
N TRP A 43 -7.03 4.57 -7.30
CA TRP A 43 -5.62 4.46 -6.94
C TRP A 43 -5.45 3.56 -5.72
N THR A 44 -4.70 2.48 -5.90
CA THR A 44 -4.45 1.54 -4.82
C THR A 44 -2.99 1.06 -4.83
N PRO A 45 -2.38 0.89 -3.65
CA PRO A 45 -1.00 0.44 -3.55
C PRO A 45 -0.78 -0.90 -4.27
N PRO A 46 0.50 -1.27 -4.47
CA PRO A 46 0.84 -2.52 -5.14
C PRO A 46 0.38 -3.75 -4.36
N LYS A 47 -0.88 -4.11 -4.53
CA LYS A 47 -1.45 -5.25 -3.83
C LYS A 47 -1.21 -6.55 -4.60
N GLY A 48 -1.21 -7.66 -3.88
CA GLY A 48 -1.01 -8.96 -4.50
C GLY A 48 -1.86 -10.05 -3.87
N HIS A 49 -1.71 -11.27 -4.38
CA HIS A 49 -2.47 -12.40 -3.86
C HIS A 49 -1.55 -13.34 -3.07
N VAL A 50 -1.85 -13.52 -1.79
CA VAL A 50 -1.03 -14.39 -0.95
C VAL A 50 -1.60 -15.81 -0.91
N GLU A 51 -0.71 -16.78 -1.06
CA GLU A 51 -1.09 -18.18 -1.05
C GLU A 51 -0.96 -18.75 0.36
N PRO A 52 -1.76 -19.77 0.70
CA PRO A 52 -1.74 -20.38 2.03
C PRO A 52 -0.35 -20.84 2.44
N GLY A 53 0.51 -21.06 1.46
CA GLY A 53 1.87 -21.48 1.74
C GLY A 53 2.84 -20.31 1.67
N GLU A 54 2.38 -19.20 1.11
CA GLU A 54 3.20 -18.00 0.99
C GLU A 54 3.16 -17.19 2.28
N ASP A 55 4.06 -16.21 2.39
CA ASP A 55 4.12 -15.37 3.58
C ASP A 55 3.13 -14.21 3.47
N ASP A 56 2.81 -13.61 4.61
CA ASP A 56 1.88 -12.49 4.66
C ASP A 56 2.49 -11.22 4.08
N LEU A 57 3.56 -10.73 4.72
CA LEU A 57 4.24 -9.51 4.25
C LEU A 57 4.90 -9.75 2.90
N GLU A 58 5.50 -10.92 2.74
CA GLU A 58 6.18 -11.28 1.50
C GLU A 58 5.29 -11.00 0.30
N THR A 59 4.03 -11.42 0.36
CA THR A 59 3.10 -11.19 -0.73
C THR A 59 2.96 -9.69 -0.98
N ALA A 60 2.77 -8.92 0.08
CA ALA A 60 2.66 -7.47 -0.04
C ALA A 60 3.98 -6.89 -0.51
N LEU A 61 5.08 -7.57 -0.15
CA LEU A 61 6.43 -7.12 -0.54
C LEU A 61 6.67 -7.36 -2.02
N ARG A 62 6.45 -8.60 -2.44
CA ARG A 62 6.64 -8.98 -3.83
C ARG A 62 5.68 -8.23 -4.74
N ALA A 63 4.48 -7.96 -4.21
CA ALA A 63 3.49 -7.23 -4.97
C ALA A 63 3.94 -5.78 -5.17
N THR A 64 4.67 -5.27 -4.18
CA THR A 64 5.20 -3.92 -4.25
C THR A 64 6.12 -3.75 -5.45
N GLN A 65 7.08 -4.66 -5.58
CA GLN A 65 8.01 -4.61 -6.68
C GLN A 65 7.36 -5.11 -7.97
N GLU A 66 6.27 -5.86 -7.85
CA GLU A 66 5.55 -6.37 -9.00
C GLU A 66 4.68 -5.29 -9.63
N GLU A 67 4.06 -4.46 -8.79
CA GLU A 67 3.19 -3.40 -9.29
C GLU A 67 3.80 -2.01 -9.07
N ALA A 68 4.99 -1.97 -8.48
CA ALA A 68 5.68 -0.71 -8.23
C ALA A 68 7.19 -0.82 -8.46
N GLY A 69 7.69 -2.03 -8.62
CA GLY A 69 9.11 -2.21 -8.84
C GLY A 69 9.93 -2.03 -7.57
N ILE A 70 9.28 -1.65 -6.48
CA ILE A 70 9.95 -1.43 -5.22
C ILE A 70 9.77 -2.63 -4.28
N GLU A 71 10.89 -3.15 -3.78
CA GLU A 71 10.85 -4.29 -2.87
C GLU A 71 11.25 -3.88 -1.46
N ALA A 72 11.06 -4.79 -0.50
CA ALA A 72 11.41 -4.51 0.88
C ALA A 72 12.80 -3.89 0.99
N GLY A 73 13.72 -4.37 0.17
CA GLY A 73 15.07 -3.84 0.17
C GLY A 73 15.12 -2.40 -0.31
N GLN A 74 14.11 -1.99 -1.06
CA GLN A 74 14.05 -0.63 -1.58
C GLN A 74 13.13 0.25 -0.72
N LEU A 75 12.52 -0.35 0.31
CA LEU A 75 11.65 0.40 1.23
C LEU A 75 11.93 -0.01 2.67
N THR A 76 11.07 0.43 3.58
CA THR A 76 11.23 0.11 4.99
C THR A 76 9.90 -0.29 5.63
N ILE A 77 9.67 -1.59 5.79
CA ILE A 77 8.44 -2.09 6.39
C ILE A 77 8.42 -1.82 7.89
N ILE A 78 7.39 -1.13 8.35
CA ILE A 78 7.25 -0.79 9.76
C ILE A 78 6.54 -1.92 10.50
N GLU A 79 7.03 -2.20 11.71
CA GLU A 79 6.45 -3.26 12.55
C GLU A 79 5.50 -2.67 13.60
N GLY A 80 4.53 -3.46 14.00
CA GLY A 80 3.57 -3.01 14.99
C GLY A 80 2.25 -2.61 14.36
N PHE A 81 2.29 -2.26 13.07
CA PHE A 81 1.09 -1.86 12.37
C PHE A 81 0.68 -2.93 11.36
N LYS A 82 -0.59 -3.34 11.43
CA LYS A 82 -1.10 -4.36 10.51
C LYS A 82 -2.62 -4.31 10.44
N ARG A 83 -3.13 -4.23 9.22
CA ARG A 83 -4.57 -4.20 8.98
C ARG A 83 -4.86 -4.74 7.59
N GLU A 84 -5.95 -5.49 7.46
CA GLU A 84 -6.32 -6.06 6.18
C GLU A 84 -7.72 -5.62 5.76
N LEU A 85 -7.84 -5.16 4.52
CA LEU A 85 -9.13 -4.71 4.00
C LEU A 85 -9.84 -5.84 3.26
N ASN A 86 -11.01 -6.21 3.76
CA ASN A 86 -11.79 -7.30 3.18
C ASN A 86 -12.99 -6.75 2.40
N TYR A 87 -13.09 -7.14 1.14
CA TYR A 87 -14.18 -6.69 0.29
C TYR A 87 -14.26 -7.52 -0.98
N VAL A 88 -15.49 -7.81 -1.40
CA VAL A 88 -15.71 -8.60 -2.61
C VAL A 88 -15.56 -7.74 -3.86
N ALA A 89 -14.54 -8.01 -4.65
CA ALA A 89 -14.28 -7.25 -5.87
C ALA A 89 -15.24 -7.64 -6.99
N ARG A 90 -14.74 -8.36 -7.99
CA ARG A 90 -15.57 -8.79 -9.12
C ARG A 90 -16.69 -9.71 -8.63
N ASN A 91 -16.35 -10.61 -7.73
CA ASN A 91 -17.32 -11.55 -7.17
C ASN A 91 -16.68 -12.43 -6.09
N LYS A 92 -15.63 -11.89 -5.44
CA LYS A 92 -14.94 -12.64 -4.40
C LYS A 92 -14.24 -11.68 -3.43
N PRO A 93 -14.47 -11.84 -2.11
CA PRO A 93 -13.87 -11.00 -1.08
C PRO A 93 -12.41 -11.28 -0.88
N LYS A 94 -11.59 -10.30 -1.17
CA LYS A 94 -10.15 -10.45 -1.05
C LYS A 94 -9.61 -9.71 0.16
N THR A 95 -8.94 -10.45 1.05
CA THR A 95 -8.36 -9.87 2.24
C THR A 95 -7.04 -9.21 1.86
N VAL A 96 -6.94 -7.91 2.10
CA VAL A 96 -5.74 -7.18 1.75
C VAL A 96 -5.02 -6.64 2.97
N ILE A 97 -3.88 -7.24 3.30
CA ILE A 97 -3.09 -6.77 4.42
C ILE A 97 -2.18 -5.65 3.98
N TYR A 98 -2.13 -4.58 4.75
CA TYR A 98 -1.33 -3.44 4.39
C TYR A 98 -0.24 -3.16 5.43
N TRP A 99 0.99 -3.02 4.97
CA TRP A 99 2.11 -2.72 5.84
C TRP A 99 2.72 -1.38 5.49
N LEU A 100 3.09 -0.61 6.50
CA LEU A 100 3.68 0.69 6.27
C LEU A 100 5.13 0.51 5.85
N ALA A 101 5.45 0.93 4.63
CA ALA A 101 6.80 0.81 4.11
C ALA A 101 7.30 2.15 3.61
N GLU A 102 8.59 2.40 3.75
CA GLU A 102 9.18 3.66 3.30
C GLU A 102 10.30 3.42 2.31
N VAL A 103 10.11 3.92 1.09
CA VAL A 103 11.13 3.77 0.05
C VAL A 103 12.31 4.69 0.32
N LYS A 104 13.48 4.10 0.48
CA LYS A 104 14.69 4.87 0.76
C LYS A 104 14.98 5.84 -0.36
N ASP A 105 14.59 5.49 -1.58
CA ASP A 105 14.84 6.35 -2.73
C ASP A 105 13.63 7.20 -3.09
N TYR A 106 13.85 8.51 -3.21
CA TYR A 106 12.79 9.43 -3.57
C TYR A 106 12.46 9.28 -5.05
N ASP A 107 13.50 9.14 -5.86
CA ASP A 107 13.34 8.94 -7.29
C ASP A 107 13.29 7.45 -7.59
N VAL A 108 12.98 6.66 -6.56
CA VAL A 108 12.88 5.22 -6.67
C VAL A 108 12.04 4.82 -7.87
N GLU A 109 12.45 3.74 -8.53
CA GLU A 109 11.76 3.26 -9.70
C GLU A 109 10.35 2.77 -9.37
N ILE A 110 9.43 3.05 -10.29
CA ILE A 110 8.06 2.65 -10.13
C ILE A 110 7.61 1.82 -11.33
N ARG A 111 7.71 0.51 -11.17
CA ARG A 111 7.36 -0.42 -12.23
C ARG A 111 5.92 -0.90 -12.07
N LEU A 112 5.03 -0.32 -12.86
CA LEU A 112 3.62 -0.69 -12.81
C LEU A 112 3.29 -1.73 -13.88
N SER A 113 2.28 -2.54 -13.60
CA SER A 113 1.86 -3.58 -14.53
C SER A 113 0.95 -2.98 -15.61
N HIS A 114 0.31 -3.83 -16.40
CA HIS A 114 -0.59 -3.37 -17.45
C HIS A 114 -1.93 -2.91 -16.90
N GLU A 115 -2.05 -2.88 -15.57
CA GLU A 115 -3.29 -2.46 -14.93
C GLU A 115 -3.19 -1.03 -14.41
N HIS A 116 -1.99 -0.63 -14.00
CA HIS A 116 -1.78 0.72 -13.48
C HIS A 116 -1.22 1.64 -14.57
N GLN A 117 -2.03 2.62 -14.95
CA GLN A 117 -1.63 3.57 -15.99
C GLN A 117 -0.64 4.60 -15.44
N ALA A 118 -0.59 4.76 -14.12
CA ALA A 118 0.32 5.73 -13.53
C ALA A 118 0.34 5.62 -12.01
N TYR A 119 1.11 6.50 -11.37
CA TYR A 119 1.23 6.53 -9.92
C TYR A 119 1.52 7.95 -9.45
N ARG A 120 1.31 8.22 -8.17
CA ARG A 120 1.57 9.55 -7.62
C ARG A 120 1.97 9.48 -6.16
N TRP A 121 2.92 10.34 -5.79
CA TRP A 121 3.40 10.42 -4.42
C TRP A 121 2.70 11.58 -3.71
N LEU A 122 1.78 11.26 -2.82
CA LEU A 122 1.02 12.28 -2.11
C LEU A 122 0.92 12.00 -0.62
N GLY A 123 0.46 12.99 0.13
CA GLY A 123 0.31 12.82 1.57
C GLY A 123 -0.91 12.00 1.90
N LEU A 124 -1.49 12.24 3.07
CA LEU A 124 -2.68 11.50 3.49
C LEU A 124 -3.92 12.02 2.78
N GLU A 125 -4.02 13.34 2.66
CA GLU A 125 -5.17 13.98 2.01
C GLU A 125 -5.32 13.53 0.56
N GLU A 126 -4.22 13.63 -0.20
CA GLU A 126 -4.25 13.26 -1.61
C GLU A 126 -4.31 11.76 -1.77
N ALA A 127 -3.70 11.05 -0.84
CA ALA A 127 -3.71 9.60 -0.87
C ALA A 127 -5.11 9.10 -0.54
N CYS A 128 -5.83 9.89 0.26
CA CYS A 128 -7.18 9.58 0.66
C CYS A 128 -8.16 10.06 -0.41
N GLN A 129 -7.81 11.14 -1.09
CA GLN A 129 -8.67 11.72 -2.13
C GLN A 129 -8.77 10.77 -3.32
N LEU A 130 -7.64 10.23 -3.75
CA LEU A 130 -7.62 9.29 -4.86
C LEU A 130 -8.16 7.95 -4.40
N ALA A 131 -7.72 7.50 -3.23
CA ALA A 131 -8.20 6.24 -2.66
C ALA A 131 -9.56 6.43 -2.02
N GLN A 132 -10.49 7.01 -2.79
CA GLN A 132 -11.85 7.28 -2.31
C GLN A 132 -12.39 6.15 -1.45
N PHE A 133 -11.90 4.94 -1.70
CA PHE A 133 -12.32 3.77 -0.94
C PHE A 133 -12.04 3.97 0.55
N LYS A 134 -13.11 3.97 1.35
CA LYS A 134 -13.00 4.18 2.80
C LYS A 134 -11.89 3.33 3.39
N GLU A 135 -11.85 2.07 2.99
CA GLU A 135 -10.85 1.14 3.49
C GLU A 135 -9.43 1.68 3.33
N MET A 136 -9.08 2.08 2.12
CA MET A 136 -7.75 2.61 1.85
C MET A 136 -7.48 3.87 2.65
N LYS A 137 -8.41 4.82 2.60
CA LYS A 137 -8.27 6.07 3.33
C LYS A 137 -7.88 5.79 4.77
N ALA A 138 -8.47 4.74 5.34
CA ALA A 138 -8.17 4.35 6.70
C ALA A 138 -6.78 3.73 6.77
N ALA A 139 -6.50 2.82 5.84
CA ALA A 139 -5.19 2.17 5.78
C ALA A 139 -4.09 3.22 5.75
N LEU A 140 -4.32 4.28 4.97
CA LEU A 140 -3.36 5.36 4.85
C LEU A 140 -3.48 6.30 6.06
N GLN A 141 -4.67 6.35 6.65
CA GLN A 141 -4.92 7.21 7.80
C GLN A 141 -4.14 6.73 9.02
N GLU A 142 -4.30 5.46 9.35
CA GLU A 142 -3.62 4.89 10.51
C GLU A 142 -2.14 4.70 10.22
N GLY A 143 -1.81 4.55 8.94
CA GLY A 143 -0.42 4.39 8.57
C GLY A 143 0.39 5.61 8.95
N HIS A 144 -0.17 6.78 8.69
CA HIS A 144 0.50 8.04 9.03
C HIS A 144 0.31 8.34 10.52
N GLN A 145 -0.83 7.90 11.06
CA GLN A 145 -1.14 8.12 12.46
C GLN A 145 -0.17 7.36 13.35
N PHE A 146 -0.01 6.07 13.07
CA PHE A 146 0.88 5.23 13.85
C PHE A 146 2.34 5.70 13.72
N LEU A 147 2.77 5.90 12.48
CA LEU A 147 4.13 6.35 12.21
C LEU A 147 4.45 7.65 12.94
N CYS A 148 3.44 8.48 13.15
CA CYS A 148 3.63 9.74 13.85
C CYS A 148 3.82 9.51 15.34
N SER A 149 3.41 8.34 15.81
CA SER A 149 3.56 8.00 17.22
C SER A 149 4.87 7.27 17.50
N ILE A 150 5.57 6.88 16.45
CA ILE A 150 6.85 6.18 16.61
C ILE A 150 7.99 7.19 16.76
N GLU A 151 9.06 7.01 16.00
CA GLU A 151 10.21 7.91 16.07
C GLU A 151 11.21 7.58 14.97
N ALA A 152 11.85 6.42 15.09
CA ALA A 152 12.83 5.98 14.11
C ALA A 152 13.47 4.65 14.54
N LEU A 153 14.35 4.12 13.69
CA LEU A 153 15.02 2.86 14.00
C LEU A 153 16.24 3.10 14.88
N GLY A 1 -24.78 -18.03 -4.49
CA GLY A 1 -24.87 -19.32 -5.14
C GLY A 1 -23.47 -19.84 -5.46
N PRO A 2 -22.61 -18.97 -5.99
CA PRO A 2 -21.24 -19.28 -6.33
C PRO A 2 -20.41 -19.43 -5.07
N LEU A 3 -21.05 -19.87 -3.99
CA LEU A 3 -20.36 -20.04 -2.72
C LEU A 3 -19.23 -21.05 -2.84
N GLY A 4 -18.02 -20.65 -2.45
CA GLY A 4 -16.88 -21.53 -2.53
C GLY A 4 -15.81 -21.19 -1.52
N SER A 5 -14.60 -20.88 -1.99
CA SER A 5 -13.48 -20.54 -1.13
C SER A 5 -13.81 -19.32 -0.27
N MET A 6 -13.61 -19.43 1.04
CA MET A 6 -13.88 -18.32 1.94
C MET A 6 -13.01 -17.13 1.61
N ALA A 7 -13.56 -16.15 0.92
CA ALA A 7 -12.82 -14.96 0.54
C ALA A 7 -11.53 -15.33 -0.17
N LEU A 8 -10.83 -14.31 -0.67
CA LEU A 8 -9.56 -14.53 -1.35
C LEU A 8 -8.44 -13.82 -0.59
N ARG A 9 -7.29 -14.46 -0.50
CA ARG A 9 -6.14 -13.90 0.22
C ARG A 9 -5.33 -12.95 -0.64
N ALA A 10 -5.00 -11.78 -0.08
CA ALA A 10 -4.21 -10.78 -0.77
C ALA A 10 -3.39 -9.95 0.22
N CYS A 11 -2.43 -9.19 -0.28
CA CYS A 11 -1.60 -8.35 0.58
C CYS A 11 -1.01 -7.17 -0.19
N GLY A 12 -1.26 -5.97 0.31
CA GLY A 12 -0.73 -4.78 -0.32
C GLY A 12 0.30 -4.11 0.56
N LEU A 13 0.98 -3.08 0.05
CA LEU A 13 1.99 -2.39 0.82
C LEU A 13 1.74 -0.89 0.84
N ILE A 14 1.51 -0.35 2.04
CA ILE A 14 1.30 1.08 2.18
C ILE A 14 2.65 1.76 2.26
N ILE A 15 3.16 2.16 1.11
CA ILE A 15 4.45 2.79 1.01
C ILE A 15 4.35 4.28 1.30
N PHE A 16 5.40 4.81 1.90
CA PHE A 16 5.44 6.21 2.27
C PHE A 16 6.87 6.73 2.28
N ARG A 17 7.16 7.77 1.51
CA ARG A 17 8.49 8.34 1.48
C ARG A 17 8.68 9.27 2.68
N ARG A 18 9.53 8.86 3.61
CA ARG A 18 9.79 9.66 4.80
C ARG A 18 10.89 10.68 4.54
N CYS A 19 10.49 11.95 4.47
CA CYS A 19 11.43 13.04 4.23
C CYS A 19 11.79 13.74 5.52
N LEU A 20 13.00 14.31 5.57
CA LEU A 20 13.46 15.01 6.76
C LEU A 20 12.51 16.15 7.14
N ILE A 21 12.10 16.93 6.14
CA ILE A 21 11.18 18.04 6.36
C ILE A 21 10.76 18.67 5.03
N PRO A 22 9.59 19.32 5.00
CA PRO A 22 9.07 19.96 3.78
C PRO A 22 9.92 21.16 3.36
N LYS A 23 9.98 21.40 2.06
CA LYS A 23 10.74 22.51 1.52
C LYS A 23 9.81 23.65 1.12
N VAL A 24 9.20 23.52 -0.06
CA VAL A 24 8.29 24.54 -0.55
C VAL A 24 7.02 23.93 -1.13
N ASP A 25 7.18 22.82 -1.84
CA ASP A 25 6.04 22.14 -2.45
C ASP A 25 6.10 20.64 -2.25
N ASN A 26 6.40 20.23 -1.02
CA ASN A 26 6.49 18.81 -0.69
C ASN A 26 6.37 18.59 0.81
N ASN A 27 5.33 17.88 1.21
CA ASN A 27 5.09 17.59 2.62
C ASN A 27 6.16 16.64 3.15
N ALA A 28 5.95 16.14 4.37
CA ALA A 28 6.89 15.24 5.00
C ALA A 28 6.83 13.85 4.36
N ILE A 29 5.76 13.12 4.63
CA ILE A 29 5.60 11.78 4.10
C ILE A 29 4.69 11.76 2.87
N GLU A 30 4.98 10.83 1.96
CA GLU A 30 4.21 10.66 0.73
C GLU A 30 3.97 9.18 0.45
N PHE A 31 2.70 8.80 0.34
CA PHE A 31 2.33 7.41 0.11
C PHE A 31 2.31 7.07 -1.37
N LEU A 32 2.76 5.86 -1.72
CA LEU A 32 2.76 5.43 -3.11
C LEU A 32 1.37 4.95 -3.52
N LEU A 33 0.91 5.41 -4.67
CA LEU A 33 -0.40 5.02 -5.17
C LEU A 33 -0.33 4.69 -6.65
N LEU A 34 -1.00 3.61 -7.04
CA LEU A 34 -1.02 3.18 -8.43
C LEU A 34 -2.41 3.31 -9.02
N GLN A 35 -2.51 4.01 -10.14
CA GLN A 35 -3.79 4.20 -10.81
C GLN A 35 -4.41 2.84 -11.16
N ALA A 36 -5.67 2.87 -11.56
CA ALA A 36 -6.37 1.64 -11.92
C ALA A 36 -6.18 1.31 -13.39
N SER A 37 -5.94 2.34 -14.20
CA SER A 37 -5.72 2.17 -15.64
C SER A 37 -7.05 1.99 -16.39
N ASP A 38 -8.12 1.69 -15.66
CA ASP A 38 -9.42 1.50 -16.27
C ASP A 38 -10.53 1.68 -15.22
N GLY A 39 -11.75 1.32 -15.58
CA GLY A 39 -12.86 1.45 -14.65
C GLY A 39 -13.06 2.88 -14.17
N ILE A 40 -12.96 3.07 -12.87
CA ILE A 40 -13.12 4.39 -12.26
C ILE A 40 -11.78 5.13 -12.15
N HIS A 41 -10.70 4.46 -12.56
CA HIS A 41 -9.37 5.07 -12.49
C HIS A 41 -8.98 5.34 -11.05
N HIS A 42 -9.54 4.57 -10.13
CA HIS A 42 -9.24 4.72 -8.71
C HIS A 42 -7.77 4.49 -8.44
N TRP A 43 -7.30 5.00 -7.31
CA TRP A 43 -5.90 4.86 -6.91
C TRP A 43 -5.77 3.95 -5.71
N THR A 44 -4.79 3.05 -5.76
CA THR A 44 -4.55 2.11 -4.67
C THR A 44 -3.14 1.54 -4.77
N PRO A 45 -2.52 1.23 -3.61
CA PRO A 45 -1.17 0.66 -3.57
C PRO A 45 -1.10 -0.69 -4.27
N PRO A 46 0.12 -1.20 -4.48
CA PRO A 46 0.33 -2.50 -5.14
C PRO A 46 0.02 -3.68 -4.23
N LYS A 47 -1.08 -4.37 -4.51
CA LYS A 47 -1.48 -5.52 -3.71
C LYS A 47 -1.24 -6.83 -4.45
N GLY A 48 -0.79 -7.84 -3.71
CA GLY A 48 -0.51 -9.13 -4.30
C GLY A 48 -1.48 -10.20 -3.88
N HIS A 49 -1.10 -11.46 -4.06
CA HIS A 49 -1.94 -12.59 -3.71
C HIS A 49 -1.15 -13.60 -2.87
N VAL A 50 -1.42 -13.62 -1.56
CA VAL A 50 -0.74 -14.54 -0.65
C VAL A 50 -1.32 -15.95 -0.75
N GLU A 51 -0.50 -16.87 -1.24
CA GLU A 51 -0.90 -18.26 -1.40
C GLU A 51 -0.95 -18.97 -0.04
N PRO A 52 -1.35 -20.26 -0.01
CA PRO A 52 -1.45 -21.02 1.24
C PRO A 52 -0.14 -21.06 2.01
N GLY A 53 0.93 -21.41 1.31
CA GLY A 53 2.24 -21.49 1.95
C GLY A 53 3.07 -20.23 1.76
N GLU A 54 2.42 -19.16 1.30
CA GLU A 54 3.10 -17.90 1.09
C GLU A 54 3.13 -17.07 2.36
N ASP A 55 3.94 -16.02 2.38
CA ASP A 55 4.03 -15.14 3.54
C ASP A 55 3.05 -13.99 3.40
N ASP A 56 2.70 -13.39 4.52
CA ASP A 56 1.76 -12.27 4.53
C ASP A 56 2.39 -11.00 3.96
N LEU A 57 3.44 -10.52 4.62
CA LEU A 57 4.13 -9.32 4.16
C LEU A 57 4.75 -9.53 2.79
N GLU A 58 5.32 -10.71 2.57
CA GLU A 58 5.96 -11.04 1.30
C GLU A 58 5.03 -10.71 0.13
N THR A 59 3.79 -11.19 0.20
CA THR A 59 2.83 -10.93 -0.85
C THR A 59 2.68 -9.43 -1.06
N ALA A 60 2.66 -8.68 0.03
CA ALA A 60 2.57 -7.23 -0.04
C ALA A 60 3.90 -6.64 -0.54
N LEU A 61 4.99 -7.33 -0.22
CA LEU A 61 6.32 -6.91 -0.63
C LEU A 61 6.51 -7.15 -2.13
N ARG A 62 6.24 -8.38 -2.54
CA ARG A 62 6.38 -8.77 -3.94
C ARG A 62 5.45 -7.95 -4.83
N ALA A 63 4.23 -7.71 -4.35
CA ALA A 63 3.27 -6.92 -5.11
C ALA A 63 3.82 -5.52 -5.33
N THR A 64 4.53 -5.03 -4.33
CA THR A 64 5.15 -3.71 -4.38
C THR A 64 6.14 -3.62 -5.53
N GLN A 65 7.13 -4.50 -5.52
CA GLN A 65 8.14 -4.52 -6.57
C GLN A 65 7.55 -4.98 -7.89
N GLU A 66 6.43 -5.69 -7.83
CA GLU A 66 5.77 -6.17 -9.05
C GLU A 66 4.98 -5.06 -9.72
N GLU A 67 4.25 -4.29 -8.91
CA GLU A 67 3.44 -3.19 -9.43
C GLU A 67 4.09 -1.83 -9.19
N ALA A 68 5.30 -1.83 -8.59
CA ALA A 68 6.00 -0.59 -8.31
C ALA A 68 7.52 -0.74 -8.48
N GLY A 69 8.00 -1.96 -8.72
CA GLY A 69 9.42 -2.16 -8.88
C GLY A 69 10.19 -1.96 -7.59
N ILE A 70 9.50 -1.60 -6.51
CA ILE A 70 10.14 -1.39 -5.23
C ILE A 70 9.88 -2.58 -4.30
N GLU A 71 10.95 -3.16 -3.79
CA GLU A 71 10.82 -4.31 -2.91
C GLU A 71 11.24 -3.94 -1.49
N ALA A 72 11.05 -4.88 -0.57
CA ALA A 72 11.41 -4.65 0.81
C ALA A 72 12.83 -4.11 0.92
N GLY A 73 13.72 -4.63 0.07
CA GLY A 73 15.10 -4.17 0.06
C GLY A 73 15.23 -2.73 -0.37
N GLN A 74 14.17 -2.17 -0.96
CA GLN A 74 14.18 -0.78 -1.41
C GLN A 74 13.35 0.12 -0.50
N LEU A 75 12.50 -0.49 0.33
CA LEU A 75 11.68 0.28 1.27
C LEU A 75 11.92 -0.19 2.70
N THR A 76 11.15 0.37 3.62
CA THR A 76 11.28 0.03 5.04
C THR A 76 9.92 -0.34 5.63
N ILE A 77 9.67 -1.63 5.77
CA ILE A 77 8.41 -2.10 6.35
C ILE A 77 8.37 -1.85 7.86
N ILE A 78 7.45 -0.99 8.27
CA ILE A 78 7.31 -0.65 9.69
C ILE A 78 6.62 -1.78 10.44
N GLU A 79 7.15 -2.11 11.61
CA GLU A 79 6.59 -3.18 12.43
C GLU A 79 5.61 -2.64 13.46
N GLY A 80 4.65 -3.47 13.84
CA GLY A 80 3.65 -3.05 14.80
C GLY A 80 2.34 -2.64 14.15
N PHE A 81 2.41 -2.26 12.87
CA PHE A 81 1.22 -1.86 12.14
C PHE A 81 0.82 -2.92 11.12
N LYS A 82 -0.44 -3.33 11.17
CA LYS A 82 -0.96 -4.33 10.25
C LYS A 82 -2.48 -4.26 10.16
N ARG A 83 -2.99 -4.12 8.95
CA ARG A 83 -4.42 -4.05 8.72
C ARG A 83 -4.77 -4.72 7.40
N GLU A 84 -5.93 -5.37 7.34
CA GLU A 84 -6.36 -6.05 6.13
C GLU A 84 -7.75 -5.59 5.70
N LEU A 85 -7.87 -5.15 4.44
CA LEU A 85 -9.15 -4.69 3.93
C LEU A 85 -9.91 -5.84 3.29
N ASN A 86 -11.10 -6.13 3.82
CA ASN A 86 -11.92 -7.21 3.31
C ASN A 86 -13.16 -6.66 2.60
N TYR A 87 -13.34 -7.04 1.34
CA TYR A 87 -14.50 -6.58 0.58
C TYR A 87 -14.66 -7.39 -0.70
N VAL A 88 -15.90 -7.74 -1.02
CA VAL A 88 -16.20 -8.50 -2.21
C VAL A 88 -16.12 -7.61 -3.46
N ALA A 89 -15.13 -7.90 -4.31
CA ALA A 89 -14.93 -7.12 -5.53
C ALA A 89 -15.90 -7.54 -6.65
N ARG A 90 -15.41 -8.26 -7.65
CA ARG A 90 -16.26 -8.70 -8.76
C ARG A 90 -17.35 -9.64 -8.25
N ASN A 91 -16.98 -10.45 -7.26
CA ASN A 91 -17.92 -11.40 -6.67
C ASN A 91 -17.21 -12.28 -5.63
N LYS A 92 -16.15 -11.75 -5.03
CA LYS A 92 -15.40 -12.49 -4.01
C LYS A 92 -14.64 -11.54 -3.08
N PRO A 93 -14.82 -11.71 -1.75
CA PRO A 93 -14.18 -10.86 -0.73
C PRO A 93 -12.69 -11.08 -0.62
N LYS A 94 -11.94 -10.03 -0.90
CA LYS A 94 -10.49 -10.08 -0.85
C LYS A 94 -9.93 -9.52 0.46
N THR A 95 -9.05 -10.29 1.09
CA THR A 95 -8.40 -9.84 2.32
C THR A 95 -7.06 -9.24 1.95
N VAL A 96 -6.97 -7.91 2.05
CA VAL A 96 -5.75 -7.22 1.69
C VAL A 96 -5.01 -6.70 2.92
N ILE A 97 -3.90 -7.34 3.25
CA ILE A 97 -3.10 -6.92 4.39
C ILE A 97 -2.14 -5.82 3.95
N TYR A 98 -2.13 -4.72 4.67
CA TYR A 98 -1.27 -3.59 4.33
C TYR A 98 -0.12 -3.46 5.32
N TRP A 99 0.89 -2.71 4.90
CA TRP A 99 2.05 -2.46 5.73
C TRP A 99 2.66 -1.11 5.39
N LEU A 100 3.02 -0.37 6.42
CA LEU A 100 3.63 0.92 6.22
C LEU A 100 5.09 0.75 5.81
N ALA A 101 5.43 1.15 4.59
CA ALA A 101 6.79 0.99 4.09
C ALA A 101 7.35 2.32 3.60
N GLU A 102 8.66 2.46 3.68
CA GLU A 102 9.33 3.69 3.25
C GLU A 102 10.41 3.40 2.22
N VAL A 103 10.21 3.86 0.98
CA VAL A 103 11.19 3.64 -0.07
C VAL A 103 12.43 4.50 0.15
N LYS A 104 13.58 3.83 0.24
CA LYS A 104 14.83 4.53 0.50
C LYS A 104 15.22 5.46 -0.64
N ASP A 105 14.68 5.22 -1.83
CA ASP A 105 15.01 6.04 -2.98
C ASP A 105 13.90 7.03 -3.30
N TYR A 106 14.20 8.32 -3.11
CA TYR A 106 13.24 9.39 -3.37
C TYR A 106 12.79 9.34 -4.83
N ASP A 107 13.73 9.03 -5.71
CA ASP A 107 13.45 8.92 -7.13
C ASP A 107 13.38 7.46 -7.53
N VAL A 108 13.09 6.61 -6.54
CA VAL A 108 12.99 5.17 -6.73
C VAL A 108 12.23 4.83 -8.01
N GLU A 109 12.60 3.71 -8.61
CA GLU A 109 11.97 3.26 -9.84
C GLU A 109 10.57 2.72 -9.58
N ILE A 110 9.66 3.02 -10.50
CA ILE A 110 8.29 2.56 -10.40
C ILE A 110 7.91 1.71 -11.60
N ARG A 111 7.84 0.40 -11.35
CA ARG A 111 7.52 -0.57 -12.37
C ARG A 111 6.07 -1.04 -12.23
N LEU A 112 5.18 -0.43 -13.01
CA LEU A 112 3.78 -0.81 -12.97
C LEU A 112 3.46 -1.81 -14.07
N SER A 113 2.56 -2.74 -13.76
CA SER A 113 2.18 -3.77 -14.73
C SER A 113 0.94 -3.33 -15.49
N HIS A 114 0.36 -4.26 -16.25
CA HIS A 114 -0.83 -3.98 -17.05
C HIS A 114 -2.06 -3.71 -16.17
N GLU A 115 -1.85 -3.54 -14.86
CA GLU A 115 -2.95 -3.27 -13.95
C GLU A 115 -3.02 -1.78 -13.60
N HIS A 116 -1.85 -1.12 -13.59
CA HIS A 116 -1.79 0.30 -13.28
C HIS A 116 -1.10 1.08 -14.41
N GLN A 117 -1.80 2.09 -14.94
CA GLN A 117 -1.25 2.90 -16.02
C GLN A 117 -0.33 4.00 -15.49
N ALA A 118 -0.43 4.28 -14.20
CA ALA A 118 0.40 5.32 -13.59
C ALA A 118 0.41 5.20 -12.07
N TYR A 119 1.09 6.15 -11.43
CA TYR A 119 1.20 6.17 -9.99
C TYR A 119 1.42 7.59 -9.50
N ARG A 120 1.38 7.77 -8.18
CA ARG A 120 1.59 9.07 -7.59
C ARG A 120 2.03 8.96 -6.14
N TRP A 121 2.67 10.01 -5.65
CA TRP A 121 3.14 10.06 -4.27
C TRP A 121 2.53 11.26 -3.57
N LEU A 122 1.57 11.00 -2.69
CA LEU A 122 0.89 12.07 -1.97
C LEU A 122 0.74 11.75 -0.49
N GLY A 123 0.42 12.77 0.29
CA GLY A 123 0.24 12.60 1.71
C GLY A 123 -1.01 11.81 2.03
N LEU A 124 -1.55 12.01 3.22
CA LEU A 124 -2.77 11.32 3.62
C LEU A 124 -4.00 11.92 2.96
N GLU A 125 -4.04 13.26 2.93
CA GLU A 125 -5.16 13.97 2.32
C GLU A 125 -5.35 13.58 0.86
N GLU A 126 -4.29 13.65 0.09
CA GLU A 126 -4.36 13.29 -1.33
C GLU A 126 -4.57 11.80 -1.49
N ALA A 127 -3.71 11.01 -0.86
CA ALA A 127 -3.83 9.56 -0.91
C ALA A 127 -5.26 9.16 -0.54
N CYS A 128 -5.91 10.00 0.26
CA CYS A 128 -7.29 9.78 0.69
C CYS A 128 -8.24 10.28 -0.40
N GLN A 129 -7.83 11.36 -1.06
CA GLN A 129 -8.65 11.95 -2.12
C GLN A 129 -8.80 10.98 -3.28
N LEU A 130 -7.70 10.33 -3.66
CA LEU A 130 -7.74 9.34 -4.73
C LEU A 130 -8.32 8.03 -4.20
N ALA A 131 -7.94 7.68 -2.97
CA ALA A 131 -8.43 6.46 -2.34
C ALA A 131 -9.83 6.66 -1.76
N GLN A 132 -10.72 7.25 -2.56
CA GLN A 132 -12.10 7.51 -2.15
C GLN A 132 -12.67 6.36 -1.31
N PHE A 133 -12.19 5.16 -1.56
CA PHE A 133 -12.64 3.98 -0.84
C PHE A 133 -12.35 4.14 0.67
N LYS A 134 -13.42 4.11 1.47
CA LYS A 134 -13.31 4.27 2.92
C LYS A 134 -12.18 3.43 3.50
N GLU A 135 -12.14 2.17 3.08
CA GLU A 135 -11.14 1.23 3.55
C GLU A 135 -9.72 1.77 3.41
N MET A 136 -9.35 2.14 2.18
CA MET A 136 -8.01 2.67 1.93
C MET A 136 -7.74 3.92 2.74
N LYS A 137 -8.73 4.79 2.85
CA LYS A 137 -8.58 6.03 3.63
C LYS A 137 -8.08 5.69 5.03
N ALA A 138 -8.64 4.64 5.61
CA ALA A 138 -8.26 4.21 6.94
C ALA A 138 -6.83 3.65 6.93
N ALA A 139 -6.55 2.78 5.97
CA ALA A 139 -5.22 2.19 5.86
C ALA A 139 -4.17 3.28 5.85
N LEU A 140 -4.38 4.29 5.02
CA LEU A 140 -3.45 5.42 4.93
C LEU A 140 -3.60 6.33 6.15
N GLN A 141 -4.80 6.31 6.74
CA GLN A 141 -5.08 7.13 7.91
C GLN A 141 -4.29 6.65 9.12
N GLU A 142 -4.42 5.37 9.41
CA GLU A 142 -3.72 4.77 10.54
C GLU A 142 -2.22 4.74 10.26
N GLY A 143 -1.85 4.64 8.99
CA GLY A 143 -0.46 4.61 8.61
C GLY A 143 0.27 5.85 9.08
N HIS A 144 -0.30 7.01 8.81
CA HIS A 144 0.29 8.27 9.21
C HIS A 144 0.12 8.50 10.71
N GLN A 145 -0.94 7.93 11.28
CA GLN A 145 -1.22 8.07 12.70
C GLN A 145 -0.19 7.32 13.55
N PHE A 146 0.02 6.05 13.22
CA PHE A 146 0.98 5.23 13.96
C PHE A 146 2.40 5.75 13.78
N LEU A 147 2.78 5.95 12.52
CA LEU A 147 4.12 6.44 12.19
C LEU A 147 4.43 7.76 12.88
N CYS A 148 3.41 8.58 13.07
CA CYS A 148 3.59 9.87 13.74
C CYS A 148 3.76 9.69 15.23
N SER A 149 3.43 8.49 15.72
CA SER A 149 3.55 8.19 17.14
C SER A 149 4.83 7.42 17.45
N ILE A 150 5.53 6.96 16.43
CA ILE A 150 6.76 6.22 16.64
C ILE A 150 7.94 7.17 16.86
N GLU A 151 9.05 6.93 16.18
CA GLU A 151 10.23 7.76 16.30
C GLU A 151 10.99 7.81 14.97
N ALA A 152 11.60 6.69 14.61
CA ALA A 152 12.35 6.58 13.37
C ALA A 152 12.43 5.14 12.89
N LEU A 153 13.30 4.36 13.52
CA LEU A 153 13.47 2.95 13.16
C LEU A 153 13.66 2.09 14.41
N GLY A 1 -11.57 -31.01 -0.99
CA GLY A 1 -12.17 -29.79 -1.50
C GLY A 1 -13.56 -29.60 -0.91
N PRO A 2 -13.68 -29.76 0.40
CA PRO A 2 -14.92 -29.62 1.13
C PRO A 2 -15.32 -28.15 1.20
N LEU A 3 -14.65 -27.31 0.40
CA LEU A 3 -14.94 -25.89 0.39
C LEU A 3 -14.69 -25.26 1.76
N GLY A 4 -13.47 -24.80 1.98
CA GLY A 4 -13.10 -24.19 3.25
C GLY A 4 -12.50 -22.80 3.09
N SER A 5 -11.72 -22.62 2.03
CA SER A 5 -11.07 -21.34 1.77
C SER A 5 -12.11 -20.22 1.61
N MET A 6 -12.32 -19.47 2.68
CA MET A 6 -13.27 -18.36 2.65
C MET A 6 -12.58 -17.09 2.19
N ALA A 7 -13.20 -16.39 1.26
CA ALA A 7 -12.63 -15.15 0.74
C ALA A 7 -11.32 -15.41 0.01
N LEU A 8 -10.75 -14.36 -0.53
CA LEU A 8 -9.47 -14.45 -1.23
C LEU A 8 -8.42 -13.68 -0.46
N ARG A 9 -7.28 -14.30 -0.24
CA ARG A 9 -6.20 -13.68 0.51
C ARG A 9 -5.36 -12.76 -0.38
N ALA A 10 -5.10 -11.56 0.12
CA ALA A 10 -4.30 -10.58 -0.62
C ALA A 10 -3.46 -9.75 0.35
N CYS A 11 -2.45 -9.07 -0.19
CA CYS A 11 -1.58 -8.26 0.64
C CYS A 11 -0.93 -7.14 -0.17
N GLY A 12 -1.13 -5.91 0.30
CA GLY A 12 -0.55 -4.76 -0.36
C GLY A 12 0.42 -4.03 0.55
N LEU A 13 1.16 -3.07 0.01
CA LEU A 13 2.12 -2.34 0.82
C LEU A 13 1.87 -0.84 0.82
N ILE A 14 1.58 -0.30 2.01
CA ILE A 14 1.37 1.13 2.15
C ILE A 14 2.72 1.79 2.22
N ILE A 15 3.19 2.19 1.06
CA ILE A 15 4.49 2.80 0.94
C ILE A 15 4.43 4.28 1.22
N PHE A 16 5.50 4.79 1.80
CA PHE A 16 5.59 6.20 2.13
C PHE A 16 7.04 6.66 2.17
N ARG A 17 7.36 7.66 1.35
CA ARG A 17 8.71 8.20 1.33
C ARG A 17 8.89 9.16 2.50
N ARG A 18 9.76 8.79 3.42
CA ARG A 18 10.02 9.61 4.60
C ARG A 18 11.33 10.37 4.48
N CYS A 19 11.27 11.67 4.66
CA CYS A 19 12.47 12.50 4.58
C CYS A 19 13.19 12.54 5.91
N LEU A 20 14.48 12.88 5.89
CA LEU A 20 15.28 12.93 7.10
C LEU A 20 14.67 13.92 8.10
N ILE A 21 15.01 15.19 7.98
CA ILE A 21 14.48 16.21 8.88
C ILE A 21 13.63 17.22 8.11
N PRO A 22 12.60 17.80 8.76
CA PRO A 22 11.70 18.77 8.12
C PRO A 22 12.43 20.04 7.68
N LYS A 23 11.90 20.70 6.67
CA LYS A 23 12.51 21.94 6.15
C LYS A 23 11.47 23.04 5.98
N VAL A 24 10.64 22.91 4.95
CA VAL A 24 9.60 23.88 4.66
C VAL A 24 8.46 23.81 5.68
N ASP A 25 8.51 22.80 6.55
CA ASP A 25 7.48 22.63 7.57
C ASP A 25 6.12 22.36 6.93
N ASN A 26 6.14 21.90 5.69
CA ASN A 26 4.91 21.60 4.96
C ASN A 26 4.47 20.17 5.21
N ASN A 27 5.12 19.24 4.53
CA ASN A 27 4.81 17.83 4.69
C ASN A 27 6.06 17.06 5.14
N ALA A 28 6.00 15.74 5.07
CA ALA A 28 7.13 14.91 5.48
C ALA A 28 7.06 13.54 4.83
N ILE A 29 5.91 12.90 4.95
CA ILE A 29 5.70 11.57 4.39
C ILE A 29 4.72 11.58 3.21
N GLU A 30 5.02 10.77 2.20
CA GLU A 30 4.18 10.67 1.01
C GLU A 30 3.97 9.20 0.65
N PHE A 31 2.71 8.79 0.49
CA PHE A 31 2.39 7.40 0.18
C PHE A 31 2.40 7.12 -1.33
N LEU A 32 2.64 5.86 -1.68
CA LEU A 32 2.67 5.42 -3.08
C LEU A 32 1.27 4.96 -3.50
N LEU A 33 0.84 5.39 -4.67
CA LEU A 33 -0.47 5.03 -5.19
C LEU A 33 -0.38 4.62 -6.65
N LEU A 34 -1.16 3.62 -7.01
CA LEU A 34 -1.17 3.13 -8.38
C LEU A 34 -2.58 3.21 -8.97
N GLN A 35 -2.76 4.16 -9.88
CA GLN A 35 -4.06 4.37 -10.53
C GLN A 35 -4.40 3.19 -11.44
N ALA A 36 -5.68 2.82 -11.45
CA ALA A 36 -6.16 1.72 -12.28
C ALA A 36 -5.99 2.02 -13.76
N SER A 37 -5.93 0.97 -14.59
CA SER A 37 -5.77 1.15 -16.03
C SER A 37 -7.12 1.25 -16.74
N ASP A 38 -8.21 1.24 -15.96
CA ASP A 38 -9.54 1.35 -16.54
C ASP A 38 -10.60 1.45 -15.44
N GLY A 39 -11.86 1.60 -15.85
CA GLY A 39 -12.94 1.72 -14.88
C GLY A 39 -13.06 3.14 -14.33
N ILE A 40 -13.15 3.24 -13.01
CA ILE A 40 -13.27 4.53 -12.34
C ILE A 40 -11.89 5.19 -12.17
N HIS A 41 -10.84 4.46 -12.57
CA HIS A 41 -9.48 4.96 -12.47
C HIS A 41 -9.11 5.22 -11.01
N HIS A 42 -9.73 4.48 -10.09
CA HIS A 42 -9.45 4.64 -8.67
C HIS A 42 -7.98 4.34 -8.39
N TRP A 43 -7.44 5.01 -7.38
CA TRP A 43 -6.04 4.81 -7.01
C TRP A 43 -5.93 3.84 -5.83
N THR A 44 -4.82 3.13 -5.78
CA THR A 44 -4.57 2.15 -4.71
C THR A 44 -3.14 1.62 -4.79
N PRO A 45 -2.51 1.37 -3.64
CA PRO A 45 -1.13 0.85 -3.60
C PRO A 45 -1.01 -0.51 -4.27
N PRO A 46 0.23 -0.95 -4.55
CA PRO A 46 0.47 -2.24 -5.21
C PRO A 46 -0.03 -3.41 -4.38
N LYS A 47 -1.18 -3.94 -4.78
CA LYS A 47 -1.78 -5.08 -4.08
C LYS A 47 -1.25 -6.40 -4.64
N GLY A 48 -1.30 -7.44 -3.81
CA GLY A 48 -0.84 -8.74 -4.23
C GLY A 48 -1.76 -9.85 -3.78
N HIS A 49 -1.48 -11.07 -4.22
CA HIS A 49 -2.29 -12.23 -3.84
C HIS A 49 -1.48 -13.21 -3.02
N VAL A 50 -1.71 -13.22 -1.70
CA VAL A 50 -1.00 -14.12 -0.81
C VAL A 50 -1.61 -15.52 -0.81
N GLU A 51 -0.76 -16.50 -1.04
CA GLU A 51 -1.18 -17.90 -1.07
C GLU A 51 -1.12 -18.52 0.32
N PRO A 52 -1.95 -19.54 0.60
CA PRO A 52 -2.00 -20.20 1.90
C PRO A 52 -0.63 -20.73 2.35
N GLY A 53 0.28 -20.87 1.39
CA GLY A 53 1.61 -21.35 1.68
C GLY A 53 2.64 -20.23 1.58
N GLU A 54 2.21 -19.07 1.12
CA GLU A 54 3.10 -17.91 0.98
C GLU A 54 3.11 -17.11 2.28
N ASP A 55 3.93 -16.07 2.34
CA ASP A 55 4.00 -15.23 3.53
C ASP A 55 3.05 -14.06 3.40
N ASP A 56 2.73 -13.44 4.53
CA ASP A 56 1.80 -12.31 4.55
C ASP A 56 2.45 -11.04 3.99
N LEU A 57 3.52 -10.58 4.63
CA LEU A 57 4.22 -9.37 4.19
C LEU A 57 4.87 -9.59 2.83
N GLU A 58 5.44 -10.78 2.64
CA GLU A 58 6.09 -11.12 1.37
C GLU A 58 5.18 -10.80 0.19
N THR A 59 3.92 -11.24 0.30
CA THR A 59 2.95 -10.99 -0.76
C THR A 59 2.83 -9.50 -1.01
N ALA A 60 2.77 -8.74 0.09
CA ALA A 60 2.68 -7.28 0.00
C ALA A 60 3.99 -6.71 -0.50
N LEU A 61 5.09 -7.38 -0.13
CA LEU A 61 6.43 -6.96 -0.54
C LEU A 61 6.64 -7.22 -2.02
N ARG A 62 6.35 -8.45 -2.43
CA ARG A 62 6.50 -8.86 -3.82
C ARG A 62 5.59 -8.04 -4.73
N ALA A 63 4.36 -7.80 -4.27
CA ALA A 63 3.40 -7.02 -5.05
C ALA A 63 3.92 -5.60 -5.26
N THR A 64 4.63 -5.10 -4.26
CA THR A 64 5.20 -3.76 -4.31
C THR A 64 6.17 -3.65 -5.47
N GLN A 65 7.11 -4.59 -5.53
CA GLN A 65 8.09 -4.60 -6.60
C GLN A 65 7.47 -5.12 -7.90
N GLU A 66 6.37 -5.87 -7.78
CA GLU A 66 5.69 -6.40 -8.95
C GLU A 66 4.84 -5.32 -9.62
N GLU A 67 4.26 -4.44 -8.81
CA GLU A 67 3.42 -3.37 -9.32
C GLU A 67 4.10 -2.00 -9.23
N ALA A 68 5.16 -1.92 -8.46
CA ALA A 68 5.89 -0.66 -8.30
C ALA A 68 7.38 -0.83 -8.54
N GLY A 69 7.83 -2.08 -8.66
CA GLY A 69 9.24 -2.34 -8.89
C GLY A 69 10.09 -2.19 -7.64
N ILE A 70 9.48 -1.67 -6.58
CA ILE A 70 10.15 -1.45 -5.31
C ILE A 70 9.95 -2.65 -4.38
N GLU A 71 11.05 -3.23 -3.92
CA GLU A 71 11.01 -4.38 -3.03
C GLU A 71 11.33 -3.98 -1.60
N ALA A 72 11.11 -4.89 -0.66
CA ALA A 72 11.38 -4.64 0.76
C ALA A 72 12.74 -3.96 0.94
N GLY A 73 13.72 -4.41 0.17
CA GLY A 73 15.05 -3.84 0.27
C GLY A 73 15.11 -2.40 -0.21
N GLN A 74 14.15 -2.03 -1.05
CA GLN A 74 14.09 -0.67 -1.59
C GLN A 74 13.14 0.21 -0.76
N LEU A 75 12.56 -0.36 0.29
CA LEU A 75 11.68 0.39 1.19
C LEU A 75 11.97 0.01 2.64
N THR A 76 11.09 0.38 3.56
CA THR A 76 11.28 0.07 4.98
C THR A 76 9.97 -0.33 5.63
N ILE A 77 9.74 -1.63 5.77
CA ILE A 77 8.51 -2.12 6.38
C ILE A 77 8.51 -1.90 7.88
N ILE A 78 7.60 -1.05 8.34
CA ILE A 78 7.47 -0.76 9.75
C ILE A 78 6.75 -1.90 10.46
N GLU A 79 7.26 -2.24 11.64
CA GLU A 79 6.69 -3.31 12.46
C GLU A 79 5.75 -2.76 13.52
N GLY A 80 4.73 -3.54 13.87
CA GLY A 80 3.78 -3.13 14.87
C GLY A 80 2.46 -2.71 14.27
N PHE A 81 2.50 -2.30 13.01
CA PHE A 81 1.30 -1.86 12.31
C PHE A 81 0.84 -2.91 11.32
N LYS A 82 -0.43 -3.28 11.42
CA LYS A 82 -1.00 -4.27 10.53
C LYS A 82 -2.52 -4.16 10.48
N ARG A 83 -3.04 -4.08 9.27
CA ARG A 83 -4.48 -3.99 9.06
C ARG A 83 -4.84 -4.53 7.68
N GLU A 84 -5.92 -5.29 7.61
CA GLU A 84 -6.35 -5.85 6.34
C GLU A 84 -7.75 -5.39 5.97
N LEU A 85 -7.93 -5.03 4.70
CA LEU A 85 -9.21 -4.59 4.22
C LEU A 85 -9.95 -5.76 3.57
N ASN A 86 -11.10 -6.10 4.13
CA ASN A 86 -11.89 -7.22 3.62
C ASN A 86 -13.15 -6.70 2.93
N TYR A 87 -13.35 -7.13 1.69
CA TYR A 87 -14.51 -6.71 0.92
C TYR A 87 -14.68 -7.56 -0.32
N VAL A 88 -15.93 -7.88 -0.64
CA VAL A 88 -16.22 -8.68 -1.82
C VAL A 88 -16.20 -7.82 -3.07
N ALA A 89 -15.22 -8.07 -3.94
CA ALA A 89 -15.07 -7.31 -5.17
C ALA A 89 -16.21 -7.59 -6.14
N ARG A 90 -15.94 -8.42 -7.15
CA ARG A 90 -16.96 -8.75 -8.14
C ARG A 90 -17.92 -9.78 -7.58
N ASN A 91 -17.40 -10.68 -6.76
CA ASN A 91 -18.21 -11.71 -6.15
C ASN A 91 -17.43 -12.52 -5.11
N LYS A 92 -16.29 -11.99 -4.67
CA LYS A 92 -15.46 -12.68 -3.70
C LYS A 92 -14.71 -11.70 -2.80
N PRO A 93 -14.86 -11.85 -1.47
CA PRO A 93 -14.22 -10.97 -0.48
C PRO A 93 -12.71 -11.15 -0.42
N LYS A 94 -12.01 -10.06 -0.71
CA LYS A 94 -10.54 -10.07 -0.71
C LYS A 94 -9.97 -9.45 0.56
N THR A 95 -9.12 -10.21 1.24
CA THR A 95 -8.45 -9.72 2.45
C THR A 95 -7.14 -9.05 2.04
N VAL A 96 -7.05 -7.75 2.27
CA VAL A 96 -5.85 -7.01 1.90
C VAL A 96 -5.10 -6.49 3.11
N ILE A 97 -3.96 -7.10 3.41
CA ILE A 97 -3.13 -6.66 4.53
C ILE A 97 -2.21 -5.55 4.05
N TYR A 98 -2.15 -4.48 4.82
CA TYR A 98 -1.32 -3.35 4.44
C TYR A 98 -0.23 -3.08 5.47
N TRP A 99 0.99 -2.96 4.99
CA TRP A 99 2.14 -2.69 5.85
C TRP A 99 2.78 -1.37 5.48
N LEU A 100 3.24 -0.63 6.47
CA LEU A 100 3.89 0.65 6.21
C LEU A 100 5.29 0.41 5.70
N ALA A 101 5.57 0.95 4.52
CA ALA A 101 6.88 0.80 3.92
C ALA A 101 7.38 2.13 3.39
N GLU A 102 8.63 2.43 3.67
CA GLU A 102 9.21 3.68 3.22
C GLU A 102 10.32 3.46 2.22
N VAL A 103 10.12 3.90 0.99
CA VAL A 103 11.12 3.74 -0.04
C VAL A 103 12.29 4.67 0.22
N LYS A 104 13.41 4.09 0.62
CA LYS A 104 14.61 4.84 0.93
C LYS A 104 15.07 5.70 -0.25
N ASP A 105 14.52 5.45 -1.44
CA ASP A 105 14.90 6.22 -2.62
C ASP A 105 13.80 7.18 -3.04
N TYR A 106 14.09 8.47 -2.98
CA TYR A 106 13.14 9.51 -3.37
C TYR A 106 12.83 9.42 -4.85
N ASP A 107 13.86 9.14 -5.63
CA ASP A 107 13.72 9.00 -7.07
C ASP A 107 13.62 7.53 -7.43
N VAL A 108 13.17 6.73 -6.47
CA VAL A 108 13.03 5.29 -6.66
C VAL A 108 12.24 4.99 -7.92
N GLU A 109 12.61 3.90 -8.58
CA GLU A 109 11.96 3.49 -9.81
C GLU A 109 10.58 2.91 -9.53
N ILE A 110 9.66 3.16 -10.45
CA ILE A 110 8.29 2.66 -10.32
C ILE A 110 7.91 1.78 -11.51
N ARG A 111 7.96 0.48 -11.30
CA ARG A 111 7.64 -0.47 -12.35
C ARG A 111 6.24 -1.04 -12.17
N LEU A 112 5.26 -0.47 -12.86
CA LEU A 112 3.88 -0.93 -12.78
C LEU A 112 3.61 -2.00 -13.81
N SER A 113 2.68 -2.90 -13.50
CA SER A 113 2.32 -3.98 -14.39
C SER A 113 1.28 -3.51 -15.42
N HIS A 114 0.69 -4.45 -16.14
CA HIS A 114 -0.32 -4.12 -17.16
C HIS A 114 -1.64 -3.73 -16.52
N GLU A 115 -1.69 -3.71 -15.18
CA GLU A 115 -2.91 -3.34 -14.46
C GLU A 115 -2.86 -1.88 -14.02
N HIS A 116 -1.65 -1.39 -13.78
CA HIS A 116 -1.45 -0.01 -13.35
C HIS A 116 -0.82 0.83 -14.46
N GLN A 117 -1.61 1.75 -15.01
CA GLN A 117 -1.13 2.60 -16.09
C GLN A 117 -0.49 3.88 -15.56
N ALA A 118 -0.57 4.11 -14.25
CA ALA A 118 0.01 5.30 -13.65
C ALA A 118 0.00 5.24 -12.13
N TYR A 119 0.95 5.93 -11.51
CA TYR A 119 1.07 5.97 -10.06
C TYR A 119 1.27 7.41 -9.58
N ARG A 120 1.31 7.60 -8.27
CA ARG A 120 1.50 8.92 -7.70
C ARG A 120 2.05 8.87 -6.28
N TRP A 121 2.50 10.02 -5.81
CA TRP A 121 3.04 10.15 -4.46
C TRP A 121 2.40 11.34 -3.78
N LEU A 122 1.51 11.07 -2.83
CA LEU A 122 0.81 12.15 -2.14
C LEU A 122 0.72 11.87 -0.65
N GLY A 123 0.29 12.89 0.09
CA GLY A 123 0.15 12.74 1.52
C GLY A 123 -1.07 11.91 1.88
N LEU A 124 -1.62 12.15 3.06
CA LEU A 124 -2.78 11.41 3.51
C LEU A 124 -4.05 11.92 2.85
N GLU A 125 -4.15 13.25 2.72
CA GLU A 125 -5.31 13.88 2.11
C GLU A 125 -5.49 13.46 0.67
N GLU A 126 -4.42 13.56 -0.11
CA GLU A 126 -4.46 13.20 -1.51
C GLU A 126 -4.56 11.69 -1.67
N ALA A 127 -3.81 10.97 -0.84
CA ALA A 127 -3.86 9.52 -0.89
C ALA A 127 -5.26 9.04 -0.55
N CYS A 128 -5.93 9.80 0.31
CA CYS A 128 -7.29 9.49 0.73
C CYS A 128 -8.30 10.00 -0.32
N GLN A 129 -7.95 11.09 -0.99
CA GLN A 129 -8.82 11.69 -2.00
C GLN A 129 -8.95 10.77 -3.21
N LEU A 130 -7.83 10.24 -3.66
CA LEU A 130 -7.83 9.33 -4.79
C LEU A 130 -8.37 7.98 -4.37
N ALA A 131 -7.89 7.49 -3.23
CA ALA A 131 -8.34 6.22 -2.68
C ALA A 131 -9.70 6.43 -2.03
N GLN A 132 -10.61 7.04 -2.78
CA GLN A 132 -11.97 7.34 -2.31
C GLN A 132 -12.54 6.21 -1.47
N PHE A 133 -12.07 5.00 -1.71
CA PHE A 133 -12.54 3.84 -0.96
C PHE A 133 -12.23 4.01 0.53
N LYS A 134 -13.28 4.00 1.36
CA LYS A 134 -13.15 4.17 2.81
C LYS A 134 -12.01 3.33 3.37
N GLU A 135 -11.98 2.07 2.97
CA GLU A 135 -10.98 1.13 3.45
C GLU A 135 -9.56 1.69 3.26
N MET A 136 -9.22 2.08 2.04
CA MET A 136 -7.89 2.59 1.75
C MET A 136 -7.60 3.86 2.53
N LYS A 137 -8.58 4.75 2.61
CA LYS A 137 -8.42 6.00 3.35
C LYS A 137 -7.98 5.72 4.78
N ALA A 138 -8.49 4.62 5.34
CA ALA A 138 -8.16 4.23 6.69
C ALA A 138 -6.75 3.65 6.75
N ALA A 139 -6.43 2.82 5.77
CA ALA A 139 -5.13 2.19 5.70
C ALA A 139 -4.04 3.26 5.66
N LEU A 140 -4.26 4.29 4.83
CA LEU A 140 -3.31 5.39 4.73
C LEU A 140 -3.44 6.30 5.95
N GLN A 141 -4.63 6.30 6.55
CA GLN A 141 -4.89 7.13 7.73
C GLN A 141 -4.10 6.60 8.93
N GLU A 142 -4.25 5.31 9.18
CA GLU A 142 -3.57 4.68 10.30
C GLU A 142 -2.07 4.59 10.04
N GLY A 143 -1.69 4.52 8.77
CA GLY A 143 -0.29 4.44 8.42
C GLY A 143 0.50 5.63 8.93
N HIS A 144 -0.02 6.83 8.70
CA HIS A 144 0.62 8.05 9.14
C HIS A 144 0.44 8.23 10.64
N GLN A 145 -0.71 7.77 11.15
CA GLN A 145 -1.03 7.88 12.56
C GLN A 145 -0.03 7.08 13.40
N PHE A 146 0.14 5.81 13.03
CA PHE A 146 1.06 4.92 13.74
C PHE A 146 2.50 5.44 13.64
N LEU A 147 2.92 5.75 12.43
CA LEU A 147 4.27 6.26 12.19
C LEU A 147 4.51 7.55 12.95
N CYS A 148 3.46 8.36 13.08
CA CYS A 148 3.56 9.62 13.80
C CYS A 148 3.63 9.38 15.31
N SER A 149 3.19 8.20 15.74
CA SER A 149 3.20 7.84 17.16
C SER A 149 4.49 7.14 17.56
N ILE A 150 5.31 6.75 16.57
CA ILE A 150 6.57 6.09 16.86
C ILE A 150 7.67 7.14 17.08
N GLU A 151 8.81 6.99 16.41
CA GLU A 151 9.91 7.93 16.55
C GLU A 151 11.08 7.54 15.64
N ALA A 152 11.85 6.56 16.07
CA ALA A 152 13.00 6.09 15.28
C ALA A 152 12.54 5.27 14.09
N LEU A 153 13.38 5.20 13.06
CA LEU A 153 13.06 4.42 11.86
C LEU A 153 13.98 3.21 11.73
N GLY A 1 -23.54 -20.24 1.33
CA GLY A 1 -23.19 -21.03 0.17
C GLY A 1 -21.89 -21.79 0.41
N PRO A 2 -21.97 -23.13 0.32
CA PRO A 2 -20.84 -24.01 0.52
C PRO A 2 -19.90 -23.92 -0.66
N LEU A 3 -18.79 -23.19 -0.49
CA LEU A 3 -17.81 -23.01 -1.55
C LEU A 3 -16.47 -23.61 -1.14
N GLY A 4 -16.10 -23.40 0.12
CA GLY A 4 -14.84 -23.92 0.63
C GLY A 4 -13.92 -22.83 1.13
N SER A 5 -13.18 -22.22 0.21
CA SER A 5 -12.27 -21.15 0.56
C SER A 5 -12.99 -19.81 0.67
N MET A 6 -13.25 -19.38 1.90
CA MET A 6 -13.93 -18.11 2.15
C MET A 6 -13.02 -16.94 1.83
N ALA A 7 -13.50 -16.03 0.99
CA ALA A 7 -12.72 -14.85 0.61
C ALA A 7 -11.40 -15.24 -0.01
N LEU A 8 -10.75 -14.24 -0.60
CA LEU A 8 -9.45 -14.45 -1.24
C LEU A 8 -8.35 -13.78 -0.44
N ARG A 9 -7.22 -14.46 -0.31
CA ARG A 9 -6.08 -13.93 0.43
C ARG A 9 -5.31 -12.91 -0.41
N ALA A 10 -5.08 -11.74 0.17
CA ALA A 10 -4.35 -10.67 -0.51
C ALA A 10 -3.47 -9.90 0.47
N CYS A 11 -2.49 -9.18 -0.07
CA CYS A 11 -1.59 -8.39 0.75
C CYS A 11 -0.95 -7.27 -0.04
N GLY A 12 -1.14 -6.05 0.43
CA GLY A 12 -0.56 -4.90 -0.22
C GLY A 12 0.44 -4.19 0.67
N LEU A 13 1.17 -3.23 0.12
CA LEU A 13 2.16 -2.50 0.91
C LEU A 13 1.90 -1.00 0.89
N ILE A 14 1.64 -0.43 2.06
CA ILE A 14 1.41 1.00 2.16
C ILE A 14 2.74 1.71 2.23
N ILE A 15 3.25 2.07 1.07
CA ILE A 15 4.53 2.73 0.98
C ILE A 15 4.41 4.21 1.29
N PHE A 16 5.44 4.76 1.92
CA PHE A 16 5.42 6.16 2.29
C PHE A 16 6.83 6.75 2.35
N ARG A 17 7.09 7.78 1.55
CA ARG A 17 8.38 8.44 1.58
C ARG A 17 8.49 9.33 2.81
N ARG A 18 9.44 9.01 3.67
CA ARG A 18 9.62 9.75 4.92
C ARG A 18 10.66 10.86 4.76
N CYS A 19 10.21 12.09 4.92
CA CYS A 19 11.09 13.25 4.81
C CYS A 19 11.49 13.75 6.19
N LEU A 20 12.57 14.53 6.25
CA LEU A 20 13.07 15.06 7.52
C LEU A 20 12.10 16.09 8.10
N ILE A 21 12.25 17.34 7.66
CA ILE A 21 11.39 18.43 8.13
C ILE A 21 10.47 18.95 7.03
N PRO A 22 9.37 19.61 7.40
CA PRO A 22 8.41 20.16 6.44
C PRO A 22 9.09 21.11 5.45
N LYS A 23 8.57 21.15 4.23
CA LYS A 23 9.11 22.01 3.20
C LYS A 23 8.67 23.46 3.40
N VAL A 24 7.43 23.75 3.00
CA VAL A 24 6.88 25.10 3.15
C VAL A 24 5.48 25.04 3.74
N ASP A 25 4.69 24.07 3.27
CA ASP A 25 3.33 23.90 3.73
C ASP A 25 2.63 22.78 2.95
N ASN A 26 3.40 21.78 2.56
CA ASN A 26 2.87 20.64 1.81
C ASN A 26 2.55 19.47 2.73
N ASN A 27 3.58 18.75 3.13
CA ASN A 27 3.42 17.61 4.02
C ASN A 27 4.78 17.01 4.39
N ALA A 28 4.75 15.95 5.17
CA ALA A 28 5.98 15.28 5.61
C ALA A 28 6.17 13.95 4.89
N ILE A 29 5.15 13.11 4.96
CA ILE A 29 5.21 11.79 4.32
C ILE A 29 4.32 11.73 3.08
N GLU A 30 4.67 10.83 2.17
CA GLU A 30 3.92 10.64 0.93
C GLU A 30 3.79 9.14 0.62
N PHE A 31 2.56 8.69 0.41
CA PHE A 31 2.31 7.29 0.11
C PHE A 31 2.33 6.99 -1.38
N LEU A 32 2.79 5.79 -1.73
CA LEU A 32 2.83 5.36 -3.13
C LEU A 32 1.47 4.87 -3.55
N LEU A 33 1.00 5.32 -4.70
CA LEU A 33 -0.31 4.92 -5.19
C LEU A 33 -0.23 4.51 -6.66
N LEU A 34 -0.99 3.49 -7.03
CA LEU A 34 -1.01 3.00 -8.40
C LEU A 34 -2.42 3.06 -8.97
N GLN A 35 -2.67 4.04 -9.83
CA GLN A 35 -3.98 4.21 -10.44
C GLN A 35 -4.32 3.03 -11.34
N ALA A 36 -5.54 2.51 -11.20
CA ALA A 36 -5.99 1.39 -12.00
C ALA A 36 -5.91 1.74 -13.48
N SER A 37 -5.47 0.78 -14.29
CA SER A 37 -5.34 0.99 -15.73
C SER A 37 -6.70 0.92 -16.44
N ASP A 38 -7.78 0.93 -15.65
CA ASP A 38 -9.13 0.87 -16.21
C ASP A 38 -10.16 0.92 -15.09
N GLY A 39 -11.43 0.69 -15.45
CA GLY A 39 -12.48 0.73 -14.46
C GLY A 39 -12.93 2.14 -14.13
N ILE A 40 -12.85 2.51 -12.86
CA ILE A 40 -13.25 3.84 -12.42
C ILE A 40 -12.04 4.76 -12.31
N HIS A 41 -10.88 4.30 -12.78
CA HIS A 41 -9.66 5.09 -12.69
C HIS A 41 -9.31 5.37 -11.24
N HIS A 42 -9.57 4.37 -10.41
CA HIS A 42 -9.31 4.47 -8.98
C HIS A 42 -7.83 4.24 -8.67
N TRP A 43 -7.38 4.79 -7.54
CA TRP A 43 -5.99 4.65 -7.14
C TRP A 43 -5.84 3.65 -6.00
N THR A 44 -4.81 2.82 -6.09
CA THR A 44 -4.55 1.81 -5.07
C THR A 44 -3.10 1.32 -5.13
N PRO A 45 -2.45 1.16 -3.96
CA PRO A 45 -1.06 0.69 -3.90
C PRO A 45 -0.91 -0.71 -4.47
N PRO A 46 0.32 -1.25 -4.49
CA PRO A 46 0.57 -2.60 -5.03
C PRO A 46 -0.25 -3.67 -4.34
N LYS A 47 -1.35 -4.05 -4.97
CA LYS A 47 -2.23 -5.07 -4.43
C LYS A 47 -1.95 -6.42 -5.06
N GLY A 48 -1.76 -7.43 -4.22
CA GLY A 48 -1.49 -8.77 -4.72
C GLY A 48 -2.08 -9.84 -3.84
N HIS A 49 -2.60 -10.90 -4.47
CA HIS A 49 -3.20 -12.01 -3.75
C HIS A 49 -2.11 -12.91 -3.15
N VAL A 50 -2.21 -13.15 -1.84
CA VAL A 50 -1.24 -14.00 -1.16
C VAL A 50 -1.67 -15.47 -1.21
N GLU A 51 -0.70 -16.35 -1.48
CA GLU A 51 -0.96 -17.78 -1.58
C GLU A 51 -0.81 -18.45 -0.21
N PRO A 52 -1.52 -19.57 0.02
CA PRO A 52 -1.48 -20.28 1.30
C PRO A 52 -0.06 -20.68 1.71
N GLY A 53 0.83 -20.77 0.72
CA GLY A 53 2.21 -21.14 1.01
C GLY A 53 3.13 -19.91 1.05
N GLU A 54 2.62 -18.78 0.60
CA GLU A 54 3.37 -17.54 0.59
C GLU A 54 3.22 -16.80 1.91
N ASP A 55 4.17 -15.93 2.21
CA ASP A 55 4.12 -15.16 3.45
C ASP A 55 3.12 -14.02 3.33
N ASP A 56 2.73 -13.46 4.46
CA ASP A 56 1.78 -12.36 4.49
C ASP A 56 2.40 -11.08 3.95
N LEU A 57 3.45 -10.61 4.62
CA LEU A 57 4.13 -9.40 4.20
C LEU A 57 4.78 -9.58 2.84
N GLU A 58 5.40 -10.74 2.62
CA GLU A 58 6.07 -11.01 1.35
C GLU A 58 5.14 -10.73 0.19
N THR A 59 3.89 -11.20 0.29
CA THR A 59 2.93 -10.96 -0.77
C THR A 59 2.77 -9.46 -0.99
N ALA A 60 2.74 -8.70 0.10
CA ALA A 60 2.63 -7.26 0.02
C ALA A 60 3.94 -6.66 -0.48
N LEU A 61 5.03 -7.33 -0.15
CA LEU A 61 6.36 -6.89 -0.57
C LEU A 61 6.56 -7.13 -2.05
N ARG A 62 6.30 -8.36 -2.46
CA ARG A 62 6.45 -8.77 -3.85
C ARG A 62 5.52 -7.98 -4.75
N ALA A 63 4.30 -7.76 -4.28
CA ALA A 63 3.33 -6.99 -5.06
C ALA A 63 3.87 -5.59 -5.28
N THR A 64 4.61 -5.10 -4.29
CA THR A 64 5.21 -3.78 -4.37
C THR A 64 6.17 -3.69 -5.54
N GLN A 65 7.16 -4.58 -5.55
CA GLN A 65 8.13 -4.61 -6.63
C GLN A 65 7.48 -5.11 -7.92
N GLU A 66 6.36 -5.81 -7.78
CA GLU A 66 5.65 -6.36 -8.93
C GLU A 66 4.81 -5.28 -9.61
N GLU A 67 4.19 -4.42 -8.81
CA GLU A 67 3.34 -3.35 -9.35
C GLU A 67 4.01 -1.98 -9.23
N ALA A 68 5.17 -1.93 -8.58
CA ALA A 68 5.89 -0.68 -8.40
C ALA A 68 7.39 -0.82 -8.61
N GLY A 69 7.87 -2.06 -8.68
CA GLY A 69 9.30 -2.27 -8.86
C GLY A 69 10.10 -2.03 -7.60
N ILE A 70 9.42 -1.60 -6.53
CA ILE A 70 10.07 -1.34 -5.27
C ILE A 70 9.87 -2.52 -4.32
N GLU A 71 10.97 -3.11 -3.87
CA GLU A 71 10.89 -4.26 -2.97
C GLU A 71 11.24 -3.86 -1.53
N ALA A 72 11.03 -4.79 -0.59
CA ALA A 72 11.32 -4.53 0.82
C ALA A 72 12.71 -3.95 1.01
N GLY A 73 13.64 -4.32 0.14
CA GLY A 73 14.99 -3.81 0.24
C GLY A 73 15.09 -2.38 -0.21
N GLN A 74 14.13 -1.96 -1.06
CA GLN A 74 14.09 -0.61 -1.57
C GLN A 74 13.17 0.28 -0.72
N LEU A 75 12.63 -0.31 0.35
CA LEU A 75 11.76 0.44 1.26
C LEU A 75 12.05 0.02 2.70
N THR A 76 11.19 0.45 3.61
CA THR A 76 11.36 0.13 5.01
C THR A 76 10.02 -0.26 5.66
N ILE A 77 9.81 -1.57 5.81
CA ILE A 77 8.59 -2.08 6.41
C ILE A 77 8.56 -1.80 7.92
N ILE A 78 7.49 -1.18 8.39
CA ILE A 78 7.36 -0.86 9.81
C ILE A 78 6.67 -1.99 10.56
N GLU A 79 7.21 -2.30 11.75
CA GLU A 79 6.66 -3.37 12.58
C GLU A 79 5.73 -2.81 13.66
N GLY A 80 4.74 -3.61 14.04
CA GLY A 80 3.80 -3.17 15.06
C GLY A 80 2.47 -2.76 14.48
N PHE A 81 2.49 -2.30 13.23
CA PHE A 81 1.28 -1.87 12.55
C PHE A 81 0.84 -2.91 11.53
N LYS A 82 -0.41 -3.33 11.64
CA LYS A 82 -0.94 -4.32 10.71
C LYS A 82 -2.47 -4.26 10.65
N ARG A 83 -2.98 -4.10 9.45
CA ARG A 83 -4.41 -4.04 9.21
C ARG A 83 -4.72 -4.55 7.81
N GLU A 84 -5.81 -5.31 7.67
CA GLU A 84 -6.18 -5.86 6.38
C GLU A 84 -7.56 -5.40 5.95
N LEU A 85 -7.68 -5.06 4.67
CA LEU A 85 -8.95 -4.62 4.12
C LEU A 85 -9.66 -5.76 3.39
N ASN A 86 -10.83 -6.14 3.90
CA ASN A 86 -11.60 -7.22 3.32
C ASN A 86 -12.90 -6.69 2.73
N TYR A 87 -13.12 -6.98 1.46
CA TYR A 87 -14.32 -6.53 0.76
C TYR A 87 -14.49 -7.27 -0.55
N VAL A 88 -15.73 -7.51 -0.93
CA VAL A 88 -16.02 -8.20 -2.17
C VAL A 88 -15.98 -7.22 -3.35
N ALA A 89 -14.96 -7.37 -4.20
CA ALA A 89 -14.79 -6.50 -5.34
C ALA A 89 -15.69 -6.90 -6.50
N ARG A 90 -15.16 -7.69 -7.44
CA ARG A 90 -15.93 -8.13 -8.60
C ARG A 90 -17.03 -9.09 -8.17
N ASN A 91 -16.70 -9.98 -7.24
CA ASN A 91 -17.67 -10.95 -6.73
C ASN A 91 -17.03 -11.89 -5.70
N LYS A 92 -15.99 -11.41 -5.04
CA LYS A 92 -15.29 -12.20 -4.03
C LYS A 92 -14.54 -11.28 -3.04
N PRO A 93 -14.73 -11.49 -1.73
CA PRO A 93 -14.08 -10.67 -0.68
C PRO A 93 -12.58 -10.90 -0.59
N LYS A 94 -11.82 -9.85 -0.81
CA LYS A 94 -10.36 -9.92 -0.77
C LYS A 94 -9.77 -9.32 0.50
N THR A 95 -9.02 -10.12 1.25
CA THR A 95 -8.37 -9.64 2.46
C THR A 95 -7.01 -9.07 2.09
N VAL A 96 -6.84 -7.77 2.31
CA VAL A 96 -5.60 -7.11 1.97
C VAL A 96 -4.88 -6.58 3.20
N ILE A 97 -3.76 -7.22 3.54
CA ILE A 97 -2.95 -6.80 4.68
C ILE A 97 -1.99 -5.72 4.21
N TYR A 98 -2.01 -4.59 4.91
CA TYR A 98 -1.16 -3.47 4.54
C TYR A 98 -0.09 -3.18 5.58
N TRP A 99 1.14 -3.00 5.09
CA TRP A 99 2.27 -2.69 5.95
C TRP A 99 2.83 -1.32 5.59
N LEU A 100 3.25 -0.56 6.59
CA LEU A 100 3.81 0.75 6.35
C LEU A 100 5.25 0.62 5.88
N ALA A 101 5.52 1.03 4.65
CA ALA A 101 6.86 0.93 4.08
C ALA A 101 7.35 2.29 3.60
N GLU A 102 8.64 2.53 3.75
CA GLU A 102 9.22 3.79 3.32
C GLU A 102 10.36 3.56 2.33
N VAL A 103 10.18 4.05 1.10
CA VAL A 103 11.21 3.89 0.07
C VAL A 103 12.38 4.82 0.34
N LYS A 104 13.53 4.22 0.63
CA LYS A 104 14.74 4.99 0.92
C LYS A 104 15.17 5.85 -0.26
N ASP A 105 14.57 5.61 -1.42
CA ASP A 105 14.89 6.38 -2.60
C ASP A 105 13.68 7.22 -3.05
N TYR A 106 13.87 8.53 -3.12
CA TYR A 106 12.79 9.43 -3.52
C TYR A 106 12.53 9.26 -5.01
N ASP A 107 13.62 9.26 -5.76
CA ASP A 107 13.55 9.06 -7.20
C ASP A 107 13.53 7.57 -7.53
N VAL A 108 13.23 6.75 -6.51
CA VAL A 108 13.16 5.31 -6.65
C VAL A 108 12.37 4.91 -7.89
N GLU A 109 12.81 3.83 -8.53
CA GLU A 109 12.16 3.35 -9.75
C GLU A 109 10.75 2.85 -9.48
N ILE A 110 9.88 3.11 -10.44
CA ILE A 110 8.49 2.68 -10.35
C ILE A 110 8.13 1.82 -11.55
N ARG A 111 8.13 0.52 -11.33
CA ARG A 111 7.84 -0.44 -12.38
C ARG A 111 6.41 -0.98 -12.26
N LEU A 112 5.52 -0.47 -13.11
CA LEU A 112 4.13 -0.88 -13.11
C LEU A 112 3.86 -1.92 -14.19
N SER A 113 3.12 -2.97 -13.84
CA SER A 113 2.78 -4.03 -14.78
C SER A 113 1.62 -3.57 -15.68
N HIS A 114 1.00 -4.53 -16.37
CA HIS A 114 -0.12 -4.21 -17.25
C HIS A 114 -1.42 -3.98 -16.46
N GLU A 115 -1.30 -3.80 -15.14
CA GLU A 115 -2.46 -3.56 -14.30
C GLU A 115 -2.54 -2.09 -13.90
N HIS A 116 -1.39 -1.48 -13.66
CA HIS A 116 -1.34 -0.07 -13.28
C HIS A 116 -0.70 0.77 -14.38
N GLN A 117 -1.48 1.67 -14.96
CA GLN A 117 -0.98 2.53 -16.03
C GLN A 117 -0.31 3.79 -15.49
N ALA A 118 -0.53 4.09 -14.21
CA ALA A 118 0.05 5.27 -13.60
C ALA A 118 0.10 5.18 -12.08
N TYR A 119 1.06 5.89 -11.49
CA TYR A 119 1.25 5.92 -10.05
C TYR A 119 1.44 7.35 -9.57
N ARG A 120 1.45 7.56 -8.25
CA ARG A 120 1.61 8.89 -7.70
C ARG A 120 2.13 8.85 -6.26
N TRP A 121 2.69 9.97 -5.82
CA TRP A 121 3.22 10.10 -4.46
C TRP A 121 2.57 11.29 -3.77
N LEU A 122 1.69 11.02 -2.81
CA LEU A 122 0.98 12.08 -2.10
C LEU A 122 0.86 11.78 -0.61
N GLY A 123 0.45 12.80 0.15
CA GLY A 123 0.29 12.64 1.57
C GLY A 123 -0.94 11.82 1.92
N LEU A 124 -1.49 12.04 3.12
CA LEU A 124 -2.66 11.31 3.55
C LEU A 124 -3.92 11.85 2.90
N GLU A 125 -4.01 13.17 2.80
CA GLU A 125 -5.17 13.83 2.21
C GLU A 125 -5.35 13.42 0.75
N GLU A 126 -4.29 13.53 -0.02
CA GLU A 126 -4.35 13.18 -1.44
C GLU A 126 -4.49 11.68 -1.62
N ALA A 127 -3.69 10.94 -0.88
CA ALA A 127 -3.74 9.48 -0.95
C ALA A 127 -5.15 9.01 -0.63
N CYS A 128 -5.83 9.77 0.23
CA CYS A 128 -7.20 9.48 0.62
C CYS A 128 -8.18 10.03 -0.42
N GLN A 129 -7.81 11.14 -1.04
CA GLN A 129 -8.65 11.77 -2.05
C GLN A 129 -8.80 10.86 -3.26
N LEU A 130 -7.70 10.28 -3.69
CA LEU A 130 -7.71 9.37 -4.83
C LEU A 130 -8.25 8.01 -4.40
N ALA A 131 -7.82 7.54 -3.24
CA ALA A 131 -8.29 6.27 -2.71
C ALA A 131 -9.69 6.45 -2.12
N GLN A 132 -10.58 7.01 -2.94
CA GLN A 132 -11.96 7.28 -2.53
C GLN A 132 -12.52 6.19 -1.64
N PHE A 133 -12.07 4.97 -1.85
CA PHE A 133 -12.52 3.83 -1.06
C PHE A 133 -12.19 4.05 0.42
N LYS A 134 -13.23 4.05 1.25
CA LYS A 134 -13.08 4.27 2.69
C LYS A 134 -11.93 3.43 3.25
N GLU A 135 -11.99 2.13 2.96
CA GLU A 135 -10.98 1.18 3.42
C GLU A 135 -9.57 1.72 3.27
N MET A 136 -9.22 2.15 2.06
CA MET A 136 -7.88 2.67 1.80
C MET A 136 -7.68 3.99 2.55
N LYS A 137 -8.74 4.76 2.68
CA LYS A 137 -8.67 6.03 3.38
C LYS A 137 -8.24 5.81 4.82
N ALA A 138 -8.68 4.70 5.40
CA ALA A 138 -8.32 4.37 6.78
C ALA A 138 -6.91 3.80 6.85
N ALA A 139 -6.60 2.88 5.94
CA ALA A 139 -5.27 2.28 5.89
C ALA A 139 -4.19 3.36 5.86
N LEU A 140 -4.29 4.25 4.88
CA LEU A 140 -3.35 5.35 4.75
C LEU A 140 -3.46 6.26 5.97
N GLN A 141 -4.66 6.28 6.57
CA GLN A 141 -4.93 7.11 7.74
C GLN A 141 -4.17 6.58 8.95
N GLU A 142 -4.33 5.30 9.22
CA GLU A 142 -3.68 4.67 10.36
C GLU A 142 -2.18 4.54 10.11
N GLY A 143 -1.81 4.39 8.83
CA GLY A 143 -0.40 4.28 8.49
C GLY A 143 0.38 5.49 8.93
N HIS A 144 -0.14 6.67 8.64
CA HIS A 144 0.51 7.91 9.03
C HIS A 144 0.34 8.15 10.51
N GLN A 145 -0.78 7.70 11.05
CA GLN A 145 -1.08 7.88 12.47
C GLN A 145 -0.09 7.13 13.34
N PHE A 146 0.05 5.84 13.07
CA PHE A 146 0.96 4.99 13.82
C PHE A 146 2.40 5.47 13.68
N LEU A 147 2.80 5.70 12.44
CA LEU A 147 4.15 6.17 12.16
C LEU A 147 4.44 7.50 12.82
N CYS A 148 3.40 8.28 13.05
CA CYS A 148 3.55 9.58 13.69
C CYS A 148 3.77 9.42 15.20
N SER A 149 3.44 8.23 15.71
CA SER A 149 3.59 7.94 17.14
C SER A 149 4.95 7.30 17.44
N ILE A 150 5.65 6.87 16.39
CA ILE A 150 6.96 6.24 16.57
C ILE A 150 8.06 7.31 16.50
N GLU A 151 9.11 7.06 15.75
CA GLU A 151 10.21 8.01 15.61
C GLU A 151 11.09 7.62 14.43
N ALA A 152 11.87 6.56 14.62
CA ALA A 152 12.75 6.07 13.57
C ALA A 152 13.67 7.17 13.03
N LEU A 153 13.81 8.25 13.78
CA LEU A 153 14.66 9.36 13.36
C LEU A 153 14.21 9.93 12.02
N GLY A 1 -14.52 -21.60 12.83
CA GLY A 1 -15.28 -21.82 11.62
C GLY A 1 -14.42 -22.52 10.59
N PRO A 2 -13.54 -23.43 11.03
CA PRO A 2 -12.64 -24.18 10.19
C PRO A 2 -13.43 -25.23 9.42
N LEU A 3 -14.72 -24.97 9.21
CA LEU A 3 -15.58 -25.90 8.49
C LEU A 3 -16.09 -25.28 7.19
N GLY A 4 -15.47 -24.20 6.75
CA GLY A 4 -15.89 -23.54 5.53
C GLY A 4 -15.06 -22.31 5.22
N SER A 5 -14.02 -22.49 4.41
CA SER A 5 -13.15 -21.38 4.03
C SER A 5 -13.78 -20.54 2.93
N MET A 6 -13.33 -19.30 2.80
CA MET A 6 -13.86 -18.39 1.79
C MET A 6 -12.98 -17.15 1.67
N ALA A 7 -13.38 -16.23 0.80
CA ALA A 7 -12.63 -14.99 0.59
C ALA A 7 -11.30 -15.26 -0.09
N LEU A 8 -10.62 -14.18 -0.47
CA LEU A 8 -9.32 -14.28 -1.12
C LEU A 8 -8.24 -13.62 -0.27
N ARG A 9 -7.10 -14.28 -0.19
CA ARG A 9 -5.99 -13.76 0.60
C ARG A 9 -5.13 -12.81 -0.22
N ALA A 10 -5.10 -11.55 0.20
CA ALA A 10 -4.29 -10.54 -0.50
C ALA A 10 -3.38 -9.83 0.48
N CYS A 11 -2.52 -8.96 -0.05
CA CYS A 11 -1.59 -8.21 0.77
C CYS A 11 -1.01 -7.03 0.00
N GLY A 12 -1.15 -5.85 0.57
CA GLY A 12 -0.62 -4.66 -0.04
C GLY A 12 0.42 -4.00 0.84
N LEU A 13 1.06 -2.95 0.36
CA LEU A 13 2.08 -2.28 1.15
C LEU A 13 1.86 -0.78 1.25
N ILE A 14 1.70 -0.29 2.48
CA ILE A 14 1.54 1.14 2.71
C ILE A 14 2.91 1.78 2.61
N ILE A 15 3.24 2.22 1.42
CA ILE A 15 4.54 2.82 1.16
C ILE A 15 4.52 4.31 1.43
N PHE A 16 5.60 4.81 2.01
CA PHE A 16 5.72 6.21 2.35
C PHE A 16 7.18 6.66 2.33
N ARG A 17 7.49 7.67 1.51
CA ARG A 17 8.86 8.17 1.45
C ARG A 17 9.11 9.17 2.58
N ARG A 18 9.99 8.82 3.50
CA ARG A 18 10.31 9.68 4.63
C ARG A 18 11.63 10.40 4.40
N CYS A 19 11.56 11.71 4.23
CA CYS A 19 12.76 12.51 4.01
C CYS A 19 13.71 12.39 5.20
N LEU A 20 14.98 12.72 4.97
CA LEU A 20 15.99 12.64 6.02
C LEU A 20 15.48 13.26 7.32
N ILE A 21 15.07 14.53 7.24
CA ILE A 21 14.55 15.26 8.39
C ILE A 21 13.57 16.35 7.95
N PRO A 22 12.63 16.74 8.82
CA PRO A 22 11.63 17.78 8.52
C PRO A 22 12.28 19.13 8.23
N LYS A 23 11.57 19.99 7.51
CA LYS A 23 12.08 21.33 7.18
C LYS A 23 11.04 22.40 7.45
N VAL A 24 10.11 22.58 6.52
CA VAL A 24 9.06 23.58 6.66
C VAL A 24 7.79 22.99 7.28
N ASP A 25 7.80 21.68 7.51
CA ASP A 25 6.65 21.01 8.09
C ASP A 25 5.47 21.00 7.12
N ASN A 26 5.78 20.94 5.83
CA ASN A 26 4.76 20.93 4.79
C ASN A 26 4.30 19.51 4.46
N ASN A 27 5.20 18.74 3.86
CA ASN A 27 4.93 17.36 3.49
C ASN A 27 6.19 16.52 3.64
N ALA A 28 6.28 15.81 4.77
CA ALA A 28 7.45 14.99 5.05
C ALA A 28 7.31 13.59 4.46
N ILE A 29 6.15 12.97 4.69
CA ILE A 29 5.89 11.63 4.21
C ILE A 29 4.91 11.62 3.02
N GLU A 30 5.16 10.72 2.07
CA GLU A 30 4.31 10.58 0.89
C GLU A 30 4.05 9.11 0.59
N PHE A 31 2.80 8.75 0.34
CA PHE A 31 2.45 7.37 0.07
C PHE A 31 2.42 7.05 -1.43
N LEU A 32 2.84 5.84 -1.79
CA LEU A 32 2.86 5.41 -3.18
C LEU A 32 1.47 4.97 -3.61
N LEU A 33 1.04 5.45 -4.78
CA LEU A 33 -0.28 5.10 -5.30
C LEU A 33 -0.18 4.75 -6.78
N LEU A 34 -0.94 3.74 -7.19
CA LEU A 34 -0.93 3.29 -8.57
C LEU A 34 -2.31 3.46 -9.21
N GLN A 35 -2.35 4.19 -10.33
CA GLN A 35 -3.60 4.44 -11.04
C GLN A 35 -4.14 3.16 -11.67
N ALA A 36 -5.46 3.09 -11.82
CA ALA A 36 -6.10 1.91 -12.41
C ALA A 36 -6.10 1.94 -13.94
N SER A 37 -5.76 3.08 -14.52
CA SER A 37 -5.73 3.24 -15.98
C SER A 37 -7.13 3.28 -16.56
N ASP A 38 -7.89 2.20 -16.36
CA ASP A 38 -9.26 2.14 -16.86
C ASP A 38 -10.27 2.19 -15.73
N GLY A 39 -11.55 2.01 -16.06
CA GLY A 39 -12.59 2.06 -15.05
C GLY A 39 -12.74 3.43 -14.44
N ILE A 40 -12.80 3.48 -13.12
CA ILE A 40 -12.96 4.73 -12.40
C ILE A 40 -11.61 5.44 -12.22
N HIS A 41 -10.53 4.84 -12.74
CA HIS A 41 -9.20 5.42 -12.64
C HIS A 41 -8.77 5.57 -11.19
N HIS A 42 -9.36 4.76 -10.31
CA HIS A 42 -9.04 4.79 -8.89
C HIS A 42 -7.56 4.49 -8.67
N TRP A 43 -7.00 5.09 -7.63
CA TRP A 43 -5.59 4.89 -7.29
C TRP A 43 -5.47 3.95 -6.11
N THR A 44 -4.97 2.77 -6.39
CA THR A 44 -4.80 1.75 -5.36
C THR A 44 -3.37 1.23 -5.36
N PRO A 45 -2.72 1.22 -4.18
CA PRO A 45 -1.35 0.73 -4.04
C PRO A 45 -1.17 -0.70 -4.56
N PRO A 46 0.08 -1.13 -4.70
CA PRO A 46 0.41 -2.48 -5.19
C PRO A 46 -0.15 -3.59 -4.29
N LYS A 47 -1.26 -4.19 -4.72
CA LYS A 47 -1.89 -5.27 -3.94
C LYS A 47 -1.59 -6.63 -4.57
N GLY A 48 -1.12 -7.56 -3.74
CA GLY A 48 -0.81 -8.90 -4.22
C GLY A 48 -1.76 -9.95 -3.68
N HIS A 49 -1.55 -11.20 -4.06
CA HIS A 49 -2.38 -12.30 -3.61
C HIS A 49 -1.56 -13.34 -2.84
N VAL A 50 -1.69 -13.33 -1.52
CA VAL A 50 -0.94 -14.26 -0.68
C VAL A 50 -1.53 -15.67 -0.74
N GLU A 51 -0.67 -16.64 -1.00
CA GLU A 51 -1.08 -18.03 -1.09
C GLU A 51 -0.95 -18.73 0.25
N PRO A 52 -1.35 -20.00 0.34
CA PRO A 52 -1.30 -20.78 1.58
C PRO A 52 0.11 -20.86 2.17
N GLY A 53 1.03 -21.42 1.40
CA GLY A 53 2.41 -21.55 1.86
C GLY A 53 3.21 -20.27 1.66
N GLU A 54 2.56 -19.25 1.12
CA GLU A 54 3.22 -17.97 0.90
C GLU A 54 3.30 -17.19 2.20
N ASP A 55 4.01 -16.08 2.19
CA ASP A 55 4.13 -15.25 3.37
C ASP A 55 3.15 -14.09 3.29
N ASP A 56 2.84 -13.53 4.45
CA ASP A 56 1.90 -12.42 4.54
C ASP A 56 2.49 -11.13 3.96
N LEU A 57 3.56 -10.62 4.58
CA LEU A 57 4.20 -9.40 4.11
C LEU A 57 4.82 -9.59 2.72
N GLU A 58 5.41 -10.77 2.50
CA GLU A 58 6.03 -11.07 1.22
C GLU A 58 5.09 -10.75 0.07
N THR A 59 3.83 -11.15 0.20
CA THR A 59 2.86 -10.87 -0.84
C THR A 59 2.75 -9.37 -1.03
N ALA A 60 2.59 -8.65 0.07
CA ALA A 60 2.50 -7.20 0.02
C ALA A 60 3.81 -6.60 -0.49
N LEU A 61 4.90 -7.33 -0.24
CA LEU A 61 6.23 -6.90 -0.68
C LEU A 61 6.40 -7.15 -2.17
N ARG A 62 6.11 -8.38 -2.59
CA ARG A 62 6.21 -8.76 -3.99
C ARG A 62 5.23 -7.96 -4.83
N ALA A 63 4.07 -7.66 -4.26
CA ALA A 63 3.08 -6.86 -4.96
C ALA A 63 3.62 -5.45 -5.17
N THR A 64 4.33 -4.95 -4.16
CA THR A 64 4.93 -3.62 -4.22
C THR A 64 5.83 -3.50 -5.43
N GLN A 65 6.73 -4.45 -5.58
CA GLN A 65 7.65 -4.46 -6.70
C GLN A 65 6.95 -4.91 -7.98
N GLU A 66 5.84 -5.63 -7.82
CA GLU A 66 5.09 -6.10 -8.98
C GLU A 66 4.29 -4.98 -9.62
N GLU A 67 3.77 -4.06 -8.80
CA GLU A 67 2.99 -2.94 -9.31
C GLU A 67 3.71 -1.61 -9.12
N ALA A 68 4.85 -1.63 -8.45
CA ALA A 68 5.62 -0.41 -8.21
C ALA A 68 7.11 -0.62 -8.43
N GLY A 69 7.52 -1.86 -8.65
CA GLY A 69 8.93 -2.14 -8.88
C GLY A 69 9.78 -2.04 -7.63
N ILE A 70 9.19 -1.56 -6.54
CA ILE A 70 9.92 -1.42 -5.29
C ILE A 70 9.69 -2.61 -4.38
N GLU A 71 10.78 -3.19 -3.88
CA GLU A 71 10.70 -4.35 -3.00
C GLU A 71 11.13 -3.97 -1.58
N ALA A 72 10.92 -4.89 -0.65
CA ALA A 72 11.29 -4.66 0.75
C ALA A 72 12.69 -4.09 0.86
N GLY A 73 13.58 -4.54 -0.02
CA GLY A 73 14.95 -4.06 -0.01
C GLY A 73 15.05 -2.61 -0.41
N GLN A 74 14.07 -2.12 -1.17
CA GLN A 74 14.09 -0.73 -1.61
C GLN A 74 13.24 0.16 -0.70
N LEU A 75 12.58 -0.45 0.28
CA LEU A 75 11.77 0.32 1.23
C LEU A 75 12.09 -0.11 2.66
N THR A 76 11.30 0.37 3.60
CA THR A 76 11.49 0.05 5.00
C THR A 76 10.16 -0.33 5.66
N ILE A 77 9.91 -1.62 5.81
CA ILE A 77 8.67 -2.08 6.41
C ILE A 77 8.63 -1.82 7.91
N ILE A 78 7.74 -0.92 8.34
CA ILE A 78 7.60 -0.61 9.74
C ILE A 78 6.91 -1.76 10.46
N GLU A 79 7.32 -1.99 11.70
CA GLU A 79 6.75 -3.07 12.50
C GLU A 79 5.72 -2.53 13.49
N GLY A 80 4.72 -3.36 13.79
CA GLY A 80 3.69 -2.97 14.71
C GLY A 80 2.42 -2.52 14.01
N PHE A 81 2.54 -2.20 12.72
CA PHE A 81 1.39 -1.76 11.95
C PHE A 81 0.83 -2.89 11.10
N LYS A 82 -0.28 -3.47 11.56
CA LYS A 82 -0.93 -4.56 10.84
C LYS A 82 -2.39 -4.23 10.60
N ARG A 83 -2.83 -4.49 9.38
CA ARG A 83 -4.22 -4.24 9.00
C ARG A 83 -4.57 -4.98 7.73
N GLU A 84 -5.81 -5.42 7.63
CA GLU A 84 -6.26 -6.14 6.45
C GLU A 84 -7.63 -5.67 5.97
N LEU A 85 -7.67 -5.11 4.77
CA LEU A 85 -8.93 -4.65 4.20
C LEU A 85 -9.73 -5.82 3.68
N ASN A 86 -10.92 -6.03 4.23
CA ASN A 86 -11.78 -7.14 3.82
C ASN A 86 -13.03 -6.62 3.12
N TYR A 87 -13.21 -7.02 1.87
CA TYR A 87 -14.37 -6.60 1.09
C TYR A 87 -14.50 -7.43 -0.17
N VAL A 88 -15.74 -7.70 -0.56
CA VAL A 88 -16.00 -8.46 -1.78
C VAL A 88 -15.92 -7.56 -3.00
N ALA A 89 -14.94 -7.84 -3.85
CA ALA A 89 -14.72 -7.04 -5.04
C ALA A 89 -15.79 -7.29 -6.12
N ARG A 90 -15.50 -8.13 -7.10
CA ARG A 90 -16.46 -8.43 -8.16
C ARG A 90 -17.49 -9.43 -7.65
N ASN A 91 -17.03 -10.35 -6.81
CA ASN A 91 -17.89 -11.37 -6.23
C ASN A 91 -17.15 -12.22 -5.20
N LYS A 92 -16.02 -11.70 -4.71
CA LYS A 92 -15.23 -12.42 -3.73
C LYS A 92 -14.47 -11.45 -2.81
N PRO A 93 -14.61 -11.63 -1.48
CA PRO A 93 -13.96 -10.78 -0.48
C PRO A 93 -12.48 -11.02 -0.35
N LYS A 94 -11.71 -10.00 -0.65
CA LYS A 94 -10.25 -10.08 -0.59
C LYS A 94 -9.69 -9.45 0.67
N THR A 95 -8.96 -10.24 1.46
CA THR A 95 -8.34 -9.75 2.68
C THR A 95 -6.98 -9.17 2.31
N VAL A 96 -6.87 -7.85 2.37
CA VAL A 96 -5.63 -7.20 2.01
C VAL A 96 -4.89 -6.69 3.24
N ILE A 97 -3.79 -7.35 3.59
CA ILE A 97 -2.99 -6.92 4.73
C ILE A 97 -2.02 -5.85 4.27
N TYR A 98 -2.06 -4.70 4.92
CA TYR A 98 -1.20 -3.59 4.55
C TYR A 98 -0.14 -3.32 5.61
N TRP A 99 1.10 -3.20 5.16
CA TRP A 99 2.22 -2.90 6.05
C TRP A 99 2.83 -1.56 5.67
N LEU A 100 3.39 -0.88 6.66
CA LEU A 100 4.01 0.40 6.40
C LEU A 100 5.39 0.19 5.78
N ALA A 101 5.67 0.92 4.71
CA ALA A 101 6.95 0.79 4.03
C ALA A 101 7.47 2.15 3.60
N GLU A 102 8.78 2.34 3.72
CA GLU A 102 9.39 3.61 3.32
C GLU A 102 10.49 3.37 2.29
N VAL A 103 10.27 3.85 1.07
CA VAL A 103 11.25 3.69 0.02
C VAL A 103 12.45 4.59 0.27
N LYS A 104 13.57 3.98 0.60
CA LYS A 104 14.79 4.74 0.88
C LYS A 104 15.21 5.60 -0.29
N ASP A 105 14.63 5.36 -1.47
CA ASP A 105 14.99 6.14 -2.66
C ASP A 105 13.86 7.10 -3.06
N TYR A 106 14.14 8.40 -2.97
CA TYR A 106 13.17 9.42 -3.33
C TYR A 106 12.81 9.31 -4.80
N ASP A 107 13.81 9.09 -5.63
CA ASP A 107 13.62 8.94 -7.06
C ASP A 107 13.53 7.45 -7.42
N VAL A 108 13.14 6.64 -6.45
CA VAL A 108 13.01 5.20 -6.63
C VAL A 108 12.20 4.88 -7.89
N GLU A 109 12.55 3.76 -8.52
CA GLU A 109 11.87 3.35 -9.74
C GLU A 109 10.47 2.84 -9.44
N ILE A 110 9.55 3.15 -10.34
CA ILE A 110 8.16 2.75 -10.18
C ILE A 110 7.70 1.90 -11.37
N ARG A 111 7.72 0.58 -11.18
CA ARG A 111 7.33 -0.35 -12.24
C ARG A 111 5.89 -0.82 -12.06
N LEU A 112 4.98 -0.25 -12.84
CA LEU A 112 3.57 -0.61 -12.78
C LEU A 112 3.25 -1.72 -13.76
N SER A 113 2.12 -2.40 -13.54
CA SER A 113 1.70 -3.48 -14.42
C SER A 113 0.84 -2.94 -15.57
N HIS A 114 0.23 -3.84 -16.33
CA HIS A 114 -0.61 -3.45 -17.45
C HIS A 114 -1.86 -2.71 -16.99
N GLU A 115 -2.39 -3.11 -15.83
CA GLU A 115 -3.59 -2.49 -15.28
C GLU A 115 -3.28 -1.12 -14.68
N HIS A 116 -2.01 -0.76 -14.62
CA HIS A 116 -1.60 0.53 -14.07
C HIS A 116 -1.06 1.45 -15.15
N GLN A 117 -1.59 2.67 -15.21
CA GLN A 117 -1.17 3.65 -16.21
C GLN A 117 -0.18 4.65 -15.60
N ALA A 118 -0.23 4.80 -14.28
CA ALA A 118 0.66 5.74 -13.60
C ALA A 118 0.62 5.56 -12.09
N TYR A 119 1.36 6.42 -11.39
CA TYR A 119 1.44 6.38 -9.93
C TYR A 119 1.63 7.80 -9.38
N ARG A 120 1.50 7.95 -8.08
CA ARG A 120 1.67 9.26 -7.45
C ARG A 120 2.11 9.13 -6.00
N TRP A 121 2.76 10.18 -5.51
CA TRP A 121 3.23 10.23 -4.13
C TRP A 121 2.58 11.41 -3.42
N LEU A 122 1.64 11.12 -2.54
CA LEU A 122 0.92 12.17 -1.83
C LEU A 122 0.74 11.84 -0.36
N GLY A 123 0.30 12.83 0.41
CA GLY A 123 0.09 12.63 1.82
C GLY A 123 -1.12 11.76 2.08
N LEU A 124 -1.72 11.92 3.25
CA LEU A 124 -2.89 11.14 3.62
C LEU A 124 -4.15 11.64 2.91
N GLU A 125 -4.29 12.95 2.85
CA GLU A 125 -5.46 13.55 2.22
C GLU A 125 -5.53 13.24 0.73
N GLU A 126 -4.40 13.39 0.04
CA GLU A 126 -4.35 13.12 -1.39
C GLU A 126 -4.35 11.62 -1.65
N ALA A 127 -3.65 10.86 -0.80
CA ALA A 127 -3.64 9.42 -0.95
C ALA A 127 -5.04 8.88 -0.72
N CYS A 128 -5.79 9.59 0.10
CA CYS A 128 -7.17 9.22 0.42
C CYS A 128 -8.12 9.76 -0.65
N GLN A 129 -7.82 10.95 -1.16
CA GLN A 129 -8.66 11.57 -2.18
C GLN A 129 -8.75 10.68 -3.41
N LEU A 130 -7.60 10.15 -3.83
CA LEU A 130 -7.56 9.27 -4.98
C LEU A 130 -8.09 7.90 -4.58
N ALA A 131 -7.72 7.48 -3.38
CA ALA A 131 -8.19 6.21 -2.85
C ALA A 131 -9.61 6.37 -2.34
N GLN A 132 -10.47 6.90 -3.19
CA GLN A 132 -11.88 7.16 -2.86
C GLN A 132 -12.46 6.06 -1.99
N PHE A 133 -11.96 4.84 -2.18
CA PHE A 133 -12.43 3.69 -1.40
C PHE A 133 -12.10 3.88 0.08
N LYS A 134 -13.13 3.86 0.92
CA LYS A 134 -12.98 4.03 2.38
C LYS A 134 -11.85 3.18 2.93
N GLU A 135 -11.92 1.89 2.65
CA GLU A 135 -10.92 0.94 3.12
C GLU A 135 -9.51 1.52 3.00
N MET A 136 -9.15 1.95 1.80
CA MET A 136 -7.82 2.52 1.57
C MET A 136 -7.65 3.80 2.38
N LYS A 137 -8.74 4.51 2.60
CA LYS A 137 -8.70 5.75 3.39
C LYS A 137 -8.16 5.44 4.78
N ALA A 138 -8.52 4.26 5.30
CA ALA A 138 -8.06 3.83 6.61
C ALA A 138 -6.62 3.33 6.56
N ALA A 139 -6.31 2.49 5.57
CA ALA A 139 -4.96 1.96 5.42
C ALA A 139 -3.94 3.09 5.45
N LEU A 140 -4.18 4.10 4.62
CA LEU A 140 -3.32 5.26 4.56
C LEU A 140 -3.49 6.11 5.82
N GLN A 141 -4.70 6.11 6.37
CA GLN A 141 -5.00 6.88 7.57
C GLN A 141 -4.11 6.45 8.72
N GLU A 142 -4.09 5.15 8.98
CA GLU A 142 -3.27 4.62 10.06
C GLU A 142 -1.79 4.72 9.71
N GLY A 143 -1.48 4.71 8.41
CA GLY A 143 -0.10 4.83 7.98
C GLY A 143 0.58 6.06 8.54
N HIS A 144 -0.10 7.21 8.42
CA HIS A 144 0.42 8.47 8.93
C HIS A 144 0.16 8.58 10.43
N GLN A 145 -0.94 8.00 10.87
CA GLN A 145 -1.31 8.03 12.28
C GLN A 145 -0.32 7.25 13.12
N PHE A 146 -0.08 6.01 12.73
CA PHE A 146 0.84 5.13 13.45
C PHE A 146 2.25 5.73 13.44
N LEU A 147 2.75 6.03 12.25
CA LEU A 147 4.09 6.62 12.11
C LEU A 147 4.23 7.91 12.90
N CYS A 148 3.12 8.63 13.05
CA CYS A 148 3.13 9.88 13.79
C CYS A 148 3.31 9.62 15.28
N SER A 149 2.93 8.41 15.72
CA SER A 149 3.05 8.04 17.13
C SER A 149 4.43 7.47 17.43
N ILE A 150 5.20 7.17 16.39
CA ILE A 150 6.53 6.63 16.57
C ILE A 150 7.55 7.77 16.71
N GLU A 151 8.63 7.73 15.94
CA GLU A 151 9.66 8.77 15.99
C GLU A 151 10.33 8.93 14.62
N ALA A 152 11.05 7.89 14.20
CA ALA A 152 11.74 7.92 12.92
C ALA A 152 12.28 6.54 12.56
N LEU A 153 11.66 5.91 11.56
CA LEU A 153 12.09 4.59 11.12
C LEU A 153 12.34 4.56 9.61
N GLY A 1 -19.57 -27.02 -1.08
CA GLY A 1 -18.69 -25.95 -1.45
C GLY A 1 -18.22 -26.11 -2.89
N PRO A 2 -18.57 -25.15 -3.74
CA PRO A 2 -18.21 -25.15 -5.15
C PRO A 2 -16.74 -24.86 -5.30
N LEU A 3 -16.15 -24.18 -4.32
CA LEU A 3 -14.73 -23.83 -4.36
C LEU A 3 -14.00 -24.36 -3.12
N GLY A 4 -14.30 -23.77 -1.97
CA GLY A 4 -13.67 -24.19 -0.73
C GLY A 4 -13.39 -23.03 0.20
N SER A 5 -12.25 -22.38 0.01
CA SER A 5 -11.86 -21.25 0.85
C SER A 5 -12.76 -20.04 0.58
N MET A 6 -13.16 -19.37 1.65
CA MET A 6 -14.01 -18.19 1.53
C MET A 6 -13.18 -16.92 1.42
N ALA A 7 -13.48 -16.12 0.40
CA ALA A 7 -12.78 -14.87 0.16
C ALA A 7 -11.43 -15.10 -0.49
N LEU A 8 -10.87 -14.02 -1.01
CA LEU A 8 -9.57 -14.07 -1.67
C LEU A 8 -8.52 -13.40 -0.80
N ARG A 9 -7.40 -14.07 -0.62
CA ARG A 9 -6.32 -13.54 0.18
C ARG A 9 -5.47 -12.56 -0.62
N ALA A 10 -5.26 -11.37 -0.07
CA ALA A 10 -4.46 -10.35 -0.72
C ALA A 10 -3.65 -9.57 0.29
N CYS A 11 -2.56 -8.98 -0.17
CA CYS A 11 -1.69 -8.20 0.69
C CYS A 11 -1.02 -7.07 -0.08
N GLY A 12 -1.21 -5.85 0.41
CA GLY A 12 -0.60 -4.70 -0.23
C GLY A 12 0.37 -4.00 0.69
N LEU A 13 1.15 -3.08 0.15
CA LEU A 13 2.14 -2.37 0.96
C LEU A 13 1.87 -0.87 0.99
N ILE A 14 1.59 -0.35 2.18
CA ILE A 14 1.38 1.08 2.34
C ILE A 14 2.72 1.76 2.44
N ILE A 15 3.21 2.19 1.29
CA ILE A 15 4.50 2.82 1.20
C ILE A 15 4.42 4.31 1.46
N PHE A 16 5.46 4.84 2.09
CA PHE A 16 5.52 6.23 2.43
C PHE A 16 6.96 6.74 2.46
N ARG A 17 7.26 7.77 1.68
CA ARG A 17 8.60 8.33 1.65
C ARG A 17 8.79 9.29 2.83
N ARG A 18 9.64 8.90 3.77
CA ARG A 18 9.90 9.73 4.94
C ARG A 18 11.24 10.44 4.83
N CYS A 19 11.21 11.77 4.86
CA CYS A 19 12.42 12.56 4.77
C CYS A 19 13.06 12.74 6.15
N LEU A 20 14.34 13.06 6.18
CA LEU A 20 15.06 13.25 7.43
C LEU A 20 14.45 14.40 8.24
N ILE A 21 14.81 15.64 7.88
CA ILE A 21 14.29 16.81 8.57
C ILE A 21 13.30 17.58 7.69
N PRO A 22 12.31 18.24 8.30
CA PRO A 22 11.30 19.02 7.56
C PRO A 22 11.90 20.24 6.87
N LYS A 23 11.29 20.66 5.78
CA LYS A 23 11.75 21.82 5.02
C LYS A 23 10.83 23.00 5.23
N VAL A 24 9.67 22.97 4.57
CA VAL A 24 8.69 24.03 4.67
C VAL A 24 7.57 23.66 5.65
N ASP A 25 7.64 22.45 6.21
CA ASP A 25 6.63 21.99 7.15
C ASP A 25 5.27 21.88 6.46
N ASN A 26 5.30 21.38 5.22
CA ASN A 26 4.07 21.23 4.44
C ASN A 26 3.67 19.77 4.32
N ASN A 27 4.64 18.92 4.03
CA ASN A 27 4.39 17.49 3.89
C ASN A 27 5.70 16.72 4.02
N ALA A 28 5.77 15.88 5.05
CA ALA A 28 6.97 15.07 5.30
C ALA A 28 6.87 13.70 4.65
N ILE A 29 5.76 13.01 4.90
CA ILE A 29 5.56 11.67 4.35
C ILE A 29 4.68 11.68 3.10
N GLU A 30 4.97 10.76 2.19
CA GLU A 30 4.22 10.62 0.95
C GLU A 30 3.99 9.15 0.65
N PHE A 31 2.73 8.76 0.46
CA PHE A 31 2.39 7.35 0.19
C PHE A 31 2.42 7.02 -1.31
N LEU A 32 2.80 5.78 -1.62
CA LEU A 32 2.84 5.31 -3.00
C LEU A 32 1.47 4.80 -3.42
N LEU A 33 1.01 5.23 -4.58
CA LEU A 33 -0.29 4.81 -5.08
C LEU A 33 -0.20 4.38 -6.54
N LEU A 34 -0.97 3.37 -6.89
CA LEU A 34 -0.98 2.85 -8.25
C LEU A 34 -2.38 2.90 -8.84
N GLN A 35 -2.58 3.83 -9.76
CA GLN A 35 -3.89 3.98 -10.41
C GLN A 35 -4.28 2.71 -11.15
N ALA A 36 -5.55 2.35 -11.05
CA ALA A 36 -6.06 1.16 -11.73
C ALA A 36 -6.08 1.37 -13.23
N SER A 37 -5.63 0.38 -13.98
CA SER A 37 -5.59 0.45 -15.43
C SER A 37 -6.96 0.15 -16.04
N ASP A 38 -8.01 0.28 -15.23
CA ASP A 38 -9.36 0.01 -15.68
C ASP A 38 -10.35 0.26 -14.55
N GLY A 39 -11.61 -0.08 -14.77
CA GLY A 39 -12.63 0.12 -13.75
C GLY A 39 -13.04 1.58 -13.63
N ILE A 40 -13.15 2.07 -12.40
CA ILE A 40 -13.54 3.44 -12.15
C ILE A 40 -12.33 4.38 -12.14
N HIS A 41 -11.17 3.87 -12.55
CA HIS A 41 -9.95 4.67 -12.57
C HIS A 41 -9.55 5.01 -11.15
N HIS A 42 -9.74 4.05 -10.26
CA HIS A 42 -9.42 4.21 -8.85
C HIS A 42 -7.95 3.88 -8.58
N TRP A 43 -7.41 4.49 -7.55
CA TRP A 43 -6.02 4.27 -7.18
C TRP A 43 -5.90 3.29 -6.03
N THR A 44 -4.74 2.67 -5.91
CA THR A 44 -4.49 1.70 -4.86
C THR A 44 -3.02 1.28 -4.86
N PRO A 45 -2.35 1.31 -3.69
CA PRO A 45 -0.95 0.94 -3.60
C PRO A 45 -0.66 -0.41 -4.24
N PRO A 46 0.62 -0.76 -4.41
CA PRO A 46 1.02 -2.03 -5.01
C PRO A 46 0.59 -3.22 -4.16
N LYS A 47 -0.67 -3.60 -4.30
CA LYS A 47 -1.20 -4.73 -3.55
C LYS A 47 -1.35 -5.96 -4.43
N GLY A 48 -1.25 -7.14 -3.80
CA GLY A 48 -1.37 -8.38 -4.54
C GLY A 48 -2.28 -9.38 -3.85
N HIS A 49 -2.32 -10.59 -4.39
CA HIS A 49 -3.14 -11.66 -3.83
C HIS A 49 -2.26 -12.72 -3.17
N VAL A 50 -2.32 -12.81 -1.85
CA VAL A 50 -1.51 -13.78 -1.12
C VAL A 50 -2.14 -15.16 -1.16
N GLU A 51 -1.32 -16.15 -1.46
CA GLU A 51 -1.76 -17.53 -1.54
C GLU A 51 -1.61 -18.21 -0.19
N PRO A 52 -2.43 -19.23 0.09
CA PRO A 52 -2.39 -19.96 1.38
C PRO A 52 -1.01 -20.55 1.65
N GLY A 53 -0.19 -20.64 0.62
CA GLY A 53 1.15 -21.17 0.77
C GLY A 53 2.20 -20.07 0.73
N GLU A 54 1.78 -18.87 0.32
CA GLU A 54 2.68 -17.73 0.24
C GLU A 54 2.74 -17.00 1.58
N ASP A 55 3.65 -16.06 1.71
CA ASP A 55 3.78 -15.30 2.95
C ASP A 55 2.86 -14.08 2.93
N ASP A 56 2.60 -13.52 4.10
CA ASP A 56 1.71 -12.35 4.20
C ASP A 56 2.38 -11.08 3.68
N LEU A 57 3.46 -10.66 4.35
CA LEU A 57 4.17 -9.45 3.94
C LEU A 57 4.79 -9.63 2.55
N GLU A 58 5.32 -10.82 2.29
CA GLU A 58 5.93 -11.13 1.00
C GLU A 58 4.99 -10.77 -0.13
N THR A 59 3.73 -11.15 0.00
CA THR A 59 2.74 -10.85 -1.01
C THR A 59 2.64 -9.34 -1.21
N ALA A 60 2.63 -8.63 -0.09
CA ALA A 60 2.56 -7.18 -0.11
C ALA A 60 3.88 -6.60 -0.60
N LEU A 61 4.96 -7.33 -0.34
CA LEU A 61 6.29 -6.92 -0.75
C LEU A 61 6.50 -7.13 -2.24
N ARG A 62 6.23 -8.34 -2.68
CA ARG A 62 6.38 -8.69 -4.10
C ARG A 62 5.47 -7.83 -4.96
N ALA A 63 4.26 -7.57 -4.46
CA ALA A 63 3.31 -6.74 -5.19
C ALA A 63 3.87 -5.34 -5.35
N THR A 64 4.62 -4.89 -4.34
CA THR A 64 5.23 -3.57 -4.36
C THR A 64 6.21 -3.46 -5.51
N GLN A 65 7.17 -4.39 -5.55
CA GLN A 65 8.16 -4.40 -6.59
C GLN A 65 7.55 -4.85 -7.92
N GLU A 66 6.46 -5.61 -7.83
CA GLU A 66 5.78 -6.09 -9.04
C GLU A 66 4.92 -4.99 -9.66
N GLU A 67 4.37 -4.14 -8.81
CA GLU A 67 3.52 -3.05 -9.28
C GLU A 67 4.15 -1.68 -9.05
N ALA A 68 5.41 -1.67 -8.60
CA ALA A 68 6.12 -0.43 -8.36
C ALA A 68 7.62 -0.59 -8.48
N GLY A 69 8.08 -1.83 -8.64
CA GLY A 69 9.51 -2.07 -8.77
C GLY A 69 10.27 -1.90 -7.47
N ILE A 70 9.57 -1.49 -6.42
CA ILE A 70 10.21 -1.29 -5.12
C ILE A 70 9.94 -2.47 -4.19
N GLU A 71 11.02 -3.11 -3.75
CA GLU A 71 10.92 -4.27 -2.86
C GLU A 71 11.32 -3.91 -1.43
N ALA A 72 11.09 -4.83 -0.50
CA ALA A 72 11.45 -4.61 0.89
C ALA A 72 12.88 -4.11 0.99
N GLY A 73 13.72 -4.60 0.08
CA GLY A 73 15.11 -4.20 0.06
C GLY A 73 15.31 -2.77 -0.37
N GLN A 74 14.25 -2.14 -0.89
CA GLN A 74 14.32 -0.76 -1.33
C GLN A 74 13.45 0.15 -0.46
N LEU A 75 12.56 -0.46 0.34
CA LEU A 75 11.71 0.30 1.25
C LEU A 75 11.96 -0.12 2.69
N THR A 76 11.16 0.39 3.60
CA THR A 76 11.31 0.06 5.02
C THR A 76 9.97 -0.33 5.65
N ILE A 77 9.73 -1.63 5.75
CA ILE A 77 8.49 -2.13 6.33
C ILE A 77 8.44 -1.88 7.83
N ILE A 78 7.69 -0.86 8.24
CA ILE A 78 7.57 -0.53 9.65
C ILE A 78 6.86 -1.65 10.40
N GLU A 79 7.33 -1.95 11.60
CA GLU A 79 6.76 -3.01 12.42
C GLU A 79 5.79 -2.44 13.46
N GLY A 80 4.81 -3.25 13.83
CA GLY A 80 3.83 -2.82 14.82
C GLY A 80 2.51 -2.43 14.19
N PHE A 81 2.54 -2.09 12.90
CA PHE A 81 1.34 -1.69 12.19
C PHE A 81 0.89 -2.74 11.20
N LYS A 82 -0.36 -3.17 11.31
CA LYS A 82 -0.90 -4.17 10.41
C LYS A 82 -2.42 -4.11 10.37
N ARG A 83 -2.98 -4.15 9.17
CA ARG A 83 -4.41 -4.13 9.00
C ARG A 83 -4.81 -4.72 7.66
N GLU A 84 -5.96 -5.38 7.63
CA GLU A 84 -6.45 -6.00 6.41
C GLU A 84 -7.83 -5.48 6.06
N LEU A 85 -8.03 -5.17 4.80
CA LEU A 85 -9.31 -4.68 4.32
C LEU A 85 -10.09 -5.80 3.67
N ASN A 86 -11.26 -6.10 4.23
CA ASN A 86 -12.10 -7.17 3.71
C ASN A 86 -13.36 -6.62 3.04
N TYR A 87 -13.50 -6.90 1.75
CA TYR A 87 -14.66 -6.43 0.99
C TYR A 87 -14.74 -7.14 -0.35
N VAL A 88 -15.97 -7.35 -0.82
CA VAL A 88 -16.17 -8.01 -2.10
C VAL A 88 -16.07 -6.98 -3.23
N ALA A 89 -15.03 -7.13 -4.05
CA ALA A 89 -14.78 -6.21 -5.14
C ALA A 89 -15.66 -6.53 -6.35
N ARG A 90 -15.10 -7.21 -7.36
CA ARG A 90 -15.85 -7.56 -8.55
C ARG A 90 -16.99 -8.49 -8.20
N ASN A 91 -16.68 -9.50 -7.38
CA ASN A 91 -17.69 -10.47 -6.95
C ASN A 91 -17.10 -11.44 -5.92
N LYS A 92 -16.02 -11.04 -5.26
CA LYS A 92 -15.38 -11.88 -4.27
C LYS A 92 -14.69 -11.03 -3.20
N PRO A 93 -14.93 -11.34 -1.91
CA PRO A 93 -14.35 -10.61 -0.78
C PRO A 93 -12.85 -10.81 -0.67
N LYS A 94 -12.13 -9.73 -0.79
CA LYS A 94 -10.68 -9.75 -0.72
C LYS A 94 -10.12 -9.21 0.60
N THR A 95 -9.35 -10.04 1.29
CA THR A 95 -8.71 -9.63 2.53
C THR A 95 -7.36 -9.01 2.18
N VAL A 96 -7.28 -7.70 2.28
CA VAL A 96 -6.06 -7.01 1.92
C VAL A 96 -5.30 -6.51 3.14
N ILE A 97 -4.17 -7.16 3.42
CA ILE A 97 -3.32 -6.77 4.53
C ILE A 97 -2.34 -5.71 4.05
N TYR A 98 -2.30 -4.59 4.75
CA TYR A 98 -1.42 -3.50 4.37
C TYR A 98 -0.34 -3.25 5.42
N TRP A 99 0.90 -3.21 4.97
CA TRP A 99 2.03 -2.96 5.84
C TRP A 99 2.67 -1.61 5.51
N LEU A 100 3.19 -0.95 6.52
CA LEU A 100 3.84 0.34 6.30
C LEU A 100 5.23 0.16 5.72
N ALA A 101 5.56 0.90 4.68
CA ALA A 101 6.87 0.80 4.05
C ALA A 101 7.36 2.16 3.59
N GLU A 102 8.67 2.37 3.69
CA GLU A 102 9.27 3.63 3.27
C GLU A 102 10.37 3.38 2.25
N VAL A 103 10.16 3.86 1.02
CA VAL A 103 11.16 3.67 -0.03
C VAL A 103 12.36 4.57 0.23
N LYS A 104 13.53 3.94 0.31
CA LYS A 104 14.77 4.67 0.60
C LYS A 104 15.07 5.74 -0.44
N ASP A 105 14.62 5.53 -1.68
CA ASP A 105 14.88 6.48 -2.74
C ASP A 105 13.66 7.36 -3.03
N TYR A 106 13.84 8.67 -2.90
CA TYR A 106 12.78 9.62 -3.16
C TYR A 106 12.31 9.49 -4.59
N ASP A 107 13.27 9.38 -5.50
CA ASP A 107 12.98 9.21 -6.91
C ASP A 107 13.09 7.74 -7.30
N VAL A 108 12.89 6.88 -6.31
CA VAL A 108 12.98 5.44 -6.50
C VAL A 108 12.27 5.01 -7.78
N GLU A 109 12.75 3.90 -8.37
CA GLU A 109 12.17 3.41 -9.62
C GLU A 109 10.78 2.85 -9.40
N ILE A 110 9.91 3.11 -10.37
CA ILE A 110 8.52 2.64 -10.31
C ILE A 110 8.22 1.72 -11.48
N ARG A 111 8.28 0.43 -11.24
CA ARG A 111 8.03 -0.57 -12.27
C ARG A 111 6.60 -1.11 -12.19
N LEU A 112 5.73 -0.56 -13.02
CA LEU A 112 4.33 -0.97 -13.05
C LEU A 112 4.12 -2.05 -14.11
N SER A 113 3.55 -3.18 -13.70
CA SER A 113 3.29 -4.28 -14.61
C SER A 113 1.99 -4.05 -15.37
N HIS A 114 1.48 -5.08 -16.03
CA HIS A 114 0.24 -4.98 -16.77
C HIS A 114 -0.98 -4.97 -15.84
N GLU A 115 -0.75 -4.65 -14.57
CA GLU A 115 -1.82 -4.60 -13.59
C GLU A 115 -2.17 -3.16 -13.25
N HIS A 116 -1.17 -2.29 -13.26
CA HIS A 116 -1.38 -0.87 -12.95
C HIS A 116 -1.01 0.00 -14.15
N GLN A 117 -1.83 1.00 -14.42
CA GLN A 117 -1.61 1.91 -15.54
C GLN A 117 -0.68 3.05 -15.16
N ALA A 118 -0.66 3.41 -13.88
CA ALA A 118 0.19 4.49 -13.43
C ALA A 118 0.27 4.55 -11.90
N TYR A 119 1.10 5.44 -11.39
CA TYR A 119 1.29 5.58 -9.95
C TYR A 119 1.35 7.05 -9.54
N ARG A 120 1.39 7.28 -8.23
CA ARG A 120 1.45 8.63 -7.70
C ARG A 120 2.01 8.64 -6.28
N TRP A 121 2.45 9.81 -5.86
CA TRP A 121 3.00 9.99 -4.52
C TRP A 121 2.35 11.18 -3.85
N LEU A 122 1.49 10.92 -2.88
CA LEU A 122 0.79 11.98 -2.17
C LEU A 122 0.71 11.70 -0.68
N GLY A 123 0.23 12.69 0.07
CA GLY A 123 0.10 12.53 1.50
C GLY A 123 -1.13 11.72 1.87
N LEU A 124 -1.68 11.98 3.04
CA LEU A 124 -2.87 11.26 3.50
C LEU A 124 -4.13 11.78 2.82
N GLU A 125 -4.20 13.11 2.66
CA GLU A 125 -5.36 13.74 2.04
C GLU A 125 -5.53 13.31 0.59
N GLU A 126 -4.46 13.39 -0.19
CA GLU A 126 -4.51 13.01 -1.59
C GLU A 126 -4.62 11.50 -1.72
N ALA A 127 -3.80 10.78 -0.98
CA ALA A 127 -3.85 9.33 -0.99
C ALA A 127 -5.26 8.87 -0.63
N CYS A 128 -5.94 9.71 0.14
CA CYS A 128 -7.31 9.46 0.56
C CYS A 128 -8.28 9.89 -0.55
N GLN A 129 -7.89 10.91 -1.30
CA GLN A 129 -8.72 11.42 -2.38
C GLN A 129 -8.85 10.38 -3.51
N LEU A 130 -7.74 9.78 -3.88
CA LEU A 130 -7.73 8.77 -4.92
C LEU A 130 -8.23 7.43 -4.37
N ALA A 131 -7.81 7.13 -3.14
CA ALA A 131 -8.22 5.89 -2.48
C ALA A 131 -9.67 5.98 -2.03
N GLN A 132 -10.53 6.39 -2.94
CA GLN A 132 -11.97 6.54 -2.67
C GLN A 132 -12.51 5.45 -1.75
N PHE A 133 -11.92 4.26 -1.83
CA PHE A 133 -12.35 3.15 -1.01
C PHE A 133 -12.16 3.47 0.47
N LYS A 134 -13.27 3.47 1.22
CA LYS A 134 -13.24 3.77 2.65
C LYS A 134 -12.11 3.01 3.36
N GLU A 135 -11.91 1.77 2.93
CA GLU A 135 -10.89 0.92 3.53
C GLU A 135 -9.50 1.54 3.39
N MET A 136 -9.12 1.84 2.14
CA MET A 136 -7.82 2.42 1.88
C MET A 136 -7.61 3.70 2.68
N LYS A 137 -8.63 4.54 2.71
CA LYS A 137 -8.56 5.79 3.46
C LYS A 137 -8.12 5.53 4.89
N ALA A 138 -8.57 4.41 5.45
CA ALA A 138 -8.23 4.04 6.82
C ALA A 138 -6.81 3.50 6.89
N ALA A 139 -6.48 2.60 5.96
CA ALA A 139 -5.15 2.00 5.91
C ALA A 139 -4.09 3.10 5.88
N LEU A 140 -4.28 4.07 5.01
CA LEU A 140 -3.35 5.19 4.88
C LEU A 140 -3.52 6.14 6.06
N GLN A 141 -4.73 6.15 6.63
CA GLN A 141 -5.04 7.02 7.77
C GLN A 141 -4.23 6.61 8.99
N GLU A 142 -4.31 5.32 9.33
CA GLU A 142 -3.60 4.80 10.48
C GLU A 142 -2.09 4.80 10.23
N GLY A 143 -1.70 4.67 8.96
CA GLY A 143 -0.29 4.66 8.62
C GLY A 143 0.41 5.93 9.07
N HIS A 144 -0.23 7.07 8.81
CA HIS A 144 0.33 8.36 9.20
C HIS A 144 0.14 8.59 10.70
N GLN A 145 -0.91 7.98 11.25
CA GLN A 145 -1.23 8.11 12.67
C GLN A 145 -0.21 7.35 13.52
N PHE A 146 0.03 6.09 13.16
CA PHE A 146 0.97 5.25 13.90
C PHE A 146 2.40 5.75 13.72
N LEU A 147 2.81 5.94 12.47
CA LEU A 147 4.16 6.40 12.16
C LEU A 147 4.46 7.73 12.84
N CYS A 148 3.43 8.52 13.08
CA CYS A 148 3.59 9.82 13.73
C CYS A 148 4.06 9.64 15.17
N SER A 149 3.81 8.46 15.73
CA SER A 149 4.20 8.17 17.11
C SER A 149 5.62 7.59 17.20
N ILE A 150 6.22 7.30 16.04
CA ILE A 150 7.56 6.74 16.01
C ILE A 150 8.61 7.85 15.79
N GLU A 151 9.53 7.65 14.85
CA GLU A 151 10.56 8.64 14.57
C GLU A 151 11.42 8.20 13.38
N ALA A 152 12.27 7.20 13.62
CA ALA A 152 13.15 6.68 12.58
C ALA A 152 13.96 5.50 13.10
N LEU A 153 14.81 4.95 12.24
CA LEU A 153 15.64 3.80 12.61
C LEU A 153 17.02 4.26 13.08
#